data_5NAV
#
_entry.id   5NAV
#
_cell.length_a   196.740
_cell.length_b   192.060
_cell.length_c   105.840
_cell.angle_alpha   90.00
_cell.angle_beta   102.39
_cell.angle_gamma   90.00
#
_symmetry.space_group_name_H-M   'C 1 2 1'
#
loop_
_entity.id
_entity.type
_entity.pdbx_description
1 polymer Beta-galactosidase
2 water water
#
_entity_poly.entity_id   1
_entity_poly.type   'polypeptide(L)'
_entity_poly.pdbx_seq_one_letter_code
;MGGSHHHHHHGDDDDKMVEFPEGFVWGAATSGPQTEGNFHKQHQNVFDYWFATEPEQFDAGVGPDTASNFYNDYDHDLAL
MAQAGVQGLRTSIQWTRLIDDFETASLNADGVAFYNHVIDSMLAHHITPYINLHHFDLPVALYDKYHGWESKHVVELFVK
FAEQCFKLFGDRVDHWYTFNEPKVVVDGQYLYGWHYPQVINGPKAVQVAYNMNLASAKTVARFHELSVRPEQQIGIILNL
TPAYAASDDPADLAAAEFAELWSNNLFLDPAVLGHFPEKLVERLTMDGVLWDATPTELAIIAANPVDSLGVNYYHPFRVQ
RPDISPKSLQPWMPDIYFKEYDMPGRMMNVDRGWEIYPQAMTDIARNIQKNYGNIPWMISENGMGVAGEERFLDKQGVVQ
DDYRIDFMKEHLTALAKGIAAGSNCQGYFVWSGIDCWSWNHAYHNRYGLIRNDIHTQTKTLKKSAKWFAELGERNGF
;
_entity_poly.pdbx_strand_id   A,B,C,D,E,F
#
# COMPACT_ATOMS: atom_id res chain seq x y z
N MET A 17 54.11 35.09 -16.89
CA MET A 17 53.42 36.38 -16.82
C MET A 17 52.30 36.40 -15.76
N VAL A 18 51.59 35.29 -15.60
CA VAL A 18 50.64 35.09 -14.51
C VAL A 18 50.82 33.66 -14.02
N GLU A 19 51.43 33.48 -12.85
CA GLU A 19 51.67 32.12 -12.36
C GLU A 19 50.93 31.86 -11.05
N PHE A 20 50.83 30.58 -10.72
CA PHE A 20 49.98 30.05 -9.66
C PHE A 20 50.78 29.19 -8.69
N PRO A 21 50.24 28.95 -7.48
CA PRO A 21 51.03 28.21 -6.49
C PRO A 21 51.31 26.79 -6.93
N GLU A 22 52.42 26.27 -6.41
CA GLU A 22 52.77 24.86 -6.62
C GLU A 22 51.67 23.97 -6.09
N GLY A 23 51.31 22.97 -6.88
CA GLY A 23 50.25 22.06 -6.49
C GLY A 23 48.85 22.53 -6.78
N PHE A 24 48.70 23.71 -7.40
CA PHE A 24 47.38 24.24 -7.73
C PHE A 24 46.63 23.26 -8.63
N VAL A 25 45.36 22.99 -8.32
CA VAL A 25 44.57 22.00 -9.05
C VAL A 25 43.82 22.68 -10.19
N TRP A 26 43.96 22.13 -11.40
CA TRP A 26 43.20 22.56 -12.58
C TRP A 26 42.16 21.49 -12.90
N GLY A 27 40.88 21.82 -12.74
CA GLY A 27 39.85 20.82 -12.89
C GLY A 27 38.65 21.29 -13.68
N ALA A 28 37.64 20.43 -13.72
CA ALA A 28 36.37 20.71 -14.37
C ALA A 28 35.24 20.24 -13.45
N ALA A 29 34.06 20.86 -13.62
CA ALA A 29 32.90 20.59 -12.80
C ALA A 29 31.69 20.29 -13.69
N THR A 30 30.91 19.29 -13.28
CA THR A 30 29.58 18.95 -13.79
C THR A 30 28.76 18.40 -12.63
N SER A 31 27.69 17.68 -12.96
CA SER A 31 26.89 16.98 -12.00
C SER A 31 26.34 15.74 -12.68
N GLY A 32 25.94 14.77 -11.88
CA GLY A 32 25.28 13.58 -12.38
C GLY A 32 24.01 13.86 -13.17
N PRO A 33 23.07 14.59 -12.59
CA PRO A 33 21.79 14.83 -13.29
C PRO A 33 21.96 15.48 -14.66
N GLN A 34 23.02 16.27 -14.89
CA GLN A 34 23.18 16.97 -16.17
C GLN A 34 24.04 16.21 -17.18
N THR A 35 24.56 15.02 -16.81
CA THR A 35 25.46 14.27 -17.70
C THR A 35 25.03 12.84 -17.95
N GLU A 36 24.56 12.15 -16.90
CA GLU A 36 24.40 10.69 -17.00
C GLU A 36 23.35 10.31 -18.03
N GLY A 37 22.27 11.08 -18.12
CA GLY A 37 21.03 10.54 -18.63
C GLY A 37 20.37 9.65 -17.58
N ASN A 38 19.14 9.26 -17.87
CA ASN A 38 18.30 8.57 -16.90
C ASN A 38 18.28 7.08 -17.11
N PHE A 39 19.20 6.56 -17.92
CA PHE A 39 19.22 5.15 -18.26
C PHE A 39 19.15 4.27 -17.01
N HIS A 40 18.10 3.46 -16.94
CA HIS A 40 17.94 2.43 -15.91
C HIS A 40 17.94 2.98 -14.48
N LYS A 41 17.67 4.28 -14.31
CA LYS A 41 17.65 4.88 -12.99
C LYS A 41 16.35 4.54 -12.27
N GLN A 42 16.45 4.18 -10.99
CA GLN A 42 15.29 3.63 -10.29
C GLN A 42 14.23 4.70 -10.02
N HIS A 43 14.64 5.89 -9.54
CA HIS A 43 13.71 6.93 -9.10
C HIS A 43 13.85 8.20 -9.91
N GLN A 44 12.75 8.94 -10.00
CA GLN A 44 12.73 10.27 -10.59
C GLN A 44 13.09 11.32 -9.55
N ASN A 45 14.05 12.18 -9.86
CA ASN A 45 14.21 13.38 -9.06
C ASN A 45 13.18 14.42 -9.53
N VAL A 46 13.19 15.61 -8.89
CA VAL A 46 12.15 16.58 -9.19
C VAL A 46 12.25 17.06 -10.63
N PHE A 47 13.46 17.17 -11.19
CA PHE A 47 13.55 17.55 -12.60
C PHE A 47 13.07 16.44 -13.51
N ASP A 48 13.38 15.17 -13.20
CA ASP A 48 12.91 14.08 -14.05
C ASP A 48 11.39 14.10 -14.14
N TYR A 49 10.73 14.29 -12.99
CA TYR A 49 9.28 14.30 -12.95
C TYR A 49 8.72 15.54 -13.65
N TRP A 50 9.36 16.69 -13.43
CA TRP A 50 8.97 17.93 -14.11
C TRP A 50 8.95 17.73 -15.62
N PHE A 51 10.01 17.13 -16.15
CA PHE A 51 10.09 16.92 -17.60
C PHE A 51 9.08 15.87 -18.07
N ALA A 52 8.83 14.82 -17.28
CA ALA A 52 7.88 13.81 -17.70
C ALA A 52 6.45 14.34 -17.82
N THR A 53 6.11 15.41 -17.11
CA THR A 53 4.74 15.92 -17.08
C THR A 53 4.55 17.24 -17.81
N GLU A 54 5.59 18.07 -17.89
CA GLU A 54 5.54 19.33 -18.63
C GLU A 54 6.81 19.48 -19.47
N PRO A 55 6.98 18.62 -20.47
CA PRO A 55 8.16 18.73 -21.36
C PRO A 55 8.27 20.09 -22.04
N GLU A 56 7.16 20.81 -22.17
CA GLU A 56 7.18 22.11 -22.82
C GLU A 56 7.90 23.17 -22.01
N GLN A 57 8.20 22.90 -20.73
CA GLN A 57 8.94 23.87 -19.94
C GLN A 57 10.44 23.80 -20.18
N PHE A 58 10.89 22.96 -21.11
CA PHE A 58 12.30 22.77 -21.40
C PHE A 58 12.60 23.14 -22.85
N ASP A 59 13.76 23.76 -23.07
CA ASP A 59 14.18 24.17 -24.41
C ASP A 59 14.05 23.00 -25.38
N ALA A 60 13.17 23.18 -26.38
CA ALA A 60 12.91 22.19 -27.45
C ALA A 60 12.40 20.86 -26.90
N GLY A 61 11.87 20.85 -25.68
CA GLY A 61 11.52 19.59 -25.07
C GLY A 61 12.68 18.62 -24.92
N VAL A 62 13.90 19.13 -24.82
CA VAL A 62 15.07 18.32 -24.48
C VAL A 62 15.19 18.29 -22.96
N GLY A 63 14.91 17.13 -22.36
CA GLY A 63 15.06 16.94 -20.93
C GLY A 63 16.30 16.12 -20.57
N PRO A 64 16.30 15.54 -19.37
CA PRO A 64 17.52 14.87 -18.86
C PRO A 64 17.63 13.38 -19.18
N ASP A 65 16.69 12.81 -19.95
CA ASP A 65 16.65 11.36 -20.09
C ASP A 65 17.89 10.82 -20.80
N THR A 66 18.49 11.59 -21.71
CA THR A 66 19.78 11.20 -22.28
C THR A 66 20.94 12.10 -21.87
N ALA A 67 20.71 13.41 -21.80
CA ALA A 67 21.70 14.37 -21.32
C ALA A 67 22.95 14.20 -22.19
N SER A 68 24.15 14.10 -21.63
CA SER A 68 25.36 13.89 -22.40
C SER A 68 25.85 12.44 -22.36
N ASN A 69 24.92 11.49 -22.15
CA ASN A 69 25.18 10.05 -22.33
C ASN A 69 26.29 9.52 -21.42
N PHE A 70 26.53 10.16 -20.27
CA PHE A 70 27.68 9.77 -19.44
C PHE A 70 27.49 8.36 -18.85
N TYR A 71 26.24 7.94 -18.61
CA TYR A 71 26.00 6.56 -18.17
C TYR A 71 26.63 5.54 -19.10
N ASN A 72 26.56 5.77 -20.41
CA ASN A 72 27.02 4.76 -21.37
C ASN A 72 28.47 5.00 -21.82
N ASP A 73 28.93 6.24 -21.84
CA ASP A 73 30.20 6.58 -22.48
C ASP A 73 31.24 7.14 -21.50
N TYR A 74 31.10 6.86 -20.19
CA TYR A 74 31.97 7.50 -19.20
C TYR A 74 33.46 7.25 -19.49
N ASP A 75 33.84 6.04 -19.88
CA ASP A 75 35.27 5.75 -20.00
C ASP A 75 35.93 6.67 -21.02
N HIS A 76 35.38 6.73 -22.23
CA HIS A 76 35.93 7.58 -23.27
C HIS A 76 35.78 9.06 -22.95
N ASP A 77 34.69 9.45 -22.27
CA ASP A 77 34.52 10.85 -21.88
C ASP A 77 35.60 11.29 -20.91
N LEU A 78 35.94 10.42 -19.96
CA LEU A 78 37.01 10.73 -19.03
C LEU A 78 38.34 10.83 -19.77
N ALA A 79 38.55 10.00 -20.78
CA ALA A 79 39.80 10.11 -21.54
C ALA A 79 39.88 11.46 -22.24
N LEU A 80 38.75 11.94 -22.79
CA LEU A 80 38.74 13.26 -23.44
C LEU A 80 38.98 14.37 -22.42
N MET A 81 38.40 14.27 -21.23
CA MET A 81 38.63 15.29 -20.20
C MET A 81 40.10 15.33 -19.81
N ALA A 82 40.72 14.16 -19.60
CA ALA A 82 42.16 14.10 -19.37
C ALA A 82 42.93 14.73 -20.53
N GLN A 83 42.53 14.46 -21.77
CA GLN A 83 43.14 15.15 -22.90
C GLN A 83 43.05 16.66 -22.75
N ALA A 84 41.93 17.15 -22.20
CA ALA A 84 41.68 18.58 -22.11
C ALA A 84 42.38 19.23 -20.92
N GLY A 85 43.23 18.49 -20.20
CA GLY A 85 43.91 19.04 -19.03
C GLY A 85 43.13 19.00 -17.73
N VAL A 86 42.09 18.17 -17.64
CA VAL A 86 41.29 18.07 -16.42
C VAL A 86 42.07 17.18 -15.44
N GLN A 87 42.74 17.78 -14.45
CA GLN A 87 43.43 16.98 -13.43
C GLN A 87 42.50 16.55 -12.29
N GLY A 88 41.41 17.27 -12.07
CA GLY A 88 40.41 16.89 -11.09
C GLY A 88 39.04 17.08 -11.67
N LEU A 89 38.16 16.10 -11.49
CA LEU A 89 36.81 16.21 -12.01
C LEU A 89 35.85 16.19 -10.85
N ARG A 90 35.00 17.18 -10.78
CA ARG A 90 33.99 17.25 -9.74
C ARG A 90 32.63 16.99 -10.36
N THR A 91 31.99 15.92 -9.92
CA THR A 91 30.62 15.64 -10.34
C THR A 91 29.84 15.20 -9.10
N SER A 92 28.68 14.59 -9.30
CA SER A 92 27.79 14.32 -8.18
C SER A 92 27.21 12.91 -8.28
N ILE A 93 26.84 12.35 -7.13
CA ILE A 93 26.16 11.06 -7.03
C ILE A 93 24.67 11.32 -6.85
N GLN A 94 23.81 10.69 -7.66
CA GLN A 94 22.39 10.95 -7.57
C GLN A 94 21.75 10.06 -6.51
N TRP A 95 21.14 10.70 -5.50
CA TRP A 95 20.29 10.03 -4.51
C TRP A 95 19.32 9.06 -5.17
N THR A 96 18.72 9.47 -6.30
CA THR A 96 17.72 8.71 -7.05
C THR A 96 18.29 7.56 -7.86
N ARG A 97 19.60 7.52 -8.07
CA ARG A 97 20.21 6.35 -8.70
C ARG A 97 20.82 5.38 -7.69
N LEU A 98 21.37 5.89 -6.56
CA LEU A 98 22.13 5.08 -5.61
C LEU A 98 21.22 4.25 -4.70
N ILE A 99 20.06 4.81 -4.31
CA ILE A 99 19.27 4.30 -3.20
C ILE A 99 18.04 3.57 -3.70
N ASP A 100 17.82 2.36 -3.18
CA ASP A 100 16.57 1.63 -3.42
C ASP A 100 15.44 2.15 -2.53
N ASP A 101 15.49 1.86 -1.22
CA ASP A 101 14.51 2.40 -0.27
C ASP A 101 15.10 3.58 0.49
N PHE A 102 14.47 4.75 0.34
CA PHE A 102 14.96 5.99 0.95
C PHE A 102 14.93 5.96 2.47
N GLU A 103 13.93 5.28 3.06
CA GLU A 103 13.77 5.28 4.52
C GLU A 103 14.96 4.63 5.20
N THR A 104 15.45 3.52 4.64
CA THR A 104 16.59 2.80 5.19
C THR A 104 17.85 2.98 4.36
N ALA A 105 17.78 3.73 3.26
CA ALA A 105 18.94 3.89 2.38
C ALA A 105 19.50 2.54 1.94
N SER A 106 18.62 1.57 1.67
CA SER A 106 19.06 0.35 1.02
C SER A 106 19.53 0.68 -0.40
N LEU A 107 20.39 -0.19 -0.94
CA LEU A 107 21.20 0.12 -2.11
C LEU A 107 20.63 -0.49 -3.39
N ASN A 108 20.60 0.32 -4.46
CA ASN A 108 20.36 -0.18 -5.81
C ASN A 108 21.67 -0.74 -6.35
N ALA A 109 21.75 -2.07 -6.48
CA ALA A 109 23.03 -2.70 -6.83
C ALA A 109 23.57 -2.15 -8.15
N ASP A 110 22.71 -1.98 -9.16
CA ASP A 110 23.19 -1.48 -10.45
C ASP A 110 23.72 -0.06 -10.35
N GLY A 111 23.16 0.76 -9.45
CA GLY A 111 23.62 2.14 -9.30
C GLY A 111 24.95 2.22 -8.57
N VAL A 112 25.15 1.39 -7.53
CA VAL A 112 26.45 1.32 -6.88
C VAL A 112 27.51 0.88 -7.88
N ALA A 113 27.21 -0.18 -8.66
CA ALA A 113 28.12 -0.65 -9.68
C ALA A 113 28.53 0.48 -10.63
N PHE A 114 27.57 1.34 -10.99
CA PHE A 114 27.89 2.38 -11.97
C PHE A 114 28.82 3.44 -11.39
N TYR A 115 28.61 3.86 -10.14
CA TYR A 115 29.50 4.86 -9.58
C TYR A 115 30.90 4.29 -9.24
N ASN A 116 31.00 2.99 -8.94
CA ASN A 116 32.33 2.40 -8.80
C ASN A 116 33.07 2.35 -10.14
N HIS A 117 32.33 2.12 -11.22
CA HIS A 117 32.93 2.14 -12.55
C HIS A 117 33.49 3.52 -12.90
N VAL A 118 32.76 4.59 -12.59
CA VAL A 118 33.29 5.87 -13.06
C VAL A 118 34.41 6.36 -12.17
N ILE A 119 34.32 6.11 -10.85
CA ILE A 119 35.42 6.49 -9.97
C ILE A 119 36.68 5.70 -10.33
N ASP A 120 36.56 4.37 -10.50
CA ASP A 120 37.71 3.58 -10.93
C ASP A 120 38.26 4.10 -12.25
N SER A 121 37.36 4.50 -13.16
CA SER A 121 37.80 4.96 -14.48
C SER A 121 38.47 6.33 -14.39
N MET A 122 37.97 7.21 -13.52
CA MET A 122 38.68 8.47 -13.28
C MET A 122 40.12 8.20 -12.85
N LEU A 123 40.31 7.30 -11.87
CA LEU A 123 41.64 7.02 -11.36
C LEU A 123 42.53 6.46 -12.47
N ALA A 124 42.00 5.56 -13.29
CA ALA A 124 42.77 4.97 -14.37
C ALA A 124 43.17 5.99 -15.42
N HIS A 125 42.43 7.09 -15.55
CA HIS A 125 42.80 8.19 -16.43
C HIS A 125 43.55 9.29 -15.69
N HIS A 126 43.95 9.02 -14.43
CA HIS A 126 44.74 9.96 -13.62
C HIS A 126 43.99 11.26 -13.36
N ILE A 127 42.68 11.15 -13.13
CA ILE A 127 41.86 12.27 -12.69
C ILE A 127 41.53 12.07 -11.22
N THR A 128 41.83 13.08 -10.40
CA THR A 128 41.41 13.04 -9.00
C THR A 128 39.90 13.24 -8.91
N PRO A 129 39.16 12.33 -8.27
CA PRO A 129 37.71 12.50 -8.10
C PRO A 129 37.38 13.46 -6.96
N TYR A 130 36.53 14.43 -7.25
CA TYR A 130 35.86 15.28 -6.24
C TYR A 130 34.38 14.97 -6.32
N ILE A 131 33.79 14.44 -5.25
CA ILE A 131 32.43 13.91 -5.29
C ILE A 131 31.52 14.78 -4.44
N ASN A 132 30.53 15.39 -5.09
CA ASN A 132 29.46 16.15 -4.45
C ASN A 132 28.25 15.22 -4.30
N LEU A 133 27.56 15.34 -3.15
CA LEU A 133 26.41 14.49 -2.86
C LEU A 133 25.08 15.02 -3.39
N HIS A 134 24.95 16.31 -3.68
CA HIS A 134 23.62 16.77 -4.06
C HIS A 134 23.65 17.99 -4.97
N HIS A 135 22.92 17.91 -6.06
CA HIS A 135 22.95 18.96 -7.04
C HIS A 135 21.54 19.11 -7.62
N PHE A 136 20.65 19.71 -6.83
CA PHE A 136 19.29 20.08 -7.22
C PHE A 136 18.37 18.87 -7.46
N ASP A 137 18.75 17.68 -7.02
CA ASP A 137 18.06 16.48 -7.51
C ASP A 137 17.35 15.73 -6.38
N LEU A 138 16.50 16.44 -5.65
CA LEU A 138 15.69 15.80 -4.63
C LEU A 138 14.80 14.74 -5.27
N PRO A 139 14.67 13.56 -4.65
CA PRO A 139 13.65 12.60 -5.14
C PRO A 139 12.25 13.17 -5.05
N VAL A 140 11.49 13.08 -6.17
CA VAL A 140 10.14 13.65 -6.18
C VAL A 140 9.25 12.95 -5.15
N ALA A 141 9.51 11.65 -4.89
CA ALA A 141 8.65 10.92 -3.96
C ALA A 141 8.77 11.46 -2.55
N LEU A 142 9.97 11.93 -2.18
CA LEU A 142 10.13 12.55 -0.85
C LEU A 142 9.48 13.93 -0.79
N TYR A 143 9.35 14.61 -1.93
CA TYR A 143 8.56 15.83 -1.91
C TYR A 143 7.09 15.49 -1.74
N ASP A 144 6.59 14.50 -2.49
CA ASP A 144 5.18 14.12 -2.40
C ASP A 144 4.82 13.62 -1.01
N LYS A 145 5.76 12.94 -0.35
CA LYS A 145 5.41 12.31 0.92
C LYS A 145 5.65 13.24 2.13
N TYR A 146 6.71 14.05 2.11
CA TYR A 146 7.07 14.88 3.26
C TYR A 146 7.22 16.36 2.98
N HIS A 147 7.00 16.82 1.74
CA HIS A 147 7.38 18.16 1.29
C HIS A 147 8.90 18.37 1.32
N GLY A 148 9.65 17.30 1.05
CA GLY A 148 11.04 17.46 0.69
C GLY A 148 11.90 18.09 1.77
N TRP A 149 12.59 19.16 1.39
CA TRP A 149 13.55 19.82 2.26
C TRP A 149 12.89 20.60 3.38
N GLU A 150 11.57 20.79 3.32
CA GLU A 150 10.88 21.27 4.51
C GLU A 150 10.88 20.27 5.65
N SER A 151 11.23 19.01 5.40
CA SER A 151 11.04 17.96 6.40
C SER A 151 12.38 17.62 7.06
N LYS A 152 12.43 17.80 8.38
CA LYS A 152 13.63 17.40 9.12
C LYS A 152 13.82 15.89 9.12
N HIS A 153 12.78 15.12 8.77
CA HIS A 153 12.98 13.69 8.56
C HIS A 153 13.65 13.41 7.20
N VAL A 154 13.32 14.20 6.18
CA VAL A 154 14.02 14.08 4.90
C VAL A 154 15.49 14.43 5.08
N VAL A 155 15.79 15.39 5.97
CA VAL A 155 17.16 15.69 6.34
C VAL A 155 17.89 14.43 6.81
N GLU A 156 17.24 13.66 7.71
CA GLU A 156 17.86 12.45 8.23
C GLU A 156 18.09 11.42 7.13
N LEU A 157 17.12 11.26 6.23
CA LEU A 157 17.29 10.32 5.12
C LEU A 157 18.44 10.73 4.21
N PHE A 158 18.69 12.03 4.10
CA PHE A 158 19.84 12.49 3.32
C PHE A 158 21.14 12.05 3.96
N VAL A 159 21.24 12.20 5.29
CA VAL A 159 22.47 11.81 6.00
C VAL A 159 22.73 10.32 5.82
N LYS A 160 21.67 9.50 5.77
CA LYS A 160 21.87 8.08 5.61
C LYS A 160 22.30 7.73 4.20
N PHE A 161 21.87 8.50 3.20
CA PHE A 161 22.39 8.37 1.86
C PHE A 161 23.86 8.76 1.79
N ALA A 162 24.22 9.88 2.45
CA ALA A 162 25.63 10.29 2.53
C ALA A 162 26.49 9.21 3.16
N GLU A 163 26.04 8.65 4.29
CA GLU A 163 26.80 7.62 4.98
C GLU A 163 27.14 6.46 4.05
N GLN A 164 26.18 6.03 3.22
CA GLN A 164 26.45 4.95 2.29
C GLN A 164 27.50 5.35 1.26
N CYS A 165 27.45 6.60 0.75
CA CYS A 165 28.46 7.02 -0.21
C CYS A 165 29.85 6.95 0.41
N PHE A 166 29.99 7.41 1.66
CA PHE A 166 31.28 7.41 2.31
C PHE A 166 31.78 5.99 2.50
N LYS A 167 30.92 5.08 2.94
CA LYS A 167 31.34 3.69 3.14
C LYS A 167 31.64 2.98 1.82
N LEU A 168 30.95 3.33 0.74
CA LEU A 168 31.13 2.64 -0.53
C LEU A 168 32.36 3.14 -1.29
N PHE A 169 32.58 4.45 -1.31
CA PHE A 169 33.60 5.03 -2.18
C PHE A 169 34.70 5.75 -1.44
N GLY A 170 34.59 5.86 -0.10
CA GLY A 170 35.57 6.59 0.68
C GLY A 170 36.96 5.99 0.62
N ASP A 171 37.07 4.72 0.22
CA ASP A 171 38.38 4.10 0.13
C ASP A 171 39.21 4.68 -1.00
N ARG A 172 38.61 5.29 -2.03
CA ARG A 172 39.47 5.92 -3.01
C ARG A 172 39.01 7.31 -3.42
N VAL A 173 38.24 8.00 -2.58
CA VAL A 173 37.86 9.39 -2.80
C VAL A 173 38.24 10.19 -1.56
N ASP A 174 39.18 11.14 -1.72
CA ASP A 174 39.59 12.01 -0.61
C ASP A 174 38.71 13.27 -0.44
N HIS A 175 38.17 13.80 -1.53
CA HIS A 175 37.61 15.16 -1.55
C HIS A 175 36.11 15.08 -1.78
N TRP A 176 35.35 15.54 -0.80
CA TRP A 176 33.89 15.46 -0.86
C TRP A 176 33.26 16.83 -0.66
N TYR A 177 32.01 16.94 -1.14
CA TYR A 177 31.16 18.08 -0.90
C TYR A 177 29.74 17.62 -0.52
N THR A 178 29.16 18.28 0.48
CA THR A 178 27.78 17.96 0.85
C THR A 178 26.79 18.40 -0.23
N PHE A 179 26.89 19.65 -0.68
CA PHE A 179 25.88 20.25 -1.56
C PHE A 179 26.52 21.17 -2.59
N ASN A 180 25.93 21.24 -3.78
CA ASN A 180 26.23 22.32 -4.72
C ASN A 180 25.14 23.38 -4.57
N GLU A 181 25.50 24.53 -4.00
CA GLU A 181 24.65 25.73 -3.99
C GLU A 181 23.28 25.46 -3.32
N PRO A 182 23.20 25.13 -2.08
CA PRO A 182 21.84 24.97 -1.47
C PRO A 182 20.96 26.19 -1.69
N LYS A 183 21.56 27.38 -1.81
CA LYS A 183 20.76 28.58 -1.99
C LYS A 183 19.93 28.52 -3.27
N VAL A 184 20.43 27.82 -4.30
CA VAL A 184 19.68 27.72 -5.55
C VAL A 184 18.51 26.77 -5.39
N VAL A 185 18.64 25.76 -4.50
CA VAL A 185 17.48 24.92 -4.20
C VAL A 185 16.41 25.75 -3.50
N VAL A 186 16.82 26.59 -2.53
CA VAL A 186 15.86 27.44 -1.82
C VAL A 186 15.16 28.39 -2.79
N ASP A 187 15.96 29.20 -3.48
CA ASP A 187 15.43 30.10 -4.50
C ASP A 187 14.57 29.36 -5.51
N GLY A 188 15.07 28.23 -6.02
CA GLY A 188 14.41 27.57 -7.14
C GLY A 188 13.13 26.85 -6.77
N GLN A 189 13.16 26.11 -5.66
CA GLN A 189 11.98 25.33 -5.29
C GLN A 189 10.95 26.15 -4.52
N TYR A 190 11.35 27.25 -3.87
CA TYR A 190 10.42 27.90 -2.95
C TYR A 190 10.24 29.39 -3.14
N LEU A 191 10.94 30.02 -4.09
CA LEU A 191 10.83 31.47 -4.21
C LEU A 191 10.44 31.96 -5.59
N TYR A 192 11.02 31.42 -6.67
CA TYR A 192 10.87 32.05 -7.97
C TYR A 192 10.44 31.12 -9.09
N GLY A 193 10.12 29.86 -8.82
CA GLY A 193 9.64 29.01 -9.89
C GLY A 193 10.71 28.40 -10.77
N TRP A 194 12.00 28.50 -10.41
CA TRP A 194 13.03 27.89 -11.26
C TRP A 194 13.02 26.38 -11.21
N HIS A 195 12.66 25.79 -10.07
CA HIS A 195 12.66 24.34 -9.88
C HIS A 195 11.28 23.86 -9.50
N TYR A 196 10.85 22.76 -10.13
CA TYR A 196 9.76 21.96 -9.55
C TYR A 196 10.11 21.65 -8.09
N PRO A 197 9.15 21.81 -7.16
CA PRO A 197 7.70 22.04 -7.29
C PRO A 197 7.22 23.48 -7.53
N GLN A 198 8.11 24.43 -7.77
CA GLN A 198 7.70 25.81 -8.10
C GLN A 198 6.80 26.42 -7.02
N VAL A 199 7.05 26.10 -5.76
CA VAL A 199 6.35 26.75 -4.65
C VAL A 199 6.84 28.19 -4.55
N ILE A 200 5.95 29.11 -4.20
CA ILE A 200 6.26 30.53 -4.05
C ILE A 200 5.87 30.93 -2.62
N ASN A 201 6.83 30.84 -1.68
CA ASN A 201 6.48 30.96 -0.26
C ASN A 201 7.73 31.30 0.54
N GLY A 202 7.90 32.59 0.84
CA GLY A 202 9.01 33.06 1.62
C GLY A 202 9.29 32.35 2.92
N PRO A 203 8.28 32.26 3.81
CA PRO A 203 8.55 31.59 5.11
C PRO A 203 9.04 30.16 4.98
N LYS A 204 8.39 29.36 4.14
CA LYS A 204 8.91 28.02 3.82
C LYS A 204 10.35 28.08 3.37
N ALA A 205 10.68 29.04 2.50
CA ALA A 205 12.05 29.15 2.01
C ALA A 205 13.04 29.34 3.16
N VAL A 206 12.67 30.14 4.15
CA VAL A 206 13.53 30.34 5.31
C VAL A 206 13.75 29.02 6.05
N GLN A 207 12.68 28.23 6.23
CA GLN A 207 12.85 26.94 6.88
C GLN A 207 13.70 26.00 6.03
N VAL A 208 13.58 26.08 4.71
CA VAL A 208 14.35 25.18 3.86
C VAL A 208 15.83 25.54 3.91
N ALA A 209 16.16 26.85 3.90
CA ALA A 209 17.57 27.23 4.06
C ALA A 209 18.11 26.69 5.38
N TYR A 210 17.35 26.84 6.46
CA TYR A 210 17.77 26.28 7.74
C TYR A 210 18.00 24.77 7.62
N ASN A 211 17.01 24.05 7.07
CA ASN A 211 17.07 22.58 7.07
C ASN A 211 18.28 22.09 6.28
N MET A 212 18.66 22.81 5.22
CA MET A 212 19.77 22.34 4.38
C MET A 212 21.12 22.62 5.03
N ASN A 213 21.29 23.78 5.65
CA ASN A 213 22.47 24.00 6.48
C ASN A 213 22.58 22.89 7.53
N LEU A 214 21.46 22.51 8.16
CA LEU A 214 21.50 21.48 9.18
C LEU A 214 21.89 20.12 8.58
N ALA A 215 21.35 19.80 7.41
CA ALA A 215 21.73 18.56 6.74
C ALA A 215 23.21 18.53 6.44
N SER A 216 23.77 19.66 6.04
CA SER A 216 25.19 19.70 5.69
C SER A 216 26.06 19.45 6.93
N ALA A 217 25.76 20.14 8.03
CA ALA A 217 26.48 19.93 9.28
C ALA A 217 26.34 18.51 9.78
N LYS A 218 25.14 17.94 9.68
CA LYS A 218 24.99 16.53 10.09
C LYS A 218 25.77 15.59 9.16
N THR A 219 25.95 15.97 7.90
CA THR A 219 26.72 15.12 7.03
C THR A 219 28.21 15.26 7.30
N VAL A 220 28.69 16.49 7.56
CA VAL A 220 30.08 16.67 7.95
C VAL A 220 30.40 15.81 9.16
N ALA A 221 29.52 15.82 10.16
CA ALA A 221 29.77 15.07 11.39
C ALA A 221 29.90 13.58 11.09
N ARG A 222 29.00 13.04 10.28
CA ARG A 222 29.06 11.62 10.02
C ARG A 222 30.29 11.30 9.18
N PHE A 223 30.70 12.23 8.32
CA PHE A 223 31.88 12.04 7.49
C PHE A 223 33.12 11.85 8.34
N HIS A 224 33.29 12.70 9.36
CA HIS A 224 34.50 12.59 10.16
C HIS A 224 34.43 11.42 11.13
N GLU A 225 33.24 11.01 11.56
CA GLU A 225 33.16 9.79 12.35
C GLU A 225 33.61 8.57 11.54
N LEU A 226 33.44 8.61 10.22
CA LEU A 226 33.73 7.47 9.38
C LEU A 226 35.07 7.54 8.68
N SER A 227 35.74 8.70 8.68
CA SER A 227 36.96 8.83 7.89
C SER A 227 38.08 7.99 8.49
N VAL A 228 38.99 7.56 7.62
CA VAL A 228 40.11 6.72 8.00
C VAL A 228 41.46 7.41 7.77
N ARG A 229 41.59 8.19 6.70
CA ARG A 229 42.89 8.78 6.43
C ARG A 229 42.86 10.29 6.69
N PRO A 230 44.01 10.88 7.07
CA PRO A 230 44.00 12.33 7.36
C PRO A 230 43.64 13.19 6.16
N GLU A 231 44.00 12.79 4.94
CA GLU A 231 43.74 13.65 3.79
C GLU A 231 42.29 13.65 3.33
N GLN A 232 41.42 12.84 3.95
CA GLN A 232 39.99 12.92 3.63
C GLN A 232 39.36 14.17 4.25
N GLN A 233 38.61 14.91 3.44
CA GLN A 233 38.06 16.20 3.86
C GLN A 233 36.76 16.44 3.12
N ILE A 234 35.83 17.15 3.77
CA ILE A 234 34.53 17.42 3.19
C ILE A 234 34.20 18.91 3.27
N GLY A 235 33.67 19.45 2.19
CA GLY A 235 33.33 20.85 2.13
C GLY A 235 31.95 21.13 1.58
N ILE A 236 31.67 22.38 1.23
CA ILE A 236 30.41 22.76 0.62
C ILE A 236 30.71 23.76 -0.49
N ILE A 237 29.81 23.84 -1.47
CA ILE A 237 29.95 24.67 -2.67
C ILE A 237 28.86 25.74 -2.66
N LEU A 238 29.26 27.03 -2.62
CA LEU A 238 28.34 28.16 -2.54
C LEU A 238 28.65 29.24 -3.58
N ASN A 239 27.61 30.03 -3.95
CA ASN A 239 27.84 31.37 -4.51
C ASN A 239 28.24 32.34 -3.42
N LEU A 240 29.35 33.04 -3.62
CA LEU A 240 29.80 34.07 -2.70
C LEU A 240 29.79 35.43 -3.37
N THR A 241 29.02 35.56 -4.44
CA THR A 241 29.09 36.73 -5.28
C THR A 241 28.67 37.99 -4.52
N PRO A 242 29.49 39.04 -4.51
CA PRO A 242 29.22 40.20 -3.66
C PRO A 242 28.04 41.03 -4.15
N ALA A 243 27.40 41.72 -3.20
CA ALA A 243 26.24 42.57 -3.50
C ALA A 243 26.71 44.02 -3.54
N TYR A 244 26.86 44.56 -4.73
CA TYR A 244 27.31 45.93 -4.91
C TYR A 244 26.10 46.86 -4.88
N ALA A 245 26.16 47.90 -4.07
CA ALA A 245 25.07 48.86 -4.05
C ALA A 245 25.11 49.72 -5.31
N ALA A 246 23.93 50.06 -5.82
CA ALA A 246 23.86 50.87 -7.03
C ALA A 246 24.48 52.24 -6.82
N SER A 247 24.27 52.83 -5.65
CA SER A 247 24.80 54.15 -5.31
C SER A 247 25.08 54.19 -3.81
N ASP A 248 25.59 55.33 -3.35
CA ASP A 248 25.82 55.56 -1.93
C ASP A 248 24.59 56.14 -1.23
N ASP A 249 23.47 56.26 -1.93
CA ASP A 249 22.19 56.53 -1.28
C ASP A 249 22.01 55.60 -0.09
N PRO A 250 21.60 56.12 1.07
CA PRO A 250 21.39 55.22 2.23
C PRO A 250 20.43 54.08 1.94
N ALA A 251 19.37 54.32 1.16
CA ALA A 251 18.41 53.28 0.84
C ALA A 251 19.01 52.21 -0.06
N ASP A 252 19.94 52.57 -0.95
CA ASP A 252 20.65 51.56 -1.73
C ASP A 252 21.69 50.82 -0.89
N LEU A 253 22.35 51.52 0.04
CA LEU A 253 23.29 50.86 0.92
C LEU A 253 22.58 49.83 1.81
N ALA A 254 21.41 50.19 2.33
CA ALA A 254 20.66 49.27 3.20
C ALA A 254 20.15 48.06 2.42
N ALA A 255 19.71 48.27 1.18
CA ALA A 255 19.35 47.15 0.33
C ALA A 255 20.54 46.20 0.13
N ALA A 256 21.74 46.76 -0.12
CA ALA A 256 22.92 45.92 -0.31
C ALA A 256 23.30 45.21 0.98
N GLU A 257 23.10 45.86 2.12
CA GLU A 257 23.37 45.20 3.40
C GLU A 257 22.56 43.93 3.53
N PHE A 258 21.24 44.02 3.35
CA PHE A 258 20.41 42.83 3.50
C PHE A 258 20.67 41.82 2.40
N ALA A 259 20.82 42.29 1.15
CA ALA A 259 21.13 41.34 0.06
C ALA A 259 22.39 40.54 0.38
N GLU A 260 23.37 41.17 1.04
CA GLU A 260 24.62 40.48 1.35
C GLU A 260 24.39 39.41 2.42
N LEU A 261 23.73 39.78 3.53
CA LEU A 261 23.42 38.81 4.58
C LEU A 261 22.65 37.62 4.04
N TRP A 262 21.63 37.88 3.20
CA TRP A 262 20.69 36.86 2.77
C TRP A 262 21.25 36.00 1.65
N SER A 263 21.97 36.58 0.69
CA SER A 263 22.46 35.75 -0.40
C SER A 263 23.80 35.09 -0.12
N ASN A 264 24.63 35.68 0.75
CA ASN A 264 25.92 35.07 1.06
C ASN A 264 26.04 34.56 2.48
N ASN A 265 25.75 35.38 3.50
CA ASN A 265 26.03 34.95 4.88
C ASN A 265 25.11 33.81 5.31
N LEU A 266 23.88 33.74 4.75
CA LEU A 266 22.91 32.71 5.12
C LEU A 266 23.53 31.32 5.15
N PHE A 267 24.40 31.03 4.19
CA PHE A 267 25.06 29.73 4.15
C PHE A 267 26.52 29.79 4.53
N LEU A 268 27.22 30.87 4.17
CA LEU A 268 28.64 30.94 4.43
C LEU A 268 28.93 30.91 5.91
N ASP A 269 28.17 31.67 6.71
CA ASP A 269 28.49 31.76 8.14
C ASP A 269 28.25 30.43 8.86
N PRO A 270 27.12 29.75 8.70
CA PRO A 270 26.97 28.49 9.44
C PRO A 270 27.93 27.42 8.95
N ALA A 271 28.22 27.36 7.65
CA ALA A 271 29.12 26.34 7.14
C ALA A 271 30.53 26.50 7.67
N VAL A 272 31.01 27.74 7.81
CA VAL A 272 32.42 28.00 8.08
C VAL A 272 32.63 28.49 9.52
N LEU A 273 31.79 29.40 10.00
CA LEU A 273 31.96 29.94 11.36
C LEU A 273 31.18 29.17 12.41
N GLY A 274 30.19 28.39 12.03
CA GLY A 274 29.42 27.61 12.97
C GLY A 274 28.12 28.22 13.45
N HIS A 275 27.70 29.38 12.93
CA HIS A 275 26.53 30.04 13.48
C HIS A 275 25.84 30.92 12.43
N PHE A 276 24.58 31.24 12.68
CA PHE A 276 23.86 32.00 11.66
C PHE A 276 24.17 33.48 11.83
N PRO A 277 24.04 34.27 10.77
CA PRO A 277 24.45 35.69 10.87
C PRO A 277 23.49 36.47 11.77
N GLU A 278 24.08 37.10 12.80
CA GLU A 278 23.32 37.69 13.89
C GLU A 278 22.30 38.71 13.39
N LYS A 279 22.72 39.62 12.52
CA LYS A 279 21.79 40.62 12.01
C LYS A 279 20.66 40.00 11.16
N LEU A 280 20.92 38.88 10.48
CA LEU A 280 19.87 38.26 9.69
C LEU A 280 18.82 37.61 10.58
N VAL A 281 19.27 36.81 11.56
CA VAL A 281 18.35 36.23 12.54
C VAL A 281 17.43 37.29 13.14
N GLU A 282 17.99 38.47 13.46
CA GLU A 282 17.20 39.51 14.10
C GLU A 282 16.12 40.04 13.15
N ARG A 283 16.46 40.18 11.86
CA ARG A 283 15.52 40.66 10.86
C ARG A 283 14.43 39.65 10.57
N LEU A 284 14.82 38.38 10.38
CA LEU A 284 13.88 37.28 10.23
C LEU A 284 12.92 37.20 11.40
N THR A 285 13.44 37.34 12.62
CA THR A 285 12.59 37.29 13.81
C THR A 285 11.60 38.44 13.81
N MET A 286 12.10 39.67 13.61
CA MET A 286 11.22 40.85 13.59
C MET A 286 10.12 40.72 12.55
N ASP A 287 10.41 40.08 11.41
CA ASP A 287 9.41 39.89 10.37
C ASP A 287 8.52 38.67 10.63
N GLY A 288 8.77 37.90 11.70
CA GLY A 288 7.96 36.75 12.03
C GLY A 288 8.14 35.54 11.15
N VAL A 289 9.27 35.42 10.45
CA VAL A 289 9.48 34.32 9.51
C VAL A 289 10.67 33.45 9.89
N LEU A 290 11.15 33.56 11.14
CA LEU A 290 12.32 32.79 11.54
C LEU A 290 12.06 31.29 11.44
N TRP A 291 13.12 30.56 11.09
CA TRP A 291 13.06 29.10 11.05
C TRP A 291 12.77 28.53 12.44
N ASP A 292 12.31 27.28 12.46
CA ASP A 292 12.22 26.49 13.69
C ASP A 292 13.54 25.74 13.88
N ALA A 293 14.31 26.12 14.91
CA ALA A 293 15.55 25.43 15.28
C ALA A 293 15.49 24.97 16.74
N THR A 294 16.23 23.92 17.04
CA THR A 294 16.38 23.48 18.42
C THR A 294 17.82 23.68 18.87
N PRO A 295 18.06 23.83 20.18
CA PRO A 295 19.45 23.95 20.67
C PRO A 295 20.34 22.79 20.25
N THR A 296 19.80 21.57 20.22
CA THR A 296 20.62 20.43 19.82
C THR A 296 21.05 20.57 18.36
N GLU A 297 20.15 21.04 17.50
CA GLU A 297 20.49 21.22 16.08
C GLU A 297 21.55 22.29 15.92
N LEU A 298 21.35 23.44 16.55
CA LEU A 298 22.33 24.53 16.50
C LEU A 298 23.70 24.10 17.02
N ALA A 299 23.73 23.21 18.03
CA ALA A 299 25.03 22.77 18.53
C ALA A 299 25.76 21.90 17.50
N ILE A 300 25.01 21.06 16.77
CA ILE A 300 25.58 20.28 15.67
C ILE A 300 26.18 21.22 14.62
N ILE A 301 25.45 22.28 14.27
CA ILE A 301 25.97 23.22 13.28
C ILE A 301 27.23 23.89 13.77
N ALA A 302 27.25 24.26 15.06
CA ALA A 302 28.43 24.90 15.62
C ALA A 302 29.64 23.97 15.66
N ALA A 303 29.43 22.66 15.86
CA ALA A 303 30.56 21.79 16.11
C ALA A 303 31.17 21.18 14.85
N ASN A 304 30.51 21.28 13.70
CA ASN A 304 30.94 20.59 12.49
C ASN A 304 31.02 21.52 11.27
N PRO A 305 31.84 22.57 11.33
CA PRO A 305 32.05 23.40 10.13
C PRO A 305 32.77 22.60 9.04
N VAL A 306 32.63 23.06 7.78
CA VAL A 306 33.30 22.35 6.67
C VAL A 306 34.82 22.49 6.79
N ASP A 307 35.54 21.52 6.20
CA ASP A 307 37.00 21.60 6.07
C ASP A 307 37.44 22.54 4.96
N SER A 308 36.58 22.81 3.98
CA SER A 308 37.00 23.65 2.87
C SER A 308 35.77 24.20 2.16
N LEU A 309 36.00 25.20 1.31
CA LEU A 309 34.95 25.93 0.65
C LEU A 309 35.14 25.82 -0.86
N GLY A 310 34.04 25.57 -1.57
CA GLY A 310 34.00 25.69 -3.02
C GLY A 310 33.22 26.94 -3.38
N VAL A 311 33.84 27.82 -4.17
CA VAL A 311 33.24 29.07 -4.57
C VAL A 311 32.82 28.97 -6.03
N ASN A 312 31.52 29.08 -6.28
CA ASN A 312 30.98 29.22 -7.62
C ASN A 312 30.83 30.69 -7.93
N TYR A 313 31.47 31.16 -9.01
CA TYR A 313 31.38 32.57 -9.34
C TYR A 313 31.18 32.75 -10.84
N TYR A 314 30.14 33.51 -11.21
CA TYR A 314 29.82 33.81 -12.61
C TYR A 314 29.63 35.29 -12.90
N HIS A 315 28.94 36.02 -12.03
CA HIS A 315 28.55 37.39 -12.32
C HIS A 315 28.38 38.12 -11.00
N PRO A 316 28.51 39.45 -10.99
CA PRO A 316 28.24 40.21 -9.77
C PRO A 316 26.75 40.30 -9.50
N PHE A 317 26.45 40.87 -8.34
CA PHE A 317 25.09 41.10 -7.88
C PHE A 317 24.99 42.58 -7.49
N ARG A 318 24.18 43.32 -8.22
CA ARG A 318 24.01 44.74 -7.95
C ARG A 318 22.57 45.02 -7.60
N VAL A 319 22.38 45.99 -6.72
CA VAL A 319 21.16 46.07 -5.94
C VAL A 319 20.91 47.52 -5.59
N GLN A 320 19.65 47.92 -5.65
CA GLN A 320 19.20 49.23 -5.23
C GLN A 320 18.02 49.04 -4.29
N ARG A 321 17.49 50.16 -3.82
CA ARG A 321 16.33 50.18 -2.95
C ARG A 321 15.14 49.48 -3.62
N PRO A 322 14.22 48.93 -2.83
CA PRO A 322 12.99 48.37 -3.41
C PRO A 322 12.10 49.50 -3.90
N ASP A 323 11.27 49.17 -4.89
CA ASP A 323 10.34 50.15 -5.45
C ASP A 323 9.32 50.61 -4.41
N ILE A 324 8.84 49.69 -3.57
CA ILE A 324 7.85 50.04 -2.56
C ILE A 324 8.41 49.73 -1.16
N SER A 325 7.86 50.43 -0.17
CA SER A 325 8.28 50.23 1.21
C SER A 325 8.13 48.76 1.61
N PRO A 326 9.11 48.20 2.33
CA PRO A 326 8.94 46.81 2.81
C PRO A 326 7.84 46.61 3.83
N LYS A 327 7.27 47.70 4.38
CA LYS A 327 6.11 47.58 5.24
C LYS A 327 4.79 47.55 4.47
N SER A 328 4.85 47.54 3.14
CA SER A 328 3.65 47.38 2.33
C SER A 328 3.01 46.01 2.58
N LEU A 329 1.68 45.95 2.42
CA LEU A 329 0.92 44.71 2.57
C LEU A 329 1.25 43.78 1.40
N GLN A 330 2.14 42.81 1.64
CA GLN A 330 2.53 41.88 0.60
C GLN A 330 3.03 40.62 1.27
N PRO A 331 2.99 39.47 0.58
CA PRO A 331 3.60 38.27 1.14
C PRO A 331 5.08 38.47 1.37
N TRP A 332 5.56 37.98 2.51
CA TRP A 332 6.99 38.13 2.82
C TRP A 332 7.85 37.39 1.80
N MET A 333 8.90 38.07 1.36
CA MET A 333 9.92 37.59 0.44
C MET A 333 11.22 38.28 0.85
N PRO A 334 12.38 37.65 0.68
CA PRO A 334 13.62 38.39 0.91
C PRO A 334 13.72 39.60 -0.02
N ASP A 335 13.04 39.56 -1.17
CA ASP A 335 13.11 40.63 -2.15
C ASP A 335 12.38 41.90 -1.71
N ILE A 336 11.63 41.90 -0.61
CA ILE A 336 11.01 43.17 -0.22
C ILE A 336 12.04 44.20 0.24
N TYR A 337 13.32 43.80 0.41
CA TYR A 337 14.34 44.74 0.87
C TYR A 337 15.31 45.18 -0.22
N PHE A 338 15.27 44.59 -1.41
CA PHE A 338 16.23 44.93 -2.44
C PHE A 338 15.68 44.57 -3.81
N LYS A 339 16.07 45.37 -4.80
CA LYS A 339 15.74 45.15 -6.20
C LYS A 339 17.01 45.13 -7.03
N GLU A 340 17.09 44.21 -7.99
CA GLU A 340 18.30 44.09 -8.79
C GLU A 340 18.48 45.32 -9.68
N TYR A 341 19.74 45.69 -9.89
CA TYR A 341 20.13 46.92 -10.58
C TYR A 341 21.02 46.61 -11.78
N ASP A 342 20.78 47.31 -12.89
CA ASP A 342 21.56 47.19 -14.12
C ASP A 342 22.51 48.37 -14.23
N MET A 343 23.82 48.10 -14.24
CA MET A 343 24.78 49.20 -14.29
C MET A 343 25.03 49.62 -15.73
N PRO A 344 24.87 50.89 -16.08
CA PRO A 344 25.21 51.33 -17.45
C PRO A 344 26.68 51.10 -17.76
N GLY A 345 26.96 50.57 -18.96
CA GLY A 345 28.32 50.30 -19.34
C GLY A 345 28.86 48.97 -18.87
N ARG A 346 28.05 48.16 -18.19
CA ARG A 346 28.49 46.85 -17.74
C ARG A 346 28.92 46.00 -18.94
N MET A 347 29.90 45.14 -18.69
CA MET A 347 30.28 44.10 -19.64
C MET A 347 29.28 42.95 -19.55
N MET A 348 28.83 42.44 -20.70
CA MET A 348 27.71 41.51 -20.71
C MET A 348 28.03 40.25 -21.49
N ASN A 349 27.77 39.09 -20.87
CA ASN A 349 27.49 37.86 -21.61
C ASN A 349 26.04 37.94 -22.07
N VAL A 350 25.81 38.35 -23.30
CA VAL A 350 24.44 38.71 -23.68
C VAL A 350 23.60 37.47 -23.94
N ASP A 351 24.00 36.57 -24.83
CA ASP A 351 23.09 35.48 -25.17
C ASP A 351 23.14 34.49 -23.99
N ARG A 352 22.60 34.97 -22.88
CA ARG A 352 22.78 34.42 -21.54
C ARG A 352 22.27 35.40 -20.48
N GLY A 353 22.52 36.70 -20.69
CA GLY A 353 21.94 37.73 -19.85
C GLY A 353 22.70 38.06 -18.58
N TRP A 354 24.00 37.78 -18.52
CA TRP A 354 24.79 37.97 -17.31
C TRP A 354 25.85 39.05 -17.53
N GLU A 355 26.13 39.82 -16.48
CA GLU A 355 27.26 40.74 -16.48
C GLU A 355 28.57 39.96 -16.29
N ILE A 356 29.64 40.49 -16.87
CA ILE A 356 30.98 39.90 -16.75
C ILE A 356 31.83 40.89 -15.96
N TYR A 357 32.29 40.48 -14.78
CA TYR A 357 33.04 41.37 -13.89
C TYR A 357 34.10 40.59 -13.12
N PRO A 358 35.27 40.38 -13.74
CA PRO A 358 36.27 39.48 -13.12
C PRO A 358 36.77 39.94 -11.75
N GLN A 359 36.82 41.25 -11.50
CA GLN A 359 37.37 41.75 -10.25
C GLN A 359 36.70 41.19 -9.00
N ALA A 360 35.46 40.72 -9.11
CA ALA A 360 34.80 40.10 -7.96
C ALA A 360 35.58 38.91 -7.44
N MET A 361 36.29 38.19 -8.31
CA MET A 361 37.18 37.12 -7.86
C MET A 361 38.11 37.64 -6.77
N THR A 362 38.70 38.82 -6.99
CA THR A 362 39.65 39.35 -6.04
C THR A 362 38.96 39.70 -4.72
N ASP A 363 37.75 40.27 -4.79
CA ASP A 363 37.02 40.63 -3.58
C ASP A 363 36.66 39.40 -2.76
N ILE A 364 36.19 38.35 -3.44
CA ILE A 364 35.86 37.11 -2.74
C ILE A 364 37.10 36.57 -2.03
N ALA A 365 38.22 36.49 -2.75
CA ALA A 365 39.46 35.97 -2.14
C ALA A 365 39.82 36.74 -0.89
N ARG A 366 39.81 38.08 -0.97
CA ARG A 366 40.16 38.90 0.18
C ARG A 366 39.18 38.69 1.33
N ASN A 367 37.88 38.58 1.03
CA ASN A 367 36.86 38.37 2.06
C ASN A 367 37.09 37.05 2.79
N ILE A 368 37.39 35.97 2.05
CA ILE A 368 37.65 34.70 2.70
C ILE A 368 38.87 34.82 3.59
N GLN A 369 39.91 35.48 3.10
CA GLN A 369 41.15 35.55 3.86
C GLN A 369 40.95 36.38 5.13
N LYS A 370 40.26 37.51 5.04
CA LYS A 370 40.16 38.39 6.19
C LYS A 370 39.11 37.94 7.19
N ASN A 371 37.97 37.44 6.70
CA ASN A 371 36.81 37.26 7.53
C ASN A 371 36.44 35.82 7.80
N TYR A 372 37.02 34.87 7.06
CA TYR A 372 36.62 33.49 7.20
C TYR A 372 37.81 32.59 7.48
N GLY A 373 38.79 33.12 8.23
CA GLY A 373 39.95 32.38 8.68
C GLY A 373 40.90 31.93 7.61
N ASN A 374 40.76 32.45 6.39
CA ASN A 374 41.54 32.02 5.24
C ASN A 374 41.50 30.50 5.11
N ILE A 375 40.30 29.95 5.27
CA ILE A 375 40.04 28.52 5.15
C ILE A 375 40.46 28.06 3.76
N PRO A 376 40.97 26.83 3.59
CA PRO A 376 41.30 26.36 2.24
C PRO A 376 40.07 26.36 1.33
N TRP A 377 40.21 26.94 0.14
CA TRP A 377 39.09 27.03 -0.77
C TRP A 377 39.54 26.87 -2.22
N MET A 378 38.58 26.61 -3.10
CA MET A 378 38.81 26.56 -4.52
C MET A 378 37.71 27.30 -5.26
N ILE A 379 38.05 27.81 -6.45
CA ILE A 379 37.01 28.19 -7.40
C ILE A 379 36.44 26.87 -7.92
N SER A 380 35.25 26.51 -7.45
CA SER A 380 34.62 25.27 -7.86
C SER A 380 33.81 25.40 -9.15
N GLU A 381 33.44 26.61 -9.57
CA GLU A 381 32.80 26.81 -10.87
C GLU A 381 33.11 28.20 -11.36
N ASN A 382 33.56 28.27 -12.61
CA ASN A 382 33.69 29.52 -13.34
C ASN A 382 33.63 29.18 -14.82
N GLY A 383 32.75 29.86 -15.56
CA GLY A 383 32.52 29.48 -16.95
C GLY A 383 31.64 30.46 -17.68
N MET A 384 31.64 30.33 -19.00
CA MET A 384 30.88 31.23 -19.86
C MET A 384 30.05 30.39 -20.84
N GLY A 385 28.74 30.60 -20.84
CA GLY A 385 27.83 29.84 -21.69
C GLY A 385 27.47 30.62 -22.94
N VAL A 386 27.65 29.99 -24.10
CA VAL A 386 27.47 30.65 -25.39
C VAL A 386 26.56 29.81 -26.30
N ALA A 387 25.67 30.49 -27.03
CA ALA A 387 24.70 29.85 -27.92
C ALA A 387 25.24 29.70 -29.34
N GLY A 388 24.75 28.68 -30.04
CA GLY A 388 25.06 28.49 -31.45
C GLY A 388 26.54 28.42 -31.78
N GLU A 389 27.29 27.58 -31.04
CA GLU A 389 28.72 27.45 -31.27
C GLU A 389 29.06 26.76 -32.58
N GLU A 390 28.08 26.20 -33.30
CA GLU A 390 28.38 25.69 -34.63
C GLU A 390 28.90 26.78 -35.56
N ARG A 391 28.55 28.05 -35.30
CA ARG A 391 29.03 29.12 -36.18
C ARG A 391 30.53 29.34 -36.06
N PHE A 392 31.14 28.92 -34.96
CA PHE A 392 32.56 29.12 -34.75
C PHE A 392 33.37 27.88 -35.02
N LEU A 393 32.79 26.87 -35.65
CA LEU A 393 33.57 25.70 -36.05
C LEU A 393 34.57 26.09 -37.14
N ASP A 394 35.70 25.38 -37.17
CA ASP A 394 36.66 25.54 -38.25
C ASP A 394 36.64 24.28 -39.12
N LYS A 395 37.64 24.15 -40.00
CA LYS A 395 37.58 23.12 -41.02
C LYS A 395 37.56 21.69 -40.48
N GLN A 396 37.93 21.48 -39.20
CA GLN A 396 37.90 20.14 -38.63
C GLN A 396 36.81 19.97 -37.57
N GLY A 397 35.83 20.86 -37.52
CA GLY A 397 34.82 20.75 -36.47
C GLY A 397 35.37 21.07 -35.09
N VAL A 398 36.29 22.02 -35.00
CA VAL A 398 36.85 22.49 -33.73
C VAL A 398 36.28 23.87 -33.46
N VAL A 399 35.52 24.01 -32.38
CA VAL A 399 35.00 25.31 -32.00
C VAL A 399 36.15 26.25 -31.67
N GLN A 400 36.16 27.41 -32.34
CA GLN A 400 37.14 28.45 -32.07
C GLN A 400 36.61 29.38 -30.98
N ASP A 401 36.67 28.90 -29.73
CA ASP A 401 36.06 29.61 -28.62
C ASP A 401 37.09 30.46 -27.87
N ASP A 402 37.66 31.41 -28.61
CA ASP A 402 38.61 32.37 -28.05
C ASP A 402 37.94 33.21 -26.97
N TYR A 403 36.66 33.54 -27.14
CA TYR A 403 35.94 34.24 -26.10
C TYR A 403 36.09 33.51 -24.77
N ARG A 404 35.96 32.18 -24.79
CA ARG A 404 36.09 31.39 -23.57
C ARG A 404 37.50 31.43 -23.01
N ILE A 405 38.51 31.44 -23.88
CA ILE A 405 39.88 31.55 -23.38
C ILE A 405 40.11 32.93 -22.76
N ASP A 406 39.59 33.98 -23.39
CA ASP A 406 39.79 35.32 -22.85
C ASP A 406 39.02 35.51 -21.56
N PHE A 407 37.82 34.93 -21.50
CA PHE A 407 37.05 34.94 -20.26
C PHE A 407 37.83 34.26 -19.13
N MET A 408 38.47 33.13 -19.41
CA MET A 408 39.24 32.43 -18.39
C MET A 408 40.45 33.25 -17.96
N LYS A 409 41.12 33.88 -18.93
CA LYS A 409 42.28 34.70 -18.60
C LYS A 409 41.91 35.86 -17.70
N GLU A 410 40.79 36.53 -17.98
CA GLU A 410 40.42 37.69 -17.18
C GLU A 410 40.14 37.29 -15.74
N HIS A 411 39.46 36.16 -15.53
CA HIS A 411 39.11 35.77 -14.16
C HIS A 411 40.30 35.17 -13.42
N LEU A 412 41.15 34.41 -14.13
CA LEU A 412 42.36 33.86 -13.52
C LEU A 412 43.34 34.97 -13.13
N THR A 413 43.41 36.03 -13.94
CA THR A 413 44.22 37.18 -13.56
C THR A 413 43.75 37.77 -12.24
N ALA A 414 42.42 37.96 -12.12
CA ALA A 414 41.84 38.47 -10.89
C ALA A 414 42.08 37.50 -9.74
N LEU A 415 41.96 36.20 -9.98
CA LEU A 415 42.23 35.22 -8.94
C LEU A 415 43.66 35.33 -8.44
N ALA A 416 44.62 35.46 -9.36
CA ALA A 416 46.01 35.44 -8.96
C ALA A 416 46.35 36.67 -8.13
N LYS A 417 45.68 37.81 -8.35
CA LYS A 417 45.92 38.95 -7.47
C LYS A 417 45.46 38.63 -6.07
N GLY A 418 44.33 37.92 -5.93
CA GLY A 418 43.87 37.54 -4.60
C GLY A 418 44.83 36.59 -3.90
N ILE A 419 45.43 35.67 -4.68
CA ILE A 419 46.38 34.70 -4.13
C ILE A 419 47.67 35.39 -3.70
N ALA A 420 48.16 36.32 -4.52
CA ALA A 420 49.39 37.04 -4.19
C ALA A 420 49.19 37.91 -2.95
N ALA A 421 47.98 38.42 -2.75
CA ALA A 421 47.63 39.11 -1.52
C ALA A 421 47.58 38.17 -0.32
N GLY A 422 47.60 36.85 -0.54
CA GLY A 422 47.69 35.87 0.53
C GLY A 422 46.48 34.98 0.73
N SER A 423 45.47 35.04 -0.12
CA SER A 423 44.28 34.22 0.06
C SER A 423 44.57 32.76 -0.27
N ASN A 424 44.04 31.87 0.56
CA ASN A 424 44.37 30.45 0.53
C ASN A 424 43.56 29.70 -0.54
N CYS A 425 43.63 30.15 -1.80
CA CYS A 425 42.93 29.45 -2.87
C CYS A 425 43.81 28.36 -3.45
N GLN A 426 43.23 27.18 -3.68
CA GLN A 426 44.02 25.99 -4.00
C GLN A 426 43.66 25.31 -5.31
N GLY A 427 42.74 25.86 -6.10
CA GLY A 427 42.34 25.20 -7.32
C GLY A 427 41.32 26.02 -8.07
N TYR A 428 41.16 25.68 -9.35
CA TYR A 428 40.26 26.37 -10.27
C TYR A 428 39.62 25.31 -11.15
N PHE A 429 38.30 25.20 -11.08
CA PHE A 429 37.51 24.21 -11.81
C PHE A 429 36.60 24.94 -12.79
N VAL A 430 36.76 24.65 -14.09
CA VAL A 430 35.88 25.29 -15.07
C VAL A 430 34.55 24.57 -15.14
N TRP A 431 33.48 25.35 -15.26
CA TRP A 431 32.19 24.83 -15.70
C TRP A 431 32.15 25.08 -17.20
N SER A 432 32.33 24.05 -18.02
CA SER A 432 32.37 22.66 -17.61
C SER A 432 33.32 21.83 -18.49
N GLY A 433 33.48 20.55 -18.18
CA GLY A 433 34.34 19.72 -19.02
C GLY A 433 33.73 19.50 -20.39
N ILE A 434 32.57 18.85 -20.43
CA ILE A 434 31.86 18.54 -21.66
C ILE A 434 30.50 19.25 -21.63
N ASP A 435 30.06 19.81 -22.77
CA ASP A 435 28.73 20.43 -22.80
C ASP A 435 27.73 19.52 -22.10
N CYS A 436 27.01 20.07 -21.13
CA CYS A 436 26.05 19.25 -20.41
C CYS A 436 24.70 19.96 -20.29
N TRP A 437 23.71 19.21 -19.82
CA TRP A 437 22.32 19.64 -19.87
C TRP A 437 22.04 20.71 -18.81
N SER A 438 21.67 21.92 -19.25
CA SER A 438 21.52 23.05 -18.32
C SER A 438 20.05 23.27 -17.90
N TRP A 439 19.44 22.24 -17.31
CA TRP A 439 18.08 22.31 -16.74
C TRP A 439 17.11 22.76 -17.83
N ASN A 440 16.21 23.71 -17.57
CA ASN A 440 15.20 24.10 -18.57
C ASN A 440 15.82 24.73 -19.83
N HIS A 441 17.07 25.24 -19.75
CA HIS A 441 17.73 25.77 -20.94
C HIS A 441 18.40 24.69 -21.76
N ALA A 442 18.45 23.46 -21.23
CA ALA A 442 18.99 22.32 -21.96
C ALA A 442 20.34 22.69 -22.58
N TYR A 443 20.48 22.50 -23.89
CA TYR A 443 21.76 22.76 -24.55
C TYR A 443 21.74 24.08 -25.34
N HIS A 444 20.89 25.03 -24.96
CA HIS A 444 20.88 26.31 -25.66
C HIS A 444 22.22 27.01 -25.54
N ASN A 445 22.74 27.11 -24.33
CA ASN A 445 24.06 27.68 -24.07
C ASN A 445 25.04 26.56 -23.75
N ARG A 446 26.20 26.58 -24.40
CA ARG A 446 27.29 25.64 -24.17
C ARG A 446 28.37 26.24 -23.29
N TYR A 447 28.90 25.42 -22.37
CA TYR A 447 29.92 25.86 -21.44
C TYR A 447 31.22 25.06 -21.50
N GLY A 448 31.26 23.97 -22.25
CA GLY A 448 32.34 23.01 -22.08
C GLY A 448 33.61 23.42 -22.80
N LEU A 449 34.72 22.86 -22.32
CA LEU A 449 35.93 22.81 -23.11
C LEU A 449 35.82 21.80 -24.23
N ILE A 450 34.80 20.94 -24.17
CA ILE A 450 34.59 19.84 -25.09
C ILE A 450 33.15 19.95 -25.59
N ARG A 451 32.99 20.05 -26.91
CA ARG A 451 31.66 20.14 -27.51
C ARG A 451 31.00 18.77 -27.54
N ASN A 452 29.70 18.73 -27.27
CA ASN A 452 28.93 17.49 -27.45
C ASN A 452 27.90 17.71 -28.53
N ASP A 453 27.97 16.91 -29.60
CA ASP A 453 26.93 16.91 -30.62
C ASP A 453 25.84 15.96 -30.14
N ILE A 454 24.75 16.53 -29.61
CA ILE A 454 23.83 15.73 -28.81
C ILE A 454 22.96 14.80 -29.66
N HIS A 455 22.86 15.01 -30.97
CA HIS A 455 22.17 14.02 -31.80
C HIS A 455 22.92 12.69 -31.82
N THR A 456 24.25 12.72 -31.89
CA THR A 456 25.06 11.51 -31.94
C THR A 456 25.88 11.25 -30.68
N GLN A 457 25.84 12.16 -29.70
CA GLN A 457 26.71 12.07 -28.51
C GLN A 457 28.19 11.91 -28.90
N THR A 458 28.57 12.52 -30.02
CA THR A 458 29.97 12.60 -30.43
C THR A 458 30.57 13.88 -29.87
N LYS A 459 31.70 13.75 -29.17
CA LYS A 459 32.35 14.89 -28.53
C LYS A 459 33.75 15.16 -29.06
N THR A 460 34.12 16.45 -29.04
CA THR A 460 35.34 16.92 -29.66
C THR A 460 35.88 18.08 -28.83
N LEU A 461 37.19 18.09 -28.59
CA LEU A 461 37.80 19.20 -27.89
C LEU A 461 37.55 20.51 -28.64
N LYS A 462 37.24 21.56 -27.88
CA LYS A 462 37.25 22.90 -28.43
C LYS A 462 38.67 23.45 -28.36
N LYS A 463 38.87 24.64 -28.96
CA LYS A 463 40.16 25.29 -28.85
C LYS A 463 40.54 25.52 -27.39
N SER A 464 39.55 25.82 -26.55
CA SER A 464 39.84 26.09 -25.15
C SER A 464 40.40 24.86 -24.43
N ALA A 465 40.05 23.67 -24.88
CA ALA A 465 40.57 22.45 -24.26
C ALA A 465 42.09 22.40 -24.36
N LYS A 466 42.63 22.70 -25.55
CA LYS A 466 44.08 22.66 -25.68
C LYS A 466 44.75 23.78 -24.89
N TRP A 467 44.10 24.95 -24.83
CA TRP A 467 44.64 26.02 -23.99
C TRP A 467 44.68 25.56 -22.54
N PHE A 468 43.61 24.91 -22.09
CA PHE A 468 43.52 24.51 -20.69
C PHE A 468 44.59 23.47 -20.34
N ALA A 469 44.82 22.50 -21.23
CA ALA A 469 45.87 21.52 -21.01
C ALA A 469 47.23 22.19 -20.84
N GLU A 470 47.48 23.22 -21.66
CA GLU A 470 48.76 23.93 -21.61
C GLU A 470 48.87 24.81 -20.37
N LEU A 471 47.76 25.41 -19.96
CA LEU A 471 47.74 26.16 -18.71
C LEU A 471 48.15 25.28 -17.54
N GLY A 472 47.65 24.05 -17.48
CA GLY A 472 48.03 23.14 -16.40
C GLY A 472 49.49 22.72 -16.46
N GLU A 473 50.06 22.63 -17.66
CA GLU A 473 51.47 22.21 -17.78
C GLU A 473 52.40 23.30 -17.27
N ARG A 474 52.14 24.55 -17.62
CA ARG A 474 52.96 25.66 -17.16
C ARG A 474 52.49 26.24 -15.85
N ASN A 475 51.35 25.80 -15.32
CA ASN A 475 50.80 26.35 -14.09
C ASN A 475 50.69 27.86 -14.23
N GLY A 476 50.31 28.30 -15.41
CA GLY A 476 50.16 29.73 -15.69
C GLY A 476 50.07 30.02 -17.17
N PHE A 477 49.96 31.32 -17.47
CA PHE A 477 49.89 31.78 -18.84
C PHE A 477 50.52 33.16 -19.01
N MET B 17 14.71 30.87 29.31
CA MET B 17 15.19 31.77 30.34
C MET B 17 15.41 31.03 31.67
N VAL B 18 14.80 29.87 31.82
CA VAL B 18 15.04 28.99 32.95
C VAL B 18 15.59 27.69 32.38
N GLU B 19 16.89 27.43 32.58
CA GLU B 19 17.51 26.28 31.93
C GLU B 19 18.11 25.31 32.94
N PHE B 20 18.38 24.11 32.45
CA PHE B 20 18.74 22.96 33.27
C PHE B 20 20.09 22.39 32.87
N PRO B 21 20.72 21.62 33.76
CA PRO B 21 22.04 21.04 33.46
C PRO B 21 21.99 20.20 32.19
N GLU B 22 23.11 20.19 31.48
CA GLU B 22 23.26 19.25 30.36
C GLU B 22 23.17 17.81 30.89
N GLY B 23 22.54 16.95 30.11
CA GLY B 23 22.27 15.60 30.53
C GLY B 23 21.04 15.40 31.39
N PHE B 24 20.32 16.47 31.74
CA PHE B 24 19.16 16.36 32.62
C PHE B 24 18.14 15.40 32.02
N VAL B 25 17.57 14.55 32.87
CA VAL B 25 16.61 13.53 32.44
C VAL B 25 15.20 14.04 32.68
N TRP B 26 14.40 14.16 31.60
CA TRP B 26 12.97 14.47 31.70
C TRP B 26 12.20 13.16 31.60
N GLY B 27 11.53 12.74 32.69
CA GLY B 27 10.90 11.44 32.76
C GLY B 27 9.49 11.46 33.32
N ALA B 28 8.92 10.25 33.44
CA ALA B 28 7.59 10.06 34.00
C ALA B 28 7.60 8.82 34.90
N ALA B 29 6.69 8.78 35.87
CA ALA B 29 6.66 7.76 36.91
C ALA B 29 5.29 7.10 37.01
N THR B 30 5.28 5.78 37.17
CA THR B 30 4.09 4.97 37.47
C THR B 30 4.52 3.76 38.29
N SER B 31 3.63 2.76 38.36
CA SER B 31 3.94 1.50 39.02
C SER B 31 3.22 0.37 38.29
N GLY B 32 3.76 -0.84 38.46
CA GLY B 32 3.13 -2.05 38.01
C GLY B 32 1.67 -2.20 38.46
N PRO B 33 1.42 -2.13 39.78
CA PRO B 33 0.04 -2.36 40.25
C PRO B 33 -0.94 -1.35 39.72
N GLN B 34 -0.50 -0.14 39.41
CA GLN B 34 -1.43 0.91 39.05
C GLN B 34 -1.65 1.02 37.55
N THR B 35 -0.89 0.26 36.75
CA THR B 35 -0.99 0.32 35.31
C THR B 35 -1.34 -1.01 34.65
N GLU B 36 -0.86 -2.15 35.19
CA GLU B 36 -0.84 -3.40 34.42
C GLU B 36 -2.22 -3.97 34.23
N GLY B 37 -3.02 -4.02 35.28
CA GLY B 37 -4.11 -4.96 35.35
C GLY B 37 -3.64 -6.30 35.89
N ASN B 38 -4.58 -7.07 36.39
CA ASN B 38 -4.25 -8.36 36.99
C ASN B 38 -4.33 -9.51 36.00
N PHE B 39 -4.44 -9.23 34.70
CA PHE B 39 -4.43 -10.27 33.66
C PHE B 39 -3.36 -11.31 33.94
N HIS B 40 -3.81 -12.56 34.16
CA HIS B 40 -2.96 -13.74 34.25
C HIS B 40 -1.88 -13.60 35.31
N LYS B 41 -2.10 -12.79 36.34
CA LYS B 41 -1.14 -12.70 37.42
C LYS B 41 -1.36 -13.84 38.40
N GLN B 42 -0.27 -14.45 38.87
CA GLN B 42 -0.40 -15.68 39.64
C GLN B 42 -0.89 -15.41 41.06
N HIS B 43 -0.52 -14.27 41.65
CA HIS B 43 -0.72 -14.03 43.07
C HIS B 43 -1.48 -12.74 43.31
N GLN B 44 -2.18 -12.67 44.44
CA GLN B 44 -2.81 -11.44 44.90
C GLN B 44 -1.86 -10.66 45.81
N ASN B 45 -1.67 -9.37 45.51
CA ASN B 45 -1.10 -8.47 46.50
C ASN B 45 -2.22 -7.97 47.42
N VAL B 46 -1.84 -7.17 48.44
CA VAL B 46 -2.81 -6.81 49.48
C VAL B 46 -3.93 -5.96 48.89
N PHE B 47 -3.63 -5.15 47.87
CA PHE B 47 -4.69 -4.37 47.24
C PHE B 47 -5.60 -5.27 46.40
N ASP B 48 -5.05 -6.28 45.74
CA ASP B 48 -5.88 -7.20 44.96
C ASP B 48 -6.91 -7.86 45.86
N TYR B 49 -6.43 -8.49 46.94
CA TYR B 49 -7.33 -9.10 47.91
C TYR B 49 -8.32 -8.08 48.46
N TRP B 50 -7.85 -6.87 48.73
CA TRP B 50 -8.72 -5.88 49.34
C TRP B 50 -9.85 -5.50 48.40
N PHE B 51 -9.54 -5.33 47.10
CA PHE B 51 -10.62 -5.04 46.15
C PHE B 51 -11.51 -6.26 45.93
N ALA B 52 -10.95 -7.47 46.02
CA ALA B 52 -11.75 -8.65 45.74
C ALA B 52 -12.78 -8.92 46.82
N THR B 53 -12.55 -8.41 48.02
CA THR B 53 -13.39 -8.67 49.18
C THR B 53 -14.21 -7.48 49.62
N GLU B 54 -13.74 -6.26 49.39
CA GLU B 54 -14.46 -5.05 49.76
C GLU B 54 -14.37 -4.02 48.64
N PRO B 55 -14.93 -4.34 47.46
CA PRO B 55 -14.88 -3.36 46.37
C PRO B 55 -15.58 -2.05 46.73
N GLU B 56 -16.43 -2.05 47.76
CA GLU B 56 -17.07 -0.80 48.17
C GLU B 56 -16.08 0.22 48.73
N GLN B 57 -14.85 -0.18 49.00
CA GLN B 57 -13.82 0.73 49.50
C GLN B 57 -13.08 1.45 48.38
N PHE B 58 -13.48 1.29 47.12
CA PHE B 58 -12.76 1.90 45.99
C PHE B 58 -13.69 2.78 45.19
N ASP B 59 -13.16 3.92 44.75
CA ASP B 59 -13.95 4.94 44.08
C ASP B 59 -14.64 4.38 42.84
N ALA B 60 -15.97 4.51 42.81
CA ALA B 60 -16.82 4.05 41.71
C ALA B 60 -16.67 2.55 41.46
N GLY B 61 -16.31 1.80 42.50
CA GLY B 61 -16.09 0.37 42.35
C GLY B 61 -14.99 0.01 41.36
N VAL B 62 -14.09 0.94 41.04
CA VAL B 62 -13.04 0.67 40.06
C VAL B 62 -11.82 0.13 40.78
N GLY B 63 -11.41 -1.10 40.44
CA GLY B 63 -10.33 -1.75 41.12
C GLY B 63 -9.08 -1.91 40.30
N PRO B 64 -8.19 -2.80 40.76
CA PRO B 64 -6.90 -2.97 40.07
C PRO B 64 -6.92 -3.91 38.88
N ASP B 65 -8.03 -4.60 38.60
CA ASP B 65 -7.95 -5.79 37.74
C ASP B 65 -7.71 -5.47 36.25
N THR B 66 -8.15 -4.32 35.78
CA THR B 66 -7.76 -3.84 34.46
C THR B 66 -6.81 -2.66 34.52
N ALA B 67 -6.98 -1.76 35.50
CA ALA B 67 -6.14 -0.56 35.68
C ALA B 67 -6.06 0.15 34.32
N SER B 68 -4.87 0.52 33.84
CA SER B 68 -4.73 1.16 32.53
C SER B 68 -4.24 0.20 31.45
N ASN B 69 -4.50 -1.11 31.60
CA ASN B 69 -4.37 -2.07 30.50
C ASN B 69 -2.93 -2.21 29.99
N PHE B 70 -1.93 -1.89 30.82
CA PHE B 70 -0.55 -1.96 30.38
C PHE B 70 -0.15 -3.38 30.00
N TYR B 71 -0.71 -4.39 30.68
CA TYR B 71 -0.38 -5.77 30.35
C TYR B 71 -0.65 -6.08 28.89
N ASN B 72 -1.71 -5.50 28.32
CA ASN B 72 -2.10 -5.79 26.95
C ASN B 72 -1.63 -4.74 25.96
N ASP B 73 -1.40 -3.50 26.40
CA ASP B 73 -1.19 -2.36 25.52
C ASP B 73 0.19 -1.74 25.63
N TYR B 74 1.16 -2.38 26.30
CA TYR B 74 2.40 -1.71 26.69
C TYR B 74 3.13 -1.06 25.49
N ASP B 75 3.16 -1.72 24.34
CA ASP B 75 3.97 -1.20 23.23
C ASP B 75 3.42 0.13 22.72
N HIS B 76 2.11 0.19 22.43
CA HIS B 76 1.53 1.46 22.01
C HIS B 76 1.57 2.50 23.13
N ASP B 77 1.36 2.07 24.38
CA ASP B 77 1.47 2.99 25.51
C ASP B 77 2.85 3.62 25.57
N LEU B 78 3.91 2.83 25.41
CA LEU B 78 5.25 3.40 25.39
C LEU B 78 5.45 4.34 24.21
N ALA B 79 4.91 3.98 23.05
CA ALA B 79 5.01 4.88 21.90
C ALA B 79 4.37 6.22 22.22
N LEU B 80 3.23 6.19 22.92
CA LEU B 80 2.57 7.44 23.29
C LEU B 80 3.42 8.24 24.26
N MET B 81 4.05 7.56 25.23
CA MET B 81 4.92 8.23 26.19
C MET B 81 6.14 8.84 25.50
N ALA B 82 6.71 8.13 24.52
CA ALA B 82 7.80 8.70 23.74
C ALA B 82 7.38 9.97 23.00
N GLN B 83 6.13 10.04 22.49
CA GLN B 83 5.82 11.31 21.86
C GLN B 83 5.45 12.39 22.86
N ALA B 84 5.16 12.03 24.11
CA ALA B 84 4.97 13.02 25.15
C ALA B 84 6.30 13.52 25.73
N GLY B 85 7.44 13.12 25.18
CA GLY B 85 8.71 13.55 25.73
C GLY B 85 9.21 12.73 26.90
N VAL B 86 8.70 11.54 27.13
CA VAL B 86 9.22 10.74 28.25
C VAL B 86 10.59 10.21 27.85
N GLN B 87 11.65 10.71 28.50
CA GLN B 87 13.01 10.25 28.22
C GLN B 87 13.37 9.02 29.04
N GLY B 88 12.96 9.00 30.29
CA GLY B 88 13.07 7.82 31.12
C GLY B 88 11.72 7.54 31.73
N LEU B 89 11.40 6.25 31.85
CA LEU B 89 10.13 5.83 32.43
C LEU B 89 10.44 5.04 33.68
N ARG B 90 9.81 5.40 34.77
CA ARG B 90 9.98 4.69 36.01
C ARG B 90 8.68 3.96 36.33
N THR B 91 8.78 2.64 36.44
CA THR B 91 7.67 1.79 36.81
C THR B 91 8.20 0.67 37.70
N SER B 92 7.37 -0.32 37.99
CA SER B 92 7.78 -1.33 38.96
C SER B 92 7.44 -2.73 38.47
N ILE B 93 8.26 -3.68 38.92
CA ILE B 93 8.01 -5.10 38.72
C ILE B 93 7.26 -5.59 39.96
N GLN B 94 6.17 -6.35 39.75
CA GLN B 94 5.37 -6.87 40.84
C GLN B 94 5.95 -8.19 41.34
N TRP B 95 6.28 -8.23 42.62
CA TRP B 95 6.56 -9.47 43.34
C TRP B 95 5.51 -10.53 43.02
N THR B 96 4.23 -10.13 42.95
CA THR B 96 3.13 -11.08 42.81
C THR B 96 2.97 -11.59 41.38
N ARG B 97 3.68 -11.02 40.41
CA ARG B 97 3.61 -11.51 39.05
C ARG B 97 4.85 -12.27 38.62
N LEU B 98 6.01 -11.87 39.12
CA LEU B 98 7.26 -12.49 38.70
C LEU B 98 7.49 -13.83 39.39
N ILE B 99 7.00 -14.01 40.61
CA ILE B 99 7.46 -15.10 41.46
C ILE B 99 6.41 -16.20 41.51
N ASP B 100 6.87 -17.45 41.41
CA ASP B 100 5.97 -18.57 41.55
C ASP B 100 5.85 -18.90 43.04
N ASP B 101 6.87 -19.56 43.61
CA ASP B 101 6.92 -19.88 45.04
C ASP B 101 7.78 -18.83 45.73
N PHE B 102 7.23 -18.19 46.77
CA PHE B 102 7.92 -17.06 47.37
C PHE B 102 9.14 -17.51 48.17
N GLU B 103 9.09 -18.72 48.75
CA GLU B 103 10.17 -19.17 49.63
C GLU B 103 11.49 -19.35 48.90
N THR B 104 11.44 -19.74 47.63
CA THR B 104 12.64 -19.95 46.83
C THR B 104 12.81 -18.90 45.73
N ALA B 105 11.88 -17.96 45.63
CA ALA B 105 11.82 -17.03 44.49
C ALA B 105 11.99 -17.76 43.16
N SER B 106 11.32 -18.92 43.04
CA SER B 106 11.22 -19.58 41.75
C SER B 106 10.37 -18.71 40.81
N LEU B 107 10.55 -18.89 39.51
CA LEU B 107 10.07 -17.94 38.51
C LEU B 107 8.78 -18.40 37.84
N ASN B 108 7.86 -17.45 37.63
CA ASN B 108 6.67 -17.64 36.81
C ASN B 108 7.01 -17.25 35.37
N ALA B 109 7.01 -18.23 34.46
CA ALA B 109 7.59 -18.02 33.13
C ALA B 109 6.90 -16.89 32.38
N ASP B 110 5.56 -16.84 32.47
CA ASP B 110 4.79 -15.79 31.80
C ASP B 110 5.09 -14.41 32.38
N GLY B 111 5.30 -14.32 33.69
CA GLY B 111 5.68 -13.04 34.27
C GLY B 111 7.03 -12.55 33.78
N VAL B 112 8.03 -13.45 33.76
CA VAL B 112 9.35 -13.12 33.20
C VAL B 112 9.20 -12.63 31.77
N ALA B 113 8.45 -13.36 30.94
CA ALA B 113 8.29 -12.94 29.55
C ALA B 113 7.65 -11.58 29.46
N PHE B 114 6.67 -11.30 30.33
CA PHE B 114 5.99 -10.02 30.26
C PHE B 114 6.97 -8.88 30.50
N TYR B 115 7.81 -9.00 31.52
CA TYR B 115 8.68 -7.87 31.83
C TYR B 115 9.84 -7.75 30.85
N ASN B 116 10.26 -8.85 30.19
CA ASN B 116 11.23 -8.71 29.11
C ASN B 116 10.61 -7.98 27.91
N HIS B 117 9.35 -8.28 27.63
CA HIS B 117 8.64 -7.54 26.59
C HIS B 117 8.58 -6.07 26.91
N VAL B 118 8.20 -5.72 28.15
CA VAL B 118 8.12 -4.31 28.52
C VAL B 118 9.47 -3.65 28.37
N ILE B 119 10.50 -4.20 29.01
CA ILE B 119 11.82 -3.58 28.98
C ILE B 119 12.35 -3.47 27.55
N ASP B 120 12.18 -4.52 26.75
CA ASP B 120 12.62 -4.45 25.36
C ASP B 120 11.86 -3.38 24.61
N SER B 121 10.57 -3.24 24.88
CA SER B 121 9.76 -2.26 24.15
C SER B 121 10.22 -0.85 24.47
N MET B 122 10.61 -0.61 25.74
CA MET B 122 11.12 0.70 26.16
C MET B 122 12.35 1.10 25.39
N LEU B 123 13.35 0.21 25.35
CA LEU B 123 14.56 0.49 24.61
C LEU B 123 14.25 0.72 23.13
N ALA B 124 13.34 -0.09 22.56
CA ALA B 124 12.95 0.10 21.17
C ALA B 124 12.33 1.47 20.94
N HIS B 125 11.62 2.02 21.92
CA HIS B 125 11.10 3.39 21.81
C HIS B 125 12.04 4.44 22.38
N HIS B 126 13.29 4.06 22.69
CA HIS B 126 14.32 5.00 23.15
C HIS B 126 13.95 5.63 24.49
N ILE B 127 13.31 4.86 25.35
CA ILE B 127 13.00 5.29 26.71
C ILE B 127 13.91 4.53 27.65
N THR B 128 14.68 5.26 28.46
CA THR B 128 15.56 4.60 29.43
C THR B 128 14.75 3.97 30.56
N PRO B 129 14.93 2.67 30.84
CA PRO B 129 14.22 2.05 31.97
C PRO B 129 14.78 2.48 33.33
N TYR B 130 13.87 2.85 34.22
CA TYR B 130 14.14 3.05 35.65
C TYR B 130 13.23 2.09 36.40
N ILE B 131 13.81 1.03 36.98
CA ILE B 131 12.99 -0.07 37.51
C ILE B 131 13.00 -0.04 39.03
N ASN B 132 11.82 0.10 39.61
CA ASN B 132 11.60 0.02 41.05
C ASN B 132 11.09 -1.38 41.37
N LEU B 133 11.53 -1.91 42.51
CA LEU B 133 11.18 -3.27 42.91
C LEU B 133 9.91 -3.40 43.74
N HIS B 134 9.47 -2.34 44.41
CA HIS B 134 8.31 -2.52 45.28
C HIS B 134 7.54 -1.21 45.42
N HIS B 135 6.23 -1.29 45.23
CA HIS B 135 5.36 -0.14 45.31
C HIS B 135 4.06 -0.61 45.97
N PHE B 136 4.07 -0.72 47.29
CA PHE B 136 2.89 -1.01 48.11
C PHE B 136 2.26 -2.36 47.81
N ASP B 137 2.94 -3.25 47.08
CA ASP B 137 2.28 -4.48 46.60
C ASP B 137 2.77 -5.76 47.29
N LEU B 138 2.75 -5.79 48.61
CA LEU B 138 3.09 -6.97 49.37
C LEU B 138 2.19 -8.15 48.98
N PRO B 139 2.76 -9.33 48.71
CA PRO B 139 1.90 -10.51 48.50
C PRO B 139 1.05 -10.81 49.73
N VAL B 140 -0.28 -10.94 49.51
CA VAL B 140 -1.22 -11.13 50.63
C VAL B 140 -0.97 -12.45 51.35
N ALA B 141 -0.50 -13.48 50.63
CA ALA B 141 -0.16 -14.73 51.31
C ALA B 141 0.93 -14.51 52.35
N LEU B 142 1.84 -13.57 52.09
CA LEU B 142 2.93 -13.38 53.05
C LEU B 142 2.49 -12.58 54.27
N TYR B 143 1.47 -11.73 54.13
CA TYR B 143 0.88 -11.15 55.34
C TYR B 143 0.16 -12.22 56.15
N ASP B 144 -0.57 -13.12 55.49
CA ASP B 144 -1.35 -14.10 56.24
C ASP B 144 -0.45 -15.12 56.96
N LYS B 145 0.69 -15.46 56.35
CA LYS B 145 1.54 -16.51 56.87
C LYS B 145 2.58 -16.00 57.87
N TYR B 146 3.09 -14.77 57.71
CA TYR B 146 4.15 -14.23 58.56
C TYR B 146 3.86 -12.84 59.10
N HIS B 147 2.69 -12.28 58.81
CA HIS B 147 2.39 -10.87 59.01
C HIS B 147 3.35 -9.95 58.24
N GLY B 148 3.81 -10.43 57.09
CA GLY B 148 4.32 -9.53 56.07
C GLY B 148 5.59 -8.83 56.50
N TRP B 149 5.57 -7.50 56.44
CA TRP B 149 6.77 -6.72 56.72
C TRP B 149 7.17 -6.75 58.19
N GLU B 150 6.33 -7.28 59.08
CA GLU B 150 6.77 -7.49 60.46
C GLU B 150 7.80 -8.59 60.57
N SER B 151 7.90 -9.44 59.56
CA SER B 151 8.71 -10.65 59.60
C SER B 151 10.04 -10.45 58.88
N LYS B 152 11.13 -10.72 59.59
CA LYS B 152 12.44 -10.67 58.98
C LYS B 152 12.68 -11.82 58.01
N HIS B 153 11.86 -12.87 58.07
CA HIS B 153 11.90 -13.88 57.02
C HIS B 153 11.36 -13.32 55.71
N VAL B 154 10.26 -12.58 55.79
CA VAL B 154 9.71 -11.92 54.59
C VAL B 154 10.75 -10.99 53.99
N VAL B 155 11.51 -10.29 54.84
CA VAL B 155 12.60 -9.45 54.34
C VAL B 155 13.54 -10.29 53.47
N GLU B 156 13.90 -11.49 53.95
CA GLU B 156 14.80 -12.33 53.17
C GLU B 156 14.16 -12.75 51.85
N LEU B 157 12.85 -13.02 51.86
CA LEU B 157 12.20 -13.44 50.63
C LEU B 157 12.12 -12.32 49.60
N PHE B 158 12.01 -11.06 50.06
CA PHE B 158 12.12 -9.92 49.15
C PHE B 158 13.50 -9.86 48.49
N VAL B 159 14.56 -10.13 49.26
CA VAL B 159 15.91 -10.07 48.69
C VAL B 159 16.08 -11.14 47.61
N LYS B 160 15.51 -12.33 47.85
CA LYS B 160 15.56 -13.38 46.83
C LYS B 160 14.79 -12.98 45.59
N PHE B 161 13.67 -12.27 45.77
CA PHE B 161 12.95 -11.73 44.62
C PHE B 161 13.78 -10.68 43.89
N ALA B 162 14.41 -9.76 44.63
CA ALA B 162 15.22 -8.72 44.00
C ALA B 162 16.38 -9.32 43.20
N GLU B 163 17.09 -10.28 43.82
CA GLU B 163 18.20 -10.94 43.14
C GLU B 163 17.78 -11.46 41.77
N GLN B 164 16.62 -12.12 41.72
CA GLN B 164 16.10 -12.62 40.45
C GLN B 164 15.90 -11.51 39.41
N CYS B 165 15.31 -10.36 39.81
CA CYS B 165 15.14 -9.24 38.88
C CYS B 165 16.46 -8.78 38.30
N PHE B 166 17.48 -8.62 39.16
CA PHE B 166 18.81 -8.19 38.72
C PHE B 166 19.40 -9.19 37.71
N LYS B 167 19.28 -10.49 38.00
CA LYS B 167 19.83 -11.50 37.09
C LYS B 167 19.08 -11.53 35.77
N LEU B 168 17.75 -11.38 35.81
CA LEU B 168 16.96 -11.46 34.59
C LEU B 168 17.15 -10.23 33.72
N PHE B 169 17.18 -9.04 34.33
CA PHE B 169 17.04 -7.80 33.59
C PHE B 169 18.23 -6.85 33.75
N GLY B 170 19.18 -7.16 34.63
CA GLY B 170 20.38 -6.36 34.78
C GLY B 170 21.17 -6.16 33.51
N ASP B 171 21.07 -7.08 32.54
CA ASP B 171 21.80 -6.91 31.29
C ASP B 171 21.34 -5.65 30.54
N ARG B 172 20.11 -5.21 30.70
CA ARG B 172 19.80 -4.00 29.95
C ARG B 172 19.04 -2.96 30.75
N VAL B 173 19.09 -3.03 32.07
CA VAL B 173 18.60 -1.98 32.95
C VAL B 173 19.75 -1.49 33.83
N ASP B 174 20.04 -0.19 33.78
CA ASP B 174 21.10 0.38 34.61
C ASP B 174 20.60 1.01 35.90
N HIS B 175 19.40 1.60 35.90
CA HIS B 175 18.92 2.42 37.02
C HIS B 175 17.84 1.69 37.79
N TRP B 176 18.09 1.44 39.07
CA TRP B 176 17.17 0.67 39.89
C TRP B 176 16.77 1.45 41.14
N TYR B 177 15.64 1.03 41.72
CA TYR B 177 15.24 1.48 43.05
C TYR B 177 14.73 0.30 43.86
N THR B 178 15.04 0.31 45.16
CA THR B 178 14.57 -0.77 46.03
C THR B 178 13.09 -0.63 46.34
N PHE B 179 12.67 0.55 46.78
CA PHE B 179 11.31 0.77 47.25
C PHE B 179 10.83 2.14 46.81
N ASN B 180 9.54 2.25 46.55
CA ASN B 180 8.91 3.56 46.47
C ASN B 180 8.27 3.84 47.83
N GLU B 181 8.81 4.82 48.54
CA GLU B 181 8.29 5.32 49.81
C GLU B 181 7.86 4.23 50.80
N PRO B 182 8.81 3.50 51.40
CA PRO B 182 8.41 2.61 52.52
C PRO B 182 7.55 3.30 53.57
N LYS B 183 7.74 4.59 53.81
CA LYS B 183 6.92 5.29 54.79
C LYS B 183 5.43 5.13 54.52
N VAL B 184 5.02 5.15 53.25
CA VAL B 184 3.59 5.03 52.96
C VAL B 184 3.09 3.62 53.30
N VAL B 185 3.97 2.61 53.18
CA VAL B 185 3.62 1.25 53.58
C VAL B 185 3.47 1.18 55.09
N VAL B 186 4.43 1.75 55.83
CA VAL B 186 4.32 1.81 57.29
C VAL B 186 3.03 2.51 57.68
N ASP B 187 2.86 3.76 57.19
CA ASP B 187 1.66 4.53 57.49
C ASP B 187 0.40 3.76 57.07
N GLY B 188 0.36 3.29 55.82
CA GLY B 188 -0.87 2.72 55.30
C GLY B 188 -1.24 1.40 55.96
N GLN B 189 -0.26 0.51 56.13
CA GLN B 189 -0.58 -0.82 56.67
C GLN B 189 -0.71 -0.83 58.20
N TYR B 190 -0.01 0.08 58.91
CA TYR B 190 0.12 -0.07 60.35
C TYR B 190 -0.27 1.15 61.18
N LEU B 191 -0.66 2.27 60.56
CA LEU B 191 -0.97 3.47 61.34
C LEU B 191 -2.37 4.01 61.10
N TYR B 192 -2.77 4.28 59.85
CA TYR B 192 -3.97 5.07 59.59
C TYR B 192 -5.04 4.36 58.78
N GLY B 193 -4.83 3.10 58.39
CA GLY B 193 -5.88 2.37 57.70
C GLY B 193 -5.96 2.61 56.20
N TRP B 194 -4.94 3.23 55.60
CA TRP B 194 -4.93 3.47 54.15
C TRP B 194 -4.72 2.18 53.34
N HIS B 195 -3.98 1.21 53.85
CA HIS B 195 -3.69 -0.03 53.13
C HIS B 195 -4.22 -1.23 53.91
N TYR B 196 -4.92 -2.14 53.22
CA TYR B 196 -5.13 -3.47 53.77
C TYR B 196 -3.75 -3.98 54.22
N PRO B 197 -3.64 -4.64 55.40
CA PRO B 197 -4.56 -5.19 56.40
C PRO B 197 -5.23 -4.17 57.35
N GLN B 198 -4.91 -2.88 57.21
CA GLN B 198 -5.41 -1.80 58.07
C GLN B 198 -5.18 -2.11 59.55
N VAL B 199 -3.97 -2.51 59.90
CA VAL B 199 -3.61 -2.60 61.31
C VAL B 199 -3.34 -1.19 61.83
N ILE B 200 -3.78 -0.92 63.06
CA ILE B 200 -3.59 0.37 63.75
C ILE B 200 -2.76 0.06 65.00
N ASN B 201 -1.43 0.18 64.89
CA ASN B 201 -0.57 -0.23 66.01
C ASN B 201 0.80 0.44 65.85
N GLY B 202 1.05 1.46 66.68
CA GLY B 202 2.28 2.22 66.61
C GLY B 202 3.56 1.43 66.77
N PRO B 203 3.67 0.63 67.84
CA PRO B 203 4.89 -0.18 68.02
C PRO B 203 5.23 -1.10 66.86
N LYS B 204 4.22 -1.74 66.25
CA LYS B 204 4.50 -2.57 65.08
C LYS B 204 4.97 -1.71 63.92
N ALA B 205 4.34 -0.55 63.71
CA ALA B 205 4.80 0.36 62.66
C ALA B 205 6.29 0.68 62.82
N VAL B 206 6.74 0.88 64.06
CA VAL B 206 8.14 1.17 64.30
C VAL B 206 9.02 0.00 63.84
N GLN B 207 8.60 -1.22 64.15
CA GLN B 207 9.39 -2.38 63.72
C GLN B 207 9.35 -2.56 62.20
N VAL B 208 8.22 -2.26 61.56
CA VAL B 208 8.10 -2.43 60.13
C VAL B 208 8.98 -1.42 59.40
N ALA B 209 9.09 -0.21 59.94
CA ALA B 209 9.99 0.78 59.33
C ALA B 209 11.46 0.36 59.45
N TYR B 210 11.84 -0.22 60.59
CA TYR B 210 13.19 -0.76 60.69
C TYR B 210 13.41 -1.87 59.66
N ASN B 211 12.53 -2.89 59.66
CA ASN B 211 12.67 -4.04 58.76
C ASN B 211 12.80 -3.64 57.28
N MET B 212 12.01 -2.64 56.84
CA MET B 212 12.07 -2.27 55.43
C MET B 212 13.35 -1.52 55.09
N ASN B 213 13.83 -0.68 56.01
CA ASN B 213 15.17 -0.12 55.84
C ASN B 213 16.22 -1.23 55.70
N LEU B 214 16.12 -2.26 56.55
CA LEU B 214 17.04 -3.41 56.48
C LEU B 214 16.90 -4.13 55.14
N ALA B 215 15.67 -4.33 54.70
CA ALA B 215 15.42 -4.98 53.41
C ALA B 215 16.03 -4.19 52.27
N SER B 216 15.93 -2.87 52.33
CA SER B 216 16.54 -2.05 51.28
C SER B 216 18.05 -2.22 51.26
N ALA B 217 18.68 -2.15 52.44
CA ALA B 217 20.13 -2.25 52.53
C ALA B 217 20.61 -3.61 52.05
N LYS B 218 19.91 -4.68 52.45
CA LYS B 218 20.31 -6.02 51.98
C LYS B 218 20.16 -6.12 50.48
N THR B 219 19.15 -5.44 49.93
CA THR B 219 18.98 -5.45 48.49
C THR B 219 20.09 -4.67 47.80
N VAL B 220 20.54 -3.58 48.41
CA VAL B 220 21.66 -2.83 47.83
C VAL B 220 22.92 -3.69 47.82
N ALA B 221 23.18 -4.41 48.92
CA ALA B 221 24.36 -5.27 48.95
C ALA B 221 24.26 -6.32 47.86
N ARG B 222 23.08 -6.92 47.69
CA ARG B 222 22.94 -7.95 46.68
C ARG B 222 23.13 -7.38 45.28
N PHE B 223 22.68 -6.14 45.07
CA PHE B 223 22.80 -5.51 43.76
C PHE B 223 24.26 -5.37 43.34
N HIS B 224 25.12 -4.85 44.24
CA HIS B 224 26.49 -4.55 43.84
C HIS B 224 27.35 -5.82 43.71
N GLU B 225 27.02 -6.89 44.45
CA GLU B 225 27.72 -8.15 44.22
C GLU B 225 27.39 -8.73 42.84
N LEU B 226 26.22 -8.40 42.31
CA LEU B 226 25.76 -8.94 41.05
C LEU B 226 26.04 -8.03 39.87
N SER B 227 26.44 -6.77 40.11
CA SER B 227 26.58 -5.81 39.03
C SER B 227 27.75 -6.13 38.12
N VAL B 228 27.60 -5.75 36.85
CA VAL B 228 28.56 -6.09 35.81
C VAL B 228 29.17 -4.82 35.23
N ARG B 229 28.38 -3.76 35.19
CA ARG B 229 28.80 -2.52 34.57
C ARG B 229 28.95 -1.42 35.62
N PRO B 230 29.94 -0.54 35.46
CA PRO B 230 30.03 0.63 36.34
C PRO B 230 28.83 1.55 36.27
N GLU B 231 28.07 1.53 35.17
CA GLU B 231 26.91 2.43 35.05
C GLU B 231 25.74 2.00 35.93
N GLN B 232 25.74 0.77 36.46
CA GLN B 232 24.60 0.27 37.21
C GLN B 232 24.58 0.89 38.59
N GLN B 233 23.40 1.28 39.04
CA GLN B 233 23.28 1.99 40.30
C GLN B 233 21.85 1.85 40.81
N ILE B 234 21.70 1.86 42.13
CA ILE B 234 20.41 1.59 42.75
C ILE B 234 20.21 2.60 43.87
N GLY B 235 18.99 3.12 43.96
CA GLY B 235 18.66 4.09 44.98
C GLY B 235 17.35 3.75 45.67
N ILE B 236 16.82 4.71 46.42
CA ILE B 236 15.52 4.56 47.06
C ILE B 236 14.73 5.85 46.87
N ILE B 237 13.41 5.70 46.75
CA ILE B 237 12.50 6.81 46.48
C ILE B 237 11.80 7.21 47.78
N LEU B 238 12.03 8.46 48.21
CA LEU B 238 11.48 8.96 49.47
C LEU B 238 10.72 10.26 49.24
N ASN B 239 9.81 10.56 50.17
CA ASN B 239 9.23 11.89 50.31
C ASN B 239 10.01 12.64 51.37
N LEU B 240 10.57 13.81 51.00
CA LEU B 240 11.41 14.59 51.90
C LEU B 240 10.82 15.97 52.18
N THR B 241 9.50 16.09 52.13
CA THR B 241 8.86 17.37 52.40
C THR B 241 9.22 17.81 53.81
N PRO B 242 9.72 19.03 53.99
CA PRO B 242 10.06 19.51 55.33
C PRO B 242 8.81 19.70 56.20
N ALA B 243 9.01 19.61 57.51
CA ALA B 243 7.94 19.87 58.46
C ALA B 243 8.04 21.33 58.86
N TYR B 244 7.20 22.18 58.26
CA TYR B 244 7.17 23.59 58.61
C TYR B 244 6.42 23.79 59.92
N ALA B 245 7.08 24.42 60.90
CA ALA B 245 6.39 24.73 62.15
C ALA B 245 5.37 25.84 61.95
N ALA B 246 4.24 25.72 62.66
CA ALA B 246 3.18 26.72 62.54
C ALA B 246 3.63 28.09 63.01
N SER B 247 4.45 28.14 64.06
CA SER B 247 4.89 29.41 64.67
C SER B 247 6.25 29.19 65.32
N ASP B 248 6.73 30.22 66.02
CA ASP B 248 8.03 30.16 66.70
C ASP B 248 7.92 29.76 68.16
N ASP B 249 6.74 29.48 68.65
CA ASP B 249 6.63 29.02 70.02
C ASP B 249 7.28 27.65 70.16
N PRO B 250 8.04 27.44 71.22
CA PRO B 250 8.78 26.18 71.37
C PRO B 250 7.93 24.93 71.25
N ALA B 251 6.66 24.98 71.66
CA ALA B 251 5.83 23.78 71.53
C ALA B 251 5.63 23.43 70.07
N ASP B 252 5.46 24.46 69.22
CA ASP B 252 5.36 24.23 67.78
C ASP B 252 6.70 23.84 67.19
N LEU B 253 7.78 24.47 67.64
CA LEU B 253 9.10 24.08 67.14
C LEU B 253 9.43 22.65 67.55
N ALA B 254 9.01 22.23 68.75
CA ALA B 254 9.25 20.86 69.18
C ALA B 254 8.49 19.86 68.31
N ALA B 255 7.21 20.15 68.06
CA ALA B 255 6.39 19.27 67.23
C ALA B 255 7.03 19.08 65.85
N ALA B 256 7.47 20.18 65.24
CA ALA B 256 8.04 20.08 63.91
C ALA B 256 9.37 19.33 63.92
N GLU B 257 10.17 19.47 64.99
CA GLU B 257 11.44 18.76 65.03
C GLU B 257 11.25 17.25 65.02
N PHE B 258 10.24 16.77 65.76
CA PHE B 258 9.95 15.34 65.78
C PHE B 258 9.32 14.88 64.48
N ALA B 259 8.35 15.64 63.96
CA ALA B 259 7.75 15.31 62.69
C ALA B 259 8.82 15.16 61.60
N GLU B 260 9.81 16.05 61.62
CA GLU B 260 10.91 15.96 60.65
C GLU B 260 11.66 14.65 60.79
N LEU B 261 12.10 14.33 62.01
CA LEU B 261 12.87 13.12 62.25
C LEU B 261 12.08 11.88 61.87
N TRP B 262 10.79 11.89 62.21
CA TRP B 262 9.93 10.73 62.04
C TRP B 262 9.58 10.48 60.58
N SER B 263 9.12 11.53 59.89
CA SER B 263 8.67 11.33 58.53
C SER B 263 9.79 11.39 57.50
N ASN B 264 10.94 11.98 57.83
CA ASN B 264 12.04 12.04 56.87
C ASN B 264 13.29 11.30 57.34
N ASN B 265 13.90 11.71 58.46
CA ASN B 265 15.19 11.11 58.85
C ASN B 265 15.10 9.61 59.07
N LEU B 266 13.97 9.11 59.58
CA LEU B 266 13.76 7.68 59.79
C LEU B 266 14.18 6.84 58.59
N PHE B 267 14.01 7.35 57.37
CA PHE B 267 14.44 6.61 56.19
C PHE B 267 15.62 7.25 55.49
N LEU B 268 15.70 8.58 55.46
CA LEU B 268 16.79 9.25 54.75
C LEU B 268 18.14 8.91 55.38
N ASP B 269 18.24 9.03 56.70
CA ASP B 269 19.51 8.79 57.38
C ASP B 269 20.02 7.38 57.18
N PRO B 270 19.28 6.30 57.47
CA PRO B 270 19.84 4.96 57.17
C PRO B 270 20.16 4.75 55.70
N ALA B 271 19.34 5.33 54.80
CA ALA B 271 19.53 5.10 53.37
C ALA B 271 20.80 5.78 52.84
N VAL B 272 21.09 7.00 53.28
CA VAL B 272 22.20 7.78 52.75
C VAL B 272 23.39 7.82 53.71
N LEU B 273 23.13 7.95 55.01
CA LEU B 273 24.21 8.04 55.98
C LEU B 273 24.63 6.70 56.55
N GLY B 274 23.82 5.65 56.36
CA GLY B 274 24.12 4.35 56.92
C GLY B 274 23.85 4.18 58.41
N HIS B 275 23.21 5.12 59.08
CA HIS B 275 22.87 4.96 60.48
C HIS B 275 21.53 5.64 60.74
N PHE B 276 20.91 5.35 61.93
CA PHE B 276 19.61 5.92 62.23
C PHE B 276 19.76 7.23 62.96
N PRO B 277 18.72 8.09 62.94
CA PRO B 277 18.86 9.40 63.62
C PRO B 277 18.83 9.23 65.12
N GLU B 278 19.88 9.73 65.80
CA GLU B 278 20.09 9.42 67.21
C GLU B 278 19.03 10.06 68.11
N LYS B 279 18.61 11.28 67.82
CA LYS B 279 17.61 11.89 68.69
C LYS B 279 16.26 11.20 68.53
N LEU B 280 16.00 10.60 67.36
CA LEU B 280 14.80 9.77 67.18
C LEU B 280 14.86 8.46 67.98
N VAL B 281 15.96 7.70 67.87
CA VAL B 281 15.97 6.42 68.58
C VAL B 281 15.91 6.68 70.08
N GLU B 282 16.46 7.81 70.53
CA GLU B 282 16.40 8.16 71.94
C GLU B 282 14.96 8.30 72.42
N ARG B 283 14.10 8.90 71.61
CA ARG B 283 12.72 9.10 72.01
C ARG B 283 11.91 7.80 71.90
N LEU B 284 12.12 7.03 70.83
CA LEU B 284 11.54 5.70 70.75
C LEU B 284 11.99 4.83 71.92
N THR B 285 13.24 4.96 72.34
CA THR B 285 13.71 4.20 73.49
C THR B 285 12.99 4.63 74.76
N MET B 286 12.95 5.94 75.02
CA MET B 286 12.28 6.44 76.22
C MET B 286 10.79 6.11 76.23
N ASP B 287 10.17 6.03 75.05
CA ASP B 287 8.77 5.66 74.97
C ASP B 287 8.57 4.16 74.91
N GLY B 288 9.65 3.37 75.00
CA GLY B 288 9.56 1.93 75.02
C GLY B 288 9.07 1.25 73.75
N VAL B 289 9.24 1.90 72.59
CA VAL B 289 8.68 1.39 71.34
C VAL B 289 9.76 1.14 70.29
N LEU B 290 11.03 1.17 70.68
CA LEU B 290 12.12 0.99 69.73
C LEU B 290 12.04 -0.38 69.05
N TRP B 291 12.45 -0.39 67.78
CA TRP B 291 12.53 -1.62 67.00
C TRP B 291 13.53 -2.57 67.63
N ASP B 292 13.44 -3.83 67.24
CA ASP B 292 14.42 -4.84 67.61
C ASP B 292 15.46 -4.95 66.48
N ALA B 293 16.69 -4.53 66.77
CA ALA B 293 17.80 -4.56 65.82
C ALA B 293 18.97 -5.34 66.40
N THR B 294 19.72 -6.14 65.49
CA THR B 294 20.99 -6.75 65.89
C THR B 294 22.17 -5.94 65.37
N PRO B 295 23.33 -6.01 66.03
CA PRO B 295 24.52 -5.31 65.50
C PRO B 295 24.89 -5.75 64.10
N THR B 296 24.78 -7.04 63.78
CA THR B 296 25.06 -7.48 62.42
C THR B 296 24.10 -6.83 61.42
N GLU B 297 22.82 -6.76 61.75
CA GLU B 297 21.88 -6.07 60.87
C GLU B 297 22.29 -4.61 60.69
N LEU B 298 22.64 -3.95 61.80
CA LEU B 298 23.01 -2.53 61.70
C LEU B 298 24.27 -2.36 60.86
N ALA B 299 25.16 -3.36 60.88
CA ALA B 299 26.34 -3.33 60.03
C ALA B 299 25.97 -3.37 58.55
N ILE B 300 25.03 -4.24 58.18
CA ILE B 300 24.59 -4.29 56.78
C ILE B 300 24.04 -2.94 56.37
N ILE B 301 23.28 -2.29 57.25
CA ILE B 301 22.68 -1.01 56.91
C ILE B 301 23.76 0.04 56.68
N ALA B 302 24.81 0.01 57.48
CA ALA B 302 25.85 1.04 57.36
C ALA B 302 26.77 0.79 56.17
N ALA B 303 26.94 -0.47 55.76
CA ALA B 303 27.88 -0.79 54.70
C ALA B 303 27.30 -0.61 53.32
N ASN B 304 25.97 -0.49 53.17
CA ASN B 304 25.35 -0.41 51.85
C ASN B 304 24.37 0.75 51.72
N PRO B 305 24.85 1.99 51.85
CA PRO B 305 24.00 3.15 51.49
C PRO B 305 23.60 3.07 50.02
N VAL B 306 22.61 3.87 49.62
CA VAL B 306 22.17 3.88 48.23
C VAL B 306 23.14 4.69 47.36
N ASP B 307 23.10 4.44 46.05
CA ASP B 307 23.91 5.24 45.11
C ASP B 307 23.24 6.56 44.75
N SER B 308 21.93 6.68 44.95
CA SER B 308 21.25 7.90 44.58
C SER B 308 19.93 7.96 45.33
N LEU B 309 19.23 9.07 45.14
CA LEU B 309 18.04 9.40 45.90
C LEU B 309 16.96 9.81 44.91
N GLY B 310 15.76 9.26 45.09
CA GLY B 310 14.57 9.72 44.36
C GLY B 310 13.67 10.48 45.32
N VAL B 311 13.33 11.72 44.96
CA VAL B 311 12.53 12.59 45.81
C VAL B 311 11.14 12.77 45.22
N ASN B 312 10.13 12.46 46.03
CA ASN B 312 8.73 12.69 45.72
C ASN B 312 8.25 13.91 46.51
N TYR B 313 7.77 14.92 45.80
CA TYR B 313 7.16 16.09 46.42
C TYR B 313 5.85 16.40 45.74
N TYR B 314 4.84 16.78 46.53
CA TYR B 314 3.53 17.16 46.00
C TYR B 314 2.99 18.41 46.69
N HIS B 315 3.16 18.52 48.00
CA HIS B 315 2.61 19.61 48.77
C HIS B 315 3.40 19.76 50.05
N PRO B 316 3.37 20.93 50.69
CA PRO B 316 4.15 21.11 51.92
C PRO B 316 3.57 20.34 53.09
N PHE B 317 4.23 20.44 54.24
CA PHE B 317 3.85 19.71 55.44
C PHE B 317 3.98 20.67 56.62
N ARG B 318 2.85 21.04 57.22
CA ARG B 318 2.82 22.03 58.30
C ARG B 318 2.26 21.40 59.56
N VAL B 319 2.81 21.83 60.70
CA VAL B 319 2.73 21.04 61.92
C VAL B 319 2.72 21.98 63.11
N GLN B 320 1.90 21.64 64.11
CA GLN B 320 1.81 22.36 65.35
C GLN B 320 1.80 21.36 66.49
N ARG B 321 1.88 21.87 67.72
CA ARG B 321 1.84 21.05 68.92
C ARG B 321 0.62 20.16 68.95
N PRO B 322 0.69 19.08 69.70
CA PRO B 322 -0.49 18.24 69.87
C PRO B 322 -1.45 18.89 70.85
N ASP B 323 -2.73 18.55 70.70
CA ASP B 323 -3.77 19.16 71.53
C ASP B 323 -3.67 18.72 72.98
N ILE B 324 -3.13 17.54 73.25
CA ILE B 324 -2.98 17.06 74.62
C ILE B 324 -1.52 16.67 74.85
N SER B 325 -1.20 16.43 76.10
CA SER B 325 0.16 16.09 76.47
C SER B 325 0.52 14.72 75.93
N PRO B 326 1.73 14.55 75.39
CA PRO B 326 2.17 13.21 74.96
C PRO B 326 2.21 12.21 76.10
N LYS B 327 2.28 12.69 77.36
CA LYS B 327 2.25 11.82 78.53
C LYS B 327 0.86 11.27 78.83
N SER B 328 -0.19 11.78 78.20
CA SER B 328 -1.54 11.29 78.45
C SER B 328 -1.61 9.78 78.22
N LEU B 329 -2.58 9.15 78.89
CA LEU B 329 -2.77 7.72 78.75
C LEU B 329 -3.48 7.43 77.42
N GLN B 330 -2.76 6.81 76.49
CA GLN B 330 -3.24 6.67 75.12
C GLN B 330 -2.30 5.75 74.36
N PRO B 331 -2.76 5.05 73.32
CA PRO B 331 -1.85 4.20 72.55
C PRO B 331 -0.72 5.03 71.94
N TRP B 332 0.49 4.48 71.96
CA TRP B 332 1.62 5.20 71.35
C TRP B 332 1.41 5.32 69.84
N MET B 333 1.55 6.53 69.34
CA MET B 333 1.48 6.84 67.92
C MET B 333 2.51 7.94 67.69
N PRO B 334 3.13 8.00 66.52
CA PRO B 334 3.97 9.17 66.20
C PRO B 334 3.25 10.48 66.41
N ASP B 335 1.95 10.52 66.13
CA ASP B 335 1.17 11.75 66.17
C ASP B 335 1.01 12.31 67.58
N ILE B 336 1.32 11.56 68.64
CA ILE B 336 1.19 12.16 69.96
C ILE B 336 2.13 13.34 70.13
N TYR B 337 3.11 13.52 69.25
CA TYR B 337 4.05 14.62 69.33
C TYR B 337 3.74 15.78 68.38
N PHE B 338 2.76 15.64 67.49
CA PHE B 338 2.47 16.70 66.53
C PHE B 338 1.07 16.57 65.94
N LYS B 339 0.54 17.70 65.47
CA LYS B 339 -0.76 17.82 64.82
C LYS B 339 -0.58 18.62 63.54
N GLU B 340 -1.30 18.26 62.48
CA GLU B 340 -1.17 19.01 61.25
C GLU B 340 -1.89 20.34 61.39
N TYR B 341 -1.35 21.35 60.70
CA TYR B 341 -1.81 22.72 60.84
C TYR B 341 -2.13 23.32 59.49
N ASP B 342 -3.17 24.14 59.43
CA ASP B 342 -3.62 24.79 58.20
C ASP B 342 -3.27 26.27 58.25
N MET B 343 -2.42 26.71 57.35
CA MET B 343 -1.95 28.10 57.38
C MET B 343 -2.95 29.02 56.69
N PRO B 344 -3.46 30.05 57.36
CA PRO B 344 -4.32 31.02 56.68
C PRO B 344 -3.61 31.63 55.49
N GLY B 345 -4.37 31.82 54.40
CA GLY B 345 -3.86 32.42 53.18
C GLY B 345 -3.06 31.49 52.31
N ARG B 346 -2.93 30.22 52.69
CA ARG B 346 -2.30 29.22 51.84
C ARG B 346 -2.86 29.23 50.43
N MET B 347 -1.98 29.06 49.46
CA MET B 347 -2.39 28.80 48.08
C MET B 347 -2.90 27.38 47.98
N MET B 348 -4.12 27.20 47.47
CA MET B 348 -4.81 25.92 47.54
C MET B 348 -5.11 25.35 46.17
N ASN B 349 -4.98 24.02 46.07
CA ASN B 349 -5.64 23.21 45.03
C ASN B 349 -7.01 22.81 45.60
N VAL B 350 -7.93 23.78 45.62
CA VAL B 350 -9.15 23.67 46.43
C VAL B 350 -10.00 22.47 46.04
N ASP B 351 -9.87 21.97 44.82
CA ASP B 351 -10.64 20.79 44.45
C ASP B 351 -10.06 19.51 45.07
N ARG B 352 -8.73 19.42 45.19
CA ARG B 352 -8.08 18.23 45.73
C ARG B 352 -7.68 18.38 47.20
N GLY B 353 -7.80 19.58 47.78
CA GLY B 353 -7.48 19.78 49.17
C GLY B 353 -6.00 19.83 49.49
N TRP B 354 -5.17 20.30 48.55
CA TRP B 354 -3.72 20.34 48.71
C TRP B 354 -3.23 21.77 48.55
N GLU B 355 -2.34 22.19 49.46
CA GLU B 355 -1.69 23.49 49.35
C GLU B 355 -0.58 23.42 48.31
N ILE B 356 -0.40 24.52 47.57
CA ILE B 356 0.66 24.63 46.57
C ILE B 356 1.75 25.52 47.16
N TYR B 357 2.98 25.01 47.23
CA TYR B 357 4.10 25.75 47.80
C TYR B 357 5.38 25.26 47.15
N PRO B 358 5.66 25.73 45.93
CA PRO B 358 6.84 25.21 45.22
C PRO B 358 8.17 25.51 45.91
N GLN B 359 8.20 26.48 46.82
CA GLN B 359 9.45 26.80 47.53
C GLN B 359 10.02 25.61 48.28
N ALA B 360 9.20 24.60 48.61
CA ALA B 360 9.69 23.45 49.35
C ALA B 360 10.74 22.68 48.55
N MET B 361 10.60 22.64 47.22
CA MET B 361 11.60 21.97 46.40
C MET B 361 12.96 22.62 46.57
N THR B 362 13.01 23.95 46.64
CA THR B 362 14.28 24.63 46.86
C THR B 362 14.86 24.25 48.22
N ASP B 363 14.01 24.09 49.24
CA ASP B 363 14.50 23.69 50.56
C ASP B 363 15.04 22.27 50.53
N ILE B 364 14.32 21.36 49.89
CA ILE B 364 14.79 19.99 49.74
C ILE B 364 16.18 19.97 49.09
N ALA B 365 16.30 20.60 47.91
CA ALA B 365 17.59 20.71 47.21
C ALA B 365 18.71 21.13 48.15
N ARG B 366 18.48 22.19 48.94
CA ARG B 366 19.53 22.70 49.82
C ARG B 366 19.89 21.69 50.92
N ASN B 367 18.88 20.99 51.47
CA ASN B 367 19.13 20.02 52.53
C ASN B 367 20.00 18.86 52.01
N ILE B 368 19.65 18.33 50.85
CA ILE B 368 20.45 17.27 50.24
C ILE B 368 21.88 17.78 50.02
N GLN B 369 21.99 18.99 49.49
CA GLN B 369 23.30 19.57 49.18
C GLN B 369 24.13 19.77 50.44
N LYS B 370 23.54 20.36 51.47
CA LYS B 370 24.33 20.74 52.62
C LYS B 370 24.52 19.62 53.62
N ASN B 371 23.58 18.69 53.73
CA ASN B 371 23.58 17.73 54.83
C ASN B 371 23.72 16.26 54.43
N TYR B 372 23.60 15.93 53.16
CA TYR B 372 23.67 14.54 52.71
C TYR B 372 24.72 14.39 51.62
N GLY B 373 25.84 15.09 51.78
CA GLY B 373 26.95 14.99 50.87
C GLY B 373 26.62 15.27 49.42
N ASN B 374 25.55 16.02 49.16
CA ASN B 374 25.11 16.33 47.80
C ASN B 374 25.11 15.07 46.93
N ILE B 375 24.55 14.00 47.48
CA ILE B 375 24.41 12.73 46.76
C ILE B 375 23.63 13.01 45.48
N PRO B 376 23.92 12.28 44.40
CA PRO B 376 23.11 12.43 43.19
C PRO B 376 21.66 12.05 43.46
N TRP B 377 20.73 12.89 43.00
CA TRP B 377 19.31 12.66 43.22
C TRP B 377 18.48 13.21 42.06
N MET B 378 17.22 12.80 42.03
CA MET B 378 16.26 13.27 41.04
C MET B 378 14.93 13.54 41.74
N ILE B 379 14.13 14.41 41.12
CA ILE B 379 12.71 14.49 41.46
C ILE B 379 12.05 13.27 40.81
N SER B 380 11.81 12.22 41.61
CA SER B 380 11.22 11.00 41.07
C SER B 380 9.70 11.07 40.99
N GLU B 381 9.08 12.02 41.68
CA GLU B 381 7.66 12.30 41.50
C GLU B 381 7.39 13.78 41.76
N ASN B 382 6.58 14.37 40.88
CA ASN B 382 5.99 15.69 41.04
C ASN B 382 4.84 15.77 40.04
N GLY B 383 3.71 16.29 40.46
CA GLY B 383 2.53 16.26 39.61
C GLY B 383 1.31 16.77 40.33
N MET B 384 0.25 16.94 39.54
CA MET B 384 -0.97 17.56 40.02
C MET B 384 -2.17 16.74 39.56
N GLY B 385 -3.05 16.39 40.49
CA GLY B 385 -4.23 15.58 40.20
C GLY B 385 -5.49 16.43 40.12
N VAL B 386 -6.31 16.17 39.10
CA VAL B 386 -7.50 16.96 38.84
C VAL B 386 -8.63 16.01 38.48
N ALA B 387 -9.81 16.21 39.07
CA ALA B 387 -10.95 15.35 38.81
C ALA B 387 -11.80 15.90 37.67
N GLY B 388 -12.49 15.00 36.98
CA GLY B 388 -13.41 15.40 35.93
C GLY B 388 -12.76 16.19 34.80
N GLU B 389 -11.68 15.65 34.22
CA GLU B 389 -10.97 16.41 33.21
C GLU B 389 -11.70 16.48 31.87
N GLU B 390 -12.75 15.69 31.66
CA GLU B 390 -13.54 15.87 30.44
C GLU B 390 -14.07 17.29 30.31
N ARG B 391 -14.15 18.05 31.40
CA ARG B 391 -14.59 19.44 31.33
C ARG B 391 -13.69 20.29 30.43
N PHE B 392 -12.47 19.87 30.18
CA PHE B 392 -11.50 20.69 29.45
C PHE B 392 -11.12 20.11 28.11
N LEU B 393 -11.90 19.15 27.61
CA LEU B 393 -11.65 18.61 26.28
C LEU B 393 -11.92 19.68 25.22
N ASP B 394 -11.05 19.73 24.22
CA ASP B 394 -11.27 20.58 23.06
C ASP B 394 -12.32 19.91 22.17
N LYS B 395 -12.43 20.39 20.94
CA LYS B 395 -13.31 19.78 19.96
C LYS B 395 -12.68 18.54 19.32
N GLN B 396 -11.41 18.24 19.61
CA GLN B 396 -10.71 17.08 19.07
C GLN B 396 -10.36 16.06 20.15
N GLY B 397 -10.88 16.23 21.36
CA GLY B 397 -10.62 15.27 22.42
C GLY B 397 -9.31 15.43 23.16
N VAL B 398 -8.75 16.65 23.22
CA VAL B 398 -7.49 16.90 23.90
C VAL B 398 -7.76 17.77 25.12
N VAL B 399 -7.42 17.24 26.31
CA VAL B 399 -7.51 17.99 27.55
C VAL B 399 -6.68 19.26 27.45
N GLN B 400 -7.30 20.40 27.71
CA GLN B 400 -6.57 21.67 27.82
C GLN B 400 -6.14 21.89 29.27
N ASP B 401 -5.07 21.20 29.66
CA ASP B 401 -4.70 21.14 31.08
C ASP B 401 -3.59 22.14 31.41
N ASP B 402 -3.88 23.41 31.07
CA ASP B 402 -2.92 24.49 31.33
C ASP B 402 -2.56 24.57 32.80
N TYR B 403 -3.52 24.32 33.68
CA TYR B 403 -3.22 24.27 35.11
C TYR B 403 -2.03 23.35 35.39
N ARG B 404 -1.93 22.24 34.65
CA ARG B 404 -0.85 21.29 34.92
C ARG B 404 0.49 21.83 34.45
N ILE B 405 0.50 22.52 33.30
CA ILE B 405 1.72 23.17 32.81
C ILE B 405 2.20 24.23 33.80
N ASP B 406 1.28 25.05 34.31
CA ASP B 406 1.68 26.08 35.26
C ASP B 406 2.24 25.48 36.54
N PHE B 407 1.56 24.45 37.08
CA PHE B 407 2.11 23.69 38.20
C PHE B 407 3.56 23.28 37.95
N MET B 408 3.82 22.64 36.80
CA MET B 408 5.19 22.24 36.51
C MET B 408 6.10 23.46 36.40
N LYS B 409 5.62 24.53 35.75
CA LYS B 409 6.44 25.72 35.61
C LYS B 409 6.87 26.28 36.97
N GLU B 410 5.95 26.28 37.95
CA GLU B 410 6.29 26.83 39.26
C GLU B 410 7.28 25.94 40.00
N HIS B 411 7.09 24.62 39.96
CA HIS B 411 8.00 23.75 40.69
C HIS B 411 9.35 23.65 40.00
N LEU B 412 9.37 23.66 38.66
CA LEU B 412 10.65 23.62 37.97
C LEU B 412 11.44 24.89 38.20
N THR B 413 10.76 26.04 38.40
CA THR B 413 11.47 27.29 38.68
C THR B 413 12.15 27.21 40.04
N ALA B 414 11.43 26.68 41.04
CA ALA B 414 12.01 26.43 42.35
C ALA B 414 13.11 25.38 42.30
N LEU B 415 12.88 24.29 41.53
CA LEU B 415 13.89 23.26 41.36
C LEU B 415 15.17 23.86 40.79
N ALA B 416 15.04 24.69 39.76
CA ALA B 416 16.21 25.23 39.08
C ALA B 416 17.05 26.10 40.01
N LYS B 417 16.40 26.89 40.87
CA LYS B 417 17.22 27.74 41.74
C LYS B 417 17.91 26.93 42.83
N GLY B 418 17.43 25.72 43.15
CA GLY B 418 18.21 24.82 43.98
C GLY B 418 19.40 24.27 43.24
N ILE B 419 19.23 23.94 41.96
CA ILE B 419 20.35 23.52 41.12
C ILE B 419 21.36 24.65 40.96
N ALA B 420 20.88 25.89 40.85
CA ALA B 420 21.79 27.03 40.71
C ALA B 420 22.68 27.21 41.94
N ALA B 421 22.15 26.93 43.14
CA ALA B 421 22.92 27.07 44.37
C ALA B 421 23.90 25.93 44.59
N GLY B 422 23.89 24.89 43.76
CA GLY B 422 24.85 23.81 43.83
C GLY B 422 24.27 22.42 44.10
N SER B 423 22.97 22.25 44.19
CA SER B 423 22.41 20.92 44.48
C SER B 423 22.55 20.01 43.27
N ASN B 424 22.97 18.77 43.52
CA ASN B 424 23.30 17.82 42.44
C ASN B 424 22.06 17.05 41.98
N CYS B 425 21.04 17.80 41.56
CA CYS B 425 19.84 17.18 40.99
C CYS B 425 20.05 16.90 39.51
N GLN B 426 19.67 15.71 39.07
CA GLN B 426 19.96 15.25 37.71
C GLN B 426 18.73 14.88 36.90
N GLY B 427 17.53 15.07 37.44
CA GLY B 427 16.35 14.67 36.67
C GLY B 427 15.06 15.11 37.31
N TYR B 428 13.97 14.96 36.54
CA TYR B 428 12.65 15.38 36.98
C TYR B 428 11.62 14.47 36.33
N PHE B 429 10.93 13.69 37.15
CA PHE B 429 9.97 12.69 36.68
C PHE B 429 8.55 13.12 37.07
N VAL B 430 7.69 13.20 36.08
CA VAL B 430 6.32 13.66 36.29
C VAL B 430 5.46 12.50 36.77
N TRP B 431 4.69 12.71 37.82
CA TRP B 431 3.60 11.79 38.06
C TRP B 431 2.34 12.42 37.46
N SER B 432 1.84 11.86 36.37
CA SER B 432 2.34 10.63 35.80
C SER B 432 2.37 10.73 34.27
N GLY B 433 2.84 9.70 33.58
CA GLY B 433 2.83 9.71 32.13
C GLY B 433 1.44 9.49 31.57
N ILE B 434 0.85 8.34 31.91
CA ILE B 434 -0.53 8.01 31.58
C ILE B 434 -1.35 7.97 32.87
N ASP B 435 -2.56 8.54 32.82
CA ASP B 435 -3.51 8.41 33.93
C ASP B 435 -3.50 6.96 34.44
N CYS B 436 -3.33 6.80 35.75
CA CYS B 436 -3.26 5.45 36.29
C CYS B 436 -4.07 5.34 37.57
N TRP B 437 -4.23 4.11 38.05
CA TRP B 437 -5.13 3.76 39.14
C TRP B 437 -4.53 4.15 40.49
N SER B 438 -5.11 5.17 41.13
CA SER B 438 -4.58 5.72 42.38
C SER B 438 -5.21 5.06 43.62
N TRP B 439 -5.08 3.74 43.72
CA TRP B 439 -5.47 2.97 44.93
C TRP B 439 -6.96 3.24 45.19
N ASN B 440 -7.37 3.48 46.45
CA ASN B 440 -8.78 3.66 46.76
C ASN B 440 -9.40 4.85 46.05
N HIS B 441 -8.60 5.82 45.60
CA HIS B 441 -9.10 6.93 44.81
C HIS B 441 -9.30 6.56 43.34
N ALA B 442 -8.73 5.44 42.90
CA ALA B 442 -8.86 4.96 41.53
C ALA B 442 -8.62 6.07 40.52
N TYR B 443 -9.61 6.34 39.67
CA TYR B 443 -9.44 7.34 38.62
C TYR B 443 -10.21 8.62 38.90
N HIS B 444 -10.53 8.87 40.18
CA HIS B 444 -11.22 10.11 40.51
C HIS B 444 -10.39 11.33 40.12
N ASN B 445 -9.11 11.33 40.47
CA ASN B 445 -8.17 12.37 40.05
C ASN B 445 -7.21 11.84 38.99
N ARG B 446 -6.91 12.68 37.99
CA ARG B 446 -6.01 12.34 36.90
C ARG B 446 -4.71 13.11 37.05
N TYR B 447 -3.58 12.42 36.91
CA TYR B 447 -2.25 13.02 37.03
C TYR B 447 -1.46 13.04 35.74
N GLY B 448 -1.97 12.46 34.67
CA GLY B 448 -1.12 12.16 33.55
C GLY B 448 -0.89 13.31 32.60
N LEU B 449 0.20 13.19 31.84
CA LEU B 449 0.36 13.95 30.61
C LEU B 449 -0.53 13.42 29.51
N ILE B 450 -1.05 12.20 29.68
CA ILE B 450 -1.79 11.46 28.67
C ILE B 450 -3.10 10.98 29.32
N ARG B 451 -4.23 11.33 28.70
CA ARG B 451 -5.52 10.91 29.25
C ARG B 451 -5.78 9.44 28.94
N ASN B 452 -6.41 8.74 29.88
CA ASN B 452 -6.96 7.40 29.61
C ASN B 452 -8.47 7.44 29.78
N ASP B 453 -9.22 7.16 28.71
CA ASP B 453 -10.65 6.87 28.84
C ASP B 453 -10.73 5.45 29.36
N ILE B 454 -11.03 5.30 30.66
CA ILE B 454 -10.83 4.01 31.30
C ILE B 454 -11.83 2.98 30.82
N HIS B 455 -12.99 3.42 30.30
CA HIS B 455 -13.96 2.44 29.81
C HIS B 455 -13.43 1.72 28.57
N THR B 456 -12.73 2.42 27.68
CA THR B 456 -12.24 1.84 26.44
C THR B 456 -10.75 1.57 26.40
N GLN B 457 -9.98 2.03 27.39
CA GLN B 457 -8.51 1.98 27.37
C GLN B 457 -7.92 2.68 26.14
N THR B 458 -8.61 3.71 25.64
CA THR B 458 -8.10 4.56 24.57
C THR B 458 -7.41 5.77 25.19
N LYS B 459 -6.14 6.00 24.85
CA LYS B 459 -5.32 7.03 25.46
C LYS B 459 -5.02 8.16 24.49
N THR B 460 -5.05 9.40 24.99
CA THR B 460 -4.84 10.60 24.17
C THR B 460 -3.93 11.57 24.89
N LEU B 461 -2.91 12.08 24.17
CA LEU B 461 -2.04 13.11 24.73
C LEU B 461 -2.84 14.36 25.11
N LYS B 462 -2.56 14.87 26.30
CA LYS B 462 -3.09 16.15 26.73
C LYS B 462 -2.22 17.29 26.22
N LYS B 463 -2.72 18.52 26.37
CA LYS B 463 -1.91 19.67 25.99
C LYS B 463 -0.57 19.67 26.71
N SER B 464 -0.55 19.29 27.99
CA SER B 464 0.70 19.30 28.76
C SER B 464 1.74 18.34 28.19
N ALA B 465 1.29 17.25 27.56
CA ALA B 465 2.22 16.33 26.89
C ALA B 465 2.99 17.03 25.78
N LYS B 466 2.31 17.85 24.98
CA LYS B 466 3.07 18.61 24.00
C LYS B 466 3.97 19.61 24.70
N TRP B 467 3.50 20.22 25.79
CA TRP B 467 4.37 21.14 26.51
C TRP B 467 5.51 20.43 27.22
N PHE B 468 5.41 19.12 27.48
CA PHE B 468 6.54 18.43 28.11
C PHE B 468 7.61 18.08 27.08
N ALA B 469 7.19 17.75 25.85
CA ALA B 469 8.15 17.37 24.81
C ALA B 469 9.06 18.54 24.46
N GLU B 470 8.49 19.73 24.26
CA GLU B 470 9.29 20.90 23.88
C GLU B 470 10.23 21.33 25.00
N LEU B 471 9.77 21.23 26.25
CA LEU B 471 10.61 21.48 27.41
C LEU B 471 11.87 20.63 27.37
N GLY B 472 11.72 19.34 27.07
CA GLY B 472 12.88 18.50 26.86
C GLY B 472 13.77 18.98 25.75
N GLU B 473 13.18 19.58 24.70
CA GLU B 473 13.97 20.07 23.56
C GLU B 473 14.75 21.33 23.92
N ARG B 474 14.10 22.33 24.53
CA ARG B 474 14.85 23.50 25.01
C ARG B 474 15.74 23.18 26.19
N ASN B 475 15.48 22.07 26.87
CA ASN B 475 16.01 21.82 28.21
C ASN B 475 15.77 23.04 29.10
N GLY B 476 14.56 23.56 29.02
CA GLY B 476 14.22 24.79 29.73
C GLY B 476 12.91 25.36 29.20
N PHE B 477 12.54 26.49 29.78
CA PHE B 477 11.33 27.18 29.38
C PHE B 477 11.36 28.65 29.78
N MET C 17 39.47 -37.25 30.59
CA MET C 17 40.68 -36.44 30.41
C MET C 17 40.51 -35.41 29.30
N VAL C 18 39.96 -35.83 28.18
CA VAL C 18 39.66 -34.93 27.07
C VAL C 18 38.17 -34.61 27.14
N GLU C 19 37.80 -33.40 27.56
CA GLU C 19 36.39 -33.08 27.67
C GLU C 19 36.02 -31.94 26.75
N PHE C 20 34.71 -31.78 26.55
CA PHE C 20 34.11 -30.92 25.53
C PHE C 20 33.13 -29.95 26.18
N PRO C 21 32.73 -28.90 25.46
CA PRO C 21 31.79 -27.93 26.03
C PRO C 21 30.46 -28.56 26.44
N GLU C 22 29.86 -27.95 27.46
CA GLU C 22 28.48 -28.27 27.82
C GLU C 22 27.57 -28.05 26.62
N GLY C 23 26.77 -29.06 26.28
CA GLY C 23 25.85 -28.93 25.17
C GLY C 23 26.40 -29.29 23.81
N PHE C 24 27.64 -29.79 23.75
CA PHE C 24 28.21 -30.28 22.51
C PHE C 24 27.33 -31.38 21.92
N VAL C 25 27.13 -31.32 20.60
CA VAL C 25 26.25 -32.25 19.90
C VAL C 25 27.09 -33.36 19.28
N TRP C 26 26.79 -34.60 19.69
CA TRP C 26 27.37 -35.82 19.14
C TRP C 26 26.38 -36.41 18.14
N GLY C 27 26.69 -36.31 16.85
CA GLY C 27 25.76 -36.85 15.90
C GLY C 27 26.36 -37.70 14.81
N ALA C 28 25.54 -38.00 13.80
CA ALA C 28 25.89 -38.80 12.64
C ALA C 28 25.40 -38.10 11.39
N ALA C 29 26.14 -38.28 10.29
CA ALA C 29 25.87 -37.67 8.99
C ALA C 29 25.58 -38.76 7.94
N THR C 30 24.55 -38.53 7.13
CA THR C 30 24.29 -39.30 5.90
C THR C 30 23.66 -38.40 4.86
N SER C 31 22.98 -39.02 3.90
CA SER C 31 22.20 -38.34 2.89
C SER C 31 21.07 -39.26 2.42
N GLY C 32 20.06 -38.66 1.80
CA GLY C 32 18.94 -39.41 1.26
C GLY C 32 19.32 -40.38 0.14
N PRO C 33 19.98 -39.88 -0.92
CA PRO C 33 20.32 -40.78 -2.05
C PRO C 33 21.21 -41.95 -1.66
N GLN C 34 21.93 -41.86 -0.56
CA GLN C 34 22.78 -42.97 -0.17
C GLN C 34 22.10 -43.93 0.79
N THR C 35 20.87 -43.63 1.24
CA THR C 35 20.20 -44.45 2.25
C THR C 35 18.81 -44.94 1.85
N GLU C 36 18.00 -44.10 1.19
CA GLU C 36 16.57 -44.39 1.06
C GLU C 36 16.31 -45.60 0.18
N GLY C 37 17.08 -45.75 -0.90
CA GLY C 37 16.62 -46.48 -2.06
C GLY C 37 15.63 -45.65 -2.88
N ASN C 38 15.33 -46.15 -4.08
CA ASN C 38 14.51 -45.44 -5.06
C ASN C 38 13.05 -45.90 -5.05
N PHE C 39 12.66 -46.71 -4.07
CA PHE C 39 11.27 -47.11 -3.86
C PHE C 39 10.27 -45.98 -4.11
N HIS C 40 9.46 -46.15 -5.18
CA HIS C 40 8.36 -45.25 -5.52
C HIS C 40 8.79 -43.79 -5.64
N LYS C 41 9.99 -43.55 -6.15
CA LYS C 41 10.47 -42.20 -6.31
C LYS C 41 10.11 -41.72 -7.71
N GLN C 42 9.60 -40.48 -7.82
CA GLN C 42 9.02 -40.05 -9.09
C GLN C 42 10.11 -39.82 -10.14
N HIS C 43 11.19 -39.11 -9.78
CA HIS C 43 12.19 -38.69 -10.75
C HIS C 43 13.54 -39.37 -10.51
N GLN C 44 14.32 -39.47 -11.59
CA GLN C 44 15.73 -39.88 -11.52
C GLN C 44 16.64 -38.69 -11.28
N ASN C 45 17.49 -38.79 -10.24
CA ASN C 45 18.61 -37.86 -10.15
C ASN C 45 19.74 -38.37 -11.06
N VAL C 46 20.84 -37.61 -11.15
CA VAL C 46 21.89 -37.94 -12.10
C VAL C 46 22.53 -39.28 -11.78
N PHE C 47 22.54 -39.68 -10.50
CA PHE C 47 23.16 -40.97 -10.20
C PHE C 47 22.21 -42.13 -10.53
N ASP C 48 20.90 -41.93 -10.33
CA ASP C 48 19.93 -42.95 -10.74
C ASP C 48 20.04 -43.24 -12.22
N TYR C 49 20.00 -42.19 -13.04
CA TYR C 49 20.13 -42.36 -14.48
C TYR C 49 21.47 -43.03 -14.81
N TRP C 50 22.55 -42.56 -14.21
CA TRP C 50 23.86 -43.14 -14.46
C TRP C 50 23.85 -44.63 -14.17
N PHE C 51 23.34 -45.04 -13.00
CA PHE C 51 23.34 -46.47 -12.69
C PHE C 51 22.44 -47.24 -13.64
N ALA C 52 21.34 -46.63 -14.10
CA ALA C 52 20.38 -47.34 -14.93
C ALA C 52 20.90 -47.58 -16.32
N THR C 53 21.79 -46.70 -16.80
CA THR C 53 22.37 -46.85 -18.13
C THR C 53 23.78 -47.43 -18.10
N GLU C 54 24.52 -47.28 -17.00
CA GLU C 54 25.91 -47.75 -16.92
C GLU C 54 26.19 -48.45 -15.59
N PRO C 55 25.47 -49.55 -15.31
CA PRO C 55 25.71 -50.24 -14.03
C PRO C 55 27.14 -50.70 -13.85
N GLU C 56 27.85 -50.98 -14.95
CA GLU C 56 29.25 -51.40 -14.86
C GLU C 56 30.13 -50.37 -14.17
N GLN C 57 29.67 -49.12 -14.05
CA GLN C 57 30.46 -48.09 -13.40
C GLN C 57 30.37 -48.11 -11.87
N PHE C 58 29.65 -49.05 -11.29
CA PHE C 58 29.43 -49.06 -9.85
C PHE C 58 29.97 -50.35 -9.24
N ASP C 59 30.63 -50.22 -8.09
CA ASP C 59 31.31 -51.35 -7.45
C ASP C 59 30.35 -52.50 -7.18
N ALA C 60 30.75 -53.70 -7.59
CA ALA C 60 29.94 -54.92 -7.48
C ALA C 60 28.58 -54.78 -8.15
N GLY C 61 28.46 -53.84 -9.09
CA GLY C 61 27.18 -53.60 -9.74
C GLY C 61 26.07 -53.19 -8.81
N VAL C 62 26.41 -52.62 -7.65
CA VAL C 62 25.42 -52.22 -6.67
C VAL C 62 25.15 -50.73 -6.82
N GLY C 63 23.87 -50.39 -6.99
CA GLY C 63 23.51 -49.01 -7.17
C GLY C 63 22.54 -48.50 -6.14
N PRO C 64 21.89 -47.39 -6.46
CA PRO C 64 21.14 -46.64 -5.44
C PRO C 64 19.73 -47.15 -5.19
N ASP C 65 19.30 -48.20 -5.89
CA ASP C 65 17.86 -48.50 -5.95
C ASP C 65 17.33 -49.08 -4.64
N THR C 66 18.16 -49.81 -3.90
CA THR C 66 17.83 -50.25 -2.55
C THR C 66 18.65 -49.52 -1.49
N ALA C 67 19.93 -49.28 -1.77
CA ALA C 67 20.86 -48.63 -0.85
C ALA C 67 20.68 -49.27 0.52
N SER C 68 20.50 -48.50 1.60
CA SER C 68 20.35 -49.07 2.93
C SER C 68 18.90 -49.11 3.40
N ASN C 69 17.94 -49.13 2.46
CA ASN C 69 16.56 -49.49 2.73
C ASN C 69 15.92 -48.54 3.74
N PHE C 70 16.38 -47.29 3.77
CA PHE C 70 15.83 -46.34 4.73
C PHE C 70 14.38 -45.99 4.43
N TYR C 71 13.99 -45.95 3.14
CA TYR C 71 12.59 -45.73 2.80
C TYR C 71 11.67 -46.70 3.53
N ASN C 72 12.06 -47.98 3.61
CA ASN C 72 11.20 -48.99 4.21
C ASN C 72 11.42 -49.18 5.71
N ASP C 73 12.64 -48.99 6.21
CA ASP C 73 13.00 -49.40 7.56
C ASP C 73 13.44 -48.21 8.42
N TYR C 74 12.96 -47.00 8.09
CA TYR C 74 13.44 -45.79 8.77
C TYR C 74 13.21 -45.84 10.28
N ASP C 75 12.08 -46.40 10.72
CA ASP C 75 11.74 -46.28 12.14
C ASP C 75 12.72 -47.04 13.03
N HIS C 76 12.96 -48.32 12.72
CA HIS C 76 13.88 -49.10 13.53
C HIS C 76 15.33 -48.76 13.24
N ASP C 77 15.62 -48.27 12.02
CA ASP C 77 16.93 -47.70 11.70
C ASP C 77 17.27 -46.56 12.64
N LEU C 78 16.31 -45.66 12.85
CA LEU C 78 16.50 -44.56 13.78
C LEU C 78 16.63 -45.06 15.21
N ALA C 79 15.89 -46.10 15.59
CA ALA C 79 16.07 -46.64 16.93
C ALA C 79 17.50 -47.14 17.14
N LEU C 80 18.12 -47.69 16.08
CA LEU C 80 19.48 -48.19 16.24
C LEU C 80 20.48 -47.05 16.40
N MET C 81 20.34 -45.99 15.60
CA MET C 81 21.19 -44.81 15.78
C MET C 81 21.05 -44.24 17.18
N ALA C 82 19.81 -44.16 17.69
CA ALA C 82 19.58 -43.77 19.08
C ALA C 82 20.38 -44.63 20.05
N GLN C 83 20.30 -45.96 19.89
CA GLN C 83 21.14 -46.86 20.71
C GLN C 83 22.61 -46.50 20.58
N ALA C 84 23.05 -46.16 19.37
CA ALA C 84 24.46 -45.88 19.09
C ALA C 84 24.89 -44.48 19.54
N GLY C 85 24.02 -43.75 20.24
CA GLY C 85 24.37 -42.45 20.77
C GLY C 85 24.20 -41.28 19.83
N VAL C 86 23.50 -41.44 18.72
CA VAL C 86 23.32 -40.31 17.80
C VAL C 86 22.29 -39.36 18.40
N GLN C 87 22.76 -38.23 18.92
CA GLN C 87 21.87 -37.21 19.47
C GLN C 87 21.22 -36.36 18.39
N GLY C 88 21.89 -36.19 17.26
CA GLY C 88 21.36 -35.45 16.13
C GLY C 88 21.82 -36.10 14.85
N LEU C 89 20.94 -36.19 13.85
CA LEU C 89 21.21 -36.89 12.61
C LEU C 89 21.10 -35.90 11.46
N ARG C 90 22.14 -35.84 10.64
CA ARG C 90 22.11 -34.99 9.45
C ARG C 90 21.88 -35.87 8.24
N THR C 91 20.81 -35.60 7.50
CA THR C 91 20.56 -36.28 6.24
C THR C 91 19.99 -35.24 5.28
N SER C 92 19.43 -35.69 4.17
CA SER C 92 19.01 -34.77 3.12
C SER C 92 17.65 -35.18 2.56
N ILE C 93 16.94 -34.19 2.03
CA ILE C 93 15.69 -34.39 1.30
C ILE C 93 16.02 -34.39 -0.19
N GLN C 94 15.48 -35.35 -0.94
CA GLN C 94 15.78 -35.47 -2.36
C GLN C 94 14.80 -34.62 -3.17
N TRP C 95 15.35 -33.65 -3.89
CA TRP C 95 14.58 -32.88 -4.87
C TRP C 95 13.75 -33.80 -5.76
N THR C 96 14.34 -34.89 -6.24
CA THR C 96 13.69 -35.84 -7.15
C THR C 96 12.61 -36.67 -6.48
N ARG C 97 12.44 -36.60 -5.16
CA ARG C 97 11.33 -37.30 -4.52
C ARG C 97 10.24 -36.36 -4.03
N LEU C 98 10.62 -35.18 -3.55
CA LEU C 98 9.63 -34.30 -2.95
C LEU C 98 8.81 -33.56 -4.02
N ILE C 99 9.37 -33.36 -5.22
CA ILE C 99 8.79 -32.45 -6.23
C ILE C 99 8.12 -33.23 -7.35
N ASP C 100 6.89 -32.82 -7.71
CA ASP C 100 6.22 -33.34 -8.89
C ASP C 100 6.68 -32.56 -10.12
N ASP C 101 6.18 -31.34 -10.30
CA ASP C 101 6.56 -30.48 -11.41
C ASP C 101 7.65 -29.54 -10.94
N PHE C 102 8.87 -29.71 -11.50
CA PHE C 102 10.03 -28.92 -11.07
C PHE C 102 9.84 -27.44 -11.33
N GLU C 103 9.03 -27.09 -12.34
CA GLU C 103 8.92 -25.68 -12.75
C GLU C 103 8.13 -24.86 -11.75
N THR C 104 7.22 -25.49 -11.01
CA THR C 104 6.43 -24.80 -10.00
C THR C 104 6.71 -25.31 -8.61
N ALA C 105 7.64 -26.28 -8.47
CA ALA C 105 7.87 -26.99 -7.22
C ALA C 105 6.57 -27.49 -6.60
N SER C 106 5.68 -28.02 -7.43
CA SER C 106 4.48 -28.65 -6.89
C SER C 106 4.87 -29.95 -6.21
N LEU C 107 3.98 -30.44 -5.36
CA LEU C 107 4.31 -31.47 -4.39
C LEU C 107 3.87 -32.85 -4.83
N ASN C 108 4.73 -33.83 -4.58
CA ASN C 108 4.40 -35.25 -4.67
C ASN C 108 3.97 -35.72 -3.30
N ALA C 109 2.72 -36.15 -3.17
CA ALA C 109 2.11 -36.29 -1.85
C ALA C 109 2.74 -37.44 -1.06
N ASP C 110 3.11 -38.52 -1.75
CA ASP C 110 3.77 -39.63 -1.06
C ASP C 110 5.16 -39.23 -0.59
N GLY C 111 5.87 -38.43 -1.37
CA GLY C 111 7.17 -37.95 -0.95
C GLY C 111 7.09 -37.03 0.26
N VAL C 112 6.17 -36.06 0.21
CA VAL C 112 5.89 -35.23 1.38
C VAL C 112 5.61 -36.10 2.59
N ALA C 113 4.73 -37.09 2.43
CA ALA C 113 4.36 -37.93 3.56
C ALA C 113 5.55 -38.74 4.06
N PHE C 114 6.44 -39.17 3.17
CA PHE C 114 7.60 -39.95 3.63
C PHE C 114 8.49 -39.13 4.57
N TYR C 115 8.85 -37.90 4.17
CA TYR C 115 9.74 -37.10 5.01
C TYR C 115 9.05 -36.61 6.27
N ASN C 116 7.72 -36.44 6.25
CA ASN C 116 7.03 -36.19 7.52
C ASN C 116 7.16 -37.39 8.45
N HIS C 117 7.14 -38.60 7.89
CA HIS C 117 7.30 -39.79 8.72
C HIS C 117 8.70 -39.87 9.31
N VAL C 118 9.75 -39.63 8.51
CA VAL C 118 11.08 -39.82 9.07
C VAL C 118 11.38 -38.73 10.09
N ILE C 119 10.95 -37.49 9.81
CA ILE C 119 11.17 -36.40 10.75
C ILE C 119 10.48 -36.67 12.09
N ASP C 120 9.23 -37.15 12.05
CA ASP C 120 8.51 -37.43 13.29
C ASP C 120 9.09 -38.65 14.00
N SER C 121 9.61 -39.61 13.23
CA SER C 121 10.26 -40.75 13.87
C SER C 121 11.59 -40.35 14.51
N MET C 122 12.31 -39.39 13.93
CA MET C 122 13.50 -38.84 14.57
C MET C 122 13.13 -38.23 15.92
N LEU C 123 12.09 -37.40 15.93
CA LEU C 123 11.69 -36.74 17.18
C LEU C 123 11.19 -37.76 18.19
N ALA C 124 10.49 -38.80 17.72
CA ALA C 124 10.00 -39.83 18.64
C ALA C 124 11.14 -40.61 19.28
N HIS C 125 12.29 -40.71 18.60
CA HIS C 125 13.49 -41.34 19.14
C HIS C 125 14.48 -40.33 19.72
N HIS C 126 14.04 -39.08 19.93
CA HIS C 126 14.85 -38.06 20.61
C HIS C 126 16.12 -37.72 19.85
N ILE C 127 16.07 -37.86 18.54
CA ILE C 127 17.14 -37.45 17.65
C ILE C 127 16.76 -36.11 17.04
N THR C 128 17.64 -35.13 17.16
CA THR C 128 17.39 -33.80 16.62
C THR C 128 17.61 -33.81 15.10
N PRO C 129 16.65 -33.34 14.31
CA PRO C 129 16.85 -33.30 12.85
C PRO C 129 17.83 -32.21 12.43
N TYR C 130 18.80 -32.59 11.58
CA TYR C 130 19.62 -31.65 10.79
C TYR C 130 19.36 -31.95 9.33
N ILE C 131 18.65 -31.07 8.62
CA ILE C 131 18.20 -31.35 7.26
C ILE C 131 19.00 -30.56 6.24
N ASN C 132 19.70 -31.28 5.36
CA ASN C 132 20.41 -30.68 4.24
C ASN C 132 19.53 -30.76 3.00
N LEU C 133 19.60 -29.74 2.15
CA LEU C 133 18.73 -29.70 0.97
C LEU C 133 19.32 -30.37 -0.25
N HIS C 134 20.63 -30.59 -0.32
CA HIS C 134 21.16 -31.06 -1.60
C HIS C 134 22.47 -31.80 -1.42
N HIS C 135 22.51 -33.03 -1.89
CA HIS C 135 23.71 -33.84 -1.73
C HIS C 135 23.99 -34.56 -3.05
N PHE C 136 24.56 -33.83 -4.00
CA PHE C 136 25.04 -34.36 -5.28
C PHE C 136 23.91 -34.85 -6.17
N ASP C 137 22.64 -34.57 -5.85
CA ASP C 137 21.55 -35.28 -6.50
C ASP C 137 20.68 -34.38 -7.39
N LEU C 138 21.29 -33.71 -8.36
CA LEU C 138 20.54 -32.90 -9.32
C LEU C 138 19.57 -33.77 -10.13
N PRO C 139 18.33 -33.33 -10.32
CA PRO C 139 17.41 -34.09 -11.21
C PRO C 139 17.95 -34.18 -12.63
N VAL C 140 17.95 -35.39 -13.18
CA VAL C 140 18.59 -35.57 -14.47
C VAL C 140 17.82 -34.83 -15.56
N ALA C 141 16.49 -34.77 -15.44
CA ALA C 141 15.68 -34.03 -16.40
C ALA C 141 16.13 -32.58 -16.49
N LEU C 142 16.55 -32.00 -15.36
CA LEU C 142 17.00 -30.61 -15.38
C LEU C 142 18.35 -30.48 -16.07
N TYR C 143 19.19 -31.51 -16.00
CA TYR C 143 20.39 -31.47 -16.83
C TYR C 143 20.03 -31.58 -18.31
N ASP C 144 19.16 -32.53 -18.67
CA ASP C 144 18.80 -32.69 -20.07
C ASP C 144 18.20 -31.42 -20.65
N LYS C 145 17.34 -30.75 -19.89
CA LYS C 145 16.63 -29.60 -20.44
C LYS C 145 17.45 -28.32 -20.35
N TYR C 146 18.14 -28.08 -19.24
CA TYR C 146 18.79 -26.79 -19.02
C TYR C 146 20.30 -26.87 -18.83
N HIS C 147 20.89 -28.06 -18.87
CA HIS C 147 22.27 -28.28 -18.47
C HIS C 147 22.49 -27.94 -17.00
N GLY C 148 21.42 -28.10 -16.21
CA GLY C 148 21.59 -28.31 -14.79
C GLY C 148 22.09 -27.06 -14.10
N TRP C 149 23.12 -27.23 -13.27
CA TRP C 149 23.67 -26.10 -12.52
C TRP C 149 24.33 -25.06 -13.41
N GLU C 150 24.45 -25.30 -14.71
CA GLU C 150 24.88 -24.23 -15.61
C GLU C 150 23.81 -23.14 -15.73
N SER C 151 22.56 -23.44 -15.36
CA SER C 151 21.42 -22.57 -15.67
C SER C 151 20.97 -21.80 -14.42
N LYS C 152 20.93 -20.47 -14.51
CA LYS C 152 20.36 -19.68 -13.43
C LYS C 152 18.86 -19.85 -13.31
N HIS C 153 18.20 -20.45 -14.30
CA HIS C 153 16.82 -20.85 -14.11
C HIS C 153 16.73 -22.09 -13.24
N VAL C 154 17.69 -23.01 -13.40
CA VAL C 154 17.76 -24.13 -12.47
C VAL C 154 18.02 -23.64 -11.06
N VAL C 155 18.85 -22.61 -10.91
CA VAL C 155 19.08 -22.00 -9.60
C VAL C 155 17.77 -21.52 -8.98
N GLU C 156 16.90 -20.88 -9.77
CA GLU C 156 15.60 -20.44 -9.25
C GLU C 156 14.69 -21.63 -8.91
N LEU C 157 14.72 -22.69 -9.73
CA LEU C 157 13.91 -23.86 -9.43
C LEU C 157 14.36 -24.53 -8.12
N PHE C 158 15.66 -24.48 -7.81
CA PHE C 158 16.13 -25.02 -6.53
C PHE C 158 15.56 -24.24 -5.36
N VAL C 159 15.45 -22.92 -5.49
CA VAL C 159 14.96 -22.13 -4.38
C VAL C 159 13.47 -22.43 -4.15
N LYS C 160 12.71 -22.73 -5.21
CA LYS C 160 11.31 -23.11 -4.99
C LYS C 160 11.21 -24.43 -4.26
N PHE C 161 12.04 -25.40 -4.65
CA PHE C 161 12.08 -26.66 -3.91
C PHE C 161 12.39 -26.41 -2.44
N ALA C 162 13.40 -25.58 -2.15
CA ALA C 162 13.78 -25.30 -0.77
C ALA C 162 12.65 -24.59 -0.02
N GLU C 163 12.03 -23.60 -0.65
CA GLU C 163 10.90 -22.92 -0.04
C GLU C 163 9.85 -23.91 0.45
N GLN C 164 9.55 -24.91 -0.37
CA GLN C 164 8.57 -25.92 0.01
C GLN C 164 9.03 -26.71 1.23
N CYS C 165 10.33 -27.01 1.32
CA CYS C 165 10.86 -27.75 2.47
C CYS C 165 10.64 -26.97 3.76
N PHE C 166 11.01 -25.68 3.75
CA PHE C 166 10.86 -24.85 4.95
C PHE C 166 9.40 -24.75 5.36
N LYS C 167 8.50 -24.57 4.40
CA LYS C 167 7.09 -24.45 4.75
C LYS C 167 6.51 -25.79 5.21
N LEU C 168 6.97 -26.89 4.61
CA LEU C 168 6.43 -28.21 4.95
C LEU C 168 6.96 -28.72 6.30
N PHE C 169 8.25 -28.50 6.57
CA PHE C 169 8.93 -29.15 7.69
C PHE C 169 9.52 -28.19 8.70
N GLY C 170 9.52 -26.88 8.43
CA GLY C 170 10.09 -25.91 9.34
C GLY C 170 9.37 -25.81 10.68
N ASP C 171 8.21 -26.47 10.83
CA ASP C 171 7.56 -26.39 12.13
C ASP C 171 8.27 -27.22 13.18
N ARG C 172 8.99 -28.29 12.79
CA ARG C 172 9.74 -29.04 13.80
C ARG C 172 11.20 -29.31 13.41
N VAL C 173 11.79 -28.52 12.50
CA VAL C 173 13.20 -28.61 12.17
C VAL C 173 13.84 -27.25 12.40
N ASP C 174 14.83 -27.19 13.29
CA ASP C 174 15.53 -25.93 13.54
C ASP C 174 16.77 -25.77 12.67
N HIS C 175 17.44 -26.88 12.34
CA HIS C 175 18.80 -26.83 11.81
C HIS C 175 18.79 -27.30 10.36
N TRP C 176 19.21 -26.42 9.45
CA TRP C 176 19.17 -26.69 8.03
C TRP C 176 20.53 -26.42 7.41
N TYR C 177 20.79 -27.08 6.28
CA TYR C 177 21.90 -26.73 5.40
C TYR C 177 21.43 -26.62 3.96
N THR C 178 22.06 -25.71 3.22
CA THR C 178 21.71 -25.54 1.81
C THR C 178 22.31 -26.64 0.94
N PHE C 179 23.62 -26.88 1.06
CA PHE C 179 24.30 -27.85 0.22
C PHE C 179 25.31 -28.63 1.04
N ASN C 180 25.52 -29.89 0.69
CA ASN C 180 26.72 -30.61 1.12
C ASN C 180 27.77 -30.50 0.01
N GLU C 181 28.76 -29.63 0.23
CA GLU C 181 29.97 -29.53 -0.58
C GLU C 181 29.68 -29.31 -2.06
N PRO C 182 29.24 -28.12 -2.47
CA PRO C 182 29.11 -27.84 -3.91
C PRO C 182 30.38 -28.10 -4.71
N LYS C 183 31.56 -27.92 -4.10
CA LYS C 183 32.81 -28.16 -4.82
C LYS C 183 32.86 -29.58 -5.42
N VAL C 184 32.32 -30.57 -4.68
CA VAL C 184 32.33 -31.93 -5.19
C VAL C 184 31.42 -32.03 -6.40
N VAL C 185 30.32 -31.27 -6.41
CA VAL C 185 29.47 -31.23 -7.60
C VAL C 185 30.24 -30.59 -8.76
N VAL C 186 30.95 -29.49 -8.50
CA VAL C 186 31.72 -28.81 -9.55
C VAL C 186 32.81 -29.74 -10.08
N ASP C 187 33.63 -30.30 -9.16
CA ASP C 187 34.68 -31.24 -9.57
C ASP C 187 34.10 -32.47 -10.24
N GLY C 188 33.04 -33.02 -9.67
CA GLY C 188 32.52 -34.30 -10.16
C GLY C 188 31.85 -34.18 -11.50
N GLN C 189 30.95 -33.21 -11.65
CA GLN C 189 30.18 -33.09 -12.89
C GLN C 189 30.98 -32.38 -14.00
N TYR C 190 31.94 -31.53 -13.65
CA TYR C 190 32.51 -30.64 -14.65
C TYR C 190 34.02 -30.65 -14.78
N LEU C 191 34.75 -31.39 -13.93
CA LEU C 191 36.21 -31.37 -14.07
C LEU C 191 36.87 -32.74 -14.23
N TYR C 192 36.54 -33.72 -13.38
CA TYR C 192 37.30 -34.97 -13.34
C TYR C 192 36.50 -36.23 -13.67
N GLY C 193 35.23 -36.11 -14.05
CA GLY C 193 34.49 -37.29 -14.49
C GLY C 193 33.97 -38.19 -13.38
N TRP C 194 33.87 -37.69 -12.14
CA TRP C 194 33.34 -38.48 -11.02
C TRP C 194 31.82 -38.61 -11.03
N HIS C 195 31.10 -37.60 -11.56
CA HIS C 195 29.64 -37.59 -11.57
C HIS C 195 29.13 -37.50 -13.01
N TYR C 196 28.12 -38.30 -13.33
CA TYR C 196 27.30 -38.00 -14.51
C TYR C 196 26.82 -36.53 -14.39
N PRO C 197 26.92 -35.76 -15.48
CA PRO C 197 27.19 -36.05 -16.91
C PRO C 197 28.64 -36.25 -17.34
N GLN C 198 29.60 -36.18 -16.42
CA GLN C 198 31.01 -36.38 -16.76
C GLN C 198 31.48 -35.38 -17.82
N VAL C 199 31.17 -34.10 -17.61
CA VAL C 199 31.68 -33.06 -18.48
C VAL C 199 33.10 -32.68 -18.02
N ILE C 200 34.00 -32.45 -18.98
CA ILE C 200 35.38 -32.05 -18.68
C ILE C 200 35.56 -30.67 -19.30
N ASN C 201 35.33 -29.62 -18.51
CA ASN C 201 35.35 -28.27 -19.05
C ASN C 201 35.59 -27.28 -17.91
N GLY C 202 36.80 -26.74 -17.82
CA GLY C 202 37.16 -25.81 -16.77
C GLY C 202 36.32 -24.55 -16.70
N PRO C 203 36.20 -23.82 -17.81
CA PRO C 203 35.34 -22.62 -17.78
C PRO C 203 33.92 -22.88 -17.33
N LYS C 204 33.28 -23.96 -17.81
CA LYS C 204 31.94 -24.30 -17.35
C LYS C 204 31.94 -24.55 -15.84
N ALA C 205 33.00 -25.20 -15.34
CA ALA C 205 33.09 -25.48 -13.92
C ALA C 205 33.10 -24.20 -13.13
N VAL C 206 33.77 -23.17 -13.64
CA VAL C 206 33.84 -21.89 -12.93
C VAL C 206 32.44 -21.25 -12.82
N GLN C 207 31.66 -21.28 -13.91
CA GLN C 207 30.28 -20.78 -13.86
C GLN C 207 29.44 -21.57 -12.87
N VAL C 208 29.62 -22.90 -12.85
CA VAL C 208 28.82 -23.74 -11.98
C VAL C 208 29.13 -23.41 -10.52
N ALA C 209 30.41 -23.16 -10.22
CA ALA C 209 30.72 -22.84 -8.83
C ALA C 209 30.06 -21.54 -8.43
N TYR C 210 30.09 -20.57 -9.35
CA TYR C 210 29.41 -19.31 -9.11
C TYR C 210 27.92 -19.54 -8.88
N ASN C 211 27.27 -20.24 -9.80
CA ASN C 211 25.81 -20.43 -9.70
C ASN C 211 25.41 -21.10 -8.39
N MET C 212 26.21 -22.06 -7.90
CA MET C 212 25.77 -22.78 -6.73
C MET C 212 25.95 -21.94 -5.47
N ASN C 213 27.03 -21.16 -5.39
CA ASN C 213 27.16 -20.16 -4.34
C ASN C 213 25.96 -19.21 -4.36
N LEU C 214 25.57 -18.77 -5.56
CA LEU C 214 24.42 -17.87 -5.67
C LEU C 214 23.15 -18.58 -5.22
N ALA C 215 22.97 -19.83 -5.63
CA ALA C 215 21.82 -20.59 -5.18
C ALA C 215 21.77 -20.66 -3.65
N SER C 216 22.92 -20.88 -3.01
CA SER C 216 22.93 -21.02 -1.56
C SER C 216 22.55 -19.71 -0.87
N ALA C 217 23.06 -18.58 -1.36
CA ALA C 217 22.71 -17.28 -0.78
C ALA C 217 21.21 -17.00 -0.91
N LYS C 218 20.63 -17.26 -2.09
CA LYS C 218 19.20 -17.05 -2.29
C LYS C 218 18.37 -17.94 -1.37
N THR C 219 18.82 -19.16 -1.13
CA THR C 219 18.12 -20.04 -0.19
C THR C 219 18.21 -19.51 1.23
N VAL C 220 19.38 -18.96 1.62
CA VAL C 220 19.48 -18.34 2.94
C VAL C 220 18.49 -17.18 3.06
N ALA C 221 18.36 -16.37 2.00
CA ALA C 221 17.41 -15.27 2.02
C ALA C 221 15.99 -15.76 2.23
N ARG C 222 15.55 -16.69 1.36
CA ARG C 222 14.20 -17.22 1.47
C ARG C 222 13.98 -17.87 2.82
N PHE C 223 15.02 -18.49 3.39
CA PHE C 223 14.88 -19.16 4.66
C PHE C 223 14.53 -18.16 5.77
N HIS C 224 15.23 -17.03 5.81
CA HIS C 224 15.02 -16.08 6.90
C HIS C 224 13.77 -15.24 6.70
N GLU C 225 13.22 -15.17 5.47
CA GLU C 225 11.92 -14.52 5.30
C GLU C 225 10.79 -15.38 5.83
N LEU C 226 11.00 -16.69 5.87
CA LEU C 226 10.00 -17.64 6.33
C LEU C 226 10.26 -18.16 7.73
N SER C 227 11.38 -17.82 8.34
CA SER C 227 11.63 -18.29 9.70
C SER C 227 10.67 -17.60 10.67
N VAL C 228 10.29 -18.35 11.71
CA VAL C 228 9.42 -17.83 12.76
C VAL C 228 10.10 -17.86 14.12
N ARG C 229 10.95 -18.92 14.39
CA ARG C 229 11.63 -19.10 15.66
C ARG C 229 13.06 -18.60 15.60
N PRO C 230 13.50 -17.90 16.65
CA PRO C 230 14.90 -17.49 16.71
C PRO C 230 15.89 -18.64 16.65
N GLU C 231 15.53 -19.84 17.11
CA GLU C 231 16.47 -20.97 17.02
C GLU C 231 16.68 -21.45 15.60
N GLN C 232 15.82 -21.07 14.66
CA GLN C 232 15.95 -21.55 13.30
C GLN C 232 17.20 -20.94 12.65
N GLN C 233 18.01 -21.79 12.02
CA GLN C 233 19.29 -21.37 11.47
C GLN C 233 19.62 -22.26 10.27
N ILE C 234 20.30 -21.68 9.29
CA ILE C 234 20.68 -22.40 8.08
C ILE C 234 22.16 -22.14 7.80
N GLY C 235 22.89 -23.19 7.49
CA GLY C 235 24.29 -23.04 7.10
C GLY C 235 24.63 -23.82 5.84
N ILE C 236 25.92 -24.02 5.60
CA ILE C 236 26.39 -24.77 4.44
C ILE C 236 27.53 -25.69 4.89
N ILE C 237 27.67 -26.82 4.22
CA ILE C 237 28.66 -27.82 4.56
C ILE C 237 29.77 -27.81 3.52
N LEU C 238 31.01 -27.54 4.00
CA LEU C 238 32.18 -27.37 3.17
C LEU C 238 33.32 -28.25 3.66
N ASN C 239 34.23 -28.60 2.73
CA ASN C 239 35.52 -29.17 3.11
C ASN C 239 36.50 -28.02 3.23
N LEU C 240 37.09 -27.86 4.41
CA LEU C 240 38.01 -26.75 4.65
C LEU C 240 39.44 -27.21 4.86
N THR C 241 39.80 -28.40 4.37
CA THR C 241 41.15 -28.91 4.58
C THR C 241 42.18 -27.91 4.06
N PRO C 242 43.19 -27.55 4.85
CA PRO C 242 44.22 -26.64 4.34
C PRO C 242 45.02 -27.27 3.22
N ALA C 243 45.54 -26.44 2.32
CA ALA C 243 46.48 -26.90 1.31
C ALA C 243 47.90 -26.67 1.84
N TYR C 244 48.54 -27.74 2.32
CA TYR C 244 49.90 -27.66 2.84
C TYR C 244 50.91 -27.66 1.70
N ALA C 245 51.77 -26.64 1.65
CA ALA C 245 52.86 -26.61 0.68
C ALA C 245 53.82 -27.78 0.86
N ALA C 246 54.30 -28.31 -0.26
CA ALA C 246 55.27 -29.40 -0.21
C ALA C 246 56.57 -28.96 0.45
N SER C 247 56.96 -27.71 0.30
CA SER C 247 58.22 -27.21 0.85
C SER C 247 58.09 -25.71 1.01
N ASP C 248 59.16 -25.06 1.48
CA ASP C 248 59.16 -23.61 1.56
C ASP C 248 59.65 -22.95 0.27
N ASP C 249 59.75 -23.69 -0.82
CA ASP C 249 60.17 -23.10 -2.08
C ASP C 249 59.08 -22.17 -2.61
N PRO C 250 59.45 -20.98 -3.10
CA PRO C 250 58.43 -20.04 -3.62
C PRO C 250 57.42 -20.67 -4.58
N ALA C 251 57.88 -21.50 -5.52
CA ALA C 251 56.96 -22.15 -6.43
C ALA C 251 55.98 -23.08 -5.70
N ASP C 252 56.44 -23.77 -4.65
CA ASP C 252 55.51 -24.62 -3.89
C ASP C 252 54.58 -23.78 -3.03
N LEU C 253 55.09 -22.69 -2.45
CA LEU C 253 54.24 -21.79 -1.67
C LEU C 253 53.16 -21.18 -2.56
N ALA C 254 53.53 -20.78 -3.78
CA ALA C 254 52.56 -20.20 -4.72
C ALA C 254 51.50 -21.22 -5.10
N ALA C 255 51.92 -22.46 -5.36
CA ALA C 255 50.95 -23.51 -5.69
C ALA C 255 49.96 -23.73 -4.56
N ALA C 256 50.45 -23.80 -3.32
CA ALA C 256 49.53 -23.99 -2.20
C ALA C 256 48.58 -22.79 -2.06
N GLU C 257 49.08 -21.59 -2.35
CA GLU C 257 48.24 -20.40 -2.23
C GLU C 257 47.04 -20.48 -3.16
N PHE C 258 47.28 -20.77 -4.44
CA PHE C 258 46.16 -20.96 -5.35
C PHE C 258 45.29 -22.14 -4.93
N ALA C 259 45.90 -23.27 -4.56
CA ALA C 259 45.11 -24.42 -4.16
C ALA C 259 44.13 -24.07 -3.05
N GLU C 260 44.57 -23.20 -2.12
CA GLU C 260 43.72 -22.87 -0.98
C GLU C 260 42.56 -21.96 -1.39
N LEU C 261 42.84 -20.94 -2.20
CA LEU C 261 41.79 -20.03 -2.65
C LEU C 261 40.75 -20.77 -3.46
N TRP C 262 41.22 -21.70 -4.30
CA TRP C 262 40.37 -22.42 -5.24
C TRP C 262 39.54 -23.47 -4.53
N SER C 263 40.15 -24.25 -3.63
CA SER C 263 39.43 -25.35 -3.01
C SER C 263 38.61 -24.93 -1.79
N ASN C 264 39.03 -23.91 -1.04
CA ASN C 264 38.28 -23.45 0.13
C ASN C 264 37.65 -22.07 -0.06
N ASN C 265 38.45 -21.05 -0.37
CA ASN C 265 37.90 -19.69 -0.33
C ASN C 265 36.78 -19.48 -1.35
N LEU C 266 36.89 -20.12 -2.53
CA LEU C 266 35.85 -20.08 -3.58
C LEU C 266 34.44 -20.21 -2.99
N PHE C 267 34.29 -21.00 -1.93
CA PHE C 267 33.00 -21.21 -1.28
C PHE C 267 32.93 -20.64 0.13
N LEU C 268 34.02 -20.70 0.88
CA LEU C 268 33.99 -20.25 2.26
C LEU C 268 33.75 -18.76 2.31
N ASP C 269 34.43 -18.02 1.44
CA ASP C 269 34.36 -16.56 1.51
C ASP C 269 32.98 -16.05 1.12
N PRO C 270 32.35 -16.48 0.02
CA PRO C 270 30.99 -15.98 -0.24
C PRO C 270 30.00 -16.43 0.84
N ALA C 271 30.09 -17.67 1.30
CA ALA C 271 29.16 -18.20 2.30
C ALA C 271 29.21 -17.42 3.61
N VAL C 272 30.41 -17.08 4.08
CA VAL C 272 30.60 -16.53 5.42
C VAL C 272 30.94 -15.05 5.36
N LEU C 273 31.78 -14.64 4.40
CA LEU C 273 32.19 -13.24 4.30
C LEU C 273 31.27 -12.43 3.42
N GLY C 274 30.49 -13.07 2.56
CA GLY C 274 29.61 -12.35 1.68
C GLY C 274 30.26 -11.88 0.40
N HIS C 275 31.45 -12.37 0.07
CA HIS C 275 32.08 -11.94 -1.18
C HIS C 275 33.10 -12.97 -1.63
N PHE C 276 33.48 -12.85 -2.89
CA PHE C 276 34.43 -13.77 -3.45
C PHE C 276 35.85 -13.29 -3.18
N PRO C 277 36.81 -14.21 -3.13
CA PRO C 277 38.22 -13.83 -2.85
C PRO C 277 38.83 -13.05 -4.01
N GLU C 278 39.31 -11.84 -3.73
CA GLU C 278 39.78 -10.95 -4.77
C GLU C 278 40.96 -11.53 -5.56
N LYS C 279 41.86 -12.26 -4.92
CA LYS C 279 43.01 -12.82 -5.64
C LYS C 279 42.56 -13.92 -6.60
N LEU C 280 41.55 -14.71 -6.21
CA LEU C 280 40.97 -15.67 -7.13
C LEU C 280 40.34 -14.96 -8.35
N VAL C 281 39.47 -13.97 -8.11
CA VAL C 281 38.78 -13.39 -9.25
C VAL C 281 39.78 -12.70 -10.16
N GLU C 282 40.85 -12.14 -9.59
CA GLU C 282 41.90 -11.55 -10.41
C GLU C 282 42.51 -12.59 -11.35
N ARG C 283 42.83 -13.77 -10.81
CA ARG C 283 43.46 -14.82 -11.60
C ARG C 283 42.52 -15.37 -12.66
N LEU C 284 41.26 -15.61 -12.28
CA LEU C 284 40.27 -16.09 -13.25
C LEU C 284 40.05 -15.07 -14.36
N THR C 285 40.12 -13.77 -14.02
CA THR C 285 39.95 -12.71 -15.01
C THR C 285 41.13 -12.68 -15.99
N MET C 286 42.36 -12.71 -15.48
CA MET C 286 43.53 -12.75 -16.38
C MET C 286 43.51 -13.97 -17.29
N ASP C 287 42.96 -15.08 -16.82
CA ASP C 287 42.92 -16.31 -17.58
C ASP C 287 41.73 -16.38 -18.52
N GLY C 288 40.86 -15.37 -18.51
CA GLY C 288 39.70 -15.34 -19.37
C GLY C 288 38.61 -16.34 -19.03
N VAL C 289 38.49 -16.76 -17.76
CA VAL C 289 37.53 -17.79 -17.43
C VAL C 289 36.63 -17.38 -16.27
N LEU C 290 36.59 -16.09 -15.94
CA LEU C 290 35.71 -15.63 -14.87
C LEU C 290 34.25 -15.96 -15.19
N TRP C 291 33.48 -16.22 -14.15
CA TRP C 291 32.06 -16.49 -14.27
C TRP C 291 31.30 -15.26 -14.77
N ASP C 292 30.08 -15.50 -15.22
CA ASP C 292 29.15 -14.44 -15.59
C ASP C 292 28.32 -14.08 -14.34
N ALA C 293 28.51 -12.87 -13.83
CA ALA C 293 27.78 -12.41 -12.65
C ALA C 293 27.12 -11.07 -12.94
N THR C 294 26.14 -10.68 -12.12
CA THR C 294 25.54 -9.35 -12.20
C THR C 294 25.66 -8.63 -10.86
N PRO C 295 25.59 -7.29 -10.85
CA PRO C 295 25.66 -6.59 -9.57
C PRO C 295 24.55 -6.99 -8.61
N THR C 296 23.38 -7.34 -9.13
CA THR C 296 22.25 -7.69 -8.27
C THR C 296 22.47 -9.03 -7.60
N GLU C 297 22.97 -10.02 -8.36
CA GLU C 297 23.30 -11.32 -7.77
C GLU C 297 24.38 -11.18 -6.69
N LEU C 298 25.43 -10.41 -6.99
CA LEU C 298 26.50 -10.24 -6.00
C LEU C 298 25.99 -9.59 -4.73
N ALA C 299 24.99 -8.70 -4.83
CA ALA C 299 24.43 -8.06 -3.64
C ALA C 299 23.65 -9.08 -2.80
N ILE C 300 22.98 -10.02 -3.46
CA ILE C 300 22.29 -11.09 -2.74
C ILE C 300 23.30 -11.95 -1.98
N ILE C 301 24.43 -12.26 -2.63
CA ILE C 301 25.48 -13.02 -1.95
C ILE C 301 26.01 -12.24 -0.75
N ALA C 302 26.24 -10.93 -0.94
CA ALA C 302 26.76 -10.13 0.16
C ALA C 302 25.74 -9.97 1.29
N ALA C 303 24.45 -9.98 0.96
CA ALA C 303 23.44 -9.70 1.97
C ALA C 303 23.04 -10.91 2.81
N ASN C 304 23.33 -12.13 2.38
CA ASN C 304 22.76 -13.33 2.99
C ASN C 304 23.81 -14.38 3.37
N PRO C 305 24.80 -14.04 4.20
CA PRO C 305 25.74 -15.06 4.68
C PRO C 305 25.02 -16.10 5.53
N VAL C 306 25.59 -17.32 5.54
CA VAL C 306 25.05 -18.43 6.34
C VAL C 306 25.13 -18.10 7.83
N ASP C 307 24.30 -18.81 8.62
CA ASP C 307 24.31 -18.67 10.07
C ASP C 307 25.38 -19.50 10.74
N SER C 308 25.79 -20.61 10.13
CA SER C 308 26.74 -21.52 10.73
C SER C 308 27.46 -22.28 9.63
N LEU C 309 28.43 -23.06 10.03
CA LEU C 309 29.31 -23.76 9.11
C LEU C 309 29.37 -25.23 9.49
N GLY C 310 29.24 -26.10 8.49
CA GLY C 310 29.53 -27.52 8.65
C GLY C 310 30.87 -27.82 8.00
N VAL C 311 31.79 -28.40 8.78
CA VAL C 311 33.13 -28.73 8.28
C VAL C 311 33.27 -30.23 8.14
N ASN C 312 33.50 -30.70 6.91
CA ASN C 312 33.88 -32.07 6.62
C ASN C 312 35.39 -32.15 6.51
N TYR C 313 35.95 -33.24 7.06
CA TYR C 313 37.39 -33.47 7.01
C TYR C 313 37.69 -34.96 7.14
N TYR C 314 38.50 -35.48 6.22
CA TYR C 314 38.87 -36.89 6.28
C TYR C 314 40.36 -37.13 6.26
N HIS C 315 41.11 -36.29 5.54
CA HIS C 315 42.52 -36.56 5.34
C HIS C 315 43.18 -35.28 4.85
N PRO C 316 44.49 -35.13 5.05
CA PRO C 316 45.15 -33.86 4.70
C PRO C 316 45.24 -33.66 3.19
N PHE C 317 45.70 -32.47 2.79
CA PHE C 317 45.81 -32.04 1.40
C PHE C 317 47.16 -31.37 1.21
N ARG C 318 48.02 -31.95 0.37
CA ARG C 318 49.37 -31.44 0.17
C ARG C 318 49.63 -31.17 -1.30
N VAL C 319 50.37 -30.12 -1.59
CA VAL C 319 50.42 -29.56 -2.93
C VAL C 319 51.84 -29.09 -3.21
N GLN C 320 52.27 -29.27 -4.45
CA GLN C 320 53.54 -28.76 -4.96
C GLN C 320 53.30 -28.03 -6.27
N ARG C 321 54.38 -27.49 -6.83
CA ARG C 321 54.35 -26.77 -8.08
C ARG C 321 53.90 -27.67 -9.23
N PRO C 322 53.25 -27.08 -10.23
CA PRO C 322 52.88 -27.85 -11.44
C PRO C 322 54.13 -28.34 -12.18
N ASP C 323 53.99 -29.46 -12.91
CA ASP C 323 55.10 -30.01 -13.68
C ASP C 323 55.53 -29.05 -14.78
N ILE C 324 54.57 -28.49 -15.53
CA ILE C 324 54.88 -27.60 -16.63
C ILE C 324 54.31 -26.22 -16.33
N SER C 325 54.80 -25.23 -17.08
CA SER C 325 54.40 -23.86 -16.87
C SER C 325 52.89 -23.72 -17.01
N PRO C 326 52.23 -22.96 -16.14
CA PRO C 326 50.81 -22.64 -16.38
C PRO C 326 50.59 -21.80 -17.62
N LYS C 327 51.65 -21.28 -18.25
CA LYS C 327 51.52 -20.60 -19.54
C LYS C 327 51.48 -21.57 -20.71
N SER C 328 51.61 -22.87 -20.49
CA SER C 328 51.60 -23.83 -21.57
C SER C 328 50.25 -23.85 -22.29
N LEU C 329 50.29 -24.29 -23.54
CA LEU C 329 49.12 -24.41 -24.40
C LEU C 329 48.36 -25.68 -24.02
N GLN C 330 47.22 -25.51 -23.35
CA GLN C 330 46.44 -26.61 -22.80
C GLN C 330 45.10 -26.06 -22.31
N PRO C 331 44.02 -26.85 -22.33
CA PRO C 331 42.74 -26.34 -21.84
C PRO C 331 42.89 -25.86 -20.41
N TRP C 332 42.14 -24.81 -20.06
CA TRP C 332 42.25 -24.26 -18.71
C TRP C 332 41.64 -25.21 -17.69
N MET C 333 42.36 -25.42 -16.58
CA MET C 333 41.91 -26.21 -15.43
C MET C 333 42.50 -25.58 -14.17
N PRO C 334 41.80 -25.64 -13.03
CA PRO C 334 42.44 -25.21 -11.77
C PRO C 334 43.83 -25.82 -11.58
N ASP C 335 44.01 -27.07 -12.01
CA ASP C 335 45.22 -27.83 -11.72
C ASP C 335 46.45 -27.33 -12.48
N ILE C 336 46.31 -26.44 -13.46
CA ILE C 336 47.53 -25.91 -14.09
C ILE C 336 48.39 -25.15 -13.08
N TYR C 337 47.82 -24.78 -11.92
CA TYR C 337 48.58 -24.08 -10.89
C TYR C 337 49.09 -24.96 -9.74
N PHE C 338 48.69 -26.24 -9.65
CA PHE C 338 49.16 -27.05 -8.54
C PHE C 338 49.06 -28.53 -8.86
N LYS C 339 49.85 -29.32 -8.11
CA LYS C 339 49.88 -30.77 -8.26
C LYS C 339 49.89 -31.39 -6.87
N GLU C 340 49.26 -32.55 -6.74
CA GLU C 340 49.20 -33.26 -5.48
C GLU C 340 50.60 -33.76 -5.10
N TYR C 341 50.92 -33.72 -3.81
CA TYR C 341 52.23 -34.13 -3.29
C TYR C 341 52.07 -35.22 -2.23
N ASP C 342 52.94 -36.22 -2.30
CA ASP C 342 53.02 -37.29 -1.30
C ASP C 342 54.26 -37.05 -0.43
N MET C 343 54.04 -36.88 0.86
CA MET C 343 55.12 -36.49 1.75
C MET C 343 55.82 -37.72 2.29
N PRO C 344 57.12 -37.87 2.13
CA PRO C 344 57.80 -39.03 2.70
C PRO C 344 57.65 -39.02 4.21
N GLY C 345 57.50 -40.21 4.79
CA GLY C 345 57.29 -40.37 6.20
C GLY C 345 55.84 -40.25 6.68
N ARG C 346 54.91 -39.93 5.78
CA ARG C 346 53.52 -39.73 6.21
C ARG C 346 52.96 -40.98 6.90
N MET C 347 52.05 -40.73 7.83
CA MET C 347 51.31 -41.78 8.52
C MET C 347 50.10 -42.17 7.68
N MET C 348 50.04 -43.43 7.24
CA MET C 348 49.06 -43.88 6.25
C MET C 348 48.04 -44.81 6.87
N ASN C 349 46.78 -44.66 6.43
CA ASN C 349 45.76 -45.71 6.38
C ASN C 349 45.99 -46.44 5.05
N VAL C 350 46.75 -47.54 5.11
CA VAL C 350 47.39 -48.08 3.91
C VAL C 350 46.36 -48.63 2.94
N ASP C 351 45.40 -49.40 3.45
CA ASP C 351 44.43 -50.05 2.56
C ASP C 351 43.62 -49.03 1.78
N ARG C 352 43.22 -47.92 2.41
CA ARG C 352 42.40 -46.95 1.70
C ARG C 352 43.25 -46.03 0.82
N GLY C 353 44.52 -45.83 1.18
CA GLY C 353 45.36 -44.93 0.43
C GLY C 353 45.30 -43.51 0.91
N TRP C 354 44.97 -43.31 2.19
CA TRP C 354 44.78 -41.97 2.75
C TRP C 354 45.77 -41.73 3.87
N GLU C 355 46.36 -40.54 3.88
CA GLU C 355 47.21 -40.14 4.98
C GLU C 355 46.34 -39.80 6.18
N ILE C 356 46.87 -40.06 7.38
CA ILE C 356 46.25 -39.74 8.65
C ILE C 356 47.00 -38.56 9.27
N TYR C 357 46.27 -37.49 9.60
CA TYR C 357 46.94 -36.32 10.15
C TYR C 357 45.92 -35.49 10.93
N PRO C 358 45.59 -35.90 12.16
CA PRO C 358 44.51 -35.21 12.88
C PRO C 358 44.80 -33.73 13.21
N GLN C 359 46.05 -33.28 13.18
CA GLN C 359 46.35 -31.88 13.46
C GLN C 359 45.67 -30.92 12.49
N ALA C 360 45.27 -31.40 11.32
CA ALA C 360 44.55 -30.55 10.38
C ALA C 360 43.29 -29.99 11.02
N MET C 361 42.62 -30.80 11.85
CA MET C 361 41.42 -30.34 12.51
C MET C 361 41.72 -29.13 13.40
N THR C 362 42.89 -29.10 14.00
CA THR C 362 43.29 -27.95 14.79
C THR C 362 43.55 -26.73 13.92
N ASP C 363 44.17 -26.94 12.75
CA ASP C 363 44.42 -25.85 11.82
C ASP C 363 43.11 -25.26 11.30
N ILE C 364 42.14 -26.11 10.97
CA ILE C 364 40.82 -25.62 10.56
C ILE C 364 40.20 -24.81 11.69
N ALA C 365 40.23 -25.34 12.92
CA ALA C 365 39.57 -24.65 14.02
C ALA C 365 40.13 -23.25 14.22
N ARG C 366 41.45 -23.12 14.11
CA ARG C 366 42.07 -21.81 14.33
C ARG C 366 41.73 -20.85 13.19
N ASN C 367 41.66 -21.36 11.96
CA ASN C 367 41.40 -20.50 10.82
C ASN C 367 40.00 -19.91 10.89
N ILE C 368 39.02 -20.74 11.27
CA ILE C 368 37.66 -20.26 11.48
C ILE C 368 37.67 -19.20 12.58
N GLN C 369 38.50 -19.41 13.60
CA GLN C 369 38.47 -18.54 14.77
C GLN C 369 39.09 -17.18 14.49
N LYS C 370 40.14 -17.13 13.70
CA LYS C 370 40.85 -15.88 13.50
C LYS C 370 40.41 -15.12 12.26
N ASN C 371 40.00 -15.81 11.20
CA ASN C 371 39.75 -15.19 9.90
C ASN C 371 38.28 -15.16 9.49
N TYR C 372 37.40 -15.88 10.19
CA TYR C 372 36.00 -15.93 9.79
C TYR C 372 35.09 -15.66 10.97
N GLY C 373 35.55 -14.83 11.91
CA GLY C 373 34.69 -14.28 12.93
C GLY C 373 34.27 -15.26 13.98
N ASN C 374 35.00 -16.36 14.12
CA ASN C 374 34.62 -17.47 14.97
C ASN C 374 33.12 -17.76 14.85
N ILE C 375 32.66 -17.90 13.61
CA ILE C 375 31.25 -18.19 13.35
C ILE C 375 30.89 -19.52 13.98
N PRO C 376 29.66 -19.70 14.48
CA PRO C 376 29.30 -21.03 15.00
C PRO C 376 29.50 -22.10 13.93
N TRP C 377 30.09 -23.23 14.33
CA TRP C 377 30.40 -24.29 13.39
C TRP C 377 30.45 -25.62 14.11
N MET C 378 30.30 -26.66 13.31
CA MET C 378 30.37 -28.03 13.75
C MET C 378 31.23 -28.80 12.76
N ILE C 379 31.77 -29.92 13.21
CA ILE C 379 32.36 -30.89 12.32
C ILE C 379 31.22 -31.78 11.85
N SER C 380 30.83 -31.61 10.59
CA SER C 380 29.65 -32.24 10.03
C SER C 380 29.96 -33.55 9.34
N GLU C 381 31.24 -33.87 9.11
CA GLU C 381 31.69 -35.18 8.66
C GLU C 381 33.10 -35.44 9.14
N ASN C 382 33.30 -36.60 9.77
CA ASN C 382 34.61 -37.17 10.06
C ASN C 382 34.36 -38.65 10.26
N GLY C 383 35.22 -39.48 9.68
CA GLY C 383 34.96 -40.91 9.67
C GLY C 383 36.06 -41.64 8.94
N MET C 384 36.03 -42.96 9.08
CA MET C 384 37.04 -43.82 8.49
C MET C 384 36.37 -44.94 7.75
N GLY C 385 36.80 -45.17 6.51
CA GLY C 385 36.25 -46.22 5.68
C GLY C 385 37.20 -47.40 5.60
N VAL C 386 36.65 -48.60 5.76
CA VAL C 386 37.42 -49.83 5.71
C VAL C 386 36.61 -50.89 4.96
N ALA C 387 37.28 -51.62 4.08
CA ALA C 387 36.65 -52.66 3.29
C ALA C 387 36.72 -53.99 4.02
N GLY C 388 35.75 -54.86 3.73
CA GLY C 388 35.78 -56.21 4.24
C GLY C 388 35.73 -56.30 5.76
N GLU C 389 34.76 -55.62 6.38
CA GLU C 389 34.64 -55.66 7.83
C GLU C 389 34.14 -57.01 8.37
N GLU C 390 33.83 -57.98 7.51
CA GLU C 390 33.56 -59.33 8.01
C GLU C 390 34.74 -59.88 8.78
N ARG C 391 35.95 -59.44 8.42
CA ARG C 391 37.17 -59.96 9.03
C ARG C 391 37.21 -59.73 10.53
N PHE C 392 36.46 -58.74 11.03
CA PHE C 392 36.54 -58.38 12.45
C PHE C 392 35.25 -58.67 13.18
N LEU C 393 34.39 -59.51 12.61
CA LEU C 393 33.24 -59.99 13.34
C LEU C 393 33.69 -60.91 14.46
N ASP C 394 33.07 -60.77 15.62
CA ASP C 394 33.29 -61.74 16.69
C ASP C 394 32.12 -62.70 16.74
N LYS C 395 32.18 -63.64 17.69
CA LYS C 395 31.20 -64.72 17.71
C LYS C 395 29.80 -64.20 18.00
N GLN C 396 29.67 -63.09 18.73
CA GLN C 396 28.35 -62.48 18.86
C GLN C 396 27.90 -61.74 17.60
N GLY C 397 28.72 -61.72 16.54
CA GLY C 397 28.34 -61.12 15.27
C GLY C 397 28.57 -59.63 15.17
N VAL C 398 29.43 -59.04 16.00
CA VAL C 398 29.62 -57.60 16.08
C VAL C 398 30.99 -57.24 15.53
N VAL C 399 31.04 -56.20 14.69
CA VAL C 399 32.30 -55.75 14.12
C VAL C 399 33.15 -55.10 15.21
N GLN C 400 34.34 -55.66 15.43
CA GLN C 400 35.30 -55.12 16.38
C GLN C 400 36.17 -54.08 15.66
N ASP C 401 35.60 -52.90 15.50
CA ASP C 401 36.28 -51.85 14.73
C ASP C 401 37.09 -50.91 15.64
N ASP C 402 38.06 -51.50 16.35
CA ASP C 402 38.91 -50.69 17.25
C ASP C 402 39.68 -49.64 16.46
N TYR C 403 40.05 -49.94 15.22
CA TYR C 403 40.70 -48.93 14.40
C TYR C 403 39.82 -47.69 14.28
N ARG C 404 38.50 -47.88 14.13
CA ARG C 404 37.57 -46.76 14.04
C ARG C 404 37.53 -45.96 15.34
N ILE C 405 37.73 -46.62 16.49
CA ILE C 405 37.67 -45.90 17.76
C ILE C 405 38.91 -45.03 17.96
N ASP C 406 40.10 -45.59 17.73
CA ASP C 406 41.34 -44.80 17.83
C ASP C 406 41.32 -43.60 16.89
N PHE C 407 40.87 -43.80 15.65
CA PHE C 407 40.76 -42.70 14.68
C PHE C 407 39.94 -41.55 15.24
N MET C 408 38.81 -41.86 15.88
CA MET C 408 37.98 -40.81 16.45
C MET C 408 38.65 -40.17 17.67
N LYS C 409 39.27 -41.00 18.52
CA LYS C 409 40.05 -40.47 19.63
C LYS C 409 41.11 -39.49 19.13
N GLU C 410 41.84 -39.86 18.08
CA GLU C 410 42.91 -39.00 17.57
C GLU C 410 42.36 -37.67 17.06
N HIS C 411 41.26 -37.70 16.31
CA HIS C 411 40.76 -36.48 15.69
C HIS C 411 39.98 -35.64 16.68
N LEU C 412 39.33 -36.28 17.66
CA LEU C 412 38.66 -35.53 18.72
C LEU C 412 39.65 -34.87 19.65
N THR C 413 40.81 -35.51 19.88
CA THR C 413 41.87 -34.88 20.65
C THR C 413 42.35 -33.61 19.98
N ALA C 414 42.57 -33.68 18.66
CA ALA C 414 42.96 -32.49 17.91
C ALA C 414 41.88 -31.43 17.98
N LEU C 415 40.62 -31.83 17.82
CA LEU C 415 39.52 -30.86 17.84
C LEU C 415 39.44 -30.15 19.20
N ALA C 416 39.65 -30.89 20.28
CA ALA C 416 39.59 -30.29 21.61
C ALA C 416 40.64 -29.21 21.77
N LYS C 417 41.87 -29.45 21.28
CA LYS C 417 42.87 -28.40 21.26
C LYS C 417 42.35 -27.13 20.59
N GLY C 418 41.67 -27.28 19.45
CA GLY C 418 41.09 -26.12 18.77
C GLY C 418 40.03 -25.43 19.61
N ILE C 419 39.17 -26.21 20.27
CA ILE C 419 38.16 -25.65 21.15
C ILE C 419 38.80 -24.97 22.35
N ALA C 420 39.90 -25.55 22.87
CA ALA C 420 40.54 -25.00 24.04
C ALA C 420 41.21 -23.65 23.72
N ALA C 421 41.76 -23.53 22.52
CA ALA C 421 42.29 -22.26 22.05
C ALA C 421 41.22 -21.22 21.75
N GLY C 422 39.94 -21.59 21.77
CA GLY C 422 38.86 -20.64 21.63
C GLY C 422 38.01 -20.74 20.37
N SER C 423 38.13 -21.80 19.58
CA SER C 423 37.32 -21.91 18.38
C SER C 423 35.90 -22.33 18.74
N ASN C 424 34.92 -21.69 18.10
CA ASN C 424 33.51 -21.86 18.46
C ASN C 424 32.90 -23.11 17.81
N CYS C 425 33.52 -24.26 18.08
CA CYS C 425 32.98 -25.54 17.58
C CYS C 425 31.92 -26.06 18.54
N GLN C 426 30.79 -26.51 17.98
CA GLN C 426 29.61 -26.86 18.74
C GLN C 426 29.13 -28.29 18.55
N GLY C 427 29.77 -29.07 17.68
CA GLY C 427 29.35 -30.44 17.54
C GLY C 427 30.34 -31.25 16.74
N TYR C 428 30.08 -32.55 16.68
CA TYR C 428 30.94 -33.49 15.97
C TYR C 428 30.04 -34.60 15.45
N PHE C 429 29.98 -34.72 14.14
CA PHE C 429 29.07 -35.63 13.45
C PHE C 429 29.90 -36.67 12.72
N VAL C 430 29.67 -37.93 13.04
CA VAL C 430 30.43 -39.02 12.44
C VAL C 430 29.83 -39.33 11.07
N TRP C 431 30.70 -39.46 10.08
CA TRP C 431 30.30 -40.14 8.86
C TRP C 431 30.73 -41.60 9.01
N SER C 432 29.79 -42.53 9.16
CA SER C 432 28.35 -42.29 9.11
C SER C 432 27.66 -43.08 10.22
N GLY C 433 26.34 -42.94 10.36
CA GLY C 433 25.63 -43.71 11.37
C GLY C 433 25.47 -45.17 10.99
N ILE C 434 24.82 -45.41 9.86
CA ILE C 434 24.65 -46.75 9.31
C ILE C 434 25.40 -46.81 7.99
N ASP C 435 26.10 -47.94 7.74
CA ASP C 435 26.78 -48.12 6.47
C ASP C 435 25.86 -47.72 5.32
N CYS C 436 26.33 -46.84 4.45
CA CYS C 436 25.49 -46.35 3.38
C CYS C 436 26.23 -46.40 2.05
N TRP C 437 25.51 -46.07 0.99
CA TRP C 437 25.96 -46.35 -0.37
C TRP C 437 26.83 -45.19 -0.85
N SER C 438 28.09 -45.50 -1.18
CA SER C 438 29.09 -44.46 -1.41
C SER C 438 29.32 -44.24 -2.91
N TRP C 439 28.24 -43.87 -3.59
CA TRP C 439 28.28 -43.47 -5.01
C TRP C 439 28.90 -44.63 -5.80
N ASN C 440 29.86 -44.37 -6.69
CA ASN C 440 30.42 -45.46 -7.49
C ASN C 440 31.19 -46.46 -6.63
N HIS C 441 31.67 -46.07 -5.45
CA HIS C 441 32.31 -47.04 -4.55
C HIS C 441 31.30 -47.92 -3.82
N ALA C 442 30.01 -47.57 -3.85
CA ALA C 442 28.92 -48.38 -3.29
C ALA C 442 29.28 -48.79 -1.86
N TYR C 443 29.23 -50.08 -1.51
CA TYR C 443 29.50 -50.55 -0.16
C TYR C 443 30.88 -51.17 -0.01
N HIS C 444 31.83 -50.78 -0.87
CA HIS C 444 33.17 -51.35 -0.79
C HIS C 444 33.83 -51.01 0.54
N ASN C 445 33.84 -49.74 0.90
CA ASN C 445 34.35 -49.27 2.18
C ASN C 445 33.19 -48.91 3.10
N ARG C 446 33.26 -49.40 4.35
CA ARG C 446 32.25 -49.14 5.37
C ARG C 446 32.70 -48.04 6.30
N TYR C 447 31.81 -47.10 6.58
CA TYR C 447 32.10 -45.98 7.45
C TYR C 447 31.26 -45.91 8.71
N GLY C 448 30.25 -46.73 8.86
CA GLY C 448 29.28 -46.51 9.92
C GLY C 448 29.70 -47.04 11.29
N LEU C 449 29.02 -46.53 12.31
CA LEU C 449 28.99 -47.13 13.64
C LEU C 449 28.09 -48.35 13.69
N ILE C 450 27.29 -48.55 12.64
CA ILE C 450 26.32 -49.62 12.54
C ILE C 450 26.54 -50.30 11.19
N ARG C 451 26.75 -51.61 11.22
CA ARG C 451 26.94 -52.39 10.02
C ARG C 451 25.59 -52.70 9.38
N ASN C 452 25.58 -52.71 8.05
CA ASN C 452 24.44 -53.24 7.29
C ASN C 452 24.93 -54.39 6.41
N ASP C 453 24.34 -55.57 6.59
CA ASP C 453 24.45 -56.62 5.59
C ASP C 453 23.46 -56.31 4.47
N ILE C 454 23.96 -55.81 3.34
CA ILE C 454 23.11 -55.23 2.31
C ILE C 454 22.31 -56.24 1.52
N HIS C 455 22.60 -57.53 1.68
CA HIS C 455 21.76 -58.54 1.04
C HIS C 455 20.42 -58.66 1.75
N THR C 456 20.42 -58.62 3.09
CA THR C 456 19.21 -58.76 3.89
C THR C 456 18.72 -57.46 4.50
N GLN C 457 19.51 -56.38 4.41
CA GLN C 457 19.20 -55.11 5.07
C GLN C 457 19.05 -55.30 6.59
N THR C 458 19.84 -56.20 7.15
CA THR C 458 19.88 -56.39 8.58
C THR C 458 21.04 -55.56 9.15
N LYS C 459 20.76 -54.76 10.17
CA LYS C 459 21.72 -53.78 10.67
C LYS C 459 22.13 -54.12 12.10
N THR C 460 23.41 -53.93 12.41
CA THR C 460 23.98 -54.37 13.68
C THR C 460 24.98 -53.34 14.16
N LEU C 461 24.85 -52.93 15.43
CA LEU C 461 25.82 -52.02 16.03
C LEU C 461 27.21 -52.62 15.99
N LYS C 462 28.21 -51.79 15.70
CA LYS C 462 29.58 -52.24 15.88
C LYS C 462 30.08 -51.84 17.26
N LYS C 463 31.31 -52.28 17.57
CA LYS C 463 31.96 -51.85 18.81
C LYS C 463 32.03 -50.33 18.91
N SER C 464 32.34 -49.65 17.80
CA SER C 464 32.47 -48.20 17.87
C SER C 464 31.17 -47.52 18.31
N ALA C 465 30.02 -48.18 18.13
CA ALA C 465 28.74 -47.54 18.45
C ALA C 465 28.49 -47.48 19.96
N LYS C 466 28.82 -48.53 20.72
CA LYS C 466 28.73 -48.40 22.17
C LYS C 466 29.72 -47.37 22.67
N TRP C 467 30.92 -47.34 22.07
CA TRP C 467 31.90 -46.35 22.48
C TRP C 467 31.41 -44.93 22.21
N PHE C 468 30.78 -44.69 21.06
CA PHE C 468 30.20 -43.38 20.76
C PHE C 468 29.07 -43.02 21.73
N ALA C 469 28.19 -43.98 22.03
CA ALA C 469 27.17 -43.75 23.05
C ALA C 469 27.78 -43.43 24.40
N GLU C 470 28.86 -44.13 24.77
CA GLU C 470 29.54 -43.84 26.03
C GLU C 470 30.21 -42.47 25.97
N LEU C 471 30.76 -42.14 24.81
CA LEU C 471 31.43 -40.86 24.63
C LEU C 471 30.48 -39.71 24.92
N GLY C 472 29.24 -39.77 24.43
CA GLY C 472 28.30 -38.67 24.64
C GLY C 472 27.68 -38.61 26.03
N GLU C 473 27.34 -39.78 26.63
CA GLU C 473 27.10 -39.79 28.07
C GLU C 473 28.25 -39.09 28.76
N ARG C 474 29.46 -39.34 28.28
CA ARG C 474 30.72 -38.75 28.94
C ARG C 474 31.41 -37.74 28.01
N ASN C 475 30.65 -37.12 27.10
CA ASN C 475 31.07 -35.78 26.57
C ASN C 475 32.60 -35.61 26.66
N GLY C 476 33.32 -36.71 26.38
CA GLY C 476 34.78 -36.72 26.42
C GLY C 476 35.33 -38.12 26.31
N PHE C 477 36.61 -38.22 26.61
CA PHE C 477 37.26 -39.51 26.79
C PHE C 477 38.58 -39.42 27.50
N MET D 17 -64.82 25.86 -35.14
CA MET D 17 -64.16 25.10 -36.20
C MET D 17 -63.29 23.95 -35.66
N VAL D 18 -62.47 24.21 -34.65
CA VAL D 18 -61.65 23.19 -33.99
C VAL D 18 -61.97 23.28 -32.50
N GLU D 19 -62.88 22.44 -32.02
CA GLU D 19 -63.33 22.54 -30.63
C GLU D 19 -62.80 21.38 -29.78
N PHE D 20 -62.83 21.59 -28.47
CA PHE D 20 -62.21 20.71 -27.49
C PHE D 20 -63.23 20.20 -26.47
N PRO D 21 -62.94 19.08 -25.80
CA PRO D 21 -63.91 18.55 -24.86
C PRO D 21 -64.09 19.47 -23.67
N GLU D 22 -65.24 19.33 -23.02
CA GLU D 22 -65.59 20.16 -21.89
C GLU D 22 -64.64 19.92 -20.72
N GLY D 23 -64.23 21.00 -20.06
CA GLY D 23 -63.33 20.92 -18.93
C GLY D 23 -61.86 20.91 -19.29
N PHE D 24 -61.52 20.92 -20.58
CA PHE D 24 -60.14 20.99 -21.02
C PHE D 24 -59.41 22.16 -20.35
N VAL D 25 -58.28 21.86 -19.71
CA VAL D 25 -57.47 22.88 -19.05
C VAL D 25 -56.60 23.59 -20.09
N TRP D 26 -56.66 24.92 -20.11
CA TRP D 26 -55.76 25.78 -20.88
C TRP D 26 -54.78 26.41 -19.91
N GLY D 27 -53.52 25.99 -19.98
CA GLY D 27 -52.57 26.46 -18.98
C GLY D 27 -51.23 26.94 -19.50
N ALA D 28 -50.30 27.22 -18.58
CA ALA D 28 -48.94 27.62 -18.92
C ALA D 28 -47.98 26.87 -18.01
N ALA D 29 -46.71 26.77 -18.45
CA ALA D 29 -45.69 25.99 -17.74
C ALA D 29 -44.38 26.76 -17.65
N THR D 30 -43.71 26.63 -16.49
CA THR D 30 -42.35 27.11 -16.24
C THR D 30 -41.72 26.21 -15.19
N SER D 31 -40.72 26.74 -14.50
CA SER D 31 -40.07 26.06 -13.40
C SER D 31 -39.58 27.13 -12.44
N GLY D 32 -39.32 26.71 -11.20
CA GLY D 32 -38.72 27.59 -10.22
C GLY D 32 -37.39 28.13 -10.63
N PRO D 33 -36.45 27.23 -10.98
CA PRO D 33 -35.10 27.72 -11.39
C PRO D 33 -35.10 28.76 -12.50
N GLN D 34 -36.09 28.71 -13.39
CA GLN D 34 -36.07 29.57 -14.58
C GLN D 34 -36.84 30.87 -14.37
N THR D 35 -37.50 31.04 -13.22
CA THR D 35 -38.34 32.21 -12.98
C THR D 35 -37.98 32.98 -11.71
N GLU D 36 -37.61 32.28 -10.64
CA GLU D 36 -37.59 32.90 -9.32
C GLU D 36 -36.48 33.93 -9.16
N GLY D 37 -35.29 33.64 -9.64
CA GLY D 37 -34.10 34.28 -9.10
C GLY D 37 -33.65 33.62 -7.80
N ASN D 38 -32.41 33.89 -7.41
CA ASN D 38 -31.83 33.21 -6.26
C ASN D 38 -31.92 34.02 -4.98
N PHE D 39 -32.74 35.06 -4.97
CA PHE D 39 -32.93 35.90 -3.78
C PHE D 39 -33.14 35.05 -2.53
N HIS D 40 -32.19 35.20 -1.59
CA HIS D 40 -32.24 34.57 -0.28
C HIS D 40 -32.45 33.07 -0.38
N LYS D 41 -31.98 32.46 -1.46
CA LYS D 41 -32.04 31.00 -1.55
C LYS D 41 -30.86 30.43 -0.78
N GLN D 42 -31.14 29.43 0.06
CA GLN D 42 -30.11 28.93 0.98
C GLN D 42 -29.04 28.15 0.24
N HIS D 43 -29.42 27.28 -0.69
CA HIS D 43 -28.49 26.34 -1.28
C HIS D 43 -28.36 26.60 -2.77
N GLN D 44 -27.19 26.20 -3.31
CA GLN D 44 -26.90 26.25 -4.72
C GLN D 44 -27.31 24.94 -5.39
N ASN D 45 -28.09 25.03 -6.47
CA ASN D 45 -28.27 23.87 -7.34
C ASN D 45 -27.15 23.84 -8.39
N VAL D 46 -27.10 22.77 -9.18
CA VAL D 46 -25.95 22.57 -10.06
C VAL D 46 -25.78 23.75 -11.01
N PHE D 47 -26.89 24.31 -11.50
CA PHE D 47 -26.79 25.44 -12.42
C PHE D 47 -26.31 26.71 -11.71
N ASP D 48 -26.78 26.96 -10.48
CA ASP D 48 -26.27 28.10 -9.72
C ASP D 48 -24.76 28.03 -9.60
N TYR D 49 -24.24 26.87 -9.18
CA TYR D 49 -22.81 26.70 -9.03
C TYR D 49 -22.09 26.86 -10.35
N TRP D 50 -22.62 26.25 -11.41
CA TRP D 50 -22.00 26.36 -12.73
C TRP D 50 -21.89 27.82 -13.16
N PHE D 51 -22.93 28.62 -12.92
CA PHE D 51 -22.89 30.02 -13.34
C PHE D 51 -21.95 30.84 -12.46
N ALA D 52 -21.98 30.61 -11.14
CA ALA D 52 -21.13 31.36 -10.23
C ALA D 52 -19.66 31.13 -10.53
N THR D 53 -19.37 30.07 -11.27
CA THR D 53 -18.05 29.49 -11.46
C THR D 53 -17.58 29.54 -12.90
N GLU D 54 -18.49 29.49 -13.88
CA GLU D 54 -18.14 29.64 -15.30
C GLU D 54 -19.23 30.46 -15.99
N PRO D 55 -19.32 31.75 -15.66
CA PRO D 55 -20.36 32.59 -16.29
C PRO D 55 -20.23 32.66 -17.80
N GLU D 56 -19.04 32.38 -18.35
CA GLU D 56 -18.82 32.45 -19.80
C GLU D 56 -19.64 31.40 -20.55
N GLN D 57 -20.16 30.39 -19.87
CA GLN D 57 -20.94 29.35 -20.52
C GLN D 57 -22.41 29.73 -20.72
N PHE D 58 -22.80 30.97 -20.44
CA PHE D 58 -24.20 31.36 -20.45
C PHE D 58 -24.40 32.58 -21.33
N ASP D 59 -25.50 32.59 -22.09
CA ASP D 59 -25.70 33.62 -23.10
C ASP D 59 -25.69 35.01 -22.46
N ALA D 60 -24.85 35.90 -23.01
CA ALA D 60 -24.73 37.28 -22.55
C ALA D 60 -24.30 37.38 -21.08
N GLY D 61 -23.71 36.32 -20.52
CA GLY D 61 -23.37 36.32 -19.12
C GLY D 61 -24.55 36.42 -18.19
N VAL D 62 -25.73 36.04 -18.65
CA VAL D 62 -26.96 36.16 -17.88
C VAL D 62 -27.23 34.82 -17.23
N GLY D 63 -27.26 34.79 -15.90
CA GLY D 63 -27.49 33.58 -15.15
C GLY D 63 -28.85 33.52 -14.53
N PRO D 64 -29.01 32.58 -13.57
CA PRO D 64 -30.31 32.43 -12.89
C PRO D 64 -30.52 33.29 -11.65
N ASP D 65 -29.59 34.20 -11.32
CA ASP D 65 -29.63 34.88 -10.02
C ASP D 65 -30.83 35.82 -9.89
N THR D 66 -31.23 36.48 -10.97
CA THR D 66 -32.45 37.30 -10.99
C THR D 66 -33.55 36.67 -11.82
N ALA D 67 -33.21 36.02 -12.93
CA ALA D 67 -34.13 35.27 -13.79
C ALA D 67 -35.29 36.20 -14.19
N SER D 68 -36.54 35.83 -13.94
CA SER D 68 -37.65 36.71 -14.24
C SER D 68 -38.25 37.32 -12.98
N ASN D 69 -37.44 37.44 -11.93
CA ASN D 69 -37.80 38.19 -10.74
C ASN D 69 -39.07 37.66 -10.07
N PHE D 70 -39.38 36.37 -10.27
CA PHE D 70 -40.65 35.86 -9.74
C PHE D 70 -40.66 35.84 -8.23
N TYR D 71 -39.48 35.77 -7.60
CA TYR D 71 -39.41 35.80 -6.15
C TYR D 71 -40.02 37.09 -5.60
N ASN D 72 -39.79 38.20 -6.29
CA ASN D 72 -40.17 39.52 -5.84
C ASN D 72 -41.53 39.97 -6.36
N ASP D 73 -41.92 39.49 -7.55
CA ASP D 73 -43.06 40.04 -8.28
C ASP D 73 -44.12 38.99 -8.60
N TYR D 74 -44.16 37.88 -7.85
CA TYR D 74 -45.08 36.79 -8.15
C TYR D 74 -46.52 37.26 -8.26
N ASP D 75 -46.94 38.20 -7.40
CA ASP D 75 -48.34 38.58 -7.35
C ASP D 75 -48.80 39.22 -8.66
N HIS D 76 -48.09 40.27 -9.10
CA HIS D 76 -48.47 40.92 -10.35
C HIS D 76 -48.16 40.04 -11.55
N ASP D 77 -47.09 39.25 -11.48
CA ASP D 77 -46.81 38.28 -12.53
C ASP D 77 -48.00 37.33 -12.73
N LEU D 78 -48.60 36.88 -11.63
CA LEU D 78 -49.72 35.96 -11.75
C LEU D 78 -50.95 36.67 -12.30
N ALA D 79 -51.18 37.93 -11.92
CA ALA D 79 -52.34 38.65 -12.43
C ALA D 79 -52.27 38.80 -13.94
N LEU D 80 -51.07 38.81 -14.50
CA LEU D 80 -50.91 38.97 -15.94
C LEU D 80 -51.10 37.65 -16.68
N MET D 81 -50.61 36.55 -16.11
CA MET D 81 -50.88 35.24 -16.70
C MET D 81 -52.37 34.95 -16.73
N ALA D 82 -53.08 35.30 -15.66
CA ALA D 82 -54.53 35.16 -15.65
C ALA D 82 -55.17 36.01 -16.75
N GLN D 83 -54.64 37.21 -17.01
CA GLN D 83 -55.15 38.00 -18.13
C GLN D 83 -54.87 37.34 -19.47
N ALA D 84 -53.82 36.52 -19.55
CA ALA D 84 -53.49 35.82 -20.79
C ALA D 84 -54.23 34.50 -20.91
N GLY D 85 -55.13 34.20 -19.98
CA GLY D 85 -55.90 32.98 -20.05
C GLY D 85 -55.21 31.77 -19.50
N VAL D 86 -54.29 31.95 -18.54
CA VAL D 86 -53.68 30.83 -17.84
C VAL D 86 -54.70 30.36 -16.81
N GLN D 87 -55.38 29.24 -17.10
CA GLN D 87 -56.34 28.67 -16.16
C GLN D 87 -55.63 27.83 -15.09
N GLY D 88 -54.62 27.08 -15.51
CA GLY D 88 -53.75 26.40 -14.57
C GLY D 88 -52.30 26.71 -14.91
N LEU D 89 -51.47 26.75 -13.88
CA LEU D 89 -50.07 27.09 -14.02
C LEU D 89 -49.24 25.95 -13.45
N ARG D 90 -48.36 25.39 -14.25
CA ARG D 90 -47.42 24.41 -13.73
C ARG D 90 -46.08 25.09 -13.51
N THR D 91 -45.50 24.87 -12.33
CA THR D 91 -44.13 25.28 -12.07
C THR D 91 -43.56 24.33 -11.03
N SER D 92 -42.40 24.66 -10.47
CA SER D 92 -41.71 23.72 -9.60
C SER D 92 -41.25 24.39 -8.32
N ILE D 93 -41.21 23.59 -7.26
CA ILE D 93 -40.60 23.96 -5.99
C ILE D 93 -39.15 23.49 -6.01
N GLN D 94 -38.23 24.37 -5.60
CA GLN D 94 -36.81 24.06 -5.59
C GLN D 94 -36.41 23.43 -4.27
N TRP D 95 -35.91 22.19 -4.36
CA TRP D 95 -35.24 21.50 -3.27
C TRP D 95 -34.27 22.44 -2.55
N THR D 96 -33.49 23.21 -3.31
CA THR D 96 -32.47 24.10 -2.76
C THR D 96 -33.06 25.35 -2.10
N ARG D 97 -34.37 25.57 -2.21
CA ARG D 97 -34.99 26.71 -1.52
C ARG D 97 -35.77 26.29 -0.28
N LEU D 98 -36.47 25.16 -0.35
CA LEU D 98 -37.40 24.79 0.71
C LEU D 98 -36.69 24.13 1.88
N ILE D 99 -35.57 23.45 1.64
CA ILE D 99 -34.95 22.54 2.62
C ILE D 99 -33.78 23.23 3.31
N ASP D 100 -33.75 23.15 4.64
CA ASP D 100 -32.55 23.57 5.37
C ASP D 100 -31.50 22.45 5.29
N ASP D 101 -31.67 21.35 6.04
CA ASP D 101 -30.72 20.24 6.03
C ASP D 101 -31.26 19.11 5.15
N PHE D 102 -30.51 18.78 4.09
CA PHE D 102 -30.94 17.78 3.13
C PHE D 102 -31.10 16.40 3.76
N GLU D 103 -30.24 16.04 4.72
CA GLU D 103 -30.28 14.69 5.30
C GLU D 103 -31.60 14.40 6.01
N THR D 104 -32.21 15.42 6.61
CA THR D 104 -33.46 15.26 7.34
C THR D 104 -34.65 15.96 6.71
N ALA D 105 -34.44 16.75 5.65
CA ALA D 105 -35.50 17.54 5.04
C ALA D 105 -36.13 18.51 6.03
N SER D 106 -35.33 19.04 6.96
CA SER D 106 -35.82 20.11 7.80
C SER D 106 -36.08 21.35 6.94
N LEU D 107 -36.89 22.27 7.45
CA LEU D 107 -37.49 23.31 6.64
C LEU D 107 -36.78 24.65 6.80
N ASN D 108 -36.65 25.35 5.69
CA ASN D 108 -36.24 26.75 5.65
C ASN D 108 -37.52 27.59 5.71
N ALA D 109 -37.72 28.31 6.81
CA ALA D 109 -39.01 28.96 7.06
C ALA D 109 -39.34 29.99 5.97
N ASP D 110 -38.33 30.71 5.47
CA ASP D 110 -38.58 31.71 4.43
C ASP D 110 -38.95 31.06 3.10
N GLY D 111 -38.31 29.94 2.77
CA GLY D 111 -38.74 29.19 1.59
C GLY D 111 -40.19 28.73 1.67
N VAL D 112 -40.55 28.10 2.78
CA VAL D 112 -41.93 27.68 3.01
C VAL D 112 -42.87 28.87 2.87
N ALA D 113 -42.52 29.99 3.48
CA ALA D 113 -43.36 31.19 3.41
C ALA D 113 -43.50 31.66 1.96
N PHE D 114 -42.44 31.56 1.17
CA PHE D 114 -42.51 31.99 -0.22
C PHE D 114 -43.49 31.12 -1.01
N TYR D 115 -43.40 29.80 -0.85
CA TYR D 115 -44.23 28.93 -1.68
C TYR D 115 -45.69 28.95 -1.25
N ASN D 116 -45.95 29.09 0.05
CA ASN D 116 -47.31 29.39 0.50
C ASN D 116 -47.83 30.66 -0.18
N HIS D 117 -47.03 31.73 -0.19
CA HIS D 117 -47.46 32.98 -0.83
C HIS D 117 -47.77 32.78 -2.31
N VAL D 118 -46.88 32.09 -3.03
CA VAL D 118 -47.10 31.84 -4.45
C VAL D 118 -48.39 31.05 -4.66
N ILE D 119 -48.53 29.92 -3.95
CA ILE D 119 -49.70 29.07 -4.15
C ILE D 119 -50.98 29.83 -3.80
N ASP D 120 -50.97 30.53 -2.67
CA ASP D 120 -52.16 31.28 -2.28
C ASP D 120 -52.49 32.37 -3.29
N SER D 121 -51.46 32.97 -3.89
CA SER D 121 -51.70 34.04 -4.85
C SER D 121 -52.27 33.48 -6.16
N MET D 122 -51.87 32.25 -6.52
CA MET D 122 -52.45 31.59 -7.68
C MET D 122 -53.95 31.41 -7.50
N LEU D 123 -54.37 30.92 -6.33
CA LEU D 123 -55.78 30.67 -6.12
C LEU D 123 -56.56 31.97 -6.00
N ALA D 124 -55.96 33.01 -5.41
CA ALA D 124 -56.60 34.33 -5.41
C ALA D 124 -56.82 34.83 -6.84
N HIS D 125 -55.96 34.44 -7.77
CA HIS D 125 -56.11 34.78 -9.18
C HIS D 125 -56.82 33.69 -9.98
N HIS D 126 -57.39 32.68 -9.31
CA HIS D 126 -58.16 31.63 -9.98
C HIS D 126 -57.33 30.90 -11.03
N ILE D 127 -56.06 30.67 -10.73
CA ILE D 127 -55.22 29.75 -11.47
C ILE D 127 -55.13 28.46 -10.67
N THR D 128 -55.43 27.33 -11.31
CA THR D 128 -55.26 26.05 -10.63
C THR D 128 -53.77 25.71 -10.54
N PRO D 129 -53.27 25.30 -9.38
CA PRO D 129 -51.82 24.98 -9.26
C PRO D 129 -51.50 23.55 -9.72
N TYR D 130 -50.50 23.44 -10.59
CA TYR D 130 -49.90 22.17 -10.99
C TYR D 130 -48.44 22.22 -10.55
N ILE D 131 -48.10 21.49 -9.49
CA ILE D 131 -46.79 21.63 -8.85
C ILE D 131 -45.91 20.42 -9.17
N ASN D 132 -44.77 20.68 -9.82
CA ASN D 132 -43.76 19.68 -10.14
C ASN D 132 -42.62 19.77 -9.12
N LEU D 133 -42.06 18.62 -8.76
CA LEU D 133 -41.07 18.58 -7.70
C LEU D 133 -39.62 18.77 -8.15
N HIS D 134 -39.28 18.53 -9.43
CA HIS D 134 -37.87 18.58 -9.79
C HIS D 134 -37.69 18.94 -11.26
N HIS D 135 -36.90 19.99 -11.53
CA HIS D 135 -36.67 20.50 -12.88
C HIS D 135 -35.17 20.83 -13.00
N PHE D 136 -34.36 19.79 -13.20
CA PHE D 136 -32.92 19.87 -13.45
C PHE D 136 -32.15 20.49 -12.29
N ASP D 137 -32.72 20.58 -11.10
CA ASP D 137 -32.10 21.41 -10.07
C ASP D 137 -31.59 20.63 -8.86
N LEU D 138 -30.77 19.61 -9.11
CA LEU D 138 -30.11 18.88 -8.04
C LEU D 138 -29.26 19.84 -7.20
N PRO D 139 -29.36 19.78 -5.87
CA PRO D 139 -28.39 20.51 -5.01
C PRO D 139 -26.95 20.11 -5.31
N VAL D 140 -26.10 21.12 -5.52
CA VAL D 140 -24.73 20.83 -5.87
C VAL D 140 -24.01 20.15 -4.70
N ALA D 141 -24.42 20.44 -3.47
CA ALA D 141 -23.80 19.77 -2.33
C ALA D 141 -24.07 18.28 -2.33
N LEU D 142 -25.23 17.85 -2.85
CA LEU D 142 -25.48 16.41 -2.94
C LEU D 142 -24.63 15.77 -4.04
N TYR D 143 -24.23 16.53 -5.06
CA TYR D 143 -23.29 15.98 -6.03
C TYR D 143 -21.90 15.84 -5.42
N ASP D 144 -21.40 16.91 -4.76
CA ASP D 144 -20.07 16.87 -4.20
C ASP D 144 -19.93 15.71 -3.21
N LYS D 145 -20.94 15.52 -2.35
CA LYS D 145 -20.87 14.54 -1.28
C LYS D 145 -21.20 13.11 -1.75
N TYR D 146 -22.10 12.93 -2.71
CA TYR D 146 -22.59 11.59 -3.02
C TYR D 146 -22.55 11.24 -4.50
N HIS D 147 -22.17 12.18 -5.37
CA HIS D 147 -22.38 12.10 -6.82
C HIS D 147 -23.87 12.06 -7.18
N GLY D 148 -24.68 12.81 -6.43
CA GLY D 148 -26.00 13.18 -6.91
C GLY D 148 -26.89 12.00 -7.20
N TRP D 149 -27.46 11.98 -8.42
CA TRP D 149 -28.45 10.96 -8.80
C TRP D 149 -27.83 9.58 -8.98
N GLU D 150 -26.50 9.46 -8.88
CA GLU D 150 -25.88 8.14 -8.87
C GLU D 150 -26.08 7.42 -7.55
N SER D 151 -26.49 8.15 -6.50
CA SER D 151 -26.58 7.60 -5.15
C SER D 151 -28.04 7.31 -4.80
N LYS D 152 -28.31 6.06 -4.43
CA LYS D 152 -29.62 5.71 -3.91
C LYS D 152 -29.90 6.34 -2.55
N HIS D 153 -28.87 6.78 -1.82
CA HIS D 153 -29.14 7.62 -0.65
C HIS D 153 -29.77 8.94 -1.05
N VAL D 154 -29.24 9.58 -2.09
CA VAL D 154 -29.83 10.83 -2.57
C VAL D 154 -31.27 10.59 -3.00
N VAL D 155 -31.57 9.43 -3.58
CA VAL D 155 -32.93 9.12 -3.97
C VAL D 155 -33.86 9.16 -2.76
N GLU D 156 -33.41 8.62 -1.62
CA GLU D 156 -34.19 8.70 -0.38
C GLU D 156 -34.36 10.13 0.09
N LEU D 157 -33.31 10.95 -0.03
CA LEU D 157 -33.37 12.32 0.45
C LEU D 157 -34.39 13.13 -0.36
N PHE D 158 -34.53 12.78 -1.64
CA PHE D 158 -35.55 13.43 -2.47
C PHE D 158 -36.94 13.03 -2.03
N VAL D 159 -37.12 11.78 -1.59
CA VAL D 159 -38.45 11.39 -1.12
C VAL D 159 -38.80 12.14 0.16
N LYS D 160 -37.82 12.34 1.05
CA LYS D 160 -38.03 13.13 2.24
C LYS D 160 -38.47 14.55 1.86
N PHE D 161 -37.77 15.14 0.89
CA PHE D 161 -38.14 16.45 0.37
C PHE D 161 -39.55 16.44 -0.18
N ALA D 162 -39.87 15.43 -1.00
CA ALA D 162 -41.20 15.35 -1.60
C ALA D 162 -42.28 15.22 -0.55
N GLU D 163 -41.99 14.49 0.53
CA GLU D 163 -42.96 14.33 1.62
C GLU D 163 -43.28 15.67 2.28
N GLN D 164 -42.26 16.51 2.48
CA GLN D 164 -42.51 17.81 3.10
C GLN D 164 -43.41 18.69 2.21
N CYS D 165 -43.20 18.64 0.88
CA CYS D 165 -44.05 19.41 -0.02
C CYS D 165 -45.50 18.95 0.07
N PHE D 166 -45.70 17.63 0.13
CA PHE D 166 -47.06 17.09 0.24
C PHE D 166 -47.72 17.54 1.54
N LYS D 167 -46.97 17.48 2.64
CA LYS D 167 -47.57 17.82 3.93
C LYS D 167 -47.82 19.31 4.04
N LEU D 168 -46.98 20.13 3.38
CA LEU D 168 -47.10 21.57 3.52
C LEU D 168 -48.14 22.17 2.57
N PHE D 169 -48.32 21.59 1.39
CA PHE D 169 -49.14 22.24 0.36
C PHE D 169 -50.24 21.35 -0.19
N GLY D 170 -50.31 20.09 0.22
CA GLY D 170 -51.32 19.18 -0.27
C GLY D 170 -52.73 19.57 0.14
N ASP D 171 -52.86 20.52 1.07
CA ASP D 171 -54.20 20.97 1.43
C ASP D 171 -54.86 21.79 0.32
N ARG D 172 -54.08 22.40 -0.58
CA ARG D 172 -54.74 23.12 -1.66
C ARG D 172 -54.02 22.96 -3.00
N VAL D 173 -53.32 21.84 -3.19
CA VAL D 173 -52.74 21.46 -4.48
C VAL D 173 -53.16 20.03 -4.79
N ASP D 174 -53.98 19.85 -5.83
CA ASP D 174 -54.47 18.54 -6.24
C ASP D 174 -53.55 17.82 -7.24
N HIS D 175 -52.81 18.56 -8.08
CA HIS D 175 -52.10 17.99 -9.22
C HIS D 175 -50.60 18.13 -9.02
N TRP D 176 -49.89 16.99 -9.06
CA TRP D 176 -48.46 16.96 -8.79
C TRP D 176 -47.69 16.22 -9.87
N TYR D 177 -46.40 16.54 -9.97
CA TYR D 177 -45.46 15.84 -10.84
C TYR D 177 -44.20 15.50 -10.06
N THR D 178 -43.71 14.28 -10.25
CA THR D 178 -42.46 13.90 -9.59
C THR D 178 -41.27 14.61 -10.24
N PHE D 179 -41.17 14.53 -11.57
CA PHE D 179 -40.06 15.05 -12.33
C PHE D 179 -40.55 15.66 -13.63
N ASN D 180 -39.83 16.67 -14.11
CA ASN D 180 -39.94 17.15 -15.49
C ASN D 180 -38.80 16.52 -16.28
N GLU D 181 -39.13 15.56 -17.15
CA GLU D 181 -38.19 14.92 -18.07
C GLU D 181 -36.88 14.48 -17.42
N PRO D 182 -36.88 13.41 -16.62
CA PRO D 182 -35.60 12.92 -16.08
C PRO D 182 -34.56 12.58 -17.15
N LYS D 183 -34.98 12.20 -18.37
CA LYS D 183 -34.03 11.91 -19.44
C LYS D 183 -33.12 13.10 -19.75
N VAL D 184 -33.62 14.33 -19.55
CA VAL D 184 -32.76 15.49 -19.80
C VAL D 184 -31.70 15.62 -18.72
N VAL D 185 -31.99 15.13 -17.52
CA VAL D 185 -30.98 15.13 -16.47
C VAL D 185 -29.92 14.06 -16.75
N VAL D 186 -30.37 12.87 -17.16
CA VAL D 186 -29.45 11.81 -17.58
C VAL D 186 -28.58 12.33 -18.73
N ASP D 187 -29.22 12.81 -19.79
CA ASP D 187 -28.49 13.27 -20.96
C ASP D 187 -27.53 14.40 -20.60
N GLY D 188 -28.02 15.41 -19.89
CA GLY D 188 -27.21 16.61 -19.68
C GLY D 188 -26.11 16.41 -18.64
N GLN D 189 -26.42 15.69 -17.57
CA GLN D 189 -25.42 15.53 -16.55
C GLN D 189 -24.41 14.45 -16.88
N TYR D 190 -24.78 13.42 -17.66
CA TYR D 190 -23.92 12.25 -17.76
C TYR D 190 -23.59 11.78 -19.17
N LEU D 191 -24.03 12.47 -20.23
CA LEU D 191 -23.71 11.97 -21.56
C LEU D 191 -23.16 13.03 -22.51
N TYR D 192 -23.78 14.20 -22.57
CA TYR D 192 -23.46 15.14 -23.63
C TYR D 192 -22.99 16.51 -23.13
N GLY D 193 -22.70 16.64 -21.83
CA GLY D 193 -22.13 17.90 -21.35
C GLY D 193 -23.08 19.06 -21.19
N TRP D 194 -24.41 18.85 -21.26
CA TRP D 194 -25.34 19.97 -21.22
C TRP D 194 -25.49 20.55 -19.81
N HIS D 195 -25.45 19.69 -18.77
CA HIS D 195 -25.60 20.11 -17.39
C HIS D 195 -24.31 19.87 -16.61
N TYR D 196 -23.91 20.86 -15.82
CA TYR D 196 -22.94 20.62 -14.77
C TYR D 196 -23.51 19.46 -13.98
N PRO D 197 -22.69 18.48 -13.57
CA PRO D 197 -21.24 18.25 -13.57
C PRO D 197 -20.56 17.95 -14.94
N GLN D 198 -21.30 17.88 -16.05
CA GLN D 198 -20.72 17.59 -17.37
C GLN D 198 -19.86 16.32 -17.35
N VAL D 199 -20.42 15.23 -16.82
CA VAL D 199 -19.76 13.94 -16.87
C VAL D 199 -20.10 13.28 -18.20
N ILE D 200 -19.13 12.59 -18.81
CA ILE D 200 -19.35 11.87 -20.07
C ILE D 200 -19.07 10.39 -19.80
N ASN D 201 -20.11 9.60 -19.58
CA ASN D 201 -19.94 8.24 -19.07
C ASN D 201 -21.23 7.44 -19.18
N GLY D 202 -21.37 6.67 -20.27
CA GLY D 202 -22.54 5.85 -20.53
C GLY D 202 -23.02 5.00 -19.37
N PRO D 203 -22.15 4.11 -18.87
CA PRO D 203 -22.51 3.29 -17.70
C PRO D 203 -23.15 4.07 -16.56
N LYS D 204 -22.57 5.21 -16.15
CA LYS D 204 -23.20 5.99 -15.08
C LYS D 204 -24.58 6.50 -15.49
N ALA D 205 -24.74 6.91 -16.77
CA ALA D 205 -26.03 7.36 -17.25
C ALA D 205 -27.07 6.28 -17.12
N VAL D 206 -26.72 5.04 -17.44
CA VAL D 206 -27.68 3.96 -17.29
C VAL D 206 -28.15 3.88 -15.84
N GLN D 207 -27.21 3.96 -14.90
CA GLN D 207 -27.56 3.82 -13.48
C GLN D 207 -28.37 5.00 -12.99
N VAL D 208 -28.13 6.19 -13.54
CA VAL D 208 -28.87 7.37 -13.12
C VAL D 208 -30.29 7.34 -13.67
N ALA D 209 -30.46 6.87 -14.91
CA ALA D 209 -31.82 6.72 -15.44
C ALA D 209 -32.64 5.75 -14.59
N TYR D 210 -32.00 4.66 -14.15
CA TYR D 210 -32.70 3.70 -13.31
C TYR D 210 -33.02 4.29 -11.94
N ASN D 211 -32.05 4.98 -11.33
CA ASN D 211 -32.26 5.58 -10.01
C ASN D 211 -33.39 6.59 -10.01
N MET D 212 -33.55 7.34 -11.11
CA MET D 212 -34.56 8.38 -11.13
C MET D 212 -35.95 7.80 -11.33
N ASN D 213 -36.08 6.79 -12.18
CA ASN D 213 -37.31 6.02 -12.22
C ASN D 213 -37.68 5.52 -10.82
N LEU D 214 -36.67 5.08 -10.07
CA LEU D 214 -36.92 4.56 -8.73
C LEU D 214 -37.36 5.68 -7.80
N ALA D 215 -36.75 6.86 -7.90
CA ALA D 215 -37.19 7.98 -7.07
C ALA D 215 -38.64 8.34 -7.35
N SER D 216 -39.05 8.28 -8.61
CA SER D 216 -40.40 8.71 -8.95
C SER D 216 -41.43 7.71 -8.42
N ALA D 217 -41.18 6.41 -8.62
CA ALA D 217 -42.07 5.41 -8.04
C ALA D 217 -42.12 5.55 -6.52
N LYS D 218 -40.96 5.77 -5.87
CA LYS D 218 -40.97 5.92 -4.42
C LYS D 218 -41.74 7.15 -3.99
N THR D 219 -41.69 8.22 -4.81
CA THR D 219 -42.46 9.42 -4.52
C THR D 219 -43.96 9.17 -4.71
N VAL D 220 -44.34 8.42 -5.73
CA VAL D 220 -45.76 8.09 -5.93
C VAL D 220 -46.30 7.33 -4.73
N ALA D 221 -45.53 6.36 -4.21
CA ALA D 221 -45.96 5.60 -3.03
C ALA D 221 -46.17 6.52 -1.83
N ARG D 222 -45.18 7.38 -1.55
CA ARG D 222 -45.30 8.30 -0.43
C ARG D 222 -46.51 9.22 -0.60
N PHE D 223 -46.76 9.66 -1.83
CA PHE D 223 -47.87 10.59 -2.09
C PHE D 223 -49.20 9.94 -1.75
N HIS D 224 -49.41 8.70 -2.17
CA HIS D 224 -50.67 8.05 -1.88
C HIS D 224 -50.74 7.55 -0.45
N GLU D 225 -49.60 7.44 0.24
CA GLU D 225 -49.65 7.21 1.68
C GLU D 225 -50.31 8.39 2.39
N LEU D 226 -50.11 9.60 1.87
CA LEU D 226 -50.58 10.82 2.52
C LEU D 226 -51.82 11.43 1.89
N SER D 227 -52.14 11.07 0.66
CA SER D 227 -53.28 11.68 -0.02
C SER D 227 -54.55 11.42 0.77
N VAL D 228 -55.35 12.48 0.94
CA VAL D 228 -56.62 12.39 1.65
C VAL D 228 -57.82 12.60 0.72
N ARG D 229 -57.70 13.41 -0.33
CA ARG D 229 -58.84 13.56 -1.22
C ARG D 229 -58.68 12.70 -2.46
N PRO D 230 -59.78 12.21 -3.06
CA PRO D 230 -59.64 11.44 -4.30
C PRO D 230 -59.22 12.26 -5.51
N GLU D 231 -59.40 13.59 -5.47
CA GLU D 231 -58.92 14.44 -6.56
C GLU D 231 -57.39 14.49 -6.64
N GLN D 232 -56.71 14.29 -5.51
CA GLN D 232 -55.26 14.38 -5.52
C GLN D 232 -54.65 13.28 -6.38
N GLN D 233 -53.81 13.70 -7.33
CA GLN D 233 -53.14 12.77 -8.22
C GLN D 233 -51.74 13.27 -8.50
N ILE D 234 -50.83 12.36 -8.82
CA ILE D 234 -49.45 12.70 -9.11
C ILE D 234 -49.02 12.03 -10.40
N GLY D 235 -48.33 12.78 -11.26
CA GLY D 235 -47.87 12.27 -12.53
C GLY D 235 -46.39 12.48 -12.77
N ILE D 236 -45.94 12.20 -13.99
CA ILE D 236 -44.58 12.46 -14.40
C ILE D 236 -44.63 13.11 -15.79
N ILE D 237 -43.69 14.01 -16.05
CA ILE D 237 -43.64 14.76 -17.30
C ILE D 237 -42.52 14.19 -18.16
N LEU D 238 -42.89 13.60 -19.29
CA LEU D 238 -41.96 12.94 -20.19
C LEU D 238 -42.04 13.56 -21.58
N ASN D 239 -40.99 13.34 -22.37
CA ASN D 239 -41.03 13.59 -23.79
C ASN D 239 -41.19 12.25 -24.50
N LEU D 240 -42.29 12.11 -25.27
CA LEU D 240 -42.64 10.85 -25.94
C LEU D 240 -42.59 10.99 -27.45
N THR D 241 -41.71 11.85 -27.97
CA THR D 241 -41.65 12.07 -29.41
C THR D 241 -41.22 10.78 -30.11
N PRO D 242 -41.98 10.31 -31.10
CA PRO D 242 -41.60 9.06 -31.78
C PRO D 242 -40.28 9.19 -32.50
N ALA D 243 -39.56 8.07 -32.61
CA ALA D 243 -38.31 8.00 -33.38
C ALA D 243 -38.63 7.57 -34.81
N TYR D 244 -38.70 8.55 -35.71
CA TYR D 244 -38.99 8.27 -37.12
C TYR D 244 -37.71 7.80 -37.81
N ALA D 245 -37.75 6.60 -38.37
CA ALA D 245 -36.62 6.07 -39.13
C ALA D 245 -36.36 6.91 -40.37
N ALA D 246 -35.11 6.94 -40.80
CA ALA D 246 -34.76 7.71 -42.00
C ALA D 246 -35.31 7.05 -43.24
N SER D 247 -35.11 5.74 -43.37
CA SER D 247 -35.67 4.93 -44.44
C SER D 247 -36.12 3.61 -43.84
N ASP D 248 -36.60 2.71 -44.69
CA ASP D 248 -36.96 1.39 -44.21
C ASP D 248 -35.90 0.34 -44.53
N ASP D 249 -34.68 0.77 -44.80
CA ASP D 249 -33.54 -0.14 -44.78
C ASP D 249 -33.41 -0.74 -43.37
N PRO D 250 -33.14 -2.05 -43.26
CA PRO D 250 -33.09 -2.67 -41.93
C PRO D 250 -32.15 -1.97 -40.96
N ALA D 251 -31.07 -1.35 -41.43
CA ALA D 251 -30.15 -0.69 -40.49
C ALA D 251 -30.81 0.53 -39.84
N ASP D 252 -31.68 1.23 -40.56
CA ASP D 252 -32.30 2.43 -40.02
C ASP D 252 -33.43 2.09 -39.05
N LEU D 253 -34.21 1.05 -39.33
CA LEU D 253 -35.25 0.70 -38.37
C LEU D 253 -34.69 -0.01 -37.15
N ALA D 254 -33.53 -0.66 -37.26
CA ALA D 254 -32.81 -1.12 -36.08
C ALA D 254 -32.40 0.05 -35.21
N ALA D 255 -31.92 1.13 -35.83
CA ALA D 255 -31.56 2.33 -35.09
C ALA D 255 -32.79 2.98 -34.48
N ALA D 256 -33.86 3.12 -35.26
CA ALA D 256 -35.10 3.69 -34.74
C ALA D 256 -35.68 2.82 -33.62
N GLU D 257 -35.53 1.50 -33.72
CA GLU D 257 -36.01 0.61 -32.66
C GLU D 257 -35.32 0.92 -31.34
N PHE D 258 -33.98 0.98 -31.35
CA PHE D 258 -33.27 1.22 -30.10
C PHE D 258 -33.53 2.63 -29.59
N ALA D 259 -33.48 3.62 -30.49
CA ALA D 259 -33.71 5.01 -30.10
C ALA D 259 -35.07 5.19 -29.42
N GLU D 260 -36.07 4.39 -29.82
CA GLU D 260 -37.39 4.44 -29.20
C GLU D 260 -37.36 3.84 -27.80
N LEU D 261 -36.82 2.62 -27.70
CA LEU D 261 -36.66 1.98 -26.41
C LEU D 261 -35.88 2.85 -25.44
N TRP D 262 -34.81 3.51 -25.92
CA TRP D 262 -33.95 4.26 -25.02
C TRP D 262 -34.53 5.62 -24.65
N SER D 263 -35.14 6.32 -25.61
CA SER D 263 -35.57 7.69 -25.32
C SER D 263 -36.96 7.76 -24.74
N ASN D 264 -37.84 6.82 -25.06
CA ASN D 264 -39.20 6.86 -24.55
C ASN D 264 -39.50 5.73 -23.56
N ASN D 265 -39.30 4.47 -23.96
CA ASN D 265 -39.77 3.36 -23.13
C ASN D 265 -39.01 3.25 -21.81
N LEU D 266 -37.76 3.76 -21.79
CA LEU D 266 -36.92 3.71 -20.60
C LEU D 266 -37.60 4.34 -19.39
N PHE D 267 -38.42 5.37 -19.62
CA PHE D 267 -39.12 6.06 -18.55
C PHE D 267 -40.62 5.82 -18.57
N LEU D 268 -41.21 5.79 -19.76
CA LEU D 268 -42.65 5.66 -19.84
C LEU D 268 -43.12 4.28 -19.38
N ASP D 269 -42.43 3.21 -19.80
CA ASP D 269 -42.85 1.88 -19.37
C ASP D 269 -42.77 1.70 -17.86
N PRO D 270 -41.69 2.08 -17.16
CA PRO D 270 -41.74 1.93 -15.69
C PRO D 270 -42.84 2.79 -15.10
N ALA D 271 -43.01 4.03 -15.60
CA ALA D 271 -43.92 4.99 -14.98
C ALA D 271 -45.37 4.54 -15.09
N VAL D 272 -45.73 3.93 -16.21
CA VAL D 272 -47.12 3.65 -16.54
C VAL D 272 -47.42 2.15 -16.47
N LEU D 273 -46.49 1.32 -16.93
CA LEU D 273 -46.71 -0.11 -16.97
C LEU D 273 -46.16 -0.84 -15.75
N GLY D 274 -45.29 -0.20 -14.97
CA GLY D 274 -44.69 -0.81 -13.81
C GLY D 274 -43.47 -1.66 -14.08
N HIS D 275 -42.88 -1.60 -15.27
CA HIS D 275 -41.73 -2.44 -15.55
C HIS D 275 -40.89 -1.85 -16.69
N PHE D 276 -39.59 -2.14 -16.66
CA PHE D 276 -38.70 -1.67 -17.70
C PHE D 276 -38.90 -2.48 -18.98
N PRO D 277 -38.65 -1.89 -20.14
CA PRO D 277 -38.85 -2.62 -21.40
C PRO D 277 -37.82 -3.74 -21.55
N GLU D 278 -38.31 -4.97 -21.75
CA GLU D 278 -37.45 -6.14 -21.60
C GLU D 278 -36.36 -6.18 -22.66
N LYS D 279 -36.69 -5.85 -23.91
CA LYS D 279 -35.66 -5.92 -24.93
C LYS D 279 -34.60 -4.84 -24.76
N LEU D 280 -34.95 -3.70 -24.13
CA LEU D 280 -33.92 -2.77 -23.70
C LEU D 280 -33.03 -3.41 -22.64
N VAL D 281 -33.61 -4.03 -21.61
CA VAL D 281 -32.75 -4.56 -20.54
C VAL D 281 -31.86 -5.66 -21.12
N GLU D 282 -32.39 -6.44 -22.06
CA GLU D 282 -31.59 -7.49 -22.68
C GLU D 282 -30.35 -6.90 -23.37
N ARG D 283 -30.51 -5.78 -24.10
CA ARG D 283 -29.35 -5.19 -24.77
C ARG D 283 -28.40 -4.51 -23.79
N LEU D 284 -28.94 -3.80 -22.79
CA LEU D 284 -28.08 -3.27 -21.74
C LEU D 284 -27.34 -4.39 -21.03
N THR D 285 -27.97 -5.56 -20.92
CA THR D 285 -27.28 -6.69 -20.30
C THR D 285 -26.16 -7.19 -21.19
N MET D 286 -26.46 -7.46 -22.47
CA MET D 286 -25.45 -7.98 -23.37
C MET D 286 -24.23 -7.06 -23.46
N ASP D 287 -24.44 -5.75 -23.29
CA ASP D 287 -23.35 -4.79 -23.40
C ASP D 287 -22.65 -4.53 -22.07
N GLY D 288 -23.05 -5.21 -20.99
CA GLY D 288 -22.36 -5.08 -19.72
C GLY D 288 -22.56 -3.77 -18.99
N VAL D 289 -23.68 -3.07 -19.22
CA VAL D 289 -23.85 -1.76 -18.62
C VAL D 289 -25.16 -1.65 -17.87
N LEU D 290 -25.78 -2.79 -17.56
CA LEU D 290 -27.06 -2.76 -16.86
C LEU D 290 -26.90 -2.07 -15.51
N TRP D 291 -27.93 -1.32 -15.12
CA TRP D 291 -28.01 -0.78 -13.77
C TRP D 291 -27.96 -1.91 -12.74
N ASP D 292 -27.69 -1.53 -11.48
CA ASP D 292 -27.83 -2.42 -10.33
C ASP D 292 -29.19 -2.19 -9.67
N ALA D 293 -30.04 -3.22 -9.72
CA ALA D 293 -31.40 -3.18 -9.18
C ALA D 293 -31.62 -4.31 -8.18
N THR D 294 -32.39 -4.04 -7.08
CA THR D 294 -32.82 -5.12 -6.19
C THR D 294 -34.24 -5.55 -6.51
N PRO D 295 -34.62 -6.79 -6.13
CA PRO D 295 -36.05 -7.16 -6.21
C PRO D 295 -36.98 -6.18 -5.50
N THR D 296 -36.64 -5.73 -4.29
CA THR D 296 -37.49 -4.77 -3.59
C THR D 296 -37.72 -3.51 -4.42
N GLU D 297 -36.67 -3.01 -5.07
CA GLU D 297 -36.79 -1.79 -5.86
C GLU D 297 -37.72 -2.04 -7.05
N LEU D 298 -37.58 -3.18 -7.72
CA LEU D 298 -38.44 -3.49 -8.85
C LEU D 298 -39.89 -3.64 -8.42
N ALA D 299 -40.14 -4.25 -7.24
CA ALA D 299 -41.51 -4.40 -6.78
C ALA D 299 -42.13 -3.04 -6.47
N ILE D 300 -41.36 -2.14 -5.87
CA ILE D 300 -41.83 -0.77 -5.66
C ILE D 300 -42.21 -0.14 -7.00
N ILE D 301 -41.38 -0.31 -8.03
CA ILE D 301 -41.70 0.25 -9.35
C ILE D 301 -42.97 -0.41 -9.91
N ALA D 302 -43.12 -1.73 -9.73
CA ALA D 302 -44.31 -2.37 -10.27
C ALA D 302 -45.57 -1.89 -9.56
N ALA D 303 -45.45 -1.52 -8.29
CA ALA D 303 -46.63 -1.33 -7.44
C ALA D 303 -47.09 0.12 -7.39
N ASN D 304 -46.32 1.06 -7.91
CA ASN D 304 -46.65 2.47 -7.83
C ASN D 304 -46.53 3.17 -9.18
N PRO D 305 -47.37 2.78 -10.15
CA PRO D 305 -47.41 3.54 -11.41
C PRO D 305 -48.08 4.90 -11.19
N VAL D 306 -47.70 5.89 -12.02
CA VAL D 306 -48.21 7.25 -11.87
C VAL D 306 -49.69 7.29 -12.21
N ASP D 307 -50.36 8.38 -11.80
CA ASP D 307 -51.79 8.54 -12.09
C ASP D 307 -52.04 9.12 -13.47
N SER D 308 -51.18 10.02 -13.94
CA SER D 308 -51.39 10.70 -15.21
C SER D 308 -50.05 11.00 -15.86
N LEU D 309 -50.11 11.42 -17.10
CA LEU D 309 -48.93 11.64 -17.92
C LEU D 309 -48.90 13.08 -18.41
N GLY D 310 -47.74 13.72 -18.31
CA GLY D 310 -47.51 15.00 -18.94
C GLY D 310 -46.57 14.81 -20.11
N VAL D 311 -47.00 15.28 -21.28
CA VAL D 311 -46.22 15.12 -22.51
C VAL D 311 -45.67 16.47 -22.92
N ASN D 312 -44.35 16.54 -23.12
CA ASN D 312 -43.70 17.69 -23.74
C ASN D 312 -43.37 17.35 -25.19
N TYR D 313 -43.83 18.19 -26.12
CA TYR D 313 -43.50 18.03 -27.53
C TYR D 313 -43.11 19.37 -28.13
N TYR D 314 -41.97 19.41 -28.82
CA TYR D 314 -41.56 20.61 -29.55
C TYR D 314 -41.25 20.33 -31.01
N HIS D 315 -40.58 19.23 -31.31
CA HIS D 315 -40.07 18.99 -32.66
C HIS D 315 -39.92 17.49 -32.82
N PRO D 316 -39.97 16.97 -34.05
CA PRO D 316 -39.87 15.52 -34.24
C PRO D 316 -38.45 14.99 -34.01
N PHE D 317 -38.29 13.68 -34.16
CA PHE D 317 -37.05 12.98 -33.82
C PHE D 317 -36.80 11.97 -34.93
N ARG D 318 -35.75 12.17 -35.71
CA ARG D 318 -35.46 11.30 -36.85
C ARG D 318 -34.11 10.62 -36.68
N VAL D 319 -34.03 9.36 -37.09
CA VAL D 319 -32.91 8.50 -36.76
C VAL D 319 -32.50 7.66 -37.96
N GLN D 320 -31.20 7.49 -38.16
CA GLN D 320 -30.66 6.55 -39.14
C GLN D 320 -29.57 5.72 -38.46
N ARG D 321 -29.09 4.70 -39.19
CA ARG D 321 -27.97 3.86 -38.77
C ARG D 321 -26.78 4.68 -38.27
N PRO D 322 -25.98 4.15 -37.35
CA PRO D 322 -24.74 4.83 -36.97
C PRO D 322 -23.69 4.68 -38.07
N ASP D 323 -22.71 5.58 -38.06
CA ASP D 323 -21.71 5.57 -39.13
C ASP D 323 -20.85 4.31 -39.05
N ILE D 324 -20.56 3.84 -37.84
CA ILE D 324 -19.71 2.67 -37.63
C ILE D 324 -20.52 1.60 -36.89
N SER D 325 -19.94 0.39 -36.82
CA SER D 325 -20.61 -0.72 -36.18
C SER D 325 -20.67 -0.52 -34.66
N PRO D 326 -21.80 -0.86 -34.02
CA PRO D 326 -21.85 -0.81 -32.56
C PRO D 326 -20.82 -1.68 -31.87
N LYS D 327 -20.15 -2.55 -32.61
CA LYS D 327 -19.10 -3.41 -32.06
C LYS D 327 -17.71 -2.79 -32.16
N SER D 328 -17.61 -1.57 -32.67
CA SER D 328 -16.33 -0.88 -32.74
C SER D 328 -15.78 -0.63 -31.34
N LEU D 329 -14.46 -0.43 -31.27
CA LEU D 329 -13.80 -0.16 -30.00
C LEU D 329 -13.99 1.32 -29.66
N GLN D 330 -14.94 1.59 -28.77
CA GLN D 330 -15.32 2.93 -28.35
C GLN D 330 -15.96 2.81 -26.97
N PRO D 331 -16.01 3.89 -26.19
CA PRO D 331 -16.76 3.82 -24.93
C PRO D 331 -18.25 3.63 -25.22
N TRP D 332 -18.90 2.82 -24.39
CA TRP D 332 -20.34 2.61 -24.55
C TRP D 332 -21.11 3.91 -24.33
N MET D 333 -21.92 4.28 -25.32
CA MET D 333 -22.96 5.29 -25.30
C MET D 333 -24.21 4.67 -25.89
N PRO D 334 -25.40 5.19 -25.58
CA PRO D 334 -26.56 4.78 -26.36
C PRO D 334 -26.43 5.16 -27.83
N ASP D 335 -25.69 6.23 -28.14
CA ASP D 335 -25.60 6.69 -29.52
C ASP D 335 -24.84 5.74 -30.44
N ILE D 336 -24.20 4.69 -29.92
CA ILE D 336 -23.53 3.74 -30.81
C ILE D 336 -24.52 2.96 -31.66
N TYR D 337 -25.80 3.02 -31.32
CA TYR D 337 -26.83 2.31 -32.06
C TYR D 337 -27.63 3.17 -33.01
N PHE D 338 -27.49 4.49 -32.96
CA PHE D 338 -28.30 5.36 -33.81
C PHE D 338 -27.65 6.73 -33.96
N LYS D 339 -27.92 7.35 -35.10
CA LYS D 339 -27.42 8.68 -35.44
C LYS D 339 -28.60 9.52 -35.90
N GLU D 340 -28.65 10.78 -35.49
CA GLU D 340 -29.78 11.59 -35.92
C GLU D 340 -29.73 11.82 -37.43
N TYR D 341 -30.88 12.14 -38.02
CA TYR D 341 -31.06 12.28 -39.46
C TYR D 341 -31.78 13.58 -39.78
N ASP D 342 -31.29 14.29 -40.80
CA ASP D 342 -31.92 15.53 -41.28
C ASP D 342 -32.65 15.20 -42.56
N MET D 343 -33.96 15.30 -42.52
CA MET D 343 -34.76 14.93 -43.67
C MET D 343 -34.71 16.04 -44.71
N PRO D 344 -34.34 15.73 -45.95
CA PRO D 344 -34.42 16.74 -47.02
C PRO D 344 -35.86 17.18 -47.25
N GLY D 345 -36.08 18.50 -47.21
CA GLY D 345 -37.41 19.05 -47.40
C GLY D 345 -38.18 19.36 -46.13
N ARG D 346 -37.55 19.24 -44.97
CA ARG D 346 -38.22 19.47 -43.70
C ARG D 346 -38.73 20.91 -43.60
N MET D 347 -39.90 21.08 -42.99
CA MET D 347 -40.31 22.40 -42.52
C MET D 347 -39.49 22.78 -41.29
N MET D 348 -38.87 23.96 -41.33
CA MET D 348 -37.88 24.34 -40.32
C MET D 348 -38.24 25.66 -39.64
N ASN D 349 -37.91 25.72 -38.35
CA ASN D 349 -37.75 26.96 -37.57
C ASN D 349 -36.27 27.33 -37.70
N VAL D 350 -35.95 28.09 -38.76
CA VAL D 350 -34.55 28.22 -39.17
C VAL D 350 -33.73 28.89 -38.08
N ASP D 351 -34.24 29.99 -37.51
CA ASP D 351 -33.51 30.74 -36.49
C ASP D 351 -33.19 29.91 -35.25
N ARG D 352 -33.66 28.66 -35.20
CA ARG D 352 -33.56 27.86 -33.99
C ARG D 352 -33.03 26.46 -34.26
N GLY D 353 -33.04 26.00 -35.51
CA GLY D 353 -32.53 24.68 -35.83
C GLY D 353 -33.49 23.56 -35.55
N TRP D 354 -34.79 23.84 -35.56
CA TRP D 354 -35.81 22.88 -35.15
C TRP D 354 -36.80 22.65 -36.29
N GLU D 355 -37.05 21.38 -36.59
CA GLU D 355 -38.09 20.99 -37.53
C GLU D 355 -39.48 21.23 -36.93
N ILE D 356 -40.42 21.62 -37.79
CA ILE D 356 -41.83 21.75 -37.42
C ILE D 356 -42.59 20.57 -38.01
N TYR D 357 -43.26 19.81 -37.16
CA TYR D 357 -43.98 18.61 -37.60
C TYR D 357 -45.11 18.33 -36.63
N PRO D 358 -46.27 18.96 -36.83
CA PRO D 358 -47.34 18.83 -35.84
C PRO D 358 -47.99 17.45 -35.82
N GLN D 359 -47.91 16.68 -36.91
CA GLN D 359 -48.51 15.34 -36.90
C GLN D 359 -48.00 14.48 -35.75
N ALA D 360 -46.80 14.76 -35.25
CA ALA D 360 -46.24 13.94 -34.19
C ALA D 360 -47.15 13.90 -32.98
N MET D 361 -47.84 15.01 -32.71
CA MET D 361 -48.71 15.00 -31.54
C MET D 361 -49.87 14.05 -31.72
N THR D 362 -50.35 13.89 -32.97
CA THR D 362 -51.38 12.91 -33.24
C THR D 362 -50.87 11.49 -33.01
N ASP D 363 -49.61 11.23 -33.38
CA ASP D 363 -49.03 9.91 -33.14
C ASP D 363 -48.89 9.62 -31.66
N ILE D 364 -48.43 10.59 -30.87
CA ILE D 364 -48.29 10.38 -29.43
C ILE D 364 -49.64 10.06 -28.81
N ALA D 365 -50.66 10.85 -29.13
CA ALA D 365 -52.00 10.64 -28.61
C ALA D 365 -52.50 9.22 -28.89
N ARG D 366 -52.18 8.70 -30.06
CA ARG D 366 -52.63 7.36 -30.42
C ARG D 366 -51.85 6.30 -29.67
N ASN D 367 -50.53 6.50 -29.54
CA ASN D 367 -49.71 5.56 -28.78
C ASN D 367 -50.24 5.44 -27.35
N ILE D 368 -50.36 6.57 -26.66
CA ILE D 368 -50.88 6.56 -25.28
C ILE D 368 -52.22 5.84 -25.24
N GLN D 369 -53.08 6.11 -26.21
CA GLN D 369 -54.42 5.55 -26.23
C GLN D 369 -54.41 4.03 -26.42
N LYS D 370 -53.64 3.54 -27.39
CA LYS D 370 -53.69 2.12 -27.73
C LYS D 370 -52.81 1.27 -26.81
N ASN D 371 -51.67 1.81 -26.38
CA ASN D 371 -50.64 0.97 -25.76
C ASN D 371 -50.39 1.30 -24.29
N TYR D 372 -51.02 2.32 -23.75
CA TYR D 372 -50.82 2.67 -22.34
C TYR D 372 -52.15 2.84 -21.63
N GLY D 373 -53.13 2.01 -21.99
CA GLY D 373 -54.40 2.00 -21.30
C GLY D 373 -55.15 3.31 -21.35
N ASN D 374 -54.76 4.21 -22.26
CA ASN D 374 -55.41 5.50 -22.44
C ASN D 374 -55.43 6.29 -21.14
N ILE D 375 -54.30 6.27 -20.43
CA ILE D 375 -54.15 6.94 -19.14
C ILE D 375 -54.48 8.42 -19.30
N PRO D 376 -55.14 9.05 -18.32
CA PRO D 376 -55.31 10.51 -18.40
C PRO D 376 -53.97 11.19 -18.61
N TRP D 377 -53.91 12.06 -19.62
CA TRP D 377 -52.66 12.73 -19.93
C TRP D 377 -52.96 14.13 -20.45
N MET D 378 -51.92 14.97 -20.42
CA MET D 378 -51.98 16.33 -20.94
C MET D 378 -50.70 16.65 -21.69
N ILE D 379 -50.79 17.63 -22.59
CA ILE D 379 -49.61 18.28 -23.15
C ILE D 379 -49.09 19.24 -22.09
N SER D 380 -47.98 18.87 -21.42
CA SER D 380 -47.41 19.68 -20.36
C SER D 380 -46.46 20.76 -20.86
N GLU D 381 -45.95 20.62 -22.08
CA GLU D 381 -45.20 21.68 -22.75
C GLU D 381 -45.40 21.59 -24.26
N ASN D 382 -45.58 22.76 -24.89
CA ASN D 382 -45.50 22.93 -26.33
C ASN D 382 -45.34 24.42 -26.54
N GLY D 383 -44.43 24.80 -27.43
CA GLY D 383 -44.18 26.22 -27.63
C GLY D 383 -43.09 26.43 -28.66
N MET D 384 -42.87 27.71 -28.97
CA MET D 384 -41.90 28.11 -29.99
C MET D 384 -41.08 29.27 -29.46
N GLY D 385 -39.76 29.16 -29.51
CA GLY D 385 -38.86 30.21 -29.07
C GLY D 385 -38.28 30.95 -30.27
N VAL D 386 -38.35 32.28 -30.22
CA VAL D 386 -37.72 33.10 -31.25
C VAL D 386 -36.89 34.18 -30.58
N ALA D 387 -35.83 34.60 -31.27
CA ALA D 387 -34.88 35.57 -30.75
C ALA D 387 -35.20 36.97 -31.26
N GLY D 388 -34.79 37.98 -30.49
CA GLY D 388 -34.98 39.36 -30.87
C GLY D 388 -36.42 39.74 -31.17
N GLU D 389 -37.31 39.50 -30.22
CA GLU D 389 -38.70 39.89 -30.43
C GLU D 389 -38.91 41.40 -30.38
N GLU D 390 -37.87 42.18 -30.06
CA GLU D 390 -37.94 43.63 -30.24
C GLU D 390 -38.36 43.99 -31.66
N ARG D 391 -38.04 43.13 -32.63
CA ARG D 391 -38.29 43.46 -34.03
C ARG D 391 -39.78 43.51 -34.38
N PHE D 392 -40.65 42.95 -33.52
CA PHE D 392 -42.08 42.88 -33.80
C PHE D 392 -42.91 43.67 -32.79
N LEU D 393 -42.31 44.70 -32.21
CA LEU D 393 -43.06 45.60 -31.34
C LEU D 393 -43.92 46.54 -32.17
N ASP D 394 -45.20 46.61 -31.83
CA ASP D 394 -46.09 47.57 -32.48
C ASP D 394 -45.99 48.90 -31.73
N LYS D 395 -46.89 49.83 -32.03
CA LYS D 395 -46.75 51.21 -31.59
C LYS D 395 -46.91 51.35 -30.08
N GLN D 396 -47.61 50.41 -29.44
CA GLN D 396 -47.80 50.38 -27.99
C GLN D 396 -46.90 49.36 -27.31
N GLY D 397 -45.79 48.99 -27.94
CA GLY D 397 -44.84 48.07 -27.33
C GLY D 397 -45.37 46.67 -27.06
N VAL D 398 -46.23 46.15 -27.93
CA VAL D 398 -46.75 44.78 -27.83
C VAL D 398 -46.12 43.96 -28.95
N VAL D 399 -45.49 42.85 -28.57
CA VAL D 399 -44.99 41.89 -29.55
C VAL D 399 -46.15 41.35 -30.37
N GLN D 400 -46.05 41.49 -31.69
CA GLN D 400 -47.04 40.89 -32.59
C GLN D 400 -46.49 39.55 -33.05
N ASP D 401 -46.65 38.54 -32.19
CA ASP D 401 -46.10 37.23 -32.48
C ASP D 401 -47.16 36.35 -33.12
N ASP D 402 -47.51 36.71 -34.36
CA ASP D 402 -48.41 35.85 -35.12
C ASP D 402 -47.78 34.49 -35.39
N TYR D 403 -46.45 34.44 -35.47
CA TYR D 403 -45.77 33.15 -35.63
C TYR D 403 -46.08 32.21 -34.47
N ARG D 404 -46.28 32.75 -33.27
CA ARG D 404 -46.60 31.92 -32.11
C ARG D 404 -48.05 31.44 -32.16
N ILE D 405 -48.96 32.31 -32.59
CA ILE D 405 -50.36 31.93 -32.71
C ILE D 405 -50.54 30.87 -33.79
N ASP D 406 -49.86 31.03 -34.92
CA ASP D 406 -49.90 30.02 -35.96
C ASP D 406 -49.37 28.69 -35.44
N PHE D 407 -48.19 28.71 -34.84
CA PHE D 407 -47.61 27.49 -34.29
C PHE D 407 -48.59 26.75 -33.39
N MET D 408 -49.32 27.49 -32.55
CA MET D 408 -50.29 26.84 -31.66
C MET D 408 -51.44 26.22 -32.44
N LYS D 409 -51.98 26.94 -33.43
CA LYS D 409 -53.13 26.42 -34.17
C LYS D 409 -52.80 25.13 -34.89
N GLU D 410 -51.59 25.03 -35.43
CA GLU D 410 -51.21 23.81 -36.16
C GLU D 410 -51.09 22.63 -35.22
N HIS D 411 -50.48 22.83 -34.06
CA HIS D 411 -50.32 21.73 -33.11
C HIS D 411 -51.63 21.42 -32.39
N LEU D 412 -52.44 22.44 -32.10
CA LEU D 412 -53.75 22.16 -31.54
C LEU D 412 -54.62 21.41 -32.52
N THR D 413 -54.53 21.76 -33.82
CA THR D 413 -55.27 21.00 -34.82
C THR D 413 -54.89 19.53 -34.79
N ALA D 414 -53.59 19.23 -34.70
CA ALA D 414 -53.17 17.84 -34.61
C ALA D 414 -53.64 17.19 -33.31
N LEU D 415 -53.53 17.90 -32.18
CA LEU D 415 -54.00 17.34 -30.92
C LEU D 415 -55.49 17.02 -30.98
N ALA D 416 -56.29 17.94 -31.55
CA ALA D 416 -57.73 17.74 -31.59
C ALA D 416 -58.09 16.50 -32.40
N LYS D 417 -57.34 16.20 -33.45
CA LYS D 417 -57.56 14.97 -34.19
C LYS D 417 -57.25 13.75 -33.33
N GLY D 418 -56.19 13.82 -32.52
CA GLY D 418 -55.91 12.72 -31.60
C GLY D 418 -57.02 12.50 -30.59
N ILE D 419 -57.58 13.59 -30.06
CA ILE D 419 -58.70 13.49 -29.14
C ILE D 419 -59.93 12.91 -29.84
N ALA D 420 -60.13 13.25 -31.10
CA ALA D 420 -61.30 12.77 -31.81
C ALA D 420 -61.21 11.28 -32.11
N ALA D 421 -60.00 10.74 -32.21
CA ALA D 421 -59.88 9.30 -32.17
C ALA D 421 -60.17 8.74 -30.77
N GLY D 422 -60.33 9.63 -29.78
CA GLY D 422 -60.74 9.28 -28.44
C GLY D 422 -59.64 9.40 -27.40
N SER D 423 -58.48 9.93 -27.77
CA SER D 423 -57.34 9.89 -26.86
C SER D 423 -57.63 10.74 -25.63
N ASN D 424 -57.30 10.21 -24.47
CA ASN D 424 -57.71 10.82 -23.21
C ASN D 424 -56.87 12.05 -22.85
N CYS D 425 -56.64 12.96 -23.79
CA CYS D 425 -55.93 14.19 -23.47
C CYS D 425 -56.84 15.18 -22.78
N GLN D 426 -56.37 15.74 -21.66
CA GLN D 426 -57.22 16.56 -20.80
C GLN D 426 -56.77 18.00 -20.65
N GLY D 427 -55.71 18.41 -21.32
CA GLY D 427 -55.32 19.80 -21.18
C GLY D 427 -54.16 20.12 -22.09
N TYR D 428 -53.87 21.41 -22.16
CA TYR D 428 -52.83 21.90 -23.05
C TYR D 428 -52.11 23.05 -22.38
N PHE D 429 -50.84 22.86 -22.09
CA PHE D 429 -50.01 23.84 -21.41
C PHE D 429 -48.97 24.37 -22.40
N VAL D 430 -48.93 25.68 -22.56
CA VAL D 430 -47.94 26.30 -23.41
C VAL D 430 -46.70 26.64 -22.59
N TRP D 431 -45.53 26.48 -23.21
CA TRP D 431 -44.29 27.00 -22.68
C TRP D 431 -43.92 28.22 -23.52
N SER D 432 -43.98 29.39 -22.92
CA SER D 432 -44.26 29.53 -21.49
C SER D 432 -45.23 30.69 -21.23
N GLY D 433 -45.51 30.98 -19.97
CA GLY D 433 -46.38 32.10 -19.64
C GLY D 433 -45.66 33.42 -19.78
N ILE D 434 -44.60 33.58 -19.01
CA ILE D 434 -43.69 34.72 -19.09
C ILE D 434 -42.36 34.19 -19.62
N ASP D 435 -41.72 34.98 -20.50
CA ASP D 435 -40.37 34.63 -20.94
C ASP D 435 -39.51 34.29 -19.73
N CYS D 436 -38.88 33.10 -19.73
CA CYS D 436 -38.11 32.70 -18.56
C CYS D 436 -36.72 32.29 -19.00
N TRP D 437 -35.87 31.96 -18.02
CA TRP D 437 -34.43 31.81 -18.24
C TRP D 437 -34.16 30.39 -18.71
N SER D 438 -33.69 30.25 -19.95
CA SER D 438 -33.58 28.96 -20.62
C SER D 438 -32.16 28.37 -20.50
N TRP D 439 -31.70 28.25 -19.26
CA TRP D 439 -30.44 27.54 -18.93
C TRP D 439 -29.28 28.27 -19.62
N ASN D 440 -28.38 27.57 -20.31
CA ASN D 440 -27.23 28.25 -20.90
C ASN D 440 -27.63 29.21 -22.01
N HIS D 441 -28.82 29.03 -22.61
CA HIS D 441 -29.31 29.97 -23.61
C HIS D 441 -29.95 31.20 -23.00
N ALA D 442 -30.22 31.19 -21.69
CA ALA D 442 -30.76 32.36 -20.99
C ALA D 442 -31.98 32.96 -21.71
N TYR D 443 -31.92 34.24 -22.10
CA TYR D 443 -33.05 34.92 -22.71
C TYR D 443 -32.86 35.14 -24.21
N HIS D 444 -32.01 34.35 -24.85
CA HIS D 444 -31.77 34.51 -26.29
C HIS D 444 -33.04 34.22 -27.08
N ASN D 445 -33.66 33.06 -26.81
CA ASN D 445 -34.94 32.69 -27.39
C ASN D 445 -36.04 32.90 -26.35
N ARG D 446 -37.14 33.52 -26.78
CA ARG D 446 -38.29 33.78 -25.93
C ARG D 446 -39.47 32.91 -26.34
N TYR D 447 -40.13 32.30 -25.36
CA TYR D 447 -41.26 31.42 -25.61
C TYR D 447 -42.55 31.93 -25.01
N GLY D 448 -42.52 33.02 -24.26
CA GLY D 448 -43.67 33.39 -23.46
C GLY D 448 -44.84 33.95 -24.25
N LEU D 449 -46.00 33.91 -23.60
CA LEU D 449 -47.14 34.74 -24.00
C LEU D 449 -46.98 36.15 -23.49
N ILE D 450 -46.11 36.34 -22.51
CA ILE D 450 -45.87 37.63 -21.87
C ILE D 450 -44.39 37.94 -22.01
N ARG D 451 -44.07 39.07 -22.64
CA ARG D 451 -42.68 39.48 -22.78
C ARG D 451 -42.14 40.00 -21.45
N ASN D 452 -40.88 39.69 -21.18
CA ASN D 452 -40.16 40.25 -20.04
C ASN D 452 -38.98 41.05 -20.57
N ASP D 453 -38.94 42.33 -20.22
CA ASP D 453 -37.78 43.20 -20.50
C ASP D 453 -36.83 43.04 -19.32
N ILE D 454 -35.78 42.22 -19.48
CA ILE D 454 -35.08 41.70 -18.31
C ILE D 454 -34.22 42.75 -17.57
N HIS D 455 -33.78 43.83 -18.23
CA HIS D 455 -33.01 44.83 -17.49
C HIS D 455 -33.84 45.52 -16.42
N THR D 456 -35.13 45.76 -16.69
CA THR D 456 -36.03 46.40 -15.73
C THR D 456 -37.07 45.46 -15.14
N GLN D 457 -37.16 44.21 -15.61
CA GLN D 457 -38.12 43.23 -15.10
C GLN D 457 -39.57 43.70 -15.27
N THR D 458 -39.87 44.31 -16.41
CA THR D 458 -41.22 44.75 -16.72
C THR D 458 -41.82 43.80 -17.75
N LYS D 459 -43.01 43.29 -17.44
CA LYS D 459 -43.70 42.27 -18.22
C LYS D 459 -44.88 42.89 -18.95
N THR D 460 -44.95 42.68 -20.26
CA THR D 460 -46.10 43.13 -21.03
C THR D 460 -46.60 41.97 -21.89
N LEU D 461 -47.92 41.88 -22.00
CA LEU D 461 -48.53 40.78 -22.74
C LEU D 461 -48.28 40.92 -24.22
N LYS D 462 -47.93 39.80 -24.86
CA LYS D 462 -47.80 39.76 -26.29
C LYS D 462 -49.19 39.60 -26.91
N LYS D 463 -49.25 39.71 -28.24
CA LYS D 463 -50.52 39.52 -28.91
C LYS D 463 -51.03 38.09 -28.75
N SER D 464 -50.10 37.11 -28.77
CA SER D 464 -50.47 35.73 -28.54
C SER D 464 -51.20 35.55 -27.21
N ALA D 465 -50.91 36.40 -26.23
CA ALA D 465 -51.57 36.28 -24.93
C ALA D 465 -53.07 36.52 -25.05
N LYS D 466 -53.48 37.62 -25.68
CA LYS D 466 -54.92 37.85 -25.84
C LYS D 466 -55.55 36.75 -26.69
N TRP D 467 -54.80 36.19 -27.66
CA TRP D 467 -55.35 35.10 -28.44
C TRP D 467 -55.56 33.85 -27.59
N PHE D 468 -54.62 33.58 -26.67
CA PHE D 468 -54.76 32.43 -25.77
C PHE D 468 -55.99 32.59 -24.89
N ALA D 469 -56.24 33.81 -24.40
CA ALA D 469 -57.39 34.04 -23.52
C ALA D 469 -58.71 33.84 -24.25
N GLU D 470 -58.79 34.20 -25.55
CA GLU D 470 -60.04 33.95 -26.28
C GLU D 470 -60.23 32.47 -26.55
N LEU D 471 -59.13 31.73 -26.76
CA LEU D 471 -59.22 30.31 -27.07
C LEU D 471 -59.82 29.54 -25.90
N GLY D 472 -59.42 29.87 -24.67
CA GLY D 472 -60.01 29.21 -23.51
C GLY D 472 -61.47 29.58 -23.31
N GLU D 473 -61.82 30.86 -23.48
CA GLU D 473 -63.20 31.28 -23.30
C GLU D 473 -64.15 30.63 -24.29
N ARG D 474 -63.60 29.92 -25.28
CA ARG D 474 -64.37 29.36 -26.38
C ARG D 474 -64.11 27.88 -26.59
N ASN D 475 -63.00 27.34 -26.10
CA ASN D 475 -62.63 25.95 -26.27
C ASN D 475 -62.33 25.61 -27.73
N GLY D 476 -61.89 26.59 -28.51
CA GLY D 476 -61.60 26.32 -29.90
C GLY D 476 -61.21 27.55 -30.66
N PHE D 477 -61.00 27.36 -31.97
CA PHE D 477 -60.54 28.41 -32.86
C PHE D 477 -60.89 28.05 -34.30
N MET E 17 -28.00 -44.26 24.56
CA MET E 17 -29.43 -44.53 24.77
C MET E 17 -30.29 -43.39 24.20
N VAL E 18 -29.92 -42.14 24.49
CA VAL E 18 -30.52 -40.98 23.83
C VAL E 18 -29.59 -40.54 22.72
N GLU E 19 -29.99 -40.75 21.47
CA GLU E 19 -29.14 -40.42 20.33
C GLU E 19 -29.80 -39.33 19.48
N PHE E 20 -29.00 -38.76 18.60
CA PHE E 20 -29.33 -37.55 17.85
C PHE E 20 -28.99 -37.72 16.38
N PRO E 21 -29.64 -36.96 15.50
CA PRO E 21 -29.46 -37.17 14.06
C PRO E 21 -28.00 -37.04 13.63
N GLU E 22 -27.66 -37.75 12.56
CA GLU E 22 -26.38 -37.55 11.92
C GLU E 22 -26.26 -36.10 11.46
N GLY E 23 -25.14 -35.46 11.78
CA GLY E 23 -24.89 -34.08 11.42
C GLY E 23 -25.37 -33.04 12.43
N PHE E 24 -25.88 -33.48 13.57
CA PHE E 24 -26.33 -32.56 14.61
C PHE E 24 -25.17 -31.68 15.07
N VAL E 25 -25.44 -30.39 15.23
CA VAL E 25 -24.42 -29.44 15.66
C VAL E 25 -24.45 -29.30 17.18
N TRP E 26 -23.29 -29.50 17.81
CA TRP E 26 -23.05 -29.21 19.22
C TRP E 26 -22.30 -27.90 19.34
N GLY E 27 -22.93 -26.88 19.92
CA GLY E 27 -22.37 -25.56 19.91
C GLY E 27 -22.49 -24.85 21.25
N ALA E 28 -21.91 -23.64 21.29
CA ALA E 28 -22.08 -22.71 22.39
C ALA E 28 -22.52 -21.35 21.85
N ALA E 29 -23.26 -20.61 22.68
CA ALA E 29 -23.73 -19.26 22.35
C ALA E 29 -23.20 -18.23 23.34
N THR E 30 -22.73 -17.10 22.82
CA THR E 30 -22.47 -15.88 23.58
C THR E 30 -22.85 -14.72 22.68
N SER E 31 -22.28 -13.55 22.98
CA SER E 31 -22.44 -12.32 22.20
C SER E 31 -21.23 -11.44 22.45
N GLY E 32 -20.98 -10.53 21.51
CA GLY E 32 -19.87 -9.62 21.61
C GLY E 32 -19.89 -8.71 22.82
N PRO E 33 -21.02 -8.01 23.06
CA PRO E 33 -21.12 -7.15 24.26
C PRO E 33 -20.84 -7.88 25.57
N GLN E 34 -21.03 -9.19 25.65
CA GLN E 34 -20.88 -9.89 26.92
C GLN E 34 -19.53 -10.58 27.07
N THR E 35 -18.68 -10.54 26.05
CA THR E 35 -17.41 -11.25 26.07
C THR E 35 -16.21 -10.34 25.81
N GLU E 36 -16.30 -9.46 24.81
CA GLU E 36 -15.12 -8.79 24.27
C GLU E 36 -14.49 -7.84 25.28
N GLY E 37 -15.30 -7.10 26.02
CA GLY E 37 -14.84 -5.87 26.62
C GLY E 37 -14.89 -4.73 25.62
N ASN E 38 -14.72 -3.52 26.15
CA ASN E 38 -14.79 -2.29 25.37
C ASN E 38 -13.44 -1.79 24.89
N PHE E 39 -12.39 -2.64 24.92
CA PHE E 39 -11.05 -2.22 24.49
C PHE E 39 -11.08 -1.62 23.09
N HIS E 40 -10.67 -0.36 22.97
CA HIS E 40 -10.53 0.34 21.70
C HIS E 40 -11.83 0.39 20.89
N LYS E 41 -12.98 0.16 21.53
CA LYS E 41 -14.23 0.24 20.81
C LYS E 41 -14.61 1.70 20.58
N GLN E 42 -14.97 2.03 19.34
CA GLN E 42 -15.15 3.44 18.98
C GLN E 42 -16.38 4.05 19.64
N HIS E 43 -17.47 3.30 19.79
CA HIS E 43 -18.76 3.87 20.19
C HIS E 43 -19.37 3.15 21.39
N GLN E 44 -20.12 3.91 22.18
CA GLN E 44 -20.89 3.34 23.28
C GLN E 44 -22.23 2.81 22.79
N ASN E 45 -22.56 1.56 23.18
CA ASN E 45 -23.94 1.11 23.06
C ASN E 45 -24.72 1.53 24.31
N VAL E 46 -26.00 1.14 24.37
CA VAL E 46 -26.85 1.62 25.47
C VAL E 46 -26.39 1.07 26.83
N PHE E 47 -25.89 -0.18 26.87
CA PHE E 47 -25.36 -0.73 28.12
C PHE E 47 -24.03 -0.09 28.52
N ASP E 48 -23.15 0.18 27.53
CA ASP E 48 -21.91 0.91 27.81
C ASP E 48 -22.20 2.24 28.48
N TYR E 49 -23.12 3.01 27.90
CA TYR E 49 -23.44 4.33 28.42
C TYR E 49 -24.10 4.23 29.79
N TRP E 50 -24.94 3.22 29.98
CA TRP E 50 -25.61 3.08 31.26
C TRP E 50 -24.63 2.77 32.38
N PHE E 51 -23.67 1.88 32.12
CA PHE E 51 -22.69 1.59 33.16
C PHE E 51 -21.82 2.80 33.45
N ALA E 52 -21.47 3.56 32.40
CA ALA E 52 -20.63 4.74 32.58
C ALA E 52 -21.28 5.76 33.51
N THR E 53 -22.61 5.88 33.47
CA THR E 53 -23.32 6.89 34.25
C THR E 53 -24.04 6.35 35.48
N GLU E 54 -24.36 5.04 35.50
CA GLU E 54 -25.05 4.44 36.65
C GLU E 54 -24.41 3.10 37.01
N PRO E 55 -23.12 3.11 37.42
CA PRO E 55 -22.50 1.82 37.79
C PRO E 55 -23.21 1.12 38.95
N GLU E 56 -23.97 1.86 39.79
CA GLU E 56 -24.70 1.24 40.90
C GLU E 56 -25.78 0.28 40.44
N GLN E 57 -26.20 0.34 39.17
CA GLN E 57 -27.22 -0.54 38.62
C GLN E 57 -26.65 -1.87 38.12
N PHE E 58 -25.44 -2.22 38.53
CA PHE E 58 -24.80 -3.42 38.03
C PHE E 58 -24.16 -4.17 39.18
N ASP E 59 -24.30 -5.49 39.14
CA ASP E 59 -23.90 -6.31 40.28
C ASP E 59 -22.39 -6.18 40.57
N ALA E 60 -22.09 -5.91 41.83
CA ALA E 60 -20.72 -5.70 42.33
C ALA E 60 -19.97 -4.64 41.52
N GLY E 61 -20.71 -3.71 40.91
CA GLY E 61 -20.07 -2.67 40.14
C GLY E 61 -19.32 -3.14 38.91
N VAL E 62 -19.63 -4.33 38.39
CA VAL E 62 -18.95 -4.90 37.24
C VAL E 62 -19.74 -4.58 35.98
N GLY E 63 -19.15 -3.79 35.09
CA GLY E 63 -19.79 -3.47 33.83
C GLY E 63 -19.23 -4.28 32.67
N PRO E 64 -19.49 -3.82 31.44
CA PRO E 64 -18.98 -4.51 30.25
C PRO E 64 -17.58 -4.10 29.79
N ASP E 65 -16.89 -3.23 30.53
CA ASP E 65 -15.65 -2.65 30.00
C ASP E 65 -14.58 -3.72 29.80
N THR E 66 -14.47 -4.69 30.70
CA THR E 66 -13.54 -5.80 30.45
C THR E 66 -14.26 -7.10 30.10
N ALA E 67 -15.42 -7.35 30.72
CA ALA E 67 -16.24 -8.54 30.43
C ALA E 67 -15.34 -9.78 30.59
N SER E 68 -15.26 -10.66 29.59
CA SER E 68 -14.40 -11.83 29.64
C SER E 68 -13.20 -11.67 28.70
N ASN E 69 -12.80 -10.44 28.41
CA ASN E 69 -11.50 -10.17 27.85
C ASN E 69 -11.30 -10.87 26.50
N PHE E 70 -12.40 -11.09 25.77
CA PHE E 70 -12.32 -11.79 24.49
C PHE E 70 -11.56 -10.98 23.46
N TYR E 71 -11.60 -9.64 23.57
CA TYR E 71 -10.83 -8.82 22.64
C TYR E 71 -9.35 -9.18 22.67
N ASN E 72 -8.81 -9.44 23.86
CA ASN E 72 -7.38 -9.71 24.02
C ASN E 72 -7.03 -11.19 23.95
N ASP E 73 -7.88 -12.07 24.46
CA ASP E 73 -7.49 -13.47 24.65
C ASP E 73 -8.29 -14.43 23.76
N TYR E 74 -8.81 -13.92 22.63
CA TYR E 74 -9.74 -14.70 21.81
C TYR E 74 -9.13 -16.01 21.34
N ASP E 75 -7.86 -16.00 20.94
CA ASP E 75 -7.28 -17.21 20.36
C ASP E 75 -7.24 -18.35 21.38
N HIS E 76 -6.76 -18.07 22.60
CA HIS E 76 -6.75 -19.14 23.62
C HIS E 76 -8.16 -19.48 24.11
N ASP E 77 -9.05 -18.48 24.16
CA ASP E 77 -10.44 -18.76 24.52
C ASP E 77 -11.06 -19.76 23.56
N LEU E 78 -10.82 -19.55 22.26
CA LEU E 78 -11.34 -20.48 21.26
C LEU E 78 -10.71 -21.86 21.39
N ALA E 79 -9.41 -21.94 21.73
CA ALA E 79 -8.78 -23.23 21.98
C ALA E 79 -9.43 -23.95 23.16
N LEU E 80 -9.74 -23.22 24.23
CA LEU E 80 -10.42 -23.82 25.38
C LEU E 80 -11.82 -24.31 25.01
N MET E 81 -12.60 -23.47 24.33
CA MET E 81 -13.92 -23.88 23.88
C MET E 81 -13.83 -25.11 22.97
N ALA E 82 -12.81 -25.16 22.12
CA ALA E 82 -12.64 -26.32 21.25
C ALA E 82 -12.37 -27.58 22.06
N GLN E 83 -11.53 -27.47 23.10
CA GLN E 83 -11.36 -28.58 24.04
C GLN E 83 -12.71 -29.02 24.61
N ALA E 84 -13.62 -28.07 24.84
CA ALA E 84 -14.88 -28.39 25.53
C ALA E 84 -15.93 -28.94 24.58
N GLY E 85 -15.57 -29.29 23.35
CA GLY E 85 -16.52 -29.88 22.43
C GLY E 85 -17.41 -28.90 21.70
N VAL E 86 -17.04 -27.63 21.64
CA VAL E 86 -17.78 -26.63 20.88
C VAL E 86 -17.45 -26.82 19.40
N GLN E 87 -18.39 -27.40 18.64
CA GLN E 87 -18.22 -27.53 17.19
C GLN E 87 -18.65 -26.26 16.46
N GLY E 88 -19.63 -25.54 17.00
CA GLY E 88 -20.04 -24.25 16.44
C GLY E 88 -20.20 -23.23 17.54
N LEU E 89 -19.67 -22.04 17.31
CA LEU E 89 -19.81 -20.93 18.25
C LEU E 89 -20.67 -19.86 17.59
N ARG E 90 -21.78 -19.53 18.22
CA ARG E 90 -22.57 -18.40 17.80
C ARG E 90 -22.21 -17.20 18.69
N THR E 91 -21.78 -16.11 18.08
CA THR E 91 -21.61 -14.87 18.81
C THR E 91 -22.06 -13.74 17.89
N SER E 92 -21.80 -12.51 18.29
CA SER E 92 -22.35 -11.36 17.58
C SER E 92 -21.26 -10.34 17.28
N ILE E 93 -21.49 -9.62 16.19
CA ILE E 93 -20.64 -8.50 15.79
C ILE E 93 -21.29 -7.24 16.31
N GLN E 94 -20.53 -6.43 17.06
CA GLN E 94 -21.07 -5.19 17.62
C GLN E 94 -21.10 -4.10 16.55
N TRP E 95 -22.30 -3.58 16.31
CA TRP E 95 -22.48 -2.37 15.51
C TRP E 95 -21.54 -1.25 15.97
N THR E 96 -21.35 -1.13 17.29
CA THR E 96 -20.58 -0.04 17.86
C THR E 96 -19.09 -0.23 17.75
N ARG E 97 -18.64 -1.39 17.26
CA ARG E 97 -17.22 -1.63 17.04
C ARG E 97 -16.83 -1.67 15.56
N LEU E 98 -17.69 -2.22 14.71
CA LEU E 98 -17.35 -2.37 13.31
C LEU E 98 -17.37 -1.03 12.58
N ILE E 99 -18.28 -0.14 12.94
CA ILE E 99 -18.67 0.99 12.10
C ILE E 99 -18.11 2.30 12.65
N ASP E 100 -17.52 3.11 11.76
CA ASP E 100 -17.07 4.45 12.16
C ASP E 100 -18.20 5.47 12.10
N ASP E 101 -18.68 5.80 10.88
CA ASP E 101 -19.81 6.72 10.68
C ASP E 101 -21.09 5.92 10.50
N PHE E 102 -22.03 6.05 11.44
CA PHE E 102 -23.27 5.28 11.38
C PHE E 102 -24.11 5.63 10.15
N GLU E 103 -24.00 6.86 9.65
CA GLU E 103 -24.88 7.28 8.57
C GLU E 103 -24.51 6.63 7.24
N THR E 104 -23.21 6.45 6.99
CA THR E 104 -22.74 5.80 5.77
C THR E 104 -22.27 4.38 6.00
N ALA E 105 -22.21 3.91 7.25
CA ALA E 105 -21.66 2.60 7.58
C ALA E 105 -20.21 2.46 7.10
N SER E 106 -19.47 3.57 7.14
CA SER E 106 -18.05 3.45 6.92
C SER E 106 -17.41 2.64 8.04
N LEU E 107 -16.23 2.10 7.75
CA LEU E 107 -15.58 1.08 8.54
C LEU E 107 -14.53 1.63 9.50
N ASN E 108 -14.50 1.09 10.72
CA ASN E 108 -13.41 1.29 11.66
C ASN E 108 -12.38 0.18 11.43
N ALA E 109 -11.18 0.53 10.96
CA ALA E 109 -10.26 -0.48 10.45
C ALA E 109 -9.86 -1.48 11.54
N ASP E 110 -9.66 -1.01 12.77
CA ASP E 110 -9.29 -1.91 13.85
C ASP E 110 -10.45 -2.82 14.26
N GLY E 111 -11.69 -2.33 14.14
CA GLY E 111 -12.82 -3.22 14.36
C GLY E 111 -12.91 -4.31 13.31
N VAL E 112 -12.73 -3.95 12.04
CA VAL E 112 -12.73 -4.94 10.96
C VAL E 112 -11.64 -5.98 11.21
N ALA E 113 -10.43 -5.52 11.54
CA ALA E 113 -9.30 -6.43 11.77
C ALA E 113 -9.59 -7.38 12.93
N PHE E 114 -10.25 -6.89 13.98
CA PHE E 114 -10.52 -7.75 15.12
C PHE E 114 -11.45 -8.90 14.74
N TYR E 115 -12.55 -8.61 14.04
CA TYR E 115 -13.49 -9.67 13.69
C TYR E 115 -12.90 -10.61 12.63
N ASN E 116 -12.08 -10.10 11.71
CA ASN E 116 -11.32 -10.99 10.83
C ASN E 116 -10.45 -11.95 11.66
N HIS E 117 -9.74 -11.41 12.65
CA HIS E 117 -8.94 -12.25 13.55
C HIS E 117 -9.80 -13.31 14.25
N VAL E 118 -10.93 -12.89 14.82
CA VAL E 118 -11.78 -13.84 15.55
C VAL E 118 -12.25 -14.96 14.62
N ILE E 119 -12.74 -14.59 13.44
CA ILE E 119 -13.33 -15.57 12.54
C ILE E 119 -12.27 -16.55 12.05
N ASP E 120 -11.10 -16.02 11.63
CA ASP E 120 -10.04 -16.90 11.17
C ASP E 120 -9.60 -17.84 12.27
N SER E 121 -9.66 -17.37 13.51
CA SER E 121 -9.21 -18.18 14.63
C SER E 121 -10.19 -19.32 14.90
N MET E 122 -11.50 -19.02 14.88
CA MET E 122 -12.51 -20.08 14.91
C MET E 122 -12.20 -21.16 13.89
N LEU E 123 -12.00 -20.76 12.63
CA LEU E 123 -11.67 -21.71 11.57
C LEU E 123 -10.39 -22.48 11.88
N ALA E 124 -9.36 -21.79 12.36
CA ALA E 124 -8.11 -22.49 12.67
C ALA E 124 -8.29 -23.50 13.79
N HIS E 125 -9.31 -23.36 14.63
CA HIS E 125 -9.60 -24.30 15.70
C HIS E 125 -10.73 -25.27 15.35
N HIS E 126 -11.19 -25.27 14.09
CA HIS E 126 -12.26 -26.16 13.62
C HIS E 126 -13.59 -25.86 14.30
N ILE E 127 -13.89 -24.59 14.55
CA ILE E 127 -15.18 -24.18 15.07
C ILE E 127 -15.94 -23.48 13.94
N THR E 128 -17.14 -23.96 13.63
CA THR E 128 -17.95 -23.32 12.62
C THR E 128 -18.52 -22.01 13.18
N PRO E 129 -18.32 -20.89 12.49
CA PRO E 129 -18.89 -19.61 12.97
C PRO E 129 -20.38 -19.50 12.70
N TYR E 130 -21.13 -19.07 13.71
CA TYR E 130 -22.51 -18.62 13.57
C TYR E 130 -22.55 -17.16 14.00
N ILE E 131 -22.84 -16.25 13.07
CA ILE E 131 -22.68 -14.82 13.32
C ILE E 131 -24.05 -14.15 13.37
N ASN E 132 -24.37 -13.58 14.54
CA ASN E 132 -25.58 -12.82 14.75
C ASN E 132 -25.21 -11.34 14.73
N LEU E 133 -26.06 -10.51 14.13
CA LEU E 133 -25.73 -9.11 13.90
C LEU E 133 -26.05 -8.17 15.06
N HIS E 134 -26.95 -8.53 15.99
CA HIS E 134 -27.38 -7.58 17.01
C HIS E 134 -27.86 -8.32 18.24
N HIS E 135 -27.33 -7.94 19.39
CA HIS E 135 -27.68 -8.57 20.66
C HIS E 135 -27.80 -7.43 21.66
N PHE E 136 -28.94 -6.73 21.62
CA PHE E 136 -29.31 -5.72 22.61
C PHE E 136 -28.37 -4.50 22.60
N ASP E 137 -27.58 -4.26 21.54
CA ASP E 137 -26.51 -3.27 21.66
C ASP E 137 -26.65 -2.10 20.70
N LEU E 138 -27.75 -1.35 20.82
CA LEU E 138 -27.96 -0.20 19.96
C LEU E 138 -26.95 0.90 20.30
N PRO E 139 -26.35 1.54 19.30
CA PRO E 139 -25.50 2.71 19.60
C PRO E 139 -26.30 3.77 20.35
N VAL E 140 -25.74 4.26 21.45
CA VAL E 140 -26.46 5.24 22.26
C VAL E 140 -26.60 6.57 21.52
N ALA E 141 -25.72 6.84 20.56
CA ALA E 141 -25.83 8.06 19.76
C ALA E 141 -27.06 8.03 18.86
N LEU E 142 -27.50 6.84 18.43
CA LEU E 142 -28.69 6.73 17.60
C LEU E 142 -29.96 6.87 18.44
N TYR E 143 -29.87 6.49 19.71
CA TYR E 143 -30.98 6.78 20.60
C TYR E 143 -31.08 8.29 20.83
N ASP E 144 -29.96 8.95 21.09
CA ASP E 144 -29.99 10.39 21.35
C ASP E 144 -30.48 11.17 20.15
N LYS E 145 -30.06 10.77 18.94
CA LYS E 145 -30.34 11.55 17.74
C LYS E 145 -31.71 11.24 17.16
N TYR E 146 -32.11 9.96 17.16
CA TYR E 146 -33.34 9.55 16.49
C TYR E 146 -34.31 8.81 17.39
N HIS E 147 -33.95 8.54 18.65
CA HIS E 147 -34.69 7.65 19.53
C HIS E 147 -34.68 6.22 19.02
N GLY E 148 -33.55 5.84 18.41
CA GLY E 148 -33.20 4.44 18.30
C GLY E 148 -34.15 3.65 17.43
N TRP E 149 -34.63 2.53 17.98
CA TRP E 149 -35.47 1.61 17.23
C TRP E 149 -36.87 2.15 16.94
N GLU E 150 -37.27 3.29 17.51
CA GLU E 150 -38.51 3.96 17.07
C GLU E 150 -38.37 4.59 15.70
N SER E 151 -37.15 4.71 15.18
CA SER E 151 -36.88 5.46 13.97
C SER E 151 -36.67 4.52 12.79
N LYS E 152 -37.45 4.73 11.73
CA LYS E 152 -37.29 3.95 10.52
C LYS E 152 -35.99 4.28 9.80
N HIS E 153 -35.40 5.45 10.09
CA HIS E 153 -34.09 5.78 9.53
C HIS E 153 -33.03 4.90 10.16
N VAL E 154 -33.08 4.77 11.49
CA VAL E 154 -32.19 3.86 12.21
C VAL E 154 -32.33 2.44 11.68
N VAL E 155 -33.54 2.04 11.29
CA VAL E 155 -33.72 0.72 10.69
C VAL E 155 -32.88 0.60 9.41
N GLU E 156 -32.83 1.68 8.60
CA GLU E 156 -32.01 1.68 7.38
C GLU E 156 -30.52 1.65 7.70
N LEU E 157 -30.10 2.39 8.73
CA LEU E 157 -28.69 2.38 9.09
C LEU E 157 -28.26 0.97 9.48
N PHE E 158 -29.16 0.24 10.14
CA PHE E 158 -28.87 -1.14 10.52
C PHE E 158 -28.59 -2.00 9.29
N VAL E 159 -29.47 -1.93 8.30
CA VAL E 159 -29.27 -2.68 7.06
C VAL E 159 -27.91 -2.37 6.45
N LYS E 160 -27.51 -1.09 6.45
CA LYS E 160 -26.19 -0.72 5.94
C LYS E 160 -25.09 -1.42 6.71
N PHE E 161 -25.22 -1.48 8.05
CA PHE E 161 -24.24 -2.19 8.85
C PHE E 161 -24.20 -3.67 8.50
N ALA E 162 -25.38 -4.29 8.31
CA ALA E 162 -25.44 -5.70 7.94
C ALA E 162 -24.77 -5.96 6.60
N GLU E 163 -24.99 -5.08 5.62
CA GLU E 163 -24.36 -5.21 4.31
C GLU E 163 -22.84 -5.32 4.45
N GLN E 164 -22.25 -4.42 5.24
CA GLN E 164 -20.81 -4.46 5.49
C GLN E 164 -20.38 -5.81 6.06
N CYS E 165 -21.11 -6.31 7.07
CA CYS E 165 -20.78 -7.61 7.63
C CYS E 165 -20.75 -8.69 6.56
N PHE E 166 -21.78 -8.72 5.71
CA PHE E 166 -21.85 -9.75 4.68
C PHE E 166 -20.72 -9.60 3.67
N LYS E 167 -20.39 -8.36 3.30
CA LYS E 167 -19.35 -8.17 2.31
C LYS E 167 -17.98 -8.49 2.86
N LEU E 168 -17.78 -8.29 4.16
CA LEU E 168 -16.45 -8.48 4.72
C LEU E 168 -16.19 -9.91 5.12
N PHE E 169 -17.20 -10.62 5.63
CA PHE E 169 -17.02 -11.91 6.27
C PHE E 169 -17.82 -13.03 5.63
N GLY E 170 -18.69 -12.73 4.67
CA GLY E 170 -19.49 -13.75 4.02
C GLY E 170 -18.69 -14.74 3.19
N ASP E 171 -17.40 -14.46 2.96
CA ASP E 171 -16.57 -15.43 2.26
C ASP E 171 -16.30 -16.65 3.12
N ARG E 172 -16.21 -16.50 4.44
CA ARG E 172 -15.99 -17.71 5.23
C ARG E 172 -17.00 -17.88 6.36
N VAL E 173 -18.11 -17.15 6.34
CA VAL E 173 -19.21 -17.37 7.28
C VAL E 173 -20.44 -17.77 6.48
N ASP E 174 -21.00 -18.95 6.78
CA ASP E 174 -22.22 -19.44 6.12
C ASP E 174 -23.50 -19.11 6.89
N HIS E 175 -23.45 -19.16 8.21
CA HIS E 175 -24.64 -19.17 9.06
C HIS E 175 -24.78 -17.83 9.76
N TRP E 176 -25.90 -17.16 9.54
CA TRP E 176 -26.09 -15.83 10.07
C TRP E 176 -27.41 -15.75 10.83
N TYR E 177 -27.51 -14.74 11.69
CA TYR E 177 -28.76 -14.39 12.36
C TYR E 177 -28.93 -12.88 12.34
N THR E 178 -30.15 -12.40 12.09
CA THR E 178 -30.37 -10.94 12.09
C THR E 178 -30.32 -10.38 13.51
N PHE E 179 -31.12 -10.96 14.42
CA PHE E 179 -31.23 -10.50 15.80
C PHE E 179 -31.25 -11.68 16.77
N ASN E 180 -30.69 -11.46 17.95
CA ASN E 180 -31.02 -12.29 19.11
C ASN E 180 -32.22 -11.68 19.84
N GLU E 181 -33.37 -12.37 19.79
CA GLU E 181 -34.62 -12.03 20.49
C GLU E 181 -34.95 -10.55 20.50
N PRO E 182 -35.45 -10.00 19.39
CA PRO E 182 -35.88 -8.59 19.41
C PRO E 182 -36.89 -8.25 20.52
N LYS E 183 -37.70 -9.22 20.96
CA LYS E 183 -38.69 -8.97 22.02
C LYS E 183 -38.03 -8.46 23.31
N VAL E 184 -36.78 -8.86 23.58
CA VAL E 184 -36.14 -8.42 24.84
C VAL E 184 -35.76 -6.96 24.71
N VAL E 185 -35.45 -6.52 23.49
CA VAL E 185 -35.24 -5.10 23.22
C VAL E 185 -36.53 -4.32 23.47
N VAL E 186 -37.63 -4.76 22.86
CA VAL E 186 -38.94 -4.13 23.06
C VAL E 186 -39.28 -4.08 24.55
N ASP E 187 -39.28 -5.26 25.19
CA ASP E 187 -39.56 -5.36 26.61
C ASP E 187 -38.62 -4.49 27.44
N GLY E 188 -37.32 -4.62 27.19
CA GLY E 188 -36.35 -4.00 28.08
C GLY E 188 -36.24 -2.50 27.90
N GLN E 189 -36.22 -2.04 26.64
CA GLN E 189 -36.08 -0.60 26.40
C GLN E 189 -37.39 0.16 26.57
N TYR E 190 -38.55 -0.45 26.32
CA TYR E 190 -39.79 0.32 26.25
C TYR E 190 -40.93 -0.14 27.15
N LEU E 191 -40.73 -1.18 27.97
CA LEU E 191 -41.83 -1.71 28.76
C LEU E 191 -41.51 -1.85 30.25
N TYR E 192 -40.40 -2.47 30.61
CA TYR E 192 -40.18 -2.83 32.00
C TYR E 192 -38.90 -2.27 32.65
N GLY E 193 -38.14 -1.43 31.96
CA GLY E 193 -36.98 -0.83 32.59
C GLY E 193 -35.73 -1.69 32.70
N TRP E 194 -35.65 -2.80 31.96
CA TRP E 194 -34.46 -3.66 32.02
C TRP E 194 -33.26 -3.06 31.28
N HIS E 195 -33.51 -2.38 30.16
CA HIS E 195 -32.48 -1.82 29.30
C HIS E 195 -32.61 -0.30 29.29
N TYR E 196 -31.48 0.38 29.43
CA TYR E 196 -31.44 1.79 29.07
C TYR E 196 -31.98 1.88 27.64
N PRO E 197 -32.83 2.88 27.34
CA PRO E 197 -33.17 4.11 28.08
C PRO E 197 -34.31 4.00 29.09
N GLN E 198 -34.80 2.81 29.38
CA GLN E 198 -35.78 2.61 30.44
C GLN E 198 -37.06 3.43 30.22
N VAL E 199 -37.44 3.64 28.96
CA VAL E 199 -38.75 4.17 28.63
C VAL E 199 -39.82 3.16 29.07
N ILE E 200 -40.92 3.68 29.62
CA ILE E 200 -42.09 2.86 29.97
C ILE E 200 -43.27 3.39 29.18
N ASN E 201 -43.50 2.85 27.97
CA ASN E 201 -44.53 3.39 27.07
C ASN E 201 -45.01 2.27 26.15
N GLY E 202 -46.18 1.71 26.45
CA GLY E 202 -46.78 0.67 25.64
C GLY E 202 -46.89 0.97 24.16
N PRO E 203 -47.59 2.05 23.81
CA PRO E 203 -47.73 2.38 22.37
C PRO E 203 -46.40 2.49 21.62
N LYS E 204 -45.39 3.14 22.21
CA LYS E 204 -44.07 3.17 21.59
C LYS E 204 -43.53 1.76 21.39
N ALA E 205 -43.70 0.90 22.40
CA ALA E 205 -43.20 -0.48 22.29
C ALA E 205 -43.81 -1.17 21.08
N VAL E 206 -45.11 -0.96 20.84
CA VAL E 206 -45.75 -1.57 19.68
C VAL E 206 -45.01 -1.21 18.40
N GLN E 207 -44.72 0.09 18.22
CA GLN E 207 -44.01 0.55 17.03
C GLN E 207 -42.60 0.00 16.95
N VAL E 208 -41.95 -0.20 18.10
CA VAL E 208 -40.60 -0.74 18.07
C VAL E 208 -40.62 -2.20 17.64
N ALA E 209 -41.59 -2.98 18.14
CA ALA E 209 -41.67 -4.37 17.70
C ALA E 209 -41.86 -4.46 16.20
N TYR E 210 -42.73 -3.60 15.63
CA TYR E 210 -42.90 -3.56 14.18
C TYR E 210 -41.58 -3.23 13.47
N ASN E 211 -40.90 -2.18 13.94
CA ASN E 211 -39.71 -1.70 13.25
C ASN E 211 -38.60 -2.75 13.25
N MET E 212 -38.47 -3.52 14.32
CA MET E 212 -37.42 -4.52 14.34
C MET E 212 -37.76 -5.70 13.44
N ASN E 213 -39.05 -6.10 13.43
CA ASN E 213 -39.53 -7.07 12.46
C ASN E 213 -39.23 -6.60 11.02
N LEU E 214 -39.41 -5.32 10.76
CA LEU E 214 -39.14 -4.80 9.42
C LEU E 214 -37.63 -4.74 9.16
N ALA E 215 -36.85 -4.32 10.15
CA ALA E 215 -35.39 -4.31 9.99
C ALA E 215 -34.85 -5.70 9.70
N SER E 216 -35.49 -6.73 10.28
CA SER E 216 -35.04 -8.10 10.05
C SER E 216 -35.35 -8.53 8.63
N ALA E 217 -36.57 -8.26 8.18
CA ALA E 217 -36.96 -8.59 6.80
C ALA E 217 -36.03 -7.93 5.81
N LYS E 218 -35.78 -6.63 5.99
CA LYS E 218 -34.88 -5.93 5.08
C LYS E 218 -33.49 -6.53 5.13
N THR E 219 -33.11 -7.11 6.26
CA THR E 219 -31.78 -7.70 6.35
C THR E 219 -31.70 -9.06 5.64
N VAL E 220 -32.78 -9.85 5.65
CA VAL E 220 -32.82 -11.06 4.83
C VAL E 220 -32.76 -10.70 3.34
N ALA E 221 -33.50 -9.66 2.93
CA ALA E 221 -33.46 -9.19 1.55
C ALA E 221 -32.04 -8.83 1.10
N ARG E 222 -31.34 -8.02 1.90
CA ARG E 222 -29.98 -7.63 1.54
C ARG E 222 -29.05 -8.84 1.55
N PHE E 223 -29.27 -9.75 2.50
CA PHE E 223 -28.42 -10.93 2.61
C PHE E 223 -28.46 -11.77 1.34
N HIS E 224 -29.67 -12.08 0.84
CA HIS E 224 -29.77 -12.91 -0.36
C HIS E 224 -29.42 -12.18 -1.65
N GLU E 225 -29.43 -10.84 -1.67
CA GLU E 225 -28.90 -10.14 -2.84
C GLU E 225 -27.41 -10.37 -2.98
N LEU E 226 -26.71 -10.57 -1.87
CA LEU E 226 -25.27 -10.76 -1.85
C LEU E 226 -24.86 -12.22 -1.67
N SER E 227 -25.79 -13.12 -1.38
CA SER E 227 -25.44 -14.52 -1.21
C SER E 227 -24.89 -15.08 -2.52
N VAL E 228 -23.77 -15.79 -2.46
CA VAL E 228 -23.21 -16.48 -3.61
C VAL E 228 -23.20 -17.99 -3.42
N ARG E 229 -22.97 -18.46 -2.21
CA ARG E 229 -23.02 -19.90 -2.06
C ARG E 229 -24.42 -20.35 -1.66
N PRO E 230 -24.84 -21.55 -2.08
CA PRO E 230 -26.12 -22.09 -1.60
C PRO E 230 -26.13 -22.45 -0.13
N GLU E 231 -24.95 -22.58 0.52
CA GLU E 231 -24.90 -22.82 1.96
C GLU E 231 -25.24 -21.59 2.77
N GLN E 232 -25.03 -20.39 2.23
CA GLN E 232 -25.28 -19.17 2.99
C GLN E 232 -26.77 -19.07 3.33
N GLN E 233 -27.06 -18.89 4.62
CA GLN E 233 -28.45 -18.78 5.05
C GLN E 233 -28.49 -17.88 6.27
N ILE E 234 -29.63 -17.22 6.48
CA ILE E 234 -29.75 -16.28 7.58
C ILE E 234 -31.06 -16.50 8.32
N GLY E 235 -30.99 -16.44 9.64
CA GLY E 235 -32.16 -16.72 10.44
C GLY E 235 -32.43 -15.62 11.44
N ILE E 236 -33.31 -15.93 12.39
CA ILE E 236 -33.58 -15.06 13.51
C ILE E 236 -33.65 -15.95 14.74
N ILE E 237 -33.26 -15.40 15.89
CA ILE E 237 -33.29 -16.10 17.17
C ILE E 237 -34.45 -15.55 17.97
N LEU E 238 -35.40 -16.43 18.32
CA LEU E 238 -36.59 -16.06 19.08
C LEU E 238 -36.77 -16.97 20.26
N ASN E 239 -37.49 -16.46 21.25
CA ASN E 239 -37.98 -17.26 22.36
C ASN E 239 -39.43 -17.64 22.02
N LEU E 240 -39.68 -18.95 21.93
CA LEU E 240 -40.99 -19.48 21.57
C LEU E 240 -41.63 -20.30 22.70
N THR E 241 -41.32 -19.97 23.95
CA THR E 241 -41.93 -20.67 25.07
C THR E 241 -43.45 -20.56 25.00
N PRO E 242 -44.17 -21.67 25.17
CA PRO E 242 -45.63 -21.58 25.20
C PRO E 242 -46.11 -20.80 26.41
N ALA E 243 -47.29 -20.19 26.28
CA ALA E 243 -47.93 -19.48 27.39
C ALA E 243 -48.95 -20.45 27.98
N TYR E 244 -48.59 -21.09 29.09
CA TYR E 244 -49.49 -22.05 29.73
C TYR E 244 -50.51 -21.30 30.58
N ALA E 245 -51.79 -21.48 30.28
CA ALA E 245 -52.84 -20.93 31.11
C ALA E 245 -52.78 -21.56 32.51
N ALA E 246 -53.22 -20.79 33.49
CA ALA E 246 -53.26 -21.29 34.87
C ALA E 246 -54.29 -22.40 35.04
N SER E 247 -55.47 -22.26 34.43
CA SER E 247 -56.54 -23.22 34.57
C SER E 247 -57.31 -23.30 33.26
N ASP E 248 -58.31 -24.21 33.22
CA ASP E 248 -59.23 -24.30 32.09
C ASP E 248 -60.30 -23.24 32.14
N ASP E 249 -60.25 -22.37 33.14
CA ASP E 249 -61.30 -21.39 33.24
C ASP E 249 -61.17 -20.37 32.11
N PRO E 250 -62.29 -19.84 31.63
CA PRO E 250 -62.25 -19.07 30.38
C PRO E 250 -61.38 -17.83 30.44
N ALA E 251 -61.36 -17.12 31.58
CA ALA E 251 -60.54 -15.92 31.69
C ALA E 251 -59.05 -16.24 31.64
N ASP E 252 -58.66 -17.39 32.21
CA ASP E 252 -57.25 -17.79 32.14
C ASP E 252 -56.87 -18.21 30.73
N LEU E 253 -57.80 -18.83 30.00
CA LEU E 253 -57.54 -19.18 28.61
C LEU E 253 -57.39 -17.93 27.75
N ALA E 254 -58.29 -16.95 27.93
CA ALA E 254 -58.21 -15.73 27.15
C ALA E 254 -56.90 -14.98 27.41
N ALA E 255 -56.47 -14.94 28.67
CA ALA E 255 -55.17 -14.33 28.98
C ALA E 255 -54.04 -15.10 28.28
N ALA E 256 -54.14 -16.43 28.25
CA ALA E 256 -53.12 -17.24 27.60
C ALA E 256 -53.05 -16.96 26.10
N GLU E 257 -54.22 -16.93 25.44
CA GLU E 257 -54.25 -16.78 23.99
C GLU E 257 -53.62 -15.45 23.57
N PHE E 258 -53.88 -14.36 24.31
CA PHE E 258 -53.25 -13.09 23.99
C PHE E 258 -51.76 -13.15 24.30
N ALA E 259 -51.38 -13.67 25.47
CA ALA E 259 -49.97 -13.79 25.84
C ALA E 259 -49.20 -14.56 24.78
N GLU E 260 -49.83 -15.56 24.18
CA GLU E 260 -49.19 -16.31 23.10
C GLU E 260 -49.02 -15.42 21.86
N LEU E 261 -50.11 -14.79 21.39
CA LEU E 261 -50.02 -13.92 20.22
C LEU E 261 -48.97 -12.84 20.40
N TRP E 262 -48.87 -12.31 21.61
CA TRP E 262 -48.04 -11.13 21.84
C TRP E 262 -46.58 -11.51 22.04
N SER E 263 -46.30 -12.58 22.77
CA SER E 263 -44.92 -12.93 23.07
C SER E 263 -44.30 -13.85 22.04
N ASN E 264 -45.12 -14.54 21.24
CA ASN E 264 -44.59 -15.44 20.23
C ASN E 264 -44.99 -15.07 18.82
N ASN E 265 -46.29 -14.89 18.53
CA ASN E 265 -46.70 -14.68 17.14
C ASN E 265 -46.20 -13.32 16.61
N LEU E 266 -46.10 -12.31 17.49
CA LEU E 266 -45.62 -10.99 17.08
C LEU E 266 -44.36 -11.05 16.23
N PHE E 267 -43.48 -12.05 16.45
CA PHE E 267 -42.22 -12.14 15.74
C PHE E 267 -42.08 -13.41 14.91
N LEU E 268 -42.62 -14.53 15.39
CA LEU E 268 -42.53 -15.78 14.64
C LEU E 268 -43.30 -15.69 13.33
N ASP E 269 -44.54 -15.18 13.38
CA ASP E 269 -45.38 -15.09 12.18
C ASP E 269 -44.75 -14.19 11.11
N PRO E 270 -44.34 -12.94 11.39
CA PRO E 270 -43.72 -12.17 10.30
C PRO E 270 -42.48 -12.87 9.76
N ALA E 271 -41.65 -13.42 10.65
CA ALA E 271 -40.33 -13.91 10.24
C ALA E 271 -40.43 -15.18 9.40
N VAL E 272 -41.42 -16.03 9.67
CA VAL E 272 -41.53 -17.34 9.03
C VAL E 272 -42.66 -17.37 8.00
N LEU E 273 -43.78 -16.70 8.26
CA LEU E 273 -44.90 -16.71 7.34
C LEU E 273 -45.08 -15.42 6.54
N GLY E 274 -44.41 -14.33 6.92
CA GLY E 274 -44.46 -13.11 6.13
C GLY E 274 -45.61 -12.17 6.41
N HIS E 275 -46.34 -12.39 7.50
CA HIS E 275 -47.44 -11.50 7.86
C HIS E 275 -47.61 -11.50 9.37
N PHE E 276 -48.17 -10.40 9.88
CA PHE E 276 -48.46 -10.27 11.30
C PHE E 276 -49.74 -11.03 11.63
N PRO E 277 -49.88 -11.50 12.87
CA PRO E 277 -51.05 -12.32 13.22
C PRO E 277 -52.32 -11.48 13.25
N GLU E 278 -53.28 -11.86 12.38
CA GLU E 278 -54.54 -11.14 12.20
C GLU E 278 -55.23 -10.81 13.52
N LYS E 279 -55.35 -11.80 14.42
CA LYS E 279 -56.06 -11.55 15.67
C LYS E 279 -55.35 -10.49 16.51
N LEU E 280 -54.01 -10.46 16.47
CA LEU E 280 -53.28 -9.47 17.25
C LEU E 280 -53.44 -8.09 16.65
N VAL E 281 -53.38 -7.99 15.33
CA VAL E 281 -53.56 -6.70 14.65
C VAL E 281 -54.95 -6.17 14.96
N GLU E 282 -55.96 -7.04 14.89
CA GLU E 282 -57.31 -6.64 15.23
C GLU E 282 -57.40 -6.10 16.65
N ARG E 283 -56.73 -6.77 17.60
CA ARG E 283 -56.79 -6.35 19.01
C ARG E 283 -56.15 -4.97 19.20
N LEU E 284 -54.94 -4.78 18.66
CA LEU E 284 -54.24 -3.52 18.87
C LEU E 284 -54.88 -2.37 18.10
N THR E 285 -55.52 -2.67 16.97
CA THR E 285 -56.34 -1.66 16.32
C THR E 285 -57.48 -1.23 17.23
N MET E 286 -58.16 -2.20 17.86
CA MET E 286 -59.25 -1.85 18.77
C MET E 286 -58.77 -0.94 19.89
N ASP E 287 -57.56 -1.20 20.40
CA ASP E 287 -57.06 -0.37 21.49
C ASP E 287 -56.35 0.89 21.00
N GLY E 288 -56.45 1.23 19.72
CA GLY E 288 -55.81 2.41 19.16
C GLY E 288 -54.31 2.51 19.35
N VAL E 289 -53.60 1.38 19.40
CA VAL E 289 -52.16 1.44 19.59
C VAL E 289 -51.39 0.80 18.44
N LEU E 290 -52.07 0.50 17.33
CA LEU E 290 -51.41 -0.18 16.22
C LEU E 290 -50.24 0.65 15.69
N TRP E 291 -49.20 -0.04 15.23
CA TRP E 291 -48.04 0.60 14.61
C TRP E 291 -48.42 1.29 13.30
N ASP E 292 -47.56 2.20 12.85
CA ASP E 292 -47.66 2.81 11.53
C ASP E 292 -46.89 1.96 10.52
N ALA E 293 -47.62 1.43 9.52
CA ALA E 293 -47.02 0.65 8.46
C ALA E 293 -47.38 1.24 7.10
N THR E 294 -46.51 1.03 6.13
CA THR E 294 -46.83 1.38 4.75
C THR E 294 -46.98 0.11 3.93
N PRO E 295 -47.73 0.17 2.82
CA PRO E 295 -47.83 -1.03 1.96
C PRO E 295 -46.49 -1.61 1.53
N THR E 296 -45.51 -0.77 1.16
CA THR E 296 -44.21 -1.25 0.74
C THR E 296 -43.53 -2.05 1.84
N GLU E 297 -43.56 -1.52 3.08
CA GLU E 297 -42.92 -2.21 4.20
C GLU E 297 -43.56 -3.58 4.42
N LEU E 298 -44.90 -3.65 4.34
CA LEU E 298 -45.58 -4.94 4.51
C LEU E 298 -45.27 -5.89 3.36
N ALA E 299 -44.97 -5.35 2.16
CA ALA E 299 -44.58 -6.18 1.04
C ALA E 299 -43.17 -6.72 1.22
N ILE E 300 -42.27 -5.92 1.80
CA ILE E 300 -40.93 -6.40 2.10
C ILE E 300 -40.97 -7.54 3.13
N ILE E 301 -41.80 -7.37 4.18
CA ILE E 301 -41.91 -8.41 5.20
C ILE E 301 -42.45 -9.70 4.58
N ALA E 302 -43.43 -9.57 3.67
CA ALA E 302 -44.06 -10.74 3.07
C ALA E 302 -43.11 -11.46 2.10
N ALA E 303 -42.20 -10.73 1.46
CA ALA E 303 -41.34 -11.26 0.42
C ALA E 303 -40.02 -11.85 0.92
N ASN E 304 -39.63 -11.60 2.17
CA ASN E 304 -38.31 -12.04 2.66
C ASN E 304 -38.37 -12.78 4.01
N PRO E 305 -39.01 -13.96 4.06
CA PRO E 305 -38.96 -14.77 5.30
C PRO E 305 -37.54 -15.25 5.60
N VAL E 306 -37.33 -15.67 6.86
CA VAL E 306 -35.99 -16.20 7.24
C VAL E 306 -35.77 -17.59 6.64
N ASP E 307 -34.50 -17.99 6.58
CA ASP E 307 -34.15 -19.34 6.14
C ASP E 307 -34.24 -20.38 7.25
N SER E 308 -34.08 -19.97 8.52
CA SER E 308 -34.01 -20.89 9.64
C SER E 308 -34.41 -20.16 10.91
N LEU E 309 -34.56 -20.92 11.98
CA LEU E 309 -35.05 -20.40 13.24
C LEU E 309 -34.10 -20.82 14.36
N GLY E 310 -33.75 -19.87 15.21
CA GLY E 310 -33.06 -20.18 16.46
C GLY E 310 -34.03 -20.01 17.62
N VAL E 311 -34.13 -21.05 18.45
CA VAL E 311 -35.06 -21.07 19.60
C VAL E 311 -34.24 -20.98 20.89
N ASN E 312 -34.53 -19.95 21.69
CA ASN E 312 -33.95 -19.82 23.04
C ASN E 312 -34.96 -20.29 24.08
N TYR E 313 -34.57 -21.26 24.92
CA TYR E 313 -35.45 -21.72 25.99
C TYR E 313 -34.70 -21.92 27.30
N TYR E 314 -35.27 -21.41 28.39
CA TYR E 314 -34.68 -21.59 29.72
C TYR E 314 -35.69 -22.05 30.78
N HIS E 315 -36.89 -21.51 30.78
CA HIS E 315 -37.88 -21.74 31.84
C HIS E 315 -39.27 -21.55 31.22
N PRO E 316 -40.29 -22.16 31.83
CA PRO E 316 -41.64 -22.06 31.23
C PRO E 316 -42.27 -20.69 31.45
N PHE E 317 -43.45 -20.51 30.88
CA PHE E 317 -44.17 -19.25 30.89
C PHE E 317 -45.63 -19.56 31.20
N ARG E 318 -46.09 -19.17 32.38
CA ARG E 318 -47.46 -19.42 32.76
C ARG E 318 -48.21 -18.13 33.09
N VAL E 319 -49.50 -18.15 32.80
CA VAL E 319 -50.29 -16.94 32.67
C VAL E 319 -51.69 -17.19 33.19
N GLN E 320 -52.22 -16.23 33.93
CA GLN E 320 -53.61 -16.23 34.39
C GLN E 320 -54.24 -14.88 34.05
N ARG E 321 -55.51 -14.74 34.40
CA ARG E 321 -56.28 -13.56 34.09
C ARG E 321 -55.69 -12.34 34.79
N PRO E 322 -55.94 -11.15 34.26
CA PRO E 322 -55.46 -9.94 34.94
C PRO E 322 -56.30 -9.61 36.17
N ASP E 323 -55.67 -8.97 37.18
CA ASP E 323 -56.38 -8.63 38.41
C ASP E 323 -57.58 -7.74 38.13
N ILE E 324 -57.39 -6.70 37.31
CA ILE E 324 -58.43 -5.72 37.03
C ILE E 324 -58.77 -5.82 35.55
N SER E 325 -59.97 -5.35 35.23
CA SER E 325 -60.46 -5.41 33.87
C SER E 325 -59.56 -4.60 32.94
N PRO E 326 -59.25 -5.12 31.75
CA PRO E 326 -58.47 -4.33 30.78
C PRO E 326 -59.14 -3.02 30.39
N LYS E 327 -60.44 -2.87 30.63
CA LYS E 327 -61.09 -1.63 30.26
C LYS E 327 -60.95 -0.53 31.29
N SER E 328 -60.27 -0.77 32.43
CA SER E 328 -60.05 0.31 33.38
C SER E 328 -59.16 1.38 32.77
N LEU E 329 -59.42 2.65 33.12
CA LEU E 329 -58.53 3.74 32.71
C LEU E 329 -57.14 3.49 33.28
N GLN E 330 -56.17 3.28 32.39
CA GLN E 330 -54.79 2.96 32.77
C GLN E 330 -53.92 3.05 31.52
N PRO E 331 -52.61 3.27 31.66
CA PRO E 331 -51.72 3.23 30.48
C PRO E 331 -51.86 1.89 29.76
N TRP E 332 -51.94 1.94 28.43
CA TRP E 332 -51.90 0.72 27.64
C TRP E 332 -50.54 0.02 27.79
N MET E 333 -50.59 -1.29 27.99
CA MET E 333 -49.49 -2.23 28.14
C MET E 333 -50.03 -3.55 27.64
N PRO E 334 -49.20 -4.42 27.07
CA PRO E 334 -49.70 -5.76 26.76
C PRO E 334 -50.14 -6.51 28.01
N ASP E 335 -49.59 -6.17 29.18
CA ASP E 335 -49.93 -6.85 30.43
C ASP E 335 -51.35 -6.61 30.93
N ILE E 336 -52.09 -5.64 30.37
CA ILE E 336 -53.47 -5.47 30.80
C ILE E 336 -54.30 -6.70 30.50
N TYR E 337 -53.81 -7.60 29.65
CA TYR E 337 -54.56 -8.80 29.28
C TYR E 337 -54.08 -10.08 29.95
N PHE E 338 -52.99 -10.05 30.73
CA PHE E 338 -52.50 -11.29 31.35
C PHE E 338 -51.55 -10.98 32.49
N LYS E 339 -51.50 -11.89 33.46
CA LYS E 339 -50.65 -11.78 34.63
C LYS E 339 -49.86 -13.08 34.82
N GLU E 340 -48.60 -12.95 35.22
CA GLU E 340 -47.79 -14.13 35.45
C GLU E 340 -48.35 -14.97 36.59
N TYR E 341 -48.20 -16.27 36.49
CA TYR E 341 -48.79 -17.18 37.45
C TYR E 341 -47.76 -18.18 37.96
N ASP E 342 -47.77 -18.44 39.27
CA ASP E 342 -46.81 -19.35 39.89
C ASP E 342 -47.51 -20.68 40.19
N MET E 343 -46.97 -21.76 39.66
CA MET E 343 -47.74 -22.99 39.83
C MET E 343 -47.36 -23.68 41.13
N PRO E 344 -48.32 -24.02 41.99
CA PRO E 344 -47.98 -24.82 43.18
C PRO E 344 -47.39 -26.18 42.81
N GLY E 345 -46.37 -26.59 43.55
CA GLY E 345 -45.66 -27.83 43.26
C GLY E 345 -44.65 -27.73 42.14
N ARG E 346 -44.44 -26.54 41.57
CA ARG E 346 -43.42 -26.35 40.55
C ARG E 346 -42.06 -26.84 41.06
N MET E 347 -41.25 -27.32 40.13
CA MET E 347 -39.87 -27.69 40.38
C MET E 347 -39.01 -26.45 40.13
N MET E 348 -38.24 -26.04 41.13
CA MET E 348 -37.59 -24.73 41.10
C MET E 348 -36.08 -24.83 41.08
N ASN E 349 -35.47 -23.88 40.39
CA ASN E 349 -34.07 -23.49 40.57
C ASN E 349 -34.08 -22.38 41.62
N VAL E 350 -33.96 -22.76 42.90
CA VAL E 350 -34.45 -21.90 43.99
C VAL E 350 -33.63 -20.61 44.09
N ASP E 351 -32.30 -20.72 44.09
CA ASP E 351 -31.50 -19.50 44.20
C ASP E 351 -31.73 -18.55 43.02
N ARG E 352 -32.21 -19.07 41.88
CA ARG E 352 -32.37 -18.27 40.67
C ARG E 352 -33.81 -17.80 40.44
N GLY E 353 -34.81 -18.46 41.03
CA GLY E 353 -36.18 -18.07 40.81
C GLY E 353 -36.77 -18.52 39.50
N TRP E 354 -36.27 -19.60 38.92
CA TRP E 354 -36.72 -20.11 37.63
C TRP E 354 -37.27 -21.51 37.80
N GLU E 355 -38.48 -21.74 37.30
CA GLU E 355 -39.03 -23.09 37.30
C GLU E 355 -38.32 -23.95 36.26
N ILE E 356 -38.18 -25.25 36.54
CA ILE E 356 -37.55 -26.20 35.65
C ILE E 356 -38.63 -27.05 35.02
N TYR E 357 -38.77 -26.99 33.69
CA TYR E 357 -39.86 -27.68 32.99
C TYR E 357 -39.40 -28.08 31.60
N PRO E 358 -38.60 -29.16 31.49
CA PRO E 358 -37.99 -29.47 30.19
C PRO E 358 -39.00 -29.86 29.11
N GLN E 359 -40.21 -30.28 29.48
CA GLN E 359 -41.18 -30.71 28.48
C GLN E 359 -41.54 -29.60 27.49
N ALA E 360 -41.29 -28.34 27.84
CA ALA E 360 -41.68 -27.26 26.95
C ALA E 360 -40.89 -27.30 25.65
N MET E 361 -39.68 -27.88 25.68
CA MET E 361 -38.90 -28.04 24.46
C MET E 361 -39.63 -28.95 23.46
N THR E 362 -40.25 -30.02 23.95
CA THR E 362 -41.06 -30.86 23.08
C THR E 362 -42.27 -30.11 22.51
N ASP E 363 -42.96 -29.33 23.36
CA ASP E 363 -44.07 -28.49 22.89
C ASP E 363 -43.60 -27.54 21.81
N ILE E 364 -42.44 -26.91 22.03
CA ILE E 364 -41.88 -26.00 21.04
C ILE E 364 -41.62 -26.74 19.73
N ALA E 365 -40.92 -27.89 19.81
CA ALA E 365 -40.57 -28.63 18.61
C ALA E 365 -41.81 -29.00 17.81
N ARG E 366 -42.89 -29.35 18.49
CA ARG E 366 -44.09 -29.78 17.79
C ARG E 366 -44.75 -28.62 17.04
N ASN E 367 -44.75 -27.43 17.67
CA ASN E 367 -45.36 -26.26 17.06
C ASN E 367 -44.64 -25.90 15.76
N ILE E 368 -43.31 -25.81 15.80
CA ILE E 368 -42.55 -25.52 14.60
C ILE E 368 -42.87 -26.56 13.52
N GLN E 369 -42.85 -27.83 13.90
CA GLN E 369 -43.10 -28.90 12.94
C GLN E 369 -44.50 -28.79 12.33
N LYS E 370 -45.46 -28.32 13.11
CA LYS E 370 -46.84 -28.43 12.67
C LYS E 370 -47.39 -27.16 12.03
N ASN E 371 -47.11 -26.01 12.64
CA ASN E 371 -47.71 -24.76 12.22
C ASN E 371 -46.73 -23.86 11.47
N TYR E 372 -45.45 -24.20 11.43
CA TYR E 372 -44.48 -23.34 10.77
C TYR E 372 -43.66 -24.11 9.74
N GLY E 373 -44.29 -25.09 9.10
CA GLY E 373 -43.72 -25.76 7.95
C GLY E 373 -42.53 -26.63 8.26
N ASN E 374 -42.26 -26.88 9.54
CA ASN E 374 -41.07 -27.61 9.96
C ASN E 374 -39.81 -26.99 9.34
N ILE E 375 -39.74 -25.66 9.41
CA ILE E 375 -38.60 -24.88 8.97
C ILE E 375 -37.35 -25.40 9.69
N PRO E 376 -36.18 -25.38 9.05
CA PRO E 376 -34.95 -25.75 9.78
C PRO E 376 -34.76 -24.88 11.00
N TRP E 377 -34.45 -25.52 12.13
CA TRP E 377 -34.25 -24.77 13.35
C TRP E 377 -33.26 -25.44 14.27
N MET E 378 -32.77 -24.66 15.21
CA MET E 378 -31.89 -25.14 16.28
C MET E 378 -32.33 -24.57 17.62
N ILE E 379 -31.95 -25.27 18.69
CA ILE E 379 -31.83 -24.65 20.01
C ILE E 379 -30.64 -23.70 19.97
N SER E 380 -30.91 -22.39 19.85
CA SER E 380 -29.84 -21.42 19.88
C SER E 380 -29.37 -21.08 21.30
N GLU E 381 -30.17 -21.37 22.33
CA GLU E 381 -29.76 -21.11 23.71
C GLU E 381 -30.52 -22.01 24.66
N ASN E 382 -29.77 -22.64 25.58
CA ASN E 382 -30.29 -23.44 26.68
C ASN E 382 -29.17 -23.57 27.68
N GLY E 383 -29.43 -23.24 28.95
CA GLY E 383 -28.36 -23.29 29.94
C GLY E 383 -28.89 -23.06 31.34
N MET E 384 -27.97 -23.15 32.30
CA MET E 384 -28.29 -23.03 33.72
C MET E 384 -27.32 -22.08 34.41
N GLY E 385 -27.85 -21.10 35.14
CA GLY E 385 -27.04 -20.12 35.85
C GLY E 385 -27.02 -20.39 37.36
N VAL E 386 -25.80 -20.45 37.91
CA VAL E 386 -25.58 -20.77 39.32
C VAL E 386 -24.60 -19.76 39.89
N ALA E 387 -24.87 -19.31 41.11
CA ALA E 387 -24.00 -18.35 41.78
C ALA E 387 -23.04 -19.05 42.75
N GLY E 388 -21.88 -18.44 42.96
CA GLY E 388 -20.88 -18.96 43.87
C GLY E 388 -20.41 -20.36 43.52
N GLU E 389 -20.01 -20.55 42.26
CA GLU E 389 -19.57 -21.87 41.83
C GLU E 389 -18.24 -22.27 42.45
N GLU E 390 -17.50 -21.31 43.02
CA GLU E 390 -16.31 -21.69 43.74
C GLU E 390 -16.60 -22.58 44.93
N ARG E 391 -17.87 -22.71 45.33
CA ARG E 391 -18.24 -23.71 46.34
C ARG E 391 -18.13 -25.14 45.82
N PHE E 392 -18.01 -25.33 44.51
CA PHE E 392 -18.01 -26.68 43.95
C PHE E 392 -16.67 -27.04 43.33
N LEU E 393 -15.64 -26.21 43.52
CA LEU E 393 -14.30 -26.62 43.13
C LEU E 393 -13.90 -27.88 43.87
N ASP E 394 -13.31 -28.83 43.14
CA ASP E 394 -12.65 -29.97 43.74
C ASP E 394 -11.20 -29.61 44.07
N LYS E 395 -10.48 -30.58 44.62
CA LYS E 395 -9.11 -30.34 45.03
C LYS E 395 -8.13 -30.27 43.86
N GLN E 396 -8.63 -30.02 42.65
CA GLN E 396 -7.78 -29.72 41.51
C GLN E 396 -8.19 -28.42 40.83
N GLY E 397 -9.16 -27.68 41.40
CA GLY E 397 -9.54 -26.40 40.86
C GLY E 397 -10.58 -26.44 39.76
N VAL E 398 -11.30 -27.53 39.63
CA VAL E 398 -12.32 -27.69 38.60
C VAL E 398 -13.69 -27.64 39.27
N VAL E 399 -14.61 -26.90 38.65
CA VAL E 399 -16.00 -26.81 39.13
C VAL E 399 -16.70 -28.12 38.79
N GLN E 400 -17.18 -28.83 39.81
CA GLN E 400 -17.97 -30.05 39.62
C GLN E 400 -19.43 -29.67 39.43
N ASP E 401 -19.76 -29.18 38.23
CA ASP E 401 -21.12 -28.72 37.96
C ASP E 401 -21.98 -29.88 37.44
N ASP E 402 -22.21 -30.86 38.33
CA ASP E 402 -23.10 -31.96 37.96
C ASP E 402 -24.54 -31.49 37.74
N TYR E 403 -24.98 -30.48 38.50
CA TYR E 403 -26.29 -29.87 38.25
C TYR E 403 -26.42 -29.39 36.80
N ARG E 404 -25.33 -28.91 36.20
CA ARG E 404 -25.40 -28.40 34.83
C ARG E 404 -25.56 -29.55 33.83
N ILE E 405 -24.82 -30.65 34.04
CA ILE E 405 -24.96 -31.85 33.24
C ILE E 405 -26.37 -32.42 33.35
N ASP E 406 -26.89 -32.55 34.58
CA ASP E 406 -28.26 -33.00 34.78
C ASP E 406 -29.24 -32.12 34.01
N PHE E 407 -29.09 -30.80 34.14
CA PHE E 407 -29.97 -29.89 33.41
C PHE E 407 -29.91 -30.18 31.91
N MET E 408 -28.71 -30.35 31.37
CA MET E 408 -28.57 -30.65 29.95
C MET E 408 -29.22 -31.98 29.59
N LYS E 409 -29.04 -33.01 30.45
CA LYS E 409 -29.63 -34.32 30.20
C LYS E 409 -31.14 -34.24 30.09
N GLU E 410 -31.81 -33.60 31.06
CA GLU E 410 -33.27 -33.55 31.05
C GLU E 410 -33.80 -32.81 29.83
N HIS E 411 -33.15 -31.70 29.45
CA HIS E 411 -33.66 -30.91 28.34
C HIS E 411 -33.33 -31.55 27.00
N LEU E 412 -32.14 -32.16 26.90
CA LEU E 412 -31.80 -32.88 25.68
C LEU E 412 -32.73 -34.06 25.48
N THR E 413 -33.12 -34.72 26.56
CA THR E 413 -34.09 -35.81 26.49
C THR E 413 -35.42 -35.34 25.91
N ALA E 414 -35.92 -34.21 26.41
CA ALA E 414 -37.15 -33.65 25.87
C ALA E 414 -36.97 -33.24 24.41
N LEU E 415 -35.79 -32.74 24.05
CA LEU E 415 -35.55 -32.32 22.68
C LEU E 415 -35.56 -33.52 21.73
N ALA E 416 -34.92 -34.62 22.13
CA ALA E 416 -34.86 -35.81 21.28
C ALA E 416 -36.24 -36.39 21.03
N LYS E 417 -37.14 -36.28 22.02
CA LYS E 417 -38.53 -36.68 21.78
C LYS E 417 -39.16 -35.82 20.67
N GLY E 418 -38.96 -34.50 20.72
CA GLY E 418 -39.43 -33.66 19.63
C GLY E 418 -38.86 -34.07 18.28
N ILE E 419 -37.57 -34.44 18.26
CA ILE E 419 -36.94 -34.87 17.02
C ILE E 419 -37.52 -36.19 16.55
N ALA E 420 -37.70 -37.16 17.46
CA ALA E 420 -38.24 -38.45 17.07
C ALA E 420 -39.64 -38.33 16.49
N ALA E 421 -40.44 -37.38 16.99
CA ALA E 421 -41.74 -37.11 16.39
C ALA E 421 -41.63 -36.40 15.05
N GLY E 422 -40.42 -36.06 14.60
CA GLY E 422 -40.19 -35.54 13.27
C GLY E 422 -39.87 -34.07 13.17
N SER E 423 -39.55 -33.40 14.26
CA SER E 423 -39.24 -31.97 14.20
C SER E 423 -37.88 -31.75 13.56
N ASN E 424 -37.77 -30.67 12.78
CA ASN E 424 -36.59 -30.39 11.97
C ASN E 424 -35.53 -29.65 12.77
N CYS E 425 -35.18 -30.14 13.96
CA CYS E 425 -34.13 -29.52 14.78
C CYS E 425 -32.75 -30.03 14.36
N GLN E 426 -31.82 -29.10 14.16
CA GLN E 426 -30.53 -29.47 13.60
C GLN E 426 -29.34 -29.16 14.51
N GLY E 427 -29.56 -28.62 15.69
CA GLY E 427 -28.43 -28.38 16.57
C GLY E 427 -28.88 -27.98 17.95
N TYR E 428 -27.89 -27.90 18.85
CA TYR E 428 -28.10 -27.54 20.24
C TYR E 428 -26.90 -26.71 20.69
N PHE E 429 -27.17 -25.48 21.09
CA PHE E 429 -26.13 -24.53 21.48
C PHE E 429 -26.31 -24.24 22.97
N VAL E 430 -25.25 -24.47 23.73
CA VAL E 430 -25.28 -24.20 25.16
C VAL E 430 -25.08 -22.70 25.40
N TRP E 431 -25.91 -22.13 26.26
CA TRP E 431 -25.52 -20.88 26.89
C TRP E 431 -24.97 -21.21 28.27
N SER E 432 -23.65 -21.16 28.46
CA SER E 432 -22.72 -20.63 27.47
C SER E 432 -21.39 -21.40 27.35
N GLY E 433 -20.50 -20.92 26.48
CA GLY E 433 -19.17 -21.50 26.35
C GLY E 433 -18.32 -21.19 27.56
N ILE E 434 -17.99 -19.90 27.70
CA ILE E 434 -17.24 -19.38 28.83
C ILE E 434 -18.16 -18.43 29.59
N ASP E 435 -18.07 -18.45 30.93
CA ASP E 435 -18.85 -17.51 31.73
C ASP E 435 -18.71 -16.09 31.17
N CYS E 436 -19.83 -15.42 30.97
CA CYS E 436 -19.84 -14.12 30.31
C CYS E 436 -20.74 -13.15 31.05
N TRP E 437 -20.65 -11.88 30.68
CA TRP E 437 -21.21 -10.80 31.48
C TRP E 437 -22.69 -10.67 31.18
N SER E 438 -23.53 -10.94 32.19
CA SER E 438 -24.97 -11.06 31.99
C SER E 438 -25.67 -9.74 32.36
N TRP E 439 -25.38 -8.70 31.56
CA TRP E 439 -26.04 -7.38 31.65
C TRP E 439 -25.99 -6.90 33.10
N ASN E 440 -27.10 -6.48 33.70
CA ASN E 440 -27.06 -5.93 35.05
C ASN E 440 -26.65 -6.98 36.07
N HIS E 441 -26.95 -8.25 35.80
CA HIS E 441 -26.55 -9.32 36.71
C HIS E 441 -25.05 -9.60 36.63
N ALA E 442 -24.35 -9.08 35.62
CA ALA E 442 -22.91 -9.29 35.49
C ALA E 442 -22.52 -10.76 35.65
N TYR E 443 -21.63 -11.02 36.61
CA TYR E 443 -21.09 -12.35 36.85
C TYR E 443 -21.67 -13.02 38.09
N HIS E 444 -22.83 -12.56 38.56
CA HIS E 444 -23.43 -13.17 39.74
C HIS E 444 -23.80 -14.62 39.48
N ASN E 445 -24.46 -14.88 38.34
CA ASN E 445 -24.80 -16.23 37.89
C ASN E 445 -23.84 -16.67 36.80
N ARG E 446 -23.34 -17.90 36.92
CA ARG E 446 -22.44 -18.53 35.95
C ARG E 446 -23.16 -19.53 35.09
N TYR E 447 -22.90 -19.49 33.78
CA TYR E 447 -23.57 -20.35 32.81
C TYR E 447 -22.62 -21.21 32.00
N GLY E 448 -21.32 -20.93 32.03
CA GLY E 448 -20.43 -21.52 31.07
C GLY E 448 -20.13 -22.99 31.31
N LEU E 449 -19.69 -23.63 30.24
CA LEU E 449 -18.90 -24.85 30.33
C LEU E 449 -17.51 -24.59 30.89
N ILE E 450 -17.06 -23.35 30.86
CA ILE E 450 -15.70 -22.97 31.21
C ILE E 450 -15.78 -21.81 32.17
N ARG E 451 -15.17 -21.96 33.33
CA ARG E 451 -15.21 -20.92 34.34
C ARG E 451 -14.28 -19.76 33.96
N ASN E 452 -14.64 -18.56 34.40
CA ASN E 452 -13.76 -17.40 34.27
C ASN E 452 -13.59 -16.76 35.63
N ASP E 453 -12.36 -16.81 36.16
CA ASP E 453 -12.03 -16.04 37.35
C ASP E 453 -11.71 -14.62 36.89
N ILE E 454 -12.63 -13.69 37.13
CA ILE E 454 -12.64 -12.42 36.40
C ILE E 454 -11.66 -11.38 36.94
N HIS E 455 -11.10 -11.59 38.13
CA HIS E 455 -10.04 -10.69 38.59
C HIS E 455 -8.79 -10.84 37.75
N THR E 456 -8.42 -12.07 37.38
CA THR E 456 -7.28 -12.32 36.52
C THR E 456 -7.66 -12.79 35.13
N GLN E 457 -8.96 -12.91 34.83
CA GLN E 457 -9.43 -13.43 33.54
C GLN E 457 -8.74 -14.76 33.20
N THR E 458 -8.60 -15.61 34.20
CA THR E 458 -8.07 -16.96 34.03
C THR E 458 -9.24 -17.91 33.83
N LYS E 459 -9.19 -18.71 32.76
CA LYS E 459 -10.33 -19.54 32.35
C LYS E 459 -9.96 -21.03 32.44
N THR E 460 -10.89 -21.84 32.95
CA THR E 460 -10.61 -23.23 33.28
C THR E 460 -11.84 -24.07 32.98
N LEU E 461 -11.66 -25.17 32.25
CA LEU E 461 -12.78 -26.05 31.95
C LEU E 461 -13.46 -26.53 33.21
N LYS E 462 -14.79 -26.48 33.21
CA LYS E 462 -15.57 -27.12 34.25
C LYS E 462 -15.74 -28.59 33.92
N LYS E 463 -16.27 -29.34 34.88
CA LYS E 463 -16.51 -30.76 34.65
C LYS E 463 -17.49 -30.97 33.50
N SER E 464 -18.52 -30.13 33.39
CA SER E 464 -19.49 -30.25 32.31
C SER E 464 -18.86 -30.04 30.93
N ALA E 465 -17.72 -29.37 30.85
CA ALA E 465 -17.07 -29.21 29.55
C ALA E 465 -16.63 -30.56 28.99
N LYS E 466 -16.01 -31.38 29.83
CA LYS E 466 -15.56 -32.70 29.38
C LYS E 466 -16.75 -33.58 29.03
N TRP E 467 -17.87 -33.43 29.74
CA TRP E 467 -19.06 -34.16 29.41
C TRP E 467 -19.63 -33.73 28.05
N PHE E 468 -19.62 -32.44 27.78
CA PHE E 468 -20.11 -31.91 26.51
C PHE E 468 -19.25 -32.41 25.34
N ALA E 469 -17.93 -32.34 25.48
CA ALA E 469 -17.06 -32.89 24.45
C ALA E 469 -17.36 -34.36 24.20
N GLU E 470 -17.61 -35.12 25.26
CA GLU E 470 -17.89 -36.54 25.10
C GLU E 470 -19.27 -36.79 24.50
N LEU E 471 -20.22 -35.88 24.76
CA LEU E 471 -21.55 -35.99 24.16
C LEU E 471 -21.48 -35.84 22.65
N GLY E 472 -20.70 -34.85 22.18
CA GLY E 472 -20.54 -34.67 20.75
C GLY E 472 -19.85 -35.83 20.07
N GLU E 473 -18.97 -36.54 20.78
CA GLU E 473 -18.24 -37.65 20.17
C GLU E 473 -19.12 -38.88 19.99
N ARG E 474 -19.96 -39.20 20.97
CA ARG E 474 -20.95 -40.28 20.81
C ARG E 474 -22.24 -39.80 20.16
N ASN E 475 -22.37 -38.50 19.91
CA ASN E 475 -23.62 -37.89 19.43
C ASN E 475 -24.81 -38.28 20.28
N GLY E 476 -24.59 -38.44 21.58
CA GLY E 476 -25.67 -38.88 22.45
C GLY E 476 -25.14 -39.13 23.85
N PHE E 477 -26.00 -39.71 24.67
CA PHE E 477 -25.65 -39.97 26.06
C PHE E 477 -26.51 -41.07 26.64
N MET F 17 -7.22 -25.67 -31.06
CA MET F 17 -8.46 -25.17 -31.65
C MET F 17 -8.19 -24.47 -32.98
N VAL F 18 -7.11 -23.70 -33.06
CA VAL F 18 -6.65 -23.09 -34.30
C VAL F 18 -5.14 -23.32 -34.40
N GLU F 19 -4.73 -24.23 -35.26
CA GLU F 19 -3.34 -24.69 -35.31
C GLU F 19 -2.66 -24.23 -36.58
N PHE F 20 -1.34 -24.39 -36.60
CA PHE F 20 -0.46 -23.82 -37.62
C PHE F 20 0.53 -24.85 -38.15
N PRO F 21 1.09 -24.62 -39.33
CA PRO F 21 1.98 -25.62 -39.93
C PRO F 21 3.19 -25.93 -39.06
N GLU F 22 3.72 -27.14 -39.23
CA GLU F 22 4.93 -27.52 -38.53
C GLU F 22 6.09 -26.64 -38.98
N GLY F 23 6.82 -26.09 -38.00
CA GLY F 23 7.95 -25.23 -38.31
C GLY F 23 7.58 -23.80 -38.62
N PHE F 24 6.33 -23.41 -38.41
CA PHE F 24 5.95 -22.01 -38.54
C PHE F 24 6.86 -21.14 -37.68
N VAL F 25 7.28 -20.02 -38.24
CA VAL F 25 8.18 -19.10 -37.56
C VAL F 25 7.35 -18.05 -36.85
N TRP F 26 7.56 -17.89 -35.54
CA TRP F 26 6.87 -16.89 -34.74
C TRP F 26 7.88 -15.80 -34.39
N GLY F 27 7.69 -14.61 -34.96
CA GLY F 27 8.72 -13.59 -34.95
C GLY F 27 8.20 -12.22 -34.56
N ALA F 28 9.14 -11.26 -34.55
CA ALA F 28 8.85 -9.84 -34.39
C ALA F 28 9.69 -9.04 -35.39
N ALA F 29 9.21 -7.84 -35.70
CA ALA F 29 9.88 -6.97 -36.67
C ALA F 29 10.11 -5.59 -36.06
N THR F 30 11.25 -4.98 -36.42
CA THR F 30 11.51 -3.55 -36.22
C THR F 30 12.41 -3.07 -37.35
N SER F 31 13.10 -1.97 -37.09
CA SER F 31 14.12 -1.46 -37.97
C SER F 31 15.18 -0.78 -37.12
N GLY F 32 16.36 -0.60 -37.70
CA GLY F 32 17.44 0.13 -37.08
C GLY F 32 17.12 1.57 -36.73
N PRO F 33 16.65 2.37 -37.70
CA PRO F 33 16.34 3.78 -37.42
C PRO F 33 15.34 3.95 -36.28
N GLN F 34 14.46 2.98 -36.07
CA GLN F 34 13.43 3.13 -35.06
C GLN F 34 13.85 2.59 -33.69
N THR F 35 15.06 2.00 -33.57
CA THR F 35 15.45 1.36 -32.32
C THR F 35 16.82 1.77 -31.80
N GLU F 36 17.80 1.98 -32.69
CA GLU F 36 19.20 2.02 -32.27
C GLU F 36 19.51 3.27 -31.47
N GLY F 37 18.92 4.40 -31.84
CA GLY F 37 19.46 5.69 -31.51
C GLY F 37 20.57 6.04 -32.47
N ASN F 38 20.93 7.32 -32.49
CA ASN F 38 21.98 7.81 -33.36
C ASN F 38 23.36 7.85 -32.68
N PHE F 39 23.51 7.22 -31.52
CA PHE F 39 24.80 7.15 -30.84
C PHE F 39 25.93 6.79 -31.81
N HIS F 40 26.86 7.72 -31.99
CA HIS F 40 28.12 7.51 -32.73
C HIS F 40 27.91 7.16 -34.20
N LYS F 41 26.74 7.49 -34.77
CA LYS F 41 26.49 7.16 -36.16
C LYS F 41 27.15 8.22 -37.05
N GLN F 42 27.88 7.75 -38.08
CA GLN F 42 28.66 8.66 -38.90
C GLN F 42 27.79 9.64 -39.70
N HIS F 43 26.69 9.16 -40.31
CA HIS F 43 25.91 9.98 -41.25
C HIS F 43 24.46 10.16 -40.81
N GLN F 44 23.88 11.28 -41.21
CA GLN F 44 22.45 11.51 -41.05
C GLN F 44 21.69 10.90 -42.22
N ASN F 45 20.65 10.12 -41.90
CA ASN F 45 19.65 9.78 -42.90
C ASN F 45 18.60 10.92 -42.96
N VAL F 46 17.63 10.79 -43.88
CA VAL F 46 16.70 11.89 -44.15
C VAL F 46 15.87 12.22 -42.91
N PHE F 47 15.51 11.22 -42.12
CA PHE F 47 14.77 11.50 -40.88
C PHE F 47 15.66 12.16 -39.84
N ASP F 48 16.92 11.72 -39.72
CA ASP F 48 17.86 12.38 -38.82
C ASP F 48 17.97 13.85 -39.12
N TYR F 49 18.24 14.18 -40.39
CA TYR F 49 18.32 15.58 -40.82
C TYR F 49 17.02 16.31 -40.54
N TRP F 50 15.88 15.69 -40.88
CA TRP F 50 14.58 16.31 -40.65
C TRP F 50 14.37 16.68 -39.19
N PHE F 51 14.72 15.78 -38.27
CA PHE F 51 14.50 16.12 -36.86
C PHE F 51 15.52 17.17 -36.40
N ALA F 52 16.76 17.08 -36.87
CA ALA F 52 17.76 18.10 -36.52
C ALA F 52 17.34 19.47 -37.05
N THR F 53 16.57 19.48 -38.12
CA THR F 53 16.14 20.67 -38.85
C THR F 53 14.81 21.20 -38.32
N GLU F 54 13.84 20.32 -38.14
CA GLU F 54 12.46 20.72 -37.82
C GLU F 54 11.90 19.82 -36.73
N PRO F 55 12.49 19.85 -35.52
CA PRO F 55 11.96 19.02 -34.43
C PRO F 55 10.47 19.25 -34.16
N GLU F 56 9.90 20.40 -34.53
CA GLU F 56 8.47 20.60 -34.36
C GLU F 56 7.62 19.64 -35.21
N GLN F 57 8.19 18.96 -36.20
CA GLN F 57 7.41 17.99 -36.98
C GLN F 57 7.34 16.62 -36.33
N PHE F 58 7.73 16.53 -35.06
CA PHE F 58 7.84 15.24 -34.37
C PHE F 58 7.13 15.35 -33.04
N ASP F 59 6.30 14.34 -32.73
CA ASP F 59 5.47 14.38 -31.53
C ASP F 59 6.30 14.67 -30.30
N ALA F 60 5.98 15.76 -29.60
CA ALA F 60 6.67 16.19 -28.38
C ALA F 60 8.15 16.46 -28.63
N GLY F 61 8.53 16.67 -29.88
CA GLY F 61 9.93 16.87 -30.21
C GLY F 61 10.79 15.68 -29.89
N VAL F 62 10.23 14.48 -29.92
CA VAL F 62 10.98 13.25 -29.66
C VAL F 62 11.44 12.70 -30.99
N GLY F 63 12.74 12.79 -31.27
CA GLY F 63 13.28 12.33 -32.52
C GLY F 63 13.89 10.95 -32.41
N PRO F 64 14.75 10.62 -33.36
CA PRO F 64 15.43 9.31 -33.41
C PRO F 64 16.73 9.20 -32.61
N ASP F 65 17.16 10.26 -31.93
CA ASP F 65 18.54 10.30 -31.43
C ASP F 65 18.80 9.25 -30.35
N THR F 66 17.79 8.93 -29.54
CA THR F 66 17.90 7.81 -28.60
C THR F 66 17.04 6.62 -28.98
N ALA F 67 15.83 6.88 -29.49
CA ALA F 67 14.89 5.85 -29.90
C ALA F 67 14.67 4.91 -28.71
N SER F 68 14.78 3.60 -28.90
CA SER F 68 14.67 2.65 -27.81
C SER F 68 16.03 2.12 -27.36
N ASN F 69 17.10 2.90 -27.59
CA ASN F 69 18.41 2.67 -26.99
C ASN F 69 19.00 1.31 -27.37
N PHE F 70 18.62 0.76 -28.52
CA PHE F 70 19.12 -0.57 -28.88
C PHE F 70 20.64 -0.57 -29.13
N TYR F 71 21.23 0.59 -29.48
CA TYR F 71 22.68 0.64 -29.63
C TYR F 71 23.39 0.25 -28.34
N ASN F 72 22.87 0.66 -27.20
CA ASN F 72 23.53 0.37 -25.94
C ASN F 72 23.01 -0.89 -25.25
N ASP F 73 21.74 -1.24 -25.41
CA ASP F 73 21.13 -2.28 -24.59
C ASP F 73 20.74 -3.51 -25.40
N TYR F 74 21.33 -3.70 -26.59
CA TYR F 74 20.92 -4.78 -27.49
C TYR F 74 20.92 -6.15 -26.83
N ASP F 75 21.94 -6.45 -26.01
CA ASP F 75 22.07 -7.81 -25.51
C ASP F 75 20.93 -8.15 -24.54
N HIS F 76 20.63 -7.24 -23.60
CA HIS F 76 19.50 -7.49 -22.70
C HIS F 76 18.16 -7.38 -23.42
N ASP F 77 18.04 -6.45 -24.39
CA ASP F 77 16.79 -6.35 -25.15
C ASP F 77 16.49 -7.64 -25.92
N LEU F 78 17.52 -8.28 -26.46
CA LEU F 78 17.29 -9.56 -27.13
C LEU F 78 16.88 -10.64 -26.15
N ALA F 79 17.40 -10.59 -24.92
CA ALA F 79 16.96 -11.55 -23.92
C ALA F 79 15.47 -11.38 -23.64
N LEU F 80 15.00 -10.14 -23.56
CA LEU F 80 13.58 -9.94 -23.27
C LEU F 80 12.72 -10.39 -24.43
N MET F 81 13.15 -10.10 -25.66
CA MET F 81 12.46 -10.59 -26.83
C MET F 81 12.41 -12.13 -26.85
N ALA F 82 13.44 -12.78 -26.32
CA ALA F 82 13.42 -14.24 -26.25
C ALA F 82 12.39 -14.72 -25.23
N GLN F 83 12.31 -14.04 -24.09
CA GLN F 83 11.27 -14.35 -23.11
C GLN F 83 9.87 -14.22 -23.71
N ALA F 84 9.69 -13.24 -24.60
CA ALA F 84 8.42 -12.97 -25.26
C ALA F 84 8.13 -13.90 -26.43
N GLY F 85 8.97 -14.91 -26.66
CA GLY F 85 8.69 -15.89 -27.69
C GLY F 85 9.09 -15.50 -29.10
N VAL F 86 9.97 -14.52 -29.26
CA VAL F 86 10.44 -14.12 -30.58
C VAL F 86 11.47 -15.14 -31.05
N GLN F 87 11.10 -15.95 -32.05
CA GLN F 87 12.07 -16.92 -32.56
C GLN F 87 12.89 -16.37 -33.71
N GLY F 88 12.33 -15.42 -34.46
CA GLY F 88 13.06 -14.71 -35.48
C GLY F 88 12.85 -13.23 -35.28
N LEU F 89 13.92 -12.45 -35.29
CA LEU F 89 13.80 -11.01 -35.22
C LEU F 89 14.17 -10.44 -36.58
N ARG F 90 13.26 -9.68 -37.15
CA ARG F 90 13.55 -8.93 -38.37
C ARG F 90 13.83 -7.47 -38.01
N THR F 91 15.01 -7.00 -38.35
CA THR F 91 15.35 -5.59 -38.25
C THR F 91 16.20 -5.21 -39.47
N SER F 92 16.82 -4.04 -39.42
CA SER F 92 17.53 -3.54 -40.58
C SER F 92 18.90 -2.98 -40.22
N ILE F 93 19.79 -3.00 -41.19
CA ILE F 93 21.10 -2.38 -41.11
C ILE F 93 21.00 -0.98 -41.72
N GLN F 94 21.58 0.00 -41.04
CA GLN F 94 21.49 1.39 -41.48
C GLN F 94 22.66 1.73 -42.41
N TRP F 95 22.32 2.05 -43.66
CA TRP F 95 23.30 2.52 -44.64
C TRP F 95 24.17 3.61 -44.06
N THR F 96 23.58 4.51 -43.27
CA THR F 96 24.26 5.68 -42.70
C THR F 96 25.11 5.35 -41.48
N ARG F 97 25.06 4.11 -40.99
CA ARG F 97 25.95 3.66 -39.93
C ARG F 97 27.07 2.77 -40.42
N LEU F 98 26.78 1.91 -41.40
CA LEU F 98 27.76 0.90 -41.80
C LEU F 98 28.87 1.48 -42.68
N ILE F 99 28.55 2.45 -43.53
CA ILE F 99 29.43 2.83 -44.63
C ILE F 99 30.12 4.15 -44.32
N ASP F 100 31.43 4.20 -44.55
CA ASP F 100 32.20 5.44 -44.45
C ASP F 100 32.00 6.32 -45.70
N ASP F 101 32.50 5.85 -46.85
CA ASP F 101 32.43 6.56 -48.12
C ASP F 101 31.33 5.92 -48.97
N PHE F 102 30.24 6.66 -49.20
CA PHE F 102 29.13 6.09 -49.97
C PHE F 102 29.55 5.70 -51.38
N GLU F 103 30.51 6.43 -51.98
CA GLU F 103 30.88 6.19 -53.39
C GLU F 103 31.60 4.87 -53.58
N THR F 104 32.40 4.46 -52.59
CA THR F 104 33.15 3.23 -52.63
C THR F 104 32.62 2.16 -51.69
N ALA F 105 31.62 2.50 -50.85
CA ALA F 105 31.11 1.62 -49.80
C ALA F 105 32.23 1.14 -48.88
N SER F 106 33.17 2.04 -48.57
CA SER F 106 34.17 1.79 -47.54
C SER F 106 33.50 1.71 -46.17
N LEU F 107 34.11 0.93 -45.27
CA LEU F 107 33.44 0.51 -44.04
C LEU F 107 33.78 1.40 -42.84
N ASN F 108 32.76 1.70 -42.05
CA ASN F 108 32.93 2.33 -40.76
C ASN F 108 33.12 1.24 -39.72
N ALA F 109 34.32 1.15 -39.13
CA ALA F 109 34.64 -0.03 -38.34
C ALA F 109 33.82 -0.10 -37.04
N ASP F 110 33.44 1.03 -36.46
CA ASP F 110 32.60 0.91 -35.27
C ASP F 110 31.19 0.45 -35.62
N GLY F 111 30.67 0.86 -36.80
CA GLY F 111 29.36 0.37 -37.21
C GLY F 111 29.37 -1.09 -37.61
N VAL F 112 30.46 -1.53 -38.27
CA VAL F 112 30.64 -2.94 -38.58
C VAL F 112 30.69 -3.77 -37.31
N ALA F 113 31.44 -3.31 -36.31
CA ALA F 113 31.54 -4.06 -35.07
C ALA F 113 30.19 -4.11 -34.35
N PHE F 114 29.39 -3.06 -34.48
CA PHE F 114 28.11 -3.03 -33.78
C PHE F 114 27.15 -4.07 -34.35
N TYR F 115 27.00 -4.11 -35.68
CA TYR F 115 26.14 -5.12 -36.27
C TYR F 115 26.66 -6.53 -36.05
N ASN F 116 27.98 -6.71 -35.95
CA ASN F 116 28.52 -8.01 -35.58
C ASN F 116 28.10 -8.41 -34.17
N HIS F 117 28.03 -7.45 -33.24
CA HIS F 117 27.62 -7.78 -31.88
C HIS F 117 26.14 -8.15 -31.80
N VAL F 118 25.26 -7.43 -32.53
CA VAL F 118 23.84 -7.76 -32.39
C VAL F 118 23.53 -9.08 -33.07
N ILE F 119 24.20 -9.36 -34.19
CA ILE F 119 23.93 -10.64 -34.87
C ILE F 119 24.45 -11.80 -34.02
N ASP F 120 25.64 -11.65 -33.43
CA ASP F 120 26.14 -12.68 -32.51
C ASP F 120 25.24 -12.81 -31.29
N SER F 121 24.77 -11.67 -30.77
CA SER F 121 23.90 -11.72 -29.59
C SER F 121 22.55 -12.34 -29.93
N MET F 122 22.00 -12.04 -31.12
CA MET F 122 20.80 -12.75 -31.57
C MET F 122 21.01 -14.25 -31.53
N LEU F 123 22.14 -14.70 -32.08
CA LEU F 123 22.43 -16.13 -32.16
C LEU F 123 22.53 -16.75 -30.77
N ALA F 124 23.17 -16.06 -29.82
CA ALA F 124 23.34 -16.63 -28.49
C ALA F 124 22.01 -16.72 -27.75
N HIS F 125 21.05 -15.86 -28.07
CA HIS F 125 19.74 -15.95 -27.46
C HIS F 125 18.78 -16.83 -28.25
N HIS F 126 19.30 -17.63 -29.18
CA HIS F 126 18.48 -18.52 -29.99
C HIS F 126 17.42 -17.75 -30.79
N ILE F 127 17.81 -16.61 -31.34
CA ILE F 127 16.93 -15.80 -32.21
C ILE F 127 17.52 -15.85 -33.61
N THR F 128 16.75 -16.32 -34.58
CA THR F 128 17.24 -16.38 -35.95
C THR F 128 17.18 -14.99 -36.59
N PRO F 129 18.30 -14.46 -37.08
CA PRO F 129 18.27 -13.11 -37.65
C PRO F 129 17.47 -13.07 -38.95
N TYR F 130 16.75 -11.97 -39.14
CA TYR F 130 16.11 -11.64 -40.42
C TYR F 130 16.54 -10.21 -40.74
N ILE F 131 17.46 -10.03 -41.67
CA ILE F 131 18.09 -8.73 -41.87
C ILE F 131 17.55 -8.11 -43.15
N ASN F 132 17.01 -6.89 -43.02
CA ASN F 132 16.52 -6.08 -44.12
C ASN F 132 17.51 -4.95 -44.36
N LEU F 133 17.72 -4.57 -45.62
CA LEU F 133 18.77 -3.61 -45.93
C LEU F 133 18.35 -2.16 -45.85
N HIS F 134 17.06 -1.84 -45.94
CA HIS F 134 16.68 -0.44 -46.06
C HIS F 134 15.26 -0.25 -45.54
N HIS F 135 15.10 0.64 -44.56
CA HIS F 135 13.79 0.95 -43.99
C HIS F 135 13.65 2.48 -43.92
N PHE F 136 13.38 3.09 -45.09
CA PHE F 136 13.13 4.52 -45.23
C PHE F 136 14.32 5.39 -44.85
N ASP F 137 15.56 4.88 -44.86
CA ASP F 137 16.62 5.65 -44.24
C ASP F 137 17.71 6.01 -45.25
N LEU F 138 17.31 6.72 -46.30
CA LEU F 138 18.26 7.22 -47.29
C LEU F 138 19.20 8.22 -46.63
N PRO F 139 20.51 8.14 -46.87
CA PRO F 139 21.41 9.19 -46.37
C PRO F 139 21.14 10.52 -47.04
N VAL F 140 20.99 11.57 -46.22
CA VAL F 140 20.55 12.85 -46.73
C VAL F 140 21.58 13.45 -47.67
N ALA F 141 22.86 13.15 -47.47
CA ALA F 141 23.88 13.69 -48.37
C ALA F 141 23.72 13.16 -49.78
N LEU F 142 23.23 11.93 -49.94
CA LEU F 142 23.00 11.39 -51.26
C LEU F 142 21.77 11.99 -51.91
N TYR F 143 20.83 12.50 -51.11
CA TYR F 143 19.76 13.29 -51.68
C TYR F 143 20.25 14.68 -52.07
N ASP F 144 21.13 15.28 -51.26
CA ASP F 144 21.70 16.57 -51.59
C ASP F 144 22.54 16.48 -52.86
N LYS F 145 23.40 15.46 -52.94
CA LYS F 145 24.31 15.36 -54.08
C LYS F 145 23.60 14.91 -55.35
N TYR F 146 22.66 13.96 -55.28
CA TYR F 146 22.13 13.35 -56.50
C TYR F 146 20.62 13.34 -56.60
N HIS F 147 19.89 13.92 -55.63
CA HIS F 147 18.44 13.77 -55.50
C HIS F 147 18.05 12.32 -55.25
N GLY F 148 18.96 11.58 -54.60
CA GLY F 148 18.56 10.37 -53.89
C GLY F 148 18.07 9.28 -54.82
N TRP F 149 16.90 8.72 -54.48
CA TRP F 149 16.37 7.58 -55.21
C TRP F 149 15.97 7.92 -56.65
N GLU F 150 16.02 9.19 -57.04
CA GLU F 150 15.86 9.53 -58.44
C GLU F 150 17.09 9.23 -59.27
N SER F 151 18.22 8.91 -58.63
CA SER F 151 19.49 8.75 -59.31
C SER F 151 19.75 7.27 -59.55
N LYS F 152 19.93 6.89 -60.81
CA LYS F 152 20.40 5.53 -61.05
C LYS F 152 21.82 5.34 -60.56
N HIS F 153 22.55 6.42 -60.28
CA HIS F 153 23.86 6.29 -59.63
C HIS F 153 23.69 5.87 -58.17
N VAL F 154 22.71 6.44 -57.47
CA VAL F 154 22.44 6.05 -56.10
C VAL F 154 22.01 4.58 -56.04
N VAL F 155 21.29 4.12 -57.07
CA VAL F 155 20.92 2.69 -57.16
C VAL F 155 22.18 1.83 -57.08
N GLU F 156 23.25 2.22 -57.80
CA GLU F 156 24.48 1.45 -57.78
C GLU F 156 25.15 1.49 -56.39
N LEU F 157 25.19 2.66 -55.76
CA LEU F 157 25.83 2.80 -54.46
C LEU F 157 25.12 1.98 -53.40
N PHE F 158 23.81 1.84 -53.54
CA PHE F 158 23.06 0.99 -52.64
C PHE F 158 23.44 -0.48 -52.84
N VAL F 159 23.53 -0.91 -54.10
CA VAL F 159 23.98 -2.26 -54.37
C VAL F 159 25.37 -2.48 -53.76
N LYS F 160 26.25 -1.48 -53.84
CA LYS F 160 27.60 -1.64 -53.25
C LYS F 160 27.51 -1.77 -51.75
N PHE F 161 26.57 -1.03 -51.13
CA PHE F 161 26.33 -1.16 -49.70
C PHE F 161 25.81 -2.55 -49.36
N ALA F 162 24.90 -3.07 -50.18
CA ALA F 162 24.37 -4.41 -49.95
C ALA F 162 25.45 -5.47 -50.08
N GLU F 163 26.30 -5.35 -51.12
CA GLU F 163 27.49 -6.17 -51.26
C GLU F 163 28.26 -6.30 -49.96
N GLN F 164 28.58 -5.17 -49.33
CA GLN F 164 29.37 -5.18 -48.11
C GLN F 164 28.64 -5.89 -46.98
N CYS F 165 27.32 -5.70 -46.90
CA CYS F 165 26.52 -6.41 -45.88
C CYS F 165 26.62 -7.92 -46.07
N PHE F 166 26.48 -8.39 -47.31
CA PHE F 166 26.47 -9.83 -47.56
C PHE F 166 27.83 -10.46 -47.24
N LYS F 167 28.92 -9.73 -47.47
CA LYS F 167 30.22 -10.33 -47.21
C LYS F 167 30.57 -10.34 -45.73
N LEU F 168 30.11 -9.35 -44.97
CA LEU F 168 30.46 -9.25 -43.56
C LEU F 168 29.57 -10.15 -42.69
N PHE F 169 28.30 -10.25 -43.05
CA PHE F 169 27.31 -10.93 -42.22
C PHE F 169 26.74 -12.18 -42.84
N GLY F 170 27.06 -12.47 -44.10
CA GLY F 170 26.44 -13.59 -44.80
C GLY F 170 26.78 -14.95 -44.23
N ASP F 171 27.87 -15.05 -43.46
CA ASP F 171 28.23 -16.33 -42.86
C ASP F 171 27.25 -16.76 -41.78
N ARG F 172 26.55 -15.82 -41.14
CA ARG F 172 25.62 -16.13 -40.05
C ARG F 172 24.16 -15.79 -40.34
N VAL F 173 23.85 -15.06 -41.39
CA VAL F 173 22.46 -14.67 -41.68
C VAL F 173 21.99 -15.46 -42.90
N ASP F 174 20.88 -16.19 -42.74
CA ASP F 174 20.26 -16.91 -43.85
C ASP F 174 19.18 -16.10 -44.56
N HIS F 175 18.47 -15.24 -43.85
CA HIS F 175 17.25 -14.61 -44.37
C HIS F 175 17.48 -13.13 -44.55
N TRP F 176 17.30 -12.65 -45.78
CA TRP F 176 17.53 -11.24 -46.10
C TRP F 176 16.32 -10.64 -46.78
N TYR F 177 16.23 -9.31 -46.69
CA TYR F 177 15.25 -8.52 -47.42
C TYR F 177 15.95 -7.33 -48.07
N THR F 178 15.57 -7.04 -49.33
CA THR F 178 16.10 -5.86 -49.99
C THR F 178 15.53 -4.60 -49.37
N PHE F 179 14.21 -4.46 -49.36
CA PHE F 179 13.56 -3.24 -48.87
C PHE F 179 12.38 -3.57 -47.97
N ASN F 180 12.13 -2.68 -47.03
CA ASN F 180 10.83 -2.61 -46.37
C ASN F 180 9.98 -1.59 -47.10
N GLU F 181 8.94 -2.06 -47.77
CA GLU F 181 7.90 -1.26 -48.44
C GLU F 181 8.45 -0.07 -49.22
N PRO F 182 9.06 -0.31 -50.39
CA PRO F 182 9.47 0.82 -51.25
C PRO F 182 8.34 1.79 -51.55
N LYS F 183 7.09 1.31 -51.61
CA LYS F 183 5.97 2.19 -51.89
C LYS F 183 5.89 3.33 -50.88
N VAL F 184 6.22 3.06 -49.61
CA VAL F 184 6.11 4.12 -48.60
C VAL F 184 7.18 5.17 -48.82
N VAL F 185 8.33 4.77 -49.37
CA VAL F 185 9.36 5.74 -49.74
C VAL F 185 8.89 6.61 -50.90
N VAL F 186 8.29 5.98 -51.93
CA VAL F 186 7.70 6.71 -53.05
C VAL F 186 6.65 7.69 -52.54
N ASP F 187 5.65 7.17 -51.82
CA ASP F 187 4.54 8.00 -51.35
C ASP F 187 5.04 9.08 -50.41
N GLY F 188 5.99 8.75 -49.54
CA GLY F 188 6.43 9.67 -48.52
C GLY F 188 7.36 10.74 -49.01
N GLN F 189 8.33 10.37 -49.84
CA GLN F 189 9.31 11.34 -50.28
C GLN F 189 8.83 12.17 -51.47
N TYR F 190 7.89 11.65 -52.27
CA TYR F 190 7.57 12.29 -53.54
C TYR F 190 6.08 12.57 -53.81
N LEU F 191 5.15 12.12 -52.97
CA LEU F 191 3.73 12.38 -53.25
C LEU F 191 3.00 13.15 -52.15
N TYR F 192 3.11 12.78 -50.87
CA TYR F 192 2.21 13.36 -49.88
C TYR F 192 2.91 14.03 -48.70
N GLY F 193 4.23 14.19 -48.74
CA GLY F 193 4.90 14.93 -47.69
C GLY F 193 5.16 14.19 -46.39
N TRP F 194 5.06 12.84 -46.36
CA TRP F 194 5.30 12.10 -45.12
C TRP F 194 6.77 12.04 -44.73
N HIS F 195 7.68 11.97 -45.70
CA HIS F 195 9.11 11.87 -45.44
C HIS F 195 9.84 13.09 -46.01
N TYR F 196 10.78 13.61 -45.22
CA TYR F 196 11.77 14.52 -45.78
C TYR F 196 12.37 13.81 -47.00
N PRO F 197 12.53 14.51 -48.13
CA PRO F 197 12.44 15.95 -48.40
C PRO F 197 11.05 16.50 -48.78
N GLN F 198 9.99 15.71 -48.67
CA GLN F 198 8.62 16.17 -48.91
C GLN F 198 8.48 16.83 -50.28
N VAL F 199 8.86 16.11 -51.32
CA VAL F 199 8.62 16.56 -52.68
C VAL F 199 7.20 16.16 -53.08
N ILE F 200 6.49 17.06 -53.77
CA ILE F 200 5.16 16.76 -54.32
C ILE F 200 5.32 16.78 -55.84
N ASN F 201 5.52 15.60 -56.44
CA ASN F 201 5.78 15.52 -57.87
C ASN F 201 5.45 14.10 -58.32
N GLY F 202 4.25 13.93 -58.91
CA GLY F 202 3.82 12.65 -59.43
C GLY F 202 4.77 12.00 -60.41
N PRO F 203 5.15 12.70 -61.49
CA PRO F 203 6.07 12.07 -62.45
C PRO F 203 7.38 11.62 -61.82
N LYS F 204 7.98 12.42 -60.95
CA LYS F 204 9.19 11.98 -60.24
C LYS F 204 8.91 10.72 -59.44
N ALA F 205 7.73 10.65 -58.81
CA ALA F 205 7.40 9.45 -58.02
C ALA F 205 7.42 8.20 -58.88
N VAL F 206 6.89 8.29 -60.12
CA VAL F 206 6.89 7.12 -61.00
C VAL F 206 8.31 6.63 -61.24
N GLN F 207 9.25 7.55 -61.47
CA GLN F 207 10.63 7.15 -61.74
C GLN F 207 11.31 6.59 -60.50
N VAL F 208 10.98 7.10 -59.31
CA VAL F 208 11.58 6.58 -58.09
C VAL F 208 11.07 5.17 -57.81
N ALA F 209 9.77 4.93 -58.05
CA ALA F 209 9.23 3.56 -57.97
C ALA F 209 9.97 2.61 -58.91
N TYR F 210 10.27 3.07 -60.12
CA TYR F 210 11.00 2.21 -61.05
C TYR F 210 12.42 1.95 -60.56
N ASN F 211 13.10 3.00 -60.11
CA ASN F 211 14.49 2.90 -59.68
C ASN F 211 14.64 1.97 -58.48
N MET F 212 13.71 2.04 -57.52
CA MET F 212 13.83 1.17 -56.36
C MET F 212 13.57 -0.28 -56.73
N ASN F 213 12.58 -0.53 -57.60
CA ASN F 213 12.41 -1.88 -58.14
C ASN F 213 13.69 -2.38 -58.80
N LEU F 214 14.39 -1.51 -59.53
CA LEU F 214 15.60 -1.92 -60.21
C LEU F 214 16.74 -2.12 -59.21
N ALA F 215 16.79 -1.29 -58.17
CA ALA F 215 17.76 -1.49 -57.11
C ALA F 215 17.59 -2.86 -56.47
N SER F 216 16.34 -3.29 -56.31
CA SER F 216 16.08 -4.53 -55.60
C SER F 216 16.48 -5.75 -56.45
N ALA F 217 16.08 -5.77 -57.72
CA ALA F 217 16.49 -6.86 -58.60
C ALA F 217 18.02 -6.96 -58.67
N LYS F 218 18.70 -5.81 -58.74
CA LYS F 218 20.16 -5.82 -58.81
C LYS F 218 20.78 -6.36 -57.53
N THR F 219 20.15 -6.05 -56.39
CA THR F 219 20.60 -6.57 -55.12
C THR F 219 20.37 -8.08 -55.04
N VAL F 220 19.24 -8.56 -55.59
CA VAL F 220 18.98 -10.00 -55.61
C VAL F 220 20.01 -10.70 -56.49
N ALA F 221 20.38 -10.07 -57.61
CA ALA F 221 21.40 -10.63 -58.47
C ALA F 221 22.74 -10.74 -57.75
N ARG F 222 23.17 -9.64 -57.13
CA ARG F 222 24.44 -9.64 -56.40
C ARG F 222 24.40 -10.66 -55.27
N PHE F 223 23.29 -10.69 -54.52
CA PHE F 223 23.18 -11.61 -53.39
C PHE F 223 23.43 -13.06 -53.80
N HIS F 224 22.94 -13.47 -54.96
CA HIS F 224 23.09 -14.87 -55.34
C HIS F 224 24.45 -15.16 -55.94
N GLU F 225 25.09 -14.16 -56.57
CA GLU F 225 26.49 -14.29 -56.96
C GLU F 225 27.37 -14.57 -55.76
N LEU F 226 27.13 -13.88 -54.65
CA LEU F 226 27.95 -14.00 -53.45
C LEU F 226 27.39 -15.00 -52.44
N SER F 227 26.49 -15.88 -52.87
CA SER F 227 25.89 -16.85 -51.96
C SER F 227 26.90 -17.95 -51.62
N VAL F 228 26.76 -18.53 -50.43
CA VAL F 228 27.67 -19.59 -50.02
C VAL F 228 26.90 -20.86 -49.66
N ARG F 229 25.70 -20.72 -49.10
CA ARG F 229 24.89 -21.88 -48.75
C ARG F 229 23.59 -21.87 -49.53
N PRO F 230 22.96 -23.03 -49.75
CA PRO F 230 21.66 -23.02 -50.44
C PRO F 230 20.55 -22.42 -49.60
N GLU F 231 20.64 -22.52 -48.27
CA GLU F 231 19.62 -22.01 -47.38
C GLU F 231 19.46 -20.49 -47.49
N GLN F 232 20.47 -19.79 -47.99
CA GLN F 232 20.43 -18.34 -48.04
C GLN F 232 19.44 -17.87 -49.12
N GLN F 233 18.45 -17.12 -48.67
CA GLN F 233 17.40 -16.58 -49.54
C GLN F 233 17.30 -15.08 -49.30
N ILE F 234 16.69 -14.37 -50.24
CA ILE F 234 16.49 -12.94 -50.12
C ILE F 234 15.15 -12.57 -50.74
N GLY F 235 14.38 -11.74 -50.04
CA GLY F 235 13.06 -11.35 -50.49
C GLY F 235 12.83 -9.86 -50.44
N ILE F 236 11.57 -9.44 -50.54
CA ILE F 236 11.17 -8.05 -50.40
C ILE F 236 9.93 -8.01 -49.52
N ILE F 237 9.70 -6.87 -48.85
CA ILE F 237 8.56 -6.70 -47.95
C ILE F 237 7.64 -5.64 -48.53
N LEU F 238 6.37 -6.01 -48.70
CA LEU F 238 5.40 -5.11 -49.29
C LEU F 238 4.07 -5.15 -48.55
N ASN F 239 3.30 -4.08 -48.71
CA ASN F 239 1.90 -4.06 -48.33
C ASN F 239 1.10 -4.54 -49.53
N LEU F 240 0.29 -5.59 -49.32
CA LEU F 240 -0.53 -6.19 -50.37
C LEU F 240 -2.01 -6.12 -50.03
N THR F 241 -2.41 -5.10 -49.29
CA THR F 241 -3.81 -4.97 -48.92
C THR F 241 -4.67 -4.81 -50.17
N PRO F 242 -5.76 -5.54 -50.30
CA PRO F 242 -6.65 -5.37 -51.46
C PRO F 242 -7.24 -3.97 -51.51
N ALA F 243 -7.50 -3.51 -52.72
CA ALA F 243 -8.23 -2.26 -52.95
C ALA F 243 -9.69 -2.64 -53.22
N TYR F 244 -10.50 -2.62 -52.16
CA TYR F 244 -11.90 -3.02 -52.25
C TYR F 244 -12.73 -1.91 -52.89
N ALA F 245 -13.52 -2.27 -53.90
CA ALA F 245 -14.39 -1.30 -54.56
C ALA F 245 -15.56 -0.90 -53.65
N ALA F 246 -15.93 0.37 -53.71
CA ALA F 246 -17.04 0.85 -52.89
C ALA F 246 -18.35 0.20 -53.31
N SER F 247 -18.53 -0.06 -54.60
CA SER F 247 -19.75 -0.66 -55.12
C SER F 247 -19.44 -1.31 -56.45
N ASP F 248 -20.48 -1.86 -57.08
CA ASP F 248 -20.36 -2.47 -58.41
C ASP F 248 -20.69 -1.48 -59.53
N ASP F 249 -20.68 -0.18 -59.21
CA ASP F 249 -20.91 0.90 -60.16
C ASP F 249 -19.65 1.11 -60.99
N PRO F 250 -19.72 1.02 -62.34
CA PRO F 250 -18.49 0.82 -63.13
C PRO F 250 -17.38 1.82 -62.86
N ALA F 251 -17.72 3.03 -62.44
CA ALA F 251 -16.68 3.97 -62.08
C ALA F 251 -15.96 3.53 -60.80
N ASP F 252 -16.66 2.87 -59.88
CA ASP F 252 -16.00 2.38 -58.66
C ASP F 252 -15.10 1.19 -58.94
N LEU F 253 -15.56 0.22 -59.72
CA LEU F 253 -14.70 -0.94 -59.98
C LEU F 253 -13.47 -0.54 -60.76
N ALA F 254 -13.60 0.38 -61.71
CA ALA F 254 -12.44 0.83 -62.47
C ALA F 254 -11.45 1.56 -61.58
N ALA F 255 -11.95 2.29 -60.59
CA ALA F 255 -11.07 2.95 -59.63
C ALA F 255 -10.30 1.92 -58.81
N ALA F 256 -10.99 0.88 -58.35
CA ALA F 256 -10.31 -0.16 -57.57
C ALA F 256 -9.28 -0.90 -58.42
N GLU F 257 -9.51 -0.98 -59.73
CA GLU F 257 -8.58 -1.67 -60.61
C GLU F 257 -7.27 -0.91 -60.71
N PHE F 258 -7.33 0.39 -60.93
CA PHE F 258 -6.09 1.16 -60.97
C PHE F 258 -5.43 1.20 -59.60
N ALA F 259 -6.23 1.41 -58.55
CA ALA F 259 -5.70 1.43 -57.20
C ALA F 259 -4.89 0.16 -56.90
N GLU F 260 -5.37 -0.99 -57.36
CA GLU F 260 -4.62 -2.21 -57.07
C GLU F 260 -3.40 -2.37 -57.98
N LEU F 261 -3.52 -2.05 -59.27
CA LEU F 261 -2.36 -2.12 -60.15
C LEU F 261 -1.26 -1.20 -59.66
N TRP F 262 -1.64 -0.08 -59.06
CA TRP F 262 -0.70 0.93 -58.64
C TRP F 262 -0.20 0.70 -57.22
N SER F 263 -1.08 0.37 -56.28
CA SER F 263 -0.61 0.22 -54.90
C SER F 263 -0.02 -1.15 -54.62
N ASN F 264 -0.33 -2.16 -55.42
CA ASN F 264 0.20 -3.50 -55.18
C ASN F 264 0.98 -4.06 -56.36
N ASN F 265 0.43 -4.01 -57.58
CA ASN F 265 1.10 -4.64 -58.72
C ASN F 265 2.40 -3.92 -59.09
N LEU F 266 2.50 -2.61 -58.81
CA LEU F 266 3.71 -1.85 -59.11
C LEU F 266 4.96 -2.53 -58.59
N PHE F 267 4.88 -3.18 -57.44
CA PHE F 267 6.04 -3.85 -56.86
C PHE F 267 5.90 -5.36 -56.85
N LEU F 268 4.71 -5.90 -56.59
CA LEU F 268 4.53 -7.34 -56.62
C LEU F 268 5.02 -7.94 -57.93
N ASP F 269 4.56 -7.39 -59.08
CA ASP F 269 4.84 -8.04 -60.36
C ASP F 269 6.32 -8.00 -60.74
N PRO F 270 7.02 -6.86 -60.68
CA PRO F 270 8.49 -6.93 -60.89
C PRO F 270 9.19 -7.85 -59.92
N ALA F 271 8.74 -7.87 -58.66
CA ALA F 271 9.45 -8.62 -57.63
C ALA F 271 9.29 -10.13 -57.81
N VAL F 272 8.09 -10.59 -58.14
CA VAL F 272 7.79 -12.01 -58.20
C VAL F 272 7.71 -12.52 -59.64
N LEU F 273 6.99 -11.81 -60.51
CA LEU F 273 6.85 -12.24 -61.88
C LEU F 273 7.95 -11.70 -62.79
N GLY F 274 8.73 -10.73 -62.34
CA GLY F 274 9.83 -10.22 -63.14
C GLY F 274 9.44 -9.27 -64.25
N HIS F 275 8.23 -8.71 -64.23
CA HIS F 275 7.86 -7.70 -65.22
C HIS F 275 6.84 -6.74 -64.62
N PHE F 276 6.67 -5.60 -65.25
CA PHE F 276 5.69 -4.64 -64.76
C PHE F 276 4.31 -4.98 -65.29
N PRO F 277 3.27 -4.64 -64.52
CA PRO F 277 1.89 -4.91 -65.00
C PRO F 277 1.61 -4.18 -66.30
N GLU F 278 1.11 -4.93 -67.29
CA GLU F 278 0.99 -4.39 -68.65
C GLU F 278 -0.03 -3.26 -68.71
N LYS F 279 -1.18 -3.41 -68.04
CA LYS F 279 -2.18 -2.34 -68.04
C LYS F 279 -1.67 -1.09 -67.34
N LEU F 280 -0.80 -1.23 -66.33
CA LEU F 280 -0.26 -0.05 -65.65
C LEU F 280 0.70 0.71 -66.54
N VAL F 281 1.64 -0.01 -67.17
CA VAL F 281 2.56 0.61 -68.11
C VAL F 281 1.78 1.36 -69.19
N GLU F 282 0.74 0.71 -69.73
CA GLU F 282 -0.10 1.35 -70.73
C GLU F 282 -0.67 2.68 -70.21
N ARG F 283 -1.18 2.68 -68.96
CA ARG F 283 -1.82 3.87 -68.40
C ARG F 283 -0.84 5.03 -68.24
N LEU F 284 0.30 4.77 -67.60
CA LEU F 284 1.31 5.82 -67.41
C LEU F 284 1.89 6.31 -68.73
N THR F 285 2.00 5.43 -69.73
CA THR F 285 2.46 5.89 -71.04
C THR F 285 1.44 6.84 -71.66
N MET F 286 0.16 6.48 -71.61
CA MET F 286 -0.89 7.35 -72.12
C MET F 286 -0.86 8.72 -71.46
N ASP F 287 -0.62 8.76 -70.15
CA ASP F 287 -0.55 10.04 -69.45
C ASP F 287 0.81 10.70 -69.56
N GLY F 288 1.76 10.08 -70.25
CA GLY F 288 3.07 10.68 -70.46
C GLY F 288 3.91 10.88 -69.22
N VAL F 289 3.86 9.94 -68.27
CA VAL F 289 4.56 10.09 -66.99
C VAL F 289 5.40 8.85 -66.72
N LEU F 290 5.49 7.96 -67.69
CA LEU F 290 6.15 6.68 -67.48
C LEU F 290 7.65 6.87 -67.24
N TRP F 291 8.21 5.97 -66.42
CA TRP F 291 9.64 5.94 -66.09
C TRP F 291 10.50 5.76 -67.33
N ASP F 292 11.78 6.08 -67.18
CA ASP F 292 12.81 5.75 -68.17
C ASP F 292 13.50 4.46 -67.77
N ALA F 293 13.31 3.42 -68.60
CA ALA F 293 13.96 2.12 -68.44
C ALA F 293 14.86 1.85 -69.65
N THR F 294 15.79 0.92 -69.47
CA THR F 294 16.55 0.36 -70.58
C THR F 294 16.24 -1.12 -70.69
N PRO F 295 16.40 -1.71 -71.88
CA PRO F 295 16.17 -3.15 -72.00
C PRO F 295 17.06 -4.00 -71.10
N THR F 296 18.30 -3.57 -70.86
CA THR F 296 19.16 -4.36 -69.97
C THR F 296 18.66 -4.30 -68.53
N GLU F 297 18.29 -3.12 -68.06
CA GLU F 297 17.66 -2.99 -66.75
C GLU F 297 16.45 -3.90 -66.63
N LEU F 298 15.56 -3.83 -67.62
CA LEU F 298 14.37 -4.68 -67.63
C LEU F 298 14.72 -6.15 -67.64
N ALA F 299 15.86 -6.50 -68.26
CA ALA F 299 16.28 -7.89 -68.29
C ALA F 299 16.80 -8.33 -66.93
N ILE F 300 17.50 -7.45 -66.21
CA ILE F 300 17.95 -7.77 -64.86
C ILE F 300 16.76 -7.93 -63.92
N ILE F 301 15.72 -7.11 -64.11
CA ILE F 301 14.48 -7.26 -63.35
C ILE F 301 13.84 -8.60 -63.67
N ALA F 302 13.85 -8.97 -64.95
CA ALA F 302 13.22 -10.23 -65.36
C ALA F 302 14.01 -11.44 -64.86
N ALA F 303 15.35 -11.33 -64.78
CA ALA F 303 16.21 -12.45 -64.44
C ALA F 303 16.42 -12.65 -62.94
N ASN F 304 16.01 -11.73 -62.09
CA ASN F 304 16.29 -11.85 -60.65
C ASN F 304 15.07 -11.58 -59.80
N PRO F 305 14.05 -12.44 -59.89
CA PRO F 305 12.92 -12.30 -58.95
C PRO F 305 13.33 -12.64 -57.53
N VAL F 306 12.50 -12.22 -56.57
CA VAL F 306 12.77 -12.49 -55.15
C VAL F 306 12.54 -13.98 -54.84
N ASP F 307 13.18 -14.43 -53.76
CA ASP F 307 13.00 -15.81 -53.30
C ASP F 307 11.81 -16.00 -52.36
N SER F 308 11.30 -14.92 -51.78
CA SER F 308 10.19 -15.03 -50.83
C SER F 308 9.56 -13.65 -50.69
N LEU F 309 8.44 -13.62 -49.99
CA LEU F 309 7.64 -12.41 -49.84
C LEU F 309 7.33 -12.18 -48.37
N GLY F 310 7.57 -10.97 -47.88
CA GLY F 310 7.06 -10.54 -46.59
C GLY F 310 5.88 -9.62 -46.82
N VAL F 311 4.79 -9.88 -46.08
CA VAL F 311 3.53 -9.15 -46.24
C VAL F 311 3.28 -8.33 -44.98
N ASN F 312 3.00 -7.04 -45.18
CA ASN F 312 2.59 -6.16 -44.10
C ASN F 312 1.10 -5.84 -44.21
N TYR F 313 0.34 -6.12 -43.15
CA TYR F 313 -1.07 -5.75 -43.11
C TYR F 313 -1.44 -5.19 -41.75
N TYR F 314 -2.15 -4.08 -41.75
CA TYR F 314 -2.69 -3.46 -40.55
C TYR F 314 -4.18 -3.17 -40.62
N HIS F 315 -4.67 -2.73 -41.78
CA HIS F 315 -6.03 -2.25 -41.91
C HIS F 315 -6.42 -2.33 -43.38
N PRO F 316 -7.72 -2.43 -43.70
CA PRO F 316 -8.12 -2.64 -45.10
C PRO F 316 -8.01 -1.37 -45.93
N PHE F 317 -8.43 -1.44 -47.18
CA PHE F 317 -8.27 -0.31 -48.08
C PHE F 317 -9.43 -0.29 -49.08
N ARG F 318 -10.22 0.79 -49.08
CA ARG F 318 -11.40 0.88 -49.92
C ARG F 318 -11.34 2.17 -50.75
N VAL F 319 -11.81 2.08 -52.00
CA VAL F 319 -11.70 3.19 -52.94
C VAL F 319 -13.02 3.37 -53.68
N GLN F 320 -13.25 4.59 -54.14
CA GLN F 320 -14.42 4.93 -54.94
C GLN F 320 -13.95 5.78 -56.12
N ARG F 321 -14.89 6.12 -56.99
CA ARG F 321 -14.60 6.95 -58.14
C ARG F 321 -14.03 8.28 -57.67
N PRO F 322 -13.12 8.86 -58.45
CA PRO F 322 -12.68 10.24 -58.15
C PRO F 322 -13.85 11.21 -58.27
N ASP F 323 -13.74 12.36 -57.59
CA ASP F 323 -14.83 13.34 -57.60
C ASP F 323 -14.91 14.05 -58.93
N ILE F 324 -13.78 14.40 -59.52
CA ILE F 324 -13.73 15.07 -60.82
C ILE F 324 -13.10 14.10 -61.81
N SER F 325 -13.35 14.37 -63.09
CA SER F 325 -12.84 13.48 -64.11
C SER F 325 -11.31 13.49 -64.13
N PRO F 326 -10.68 12.35 -64.44
CA PRO F 326 -9.22 12.32 -64.49
C PRO F 326 -8.64 13.19 -65.59
N LYS F 327 -9.47 13.59 -66.55
CA LYS F 327 -9.05 14.47 -67.64
C LYS F 327 -8.97 15.94 -67.23
N SER F 328 -9.27 16.27 -65.98
CA SER F 328 -9.24 17.67 -65.56
C SER F 328 -7.80 18.19 -65.56
N LEU F 329 -7.70 19.52 -65.66
CA LEU F 329 -6.41 20.20 -65.75
C LEU F 329 -5.80 20.30 -64.37
N GLN F 330 -4.95 19.34 -64.01
CA GLN F 330 -4.38 19.26 -62.67
C GLN F 330 -3.04 18.55 -62.77
N PRO F 331 -2.15 18.75 -61.80
CA PRO F 331 -0.89 18.00 -61.81
C PRO F 331 -1.16 16.49 -61.75
N TRP F 332 -0.40 15.74 -62.52
CA TRP F 332 -0.61 14.30 -62.51
C TRP F 332 -0.25 13.72 -61.14
N MET F 333 -1.16 12.92 -60.59
CA MET F 333 -1.00 12.15 -59.37
C MET F 333 -1.72 10.83 -59.60
N PRO F 334 -1.22 9.74 -59.00
CA PRO F 334 -1.97 8.48 -59.09
C PRO F 334 -3.42 8.62 -58.63
N ASP F 335 -3.68 9.55 -57.70
CA ASP F 335 -5.01 9.70 -57.11
C ASP F 335 -6.03 10.33 -58.04
N ILE F 336 -5.66 10.76 -59.24
CA ILE F 336 -6.70 11.27 -60.14
C ILE F 336 -7.67 10.19 -60.56
N TYR F 337 -7.37 8.91 -60.27
CA TYR F 337 -8.22 7.80 -60.64
C TYR F 337 -8.98 7.15 -59.48
N PHE F 338 -8.69 7.50 -58.23
CA PHE F 338 -9.39 6.84 -57.13
C PHE F 338 -9.36 7.72 -55.89
N LYS F 339 -10.39 7.58 -55.06
CA LYS F 339 -10.57 8.33 -53.83
C LYS F 339 -10.84 7.35 -52.70
N GLU F 340 -10.29 7.64 -51.53
CA GLU F 340 -10.54 6.75 -50.40
C GLU F 340 -12.03 6.77 -50.03
N TYR F 341 -12.53 5.62 -49.63
CA TYR F 341 -13.94 5.41 -49.33
C TYR F 341 -14.10 4.89 -47.91
N ASP F 342 -15.04 5.46 -47.16
CA ASP F 342 -15.39 4.98 -45.82
C ASP F 342 -16.70 4.21 -45.90
N MET F 343 -16.69 2.98 -45.45
CA MET F 343 -17.83 2.09 -45.64
C MET F 343 -18.79 2.24 -44.47
N PRO F 344 -20.03 2.65 -44.70
CA PRO F 344 -21.04 2.61 -43.62
C PRO F 344 -21.02 1.28 -42.90
N GLY F 345 -21.01 1.32 -41.57
CA GLY F 345 -21.07 0.09 -40.79
C GLY F 345 -19.75 -0.57 -40.54
N ARG F 346 -18.65 0.06 -40.95
CA ARG F 346 -17.33 -0.53 -40.74
C ARG F 346 -17.07 -0.76 -39.25
N MET F 347 -16.33 -1.82 -38.96
CA MET F 347 -15.80 -2.04 -37.63
C MET F 347 -14.51 -1.23 -37.47
N MET F 348 -14.50 -0.29 -36.52
CA MET F 348 -13.40 0.65 -36.34
C MET F 348 -12.64 0.42 -35.03
N ASN F 349 -11.34 0.73 -35.07
CA ASN F 349 -10.55 1.06 -33.89
C ASN F 349 -10.56 2.58 -33.82
N VAL F 350 -11.46 3.13 -33.00
CA VAL F 350 -11.88 4.52 -33.15
C VAL F 350 -10.76 5.49 -32.81
N ASP F 351 -10.03 5.23 -31.72
CA ASP F 351 -8.96 6.14 -31.31
C ASP F 351 -7.89 6.29 -32.39
N ARG F 352 -7.61 5.21 -33.12
CA ARG F 352 -6.62 5.26 -34.19
C ARG F 352 -7.23 5.56 -35.56
N GLY F 353 -8.56 5.57 -35.68
CA GLY F 353 -9.18 5.85 -36.96
C GLY F 353 -8.93 4.81 -38.03
N TRP F 354 -8.82 3.54 -37.65
CA TRP F 354 -8.56 2.45 -38.59
C TRP F 354 -9.70 1.46 -38.57
N GLU F 355 -10.07 0.98 -39.77
CA GLU F 355 -11.04 -0.10 -39.87
C GLU F 355 -10.38 -1.41 -39.45
N ILE F 356 -11.15 -2.29 -38.81
CA ILE F 356 -10.70 -3.64 -38.46
C ILE F 356 -11.42 -4.61 -39.38
N TYR F 357 -10.65 -5.39 -40.15
CA TYR F 357 -11.21 -6.29 -41.15
C TYR F 357 -10.26 -7.46 -41.36
N PRO F 358 -10.26 -8.42 -40.44
CA PRO F 358 -9.21 -9.47 -40.47
C PRO F 358 -9.19 -10.33 -41.73
N GLN F 359 -10.31 -10.48 -42.46
CA GLN F 359 -10.30 -11.44 -43.57
C GLN F 359 -9.46 -10.97 -44.73
N ALA F 360 -9.11 -9.69 -44.77
CA ALA F 360 -8.18 -9.21 -45.76
C ALA F 360 -6.91 -10.06 -45.76
N MET F 361 -6.52 -10.56 -44.58
CA MET F 361 -5.44 -11.53 -44.52
C MET F 361 -5.76 -12.73 -45.41
N THR F 362 -6.97 -13.27 -45.29
CA THR F 362 -7.36 -14.45 -46.05
C THR F 362 -7.39 -14.18 -47.55
N ASP F 363 -7.77 -12.97 -47.95
CA ASP F 363 -7.75 -12.62 -49.36
C ASP F 363 -6.32 -12.54 -49.89
N ILE F 364 -5.40 -11.95 -49.10
CA ILE F 364 -4.00 -11.91 -49.49
C ILE F 364 -3.45 -13.32 -49.67
N ALA F 365 -3.71 -14.20 -48.70
CA ALA F 365 -3.19 -15.56 -48.80
C ALA F 365 -3.68 -16.26 -50.06
N ARG F 366 -4.91 -15.98 -50.49
CA ARG F 366 -5.45 -16.61 -51.68
C ARG F 366 -4.84 -16.04 -52.96
N ASN F 367 -4.50 -14.74 -52.94
CA ASN F 367 -3.94 -14.10 -54.13
C ASN F 367 -2.55 -14.64 -54.42
N ILE F 368 -1.69 -14.69 -53.39
CA ILE F 368 -0.35 -15.27 -53.56
C ILE F 368 -0.47 -16.72 -54.02
N GLN F 369 -1.43 -17.45 -53.46
CA GLN F 369 -1.60 -18.86 -53.81
C GLN F 369 -1.97 -19.00 -55.27
N LYS F 370 -3.01 -18.29 -55.71
CA LYS F 370 -3.49 -18.45 -57.08
C LYS F 370 -2.54 -17.82 -58.09
N ASN F 371 -2.25 -16.52 -57.92
CA ASN F 371 -1.66 -15.74 -58.99
C ASN F 371 -0.16 -15.59 -58.91
N TYR F 372 0.45 -15.81 -57.75
CA TYR F 372 1.89 -15.59 -57.64
C TYR F 372 2.58 -16.89 -57.25
N GLY F 373 2.19 -17.97 -57.91
CA GLY F 373 2.89 -19.24 -57.84
C GLY F 373 2.95 -19.86 -56.46
N ASN F 374 2.14 -19.34 -55.54
CA ASN F 374 2.19 -19.74 -54.14
C ASN F 374 3.64 -19.70 -53.65
N ILE F 375 4.31 -18.60 -53.97
CA ILE F 375 5.69 -18.36 -53.52
C ILE F 375 5.73 -18.40 -52.01
N PRO F 376 6.74 -19.00 -51.38
CA PRO F 376 6.82 -18.98 -49.92
C PRO F 376 6.74 -17.55 -49.40
N TRP F 377 6.00 -17.37 -48.31
CA TRP F 377 5.80 -16.03 -47.79
C TRP F 377 5.50 -16.06 -46.30
N MET F 378 5.74 -14.92 -45.66
CA MET F 378 5.42 -14.71 -44.26
C MET F 378 4.63 -13.42 -44.11
N ILE F 379 3.86 -13.34 -43.03
CA ILE F 379 3.36 -12.06 -42.54
C ILE F 379 4.53 -11.37 -41.85
N SER F 380 5.14 -10.40 -42.53
CA SER F 380 6.31 -9.71 -41.98
C SER F 380 5.94 -8.58 -41.04
N GLU F 381 4.69 -8.11 -41.07
CA GLU F 381 4.22 -7.13 -40.10
C GLU F 381 2.73 -7.31 -39.88
N ASN F 382 2.31 -7.19 -38.62
CA ASN F 382 0.90 -7.15 -38.22
C ASN F 382 0.88 -6.74 -36.77
N GLY F 383 0.06 -5.76 -36.43
CA GLY F 383 0.05 -5.29 -35.06
C GLY F 383 -0.90 -4.12 -34.88
N MET F 384 -1.01 -3.70 -33.63
CA MET F 384 -2.02 -2.72 -33.22
C MET F 384 -1.35 -1.70 -32.31
N GLY F 385 -1.51 -0.42 -32.65
CA GLY F 385 -0.94 0.67 -31.87
C GLY F 385 -1.99 1.31 -30.97
N VAL F 386 -1.59 1.58 -29.74
CA VAL F 386 -2.48 2.15 -28.72
C VAL F 386 -1.71 3.22 -27.95
N ALA F 387 -2.37 4.35 -27.70
CA ALA F 387 -1.77 5.47 -26.99
C ALA F 387 -2.08 5.40 -25.50
N GLY F 388 -1.19 5.97 -24.70
CA GLY F 388 -1.39 6.01 -23.25
C GLY F 388 -1.66 4.66 -22.60
N GLU F 389 -0.75 3.70 -22.83
CA GLU F 389 -0.94 2.37 -22.26
C GLU F 389 -0.68 2.33 -20.76
N GLU F 390 -0.13 3.41 -20.19
CA GLU F 390 -0.02 3.47 -18.74
C GLU F 390 -1.37 3.25 -18.06
N ARG F 391 -2.47 3.55 -18.77
CA ARG F 391 -3.80 3.29 -18.23
C ARG F 391 -4.06 1.82 -17.91
N PHE F 392 -3.35 0.88 -18.54
CA PHE F 392 -3.61 -0.54 -18.30
C PHE F 392 -2.46 -1.24 -17.59
N LEU F 393 -1.63 -0.51 -16.87
CA LEU F 393 -0.72 -1.14 -15.94
C LEU F 393 -1.51 -1.68 -14.75
N ASP F 394 -1.31 -2.97 -14.43
CA ASP F 394 -1.56 -3.38 -13.06
C ASP F 394 -0.41 -2.85 -12.21
N LYS F 395 -0.60 -2.82 -10.89
CA LYS F 395 0.52 -2.24 -10.16
C LYS F 395 1.70 -3.20 -10.04
N GLN F 396 1.60 -4.40 -10.62
CA GLN F 396 2.82 -5.18 -10.82
C GLN F 396 3.67 -4.61 -11.96
N GLY F 397 3.17 -3.61 -12.67
CA GLY F 397 3.94 -2.96 -13.72
C GLY F 397 3.76 -3.51 -15.11
N VAL F 398 2.81 -4.44 -15.33
CA VAL F 398 2.63 -5.12 -16.61
C VAL F 398 1.39 -4.55 -17.30
N VAL F 399 1.56 -4.08 -18.53
CA VAL F 399 0.41 -3.58 -19.29
C VAL F 399 -0.54 -4.72 -19.59
N GLN F 400 -1.82 -4.53 -19.26
CA GLN F 400 -2.85 -5.52 -19.55
C GLN F 400 -3.44 -5.27 -20.94
N ASP F 401 -2.65 -5.60 -21.96
CA ASP F 401 -3.05 -5.28 -23.33
C ASP F 401 -3.85 -6.44 -23.94
N ASP F 402 -4.99 -6.71 -23.29
CA ASP F 402 -5.94 -7.70 -23.79
C ASP F 402 -6.43 -7.37 -25.18
N TYR F 403 -6.49 -6.07 -25.52
CA TYR F 403 -6.89 -5.66 -26.85
C TYR F 403 -5.90 -6.17 -27.90
N ARG F 404 -4.59 -6.11 -27.59
CA ARG F 404 -3.59 -6.59 -28.53
C ARG F 404 -3.75 -8.08 -28.79
N ILE F 405 -4.05 -8.85 -27.74
CA ILE F 405 -4.23 -10.30 -27.87
C ILE F 405 -5.43 -10.61 -28.75
N ASP F 406 -6.56 -9.96 -28.50
CA ASP F 406 -7.72 -10.20 -29.34
C ASP F 406 -7.44 -9.81 -30.79
N PHE F 407 -6.72 -8.71 -31.00
CA PHE F 407 -6.35 -8.34 -32.36
C PHE F 407 -5.58 -9.48 -33.03
N MET F 408 -4.58 -10.01 -32.33
CA MET F 408 -3.79 -11.11 -32.90
C MET F 408 -4.63 -12.37 -33.09
N LYS F 409 -5.57 -12.62 -32.18
CA LYS F 409 -6.43 -13.80 -32.33
C LYS F 409 -7.25 -13.71 -33.62
N GLU F 410 -7.84 -12.55 -33.89
CA GLU F 410 -8.68 -12.42 -35.08
C GLU F 410 -7.85 -12.61 -36.35
N HIS F 411 -6.68 -11.98 -36.41
CA HIS F 411 -5.92 -11.99 -37.65
C HIS F 411 -5.22 -13.33 -37.88
N LEU F 412 -4.69 -13.93 -36.82
CA LEU F 412 -4.16 -15.29 -36.95
C LEU F 412 -5.23 -16.28 -37.36
N THR F 413 -6.47 -16.07 -36.91
CA THR F 413 -7.55 -16.97 -37.30
C THR F 413 -7.85 -16.85 -38.79
N ALA F 414 -7.82 -15.62 -39.32
CA ALA F 414 -8.06 -15.45 -40.75
C ALA F 414 -6.88 -15.96 -41.56
N LEU F 415 -5.66 -15.72 -41.09
CA LEU F 415 -4.48 -16.27 -41.74
C LEU F 415 -4.52 -17.79 -41.77
N ALA F 416 -5.06 -18.40 -40.73
CA ALA F 416 -5.17 -19.86 -40.70
C ALA F 416 -6.12 -20.36 -41.79
N LYS F 417 -7.19 -19.61 -42.05
CA LYS F 417 -8.10 -19.96 -43.13
C LYS F 417 -7.37 -19.97 -44.47
N GLY F 418 -6.36 -19.12 -44.63
CA GLY F 418 -5.63 -19.06 -45.87
C GLY F 418 -4.63 -20.19 -46.00
N ILE F 419 -3.91 -20.49 -44.92
CA ILE F 419 -2.96 -21.60 -44.94
C ILE F 419 -3.71 -22.92 -45.17
N ALA F 420 -4.89 -23.06 -44.56
CA ALA F 420 -5.63 -24.31 -44.67
C ALA F 420 -6.05 -24.57 -46.10
N ALA F 421 -6.47 -23.51 -46.81
CA ALA F 421 -6.87 -23.62 -48.21
C ALA F 421 -5.68 -23.75 -49.15
N GLY F 422 -4.45 -23.82 -48.65
CA GLY F 422 -3.29 -24.12 -49.47
C GLY F 422 -2.28 -23.01 -49.67
N SER F 423 -2.37 -21.90 -48.93
CA SER F 423 -1.45 -20.79 -49.12
C SER F 423 -0.12 -21.11 -48.44
N ASN F 424 0.97 -20.78 -49.10
CA ASN F 424 2.30 -21.21 -48.64
C ASN F 424 2.88 -20.26 -47.59
N CYS F 425 2.10 -19.96 -46.54
CA CYS F 425 2.55 -19.03 -45.51
C CYS F 425 3.43 -19.75 -44.50
N GLN F 426 4.54 -19.11 -44.14
CA GLN F 426 5.57 -19.75 -43.33
C GLN F 426 5.87 -19.07 -42.01
N GLY F 427 5.44 -17.83 -41.81
CA GLY F 427 5.75 -17.18 -40.55
C GLY F 427 4.82 -16.02 -40.28
N TYR F 428 4.80 -15.60 -39.01
CA TYR F 428 3.99 -14.49 -38.56
C TYR F 428 4.85 -13.62 -37.64
N PHE F 429 5.21 -12.44 -38.13
CA PHE F 429 6.06 -11.49 -37.41
C PHE F 429 5.20 -10.34 -36.91
N VAL F 430 5.15 -10.17 -35.58
CA VAL F 430 4.38 -9.10 -34.96
C VAL F 430 5.14 -7.80 -35.08
N TRP F 431 4.43 -6.71 -35.37
CA TRP F 431 4.96 -5.38 -35.12
C TRP F 431 4.38 -4.88 -33.80
N SER F 432 5.20 -4.68 -32.78
CA SER F 432 6.63 -4.89 -32.79
C SER F 432 7.04 -5.63 -31.50
N GLY F 433 8.31 -6.03 -31.40
CA GLY F 433 8.78 -6.70 -30.21
C GLY F 433 8.83 -5.77 -29.02
N ILE F 434 9.62 -4.70 -29.13
CA ILE F 434 9.70 -3.64 -28.13
C ILE F 434 9.17 -2.35 -28.75
N ASP F 435 8.40 -1.58 -27.97
CA ASP F 435 7.96 -0.26 -28.39
C ASP F 435 9.10 0.49 -29.06
N CYS F 436 8.83 1.05 -30.24
CA CYS F 436 9.88 1.73 -30.97
C CYS F 436 9.33 3.01 -31.57
N TRP F 437 10.24 3.80 -32.12
CA TRP F 437 9.97 5.18 -32.50
C TRP F 437 9.28 5.21 -33.86
N SER F 438 8.08 5.76 -33.90
CA SER F 438 7.24 5.66 -35.08
C SER F 438 7.30 6.96 -35.91
N TRP F 439 8.51 7.29 -36.35
CA TRP F 439 8.77 8.44 -37.23
C TRP F 439 8.18 9.69 -36.55
N ASN F 440 7.43 10.54 -37.26
CA ASN F 440 6.90 11.77 -36.68
C ASN F 440 5.91 11.50 -35.55
N HIS F 441 5.30 10.32 -35.52
CA HIS F 441 4.48 9.93 -34.39
C HIS F 441 5.30 9.52 -33.16
N ALA F 442 6.60 9.26 -33.33
CA ALA F 442 7.45 8.89 -32.19
C ALA F 442 6.77 7.82 -31.32
N TYR F 443 6.54 8.11 -30.05
CA TYR F 443 6.01 7.10 -29.14
C TYR F 443 4.56 7.36 -28.74
N HIS F 444 3.81 8.11 -29.57
CA HIS F 444 2.40 8.35 -29.25
C HIS F 444 1.60 7.05 -29.23
N ASN F 445 1.78 6.21 -30.25
CA ASN F 445 1.21 4.87 -30.26
C ASN F 445 2.27 3.82 -29.94
N ARG F 446 1.88 2.80 -29.17
CA ARG F 446 2.74 1.69 -28.79
C ARG F 446 2.27 0.41 -29.48
N TYR F 447 3.19 -0.30 -30.10
CA TYR F 447 2.86 -1.55 -30.78
C TYR F 447 3.48 -2.78 -30.15
N GLY F 448 4.35 -2.61 -29.14
CA GLY F 448 5.21 -3.70 -28.72
C GLY F 448 4.49 -4.78 -27.95
N LEU F 449 5.06 -5.99 -28.00
CA LEU F 449 4.81 -7.00 -26.97
C LEU F 449 5.48 -6.62 -25.67
N ILE F 450 6.48 -5.75 -25.74
CA ILE F 450 7.26 -5.32 -24.59
C ILE F 450 7.21 -3.79 -24.52
N ARG F 451 7.00 -3.29 -23.31
CA ARG F 451 6.81 -1.87 -23.09
C ARG F 451 8.15 -1.20 -22.82
N ASN F 452 8.34 -0.01 -23.39
CA ASN F 452 9.53 0.78 -23.15
C ASN F 452 9.15 2.07 -22.41
N ASP F 453 9.63 2.21 -21.19
CA ASP F 453 9.58 3.51 -20.54
C ASP F 453 10.73 4.33 -21.11
N ILE F 454 10.44 5.19 -22.07
CA ILE F 454 11.51 5.86 -22.82
C ILE F 454 12.25 6.92 -22.01
N HIS F 455 11.73 7.31 -20.83
CA HIS F 455 12.50 8.17 -19.95
C HIS F 455 13.74 7.44 -19.42
N THR F 456 13.57 6.19 -18.95
CA THR F 456 14.65 5.40 -18.38
C THR F 456 15.16 4.30 -19.30
N GLN F 457 14.56 4.13 -20.47
CA GLN F 457 14.83 2.98 -21.35
C GLN F 457 14.71 1.65 -20.61
N THR F 458 13.82 1.59 -19.62
CA THR F 458 13.53 0.36 -18.89
C THR F 458 12.39 -0.39 -19.56
N LYS F 459 12.62 -1.65 -19.90
CA LYS F 459 11.65 -2.40 -20.70
C LYS F 459 11.05 -3.55 -19.91
N THR F 460 9.76 -3.82 -20.16
CA THR F 460 8.99 -4.79 -19.40
C THR F 460 7.99 -5.47 -20.31
N LEU F 461 7.94 -6.80 -20.26
CA LEU F 461 6.96 -7.52 -21.05
C LEU F 461 5.54 -7.10 -20.69
N LYS F 462 4.68 -7.03 -21.71
CA LYS F 462 3.26 -6.82 -21.50
C LYS F 462 2.59 -8.18 -21.36
N LYS F 463 1.27 -8.16 -21.11
CA LYS F 463 0.52 -9.40 -21.04
C LYS F 463 0.61 -10.18 -22.34
N SER F 464 0.48 -9.48 -23.48
CA SER F 464 0.53 -10.16 -24.77
C SER F 464 1.85 -10.91 -24.97
N ALA F 465 2.92 -10.44 -24.35
CA ALA F 465 4.23 -11.08 -24.49
C ALA F 465 4.22 -12.51 -23.97
N LYS F 466 3.63 -12.73 -22.80
CA LYS F 466 3.50 -14.10 -22.30
C LYS F 466 2.56 -14.90 -23.19
N TRP F 467 1.51 -14.25 -23.70
CA TRP F 467 0.60 -14.96 -24.60
C TRP F 467 1.32 -15.40 -25.86
N PHE F 468 2.12 -14.50 -26.45
CA PHE F 468 2.83 -14.84 -27.68
C PHE F 468 3.79 -15.99 -27.44
N ALA F 469 4.43 -16.02 -26.28
CA ALA F 469 5.34 -17.10 -25.96
C ALA F 469 4.62 -18.45 -25.94
N GLU F 470 3.47 -18.52 -25.26
CA GLU F 470 2.71 -19.77 -25.23
C GLU F 470 2.17 -20.13 -26.61
N LEU F 471 1.84 -19.12 -27.42
CA LEU F 471 1.39 -19.39 -28.78
C LEU F 471 2.47 -20.11 -29.56
N GLY F 472 3.72 -19.69 -29.42
CA GLY F 472 4.81 -20.33 -30.14
C GLY F 472 5.06 -21.75 -29.69
N GLU F 473 4.94 -22.01 -28.39
CA GLU F 473 5.19 -23.36 -27.91
C GLU F 473 4.05 -24.29 -28.29
N ARG F 474 2.84 -23.84 -28.11
CA ARG F 474 1.69 -24.61 -28.51
C ARG F 474 1.51 -24.64 -30.03
N ASN F 475 2.07 -23.66 -30.74
CA ASN F 475 1.89 -23.52 -32.18
C ASN F 475 0.42 -23.37 -32.54
N GLY F 476 -0.32 -22.70 -31.66
CA GLY F 476 -1.73 -22.42 -31.91
C GLY F 476 -2.35 -21.81 -30.67
N PHE F 477 -3.68 -21.71 -30.71
CA PHE F 477 -4.43 -21.22 -29.56
C PHE F 477 -5.88 -21.68 -29.64
#